data_6EZJ
#
_entry.id   6EZJ
#
_cell.length_a   1.000
_cell.length_b   1.000
_cell.length_c   1.000
_cell.angle_alpha   90.00
_cell.angle_beta   90.00
_cell.angle_gamma   90.00
#
loop_
_entity.id
_entity.type
_entity.pdbx_description
1 polymer 'Imidazoleglycerol-phosphate dehydratase 2, chloroplastic'
2 non-polymer 'MANGANESE (II) ION'
3 non-polymer '[(2R)-2-hydroxy-3-(1H-1,2,4-triazol-1-yl)propyl]phosphonic acid'
#
_entity_poly.entity_id   1
_entity_poly.type   'polypeptide(L)'
_entity_poly.pdbx_seq_one_letter_code
;MASPIESARIGEVKRETKETNVSVKINLDGHGVSDSSTGIPFLDHMLDQLASHGLFDVHVRATGDTHIDDHHTNEDVALA
IGTALLKALGERKGINRFGDFTAPLDEALIHVSLDLSGRPYLGYNLEIPTQRVGTYDTQLVEHFFQSLVNTSGMTLHIRQ
LAGKNSHHIIEATFKAFARALRQATESDPRRGGTIPSSKGVLSRS
;
_entity_poly.pdbx_strand_id   A,B,C,D,E,F,G,H,I,J,K,L,M,N,O,P,Q,R,S,T,U,V,W,X
#
loop_
_chem_comp.id
_chem_comp.type
_chem_comp.name
_chem_comp.formula
5LD non-polymer '[(2R)-2-hydroxy-3-(1H-1,2,4-triazol-1-yl)propyl]phosphonic acid' 'C5 H10 N3 O4 P'
MN non-polymer 'MANGANESE (II) ION' 'Mn 2'
#
# COMPACT_ATOMS: atom_id res chain seq x y z
N ARG A 9 -7.19 42.38 48.01
CA ARG A 9 -6.28 41.97 46.96
C ARG A 9 -6.77 42.46 45.61
N ILE A 10 -6.28 43.62 45.18
CA ILE A 10 -6.76 44.25 43.95
C ILE A 10 -5.57 44.73 43.12
N GLY A 11 -5.66 44.50 41.83
CA GLY A 11 -4.73 45.10 40.88
C GLY A 11 -5.51 45.80 39.81
N GLU A 12 -5.08 47.01 39.48
CA GLU A 12 -5.78 47.81 38.49
C GLU A 12 -4.76 48.37 37.51
N VAL A 13 -5.04 48.15 36.21
CA VAL A 13 -4.15 48.59 35.15
C VAL A 13 -4.96 49.37 34.13
N LYS A 14 -4.51 50.58 33.84
CA LYS A 14 -4.99 51.36 32.70
C LYS A 14 -3.92 51.32 31.63
N ARG A 15 -4.34 51.25 30.37
CA ARG A 15 -3.41 51.15 29.25
C ARG A 15 -4.07 51.68 28.00
N GLU A 16 -3.42 52.65 27.36
CA GLU A 16 -3.96 53.31 26.19
C GLU A 16 -2.88 53.46 25.13
N THR A 17 -3.19 53.01 23.92
CA THR A 17 -2.34 53.19 22.75
C THR A 17 -3.11 53.97 21.70
N LYS A 18 -2.53 54.05 20.50
CA LYS A 18 -3.20 54.72 19.40
C LYS A 18 -4.38 53.91 18.86
N GLU A 19 -4.46 52.63 19.20
CA GLU A 19 -5.51 51.78 18.69
C GLU A 19 -6.63 51.57 19.71
N THR A 20 -6.28 51.30 20.97
CA THR A 20 -7.25 50.97 22.00
C THR A 20 -7.08 51.86 23.21
N ASN A 21 -8.06 51.79 24.11
CA ASN A 21 -8.03 52.47 25.40
C ASN A 21 -8.66 51.53 26.41
N VAL A 22 -7.83 50.89 27.24
CA VAL A 22 -8.25 49.75 28.06
C VAL A 22 -8.13 50.11 29.53
N SER A 23 -9.21 49.88 30.28
CA SER A 23 -9.23 50.06 31.72
C SER A 23 -9.65 48.74 32.38
N VAL A 24 -8.79 48.21 33.24
CA VAL A 24 -8.93 46.86 33.78
C VAL A 24 -8.61 46.87 35.27
N LYS A 25 -9.49 46.26 36.08
CA LYS A 25 -9.27 46.08 37.51
C LYS A 25 -9.89 44.77 37.97
N ILE A 26 -9.18 44.04 38.82
CA ILE A 26 -9.62 42.73 39.31
C ILE A 26 -9.47 42.66 40.82
N ASN A 27 -10.56 42.37 41.53
CA ASN A 27 -10.51 41.88 42.90
C ASN A 27 -10.35 40.36 42.85
N LEU A 28 -9.22 39.85 43.34
CA LEU A 28 -8.98 38.42 43.24
C LEU A 28 -9.75 37.66 44.32
N ASP A 29 -9.91 38.25 45.49
CA ASP A 29 -10.72 37.68 46.55
C ASP A 29 -12.06 38.42 46.58
N GLY A 30 -13.08 37.84 45.99
CA GLY A 30 -14.33 38.55 45.84
C GLY A 30 -15.49 37.61 45.58
N HIS A 31 -16.54 38.16 44.98
CA HIS A 31 -17.79 37.45 44.80
C HIS A 31 -18.16 37.41 43.32
N GLY A 32 -19.36 36.96 43.00
CA GLY A 32 -19.77 36.80 41.62
C GLY A 32 -20.28 38.06 40.93
N VAL A 33 -19.68 39.21 41.23
CA VAL A 33 -20.11 40.46 40.59
C VAL A 33 -19.32 40.67 39.31
N SER A 34 -20.00 41.22 38.30
CA SER A 34 -19.39 41.36 36.98
C SER A 34 -19.95 42.60 36.29
N ASP A 35 -19.07 43.54 35.98
CA ASP A 35 -19.36 44.64 35.06
C ASP A 35 -18.16 44.80 34.12
N SER A 36 -18.31 44.33 32.90
CA SER A 36 -17.20 44.29 31.96
C SER A 36 -17.76 44.39 30.55
N SER A 37 -17.60 45.56 29.93
CA SER A 37 -18.12 45.79 28.59
C SER A 37 -16.94 46.09 27.67
N THR A 38 -16.57 45.10 26.87
CA THR A 38 -15.63 45.32 25.78
C THR A 38 -16.37 45.76 24.52
N GLY A 39 -15.60 46.09 23.49
CA GLY A 39 -16.21 46.55 22.26
C GLY A 39 -16.94 45.46 21.50
N ILE A 40 -16.60 44.20 21.75
CA ILE A 40 -17.23 43.06 21.10
C ILE A 40 -18.03 42.28 22.14
N PRO A 41 -19.30 41.97 21.85
CA PRO A 41 -20.17 41.47 22.93
C PRO A 41 -19.93 40.02 23.30
N PHE A 42 -19.19 39.25 22.51
CA PHE A 42 -19.02 37.85 22.84
C PHE A 42 -17.99 37.64 23.94
N LEU A 43 -16.99 38.52 24.06
CA LEU A 43 -16.11 38.50 25.23
C LEU A 43 -16.87 38.78 26.52
N ASP A 44 -17.93 39.59 26.44
CA ASP A 44 -18.69 39.94 27.63
C ASP A 44 -19.43 38.72 28.20
N HIS A 45 -19.82 37.79 27.34
CA HIS A 45 -20.41 36.54 27.83
C HIS A 45 -19.35 35.60 28.38
N MET A 46 -18.09 35.76 27.97
CA MET A 46 -17.06 34.85 28.44
C MET A 46 -16.41 35.36 29.73
N LEU A 47 -16.32 36.67 29.89
CA LEU A 47 -15.81 37.25 31.13
C LEU A 47 -16.84 37.17 32.26
N ASP A 48 -18.10 36.88 31.94
CA ASP A 48 -19.07 36.52 32.97
C ASP A 48 -18.71 35.19 33.63
N GLN A 49 -18.08 34.29 32.86
CA GLN A 49 -17.82 32.95 33.36
C GLN A 49 -16.68 32.94 34.36
N LEU A 50 -15.66 33.78 34.15
CA LEU A 50 -14.60 33.89 35.14
C LEU A 50 -14.94 34.84 36.27
N ALA A 51 -16.18 35.32 36.33
CA ALA A 51 -16.66 36.08 37.47
C ALA A 51 -17.56 35.23 38.35
N SER A 52 -18.43 34.41 37.74
CA SER A 52 -19.40 33.65 38.52
C SER A 52 -18.83 32.30 38.95
N HIS A 53 -18.01 31.67 38.10
CA HIS A 53 -17.42 30.38 38.44
C HIS A 53 -16.06 30.50 39.08
N GLY A 54 -15.31 31.55 38.78
CA GLY A 54 -14.02 31.75 39.42
C GLY A 54 -14.14 32.54 40.70
N LEU A 55 -15.32 33.13 40.90
CA LEU A 55 -15.64 34.02 42.02
C LEU A 55 -14.64 35.18 42.12
N PHE A 56 -14.39 35.79 40.96
CA PHE A 56 -13.59 36.98 40.86
C PHE A 56 -14.50 38.18 40.61
N ASP A 57 -13.99 39.36 40.92
CA ASP A 57 -14.67 40.61 40.60
C ASP A 57 -13.82 41.32 39.55
N VAL A 58 -14.21 41.19 38.29
CA VAL A 58 -13.46 41.71 37.16
C VAL A 58 -14.20 42.91 36.57
N HIS A 59 -13.46 43.97 36.27
CA HIS A 59 -14.01 45.19 35.70
C HIS A 59 -13.18 45.58 34.49
N VAL A 60 -13.77 45.48 33.30
CA VAL A 60 -13.08 45.77 32.05
C VAL A 60 -13.88 46.85 31.31
N ARG A 61 -13.20 47.92 30.92
CA ARG A 61 -13.76 48.90 30.01
C ARG A 61 -12.73 49.15 28.91
N ALA A 62 -13.09 48.79 27.69
CA ALA A 62 -12.20 48.94 26.55
C ALA A 62 -12.93 49.59 25.39
N THR A 63 -12.30 50.60 24.80
CA THR A 63 -12.78 51.23 23.58
C THR A 63 -11.70 51.08 22.52
N GLY A 64 -12.04 50.45 21.41
CA GLY A 64 -11.06 50.18 20.40
C GLY A 64 -11.66 50.20 19.01
N ASP A 65 -10.81 49.94 18.02
CA ASP A 65 -11.17 50.07 16.61
C ASP A 65 -11.78 48.78 16.12
N THR A 66 -13.08 48.58 16.37
CA THR A 66 -13.82 47.52 15.71
C THR A 66 -14.34 47.95 14.34
N HIS A 67 -13.98 49.14 13.89
CA HIS A 67 -14.15 49.55 12.50
C HIS A 67 -13.33 48.66 11.56
N ILE A 68 -12.21 48.15 12.05
CA ILE A 68 -11.38 47.15 11.38
C ILE A 68 -11.53 45.89 12.22
N ASP A 69 -10.79 44.84 11.87
CA ASP A 69 -10.86 43.55 12.54
C ASP A 69 -10.64 43.62 14.05
N ASP A 70 -11.19 42.64 14.79
CA ASP A 70 -11.19 42.67 16.24
C ASP A 70 -9.90 42.16 16.87
N HIS A 71 -8.83 41.98 16.09
CA HIS A 71 -7.59 41.43 16.62
C HIS A 71 -6.91 42.39 17.59
N HIS A 72 -7.06 43.69 17.33
CA HIS A 72 -6.31 44.69 18.10
C HIS A 72 -6.92 44.91 19.48
N THR A 73 -8.25 44.92 19.56
CA THR A 73 -8.91 45.15 20.84
C THR A 73 -9.12 43.87 21.64
N ASN A 74 -8.56 42.75 21.18
CA ASN A 74 -8.59 41.52 21.97
C ASN A 74 -7.24 41.26 22.61
N GLU A 75 -6.16 41.71 21.96
CA GLU A 75 -4.84 41.68 22.57
C GLU A 75 -4.81 42.54 23.82
N ASP A 76 -5.20 43.80 23.67
CA ASP A 76 -5.01 44.80 24.71
C ASP A 76 -5.94 44.60 25.90
N VAL A 77 -7.06 43.90 25.72
CA VAL A 77 -7.83 43.44 26.86
C VAL A 77 -7.08 42.33 27.58
N ALA A 78 -6.61 41.34 26.83
CA ALA A 78 -6.00 40.16 27.42
C ALA A 78 -4.62 40.46 27.99
N LEU A 79 -3.92 41.44 27.41
CA LEU A 79 -2.65 41.87 28.01
C LEU A 79 -2.88 42.61 29.32
N ALA A 80 -3.99 43.32 29.44
CA ALA A 80 -4.25 44.12 30.63
C ALA A 80 -4.78 43.28 31.78
N ILE A 81 -5.45 42.17 31.49
CA ILE A 81 -5.90 41.27 32.55
C ILE A 81 -4.70 40.61 33.22
N GLY A 82 -3.67 40.28 32.45
CA GLY A 82 -2.49 39.63 33.00
C GLY A 82 -1.62 40.53 33.85
N THR A 83 -1.43 41.78 33.42
CA THR A 83 -0.66 42.74 34.23
C THR A 83 -1.42 43.10 35.49
N ALA A 84 -2.75 43.12 35.43
CA ALA A 84 -3.54 43.29 36.64
C ALA A 84 -3.46 42.08 37.53
N LEU A 85 -3.32 40.88 36.95
CA LEU A 85 -3.27 39.66 37.76
C LEU A 85 -1.87 39.44 38.33
N LEU A 86 -0.84 39.91 37.65
CA LEU A 86 0.50 39.91 38.25
C LEU A 86 0.60 40.95 39.36
N LYS A 87 -0.13 42.05 39.23
CA LYS A 87 -0.14 43.06 40.28
C LYS A 87 -1.12 42.72 41.39
N ALA A 88 -2.10 41.85 41.12
CA ALA A 88 -2.98 41.37 42.18
C ALA A 88 -2.22 40.47 43.16
N LEU A 89 -1.49 39.50 42.61
CA LEU A 89 -0.54 38.75 43.42
C LEU A 89 0.63 39.65 43.80
N GLY A 90 1.31 39.29 44.88
CA GLY A 90 2.51 39.97 45.29
C GLY A 90 3.71 39.05 45.23
N GLU A 91 4.54 39.13 46.27
CA GLU A 91 5.47 38.03 46.52
C GLU A 91 4.65 36.80 46.85
N ARG A 92 4.73 35.80 45.97
CA ARG A 92 3.83 34.65 46.03
C ARG A 92 4.13 33.79 47.25
N LYS A 93 3.26 33.84 48.24
CA LYS A 93 3.50 33.18 49.51
C LYS A 93 2.19 32.64 50.06
N GLY A 94 2.17 31.35 50.38
CA GLY A 94 1.01 30.77 51.04
C GLY A 94 -0.15 30.46 50.12
N ILE A 95 0.12 30.19 48.85
CA ILE A 95 -0.91 29.81 47.89
C ILE A 95 -0.64 28.39 47.43
N ASN A 96 -1.67 27.77 46.84
CA ASN A 96 -1.54 26.38 46.39
C ASN A 96 -0.63 26.27 45.18
N ARG A 97 -0.69 27.26 44.28
CA ARG A 97 0.16 27.48 43.10
C ARG A 97 -0.14 26.50 41.97
N PHE A 98 -0.92 25.45 42.22
CA PHE A 98 -1.30 24.52 41.17
C PHE A 98 -2.80 24.51 41.02
N GLY A 99 -3.27 24.66 39.79
CA GLY A 99 -4.69 24.63 39.52
C GLY A 99 -4.97 23.75 38.33
N ASP A 100 -5.72 22.68 38.57
CA ASP A 100 -6.10 21.76 37.51
C ASP A 100 -7.58 21.44 37.65
N PHE A 101 -8.26 21.41 36.51
CA PHE A 101 -9.70 21.18 36.53
C PHE A 101 -10.15 20.80 35.13
N THR A 102 -11.16 19.93 35.08
CA THR A 102 -11.85 19.63 33.82
C THR A 102 -13.34 19.85 34.02
N ALA A 103 -13.99 20.38 32.99
CA ALA A 103 -15.36 20.88 33.10
C ALA A 103 -16.18 20.51 31.88
N PRO A 104 -17.26 19.74 32.02
CA PRO A 104 -18.07 19.41 30.84
C PRO A 104 -19.08 20.50 30.55
N LEU A 105 -19.25 20.80 29.29
CA LEU A 105 -20.52 21.30 28.81
C LEU A 105 -21.15 20.10 28.09
N ASP A 106 -22.25 20.33 27.36
CA ASP A 106 -22.83 19.28 26.54
C ASP A 106 -21.80 18.79 25.53
N GLU A 107 -21.49 17.49 25.63
CA GLU A 107 -20.63 16.65 24.78
C GLU A 107 -19.15 17.04 24.78
N ALA A 108 -18.77 18.14 25.43
CA ALA A 108 -17.43 18.68 25.29
C ALA A 108 -16.72 18.73 26.63
N LEU A 109 -15.49 18.24 26.65
CA LEU A 109 -14.60 18.32 27.80
C LEU A 109 -13.36 19.14 27.46
N ILE A 110 -13.01 20.06 28.34
CA ILE A 110 -11.74 20.76 28.29
C ILE A 110 -11.02 20.48 29.60
N HIS A 111 -9.74 20.15 29.52
CA HIS A 111 -8.89 20.01 30.69
C HIS A 111 -7.89 21.17 30.73
N VAL A 112 -7.94 21.97 31.79
CA VAL A 112 -7.09 23.14 31.96
C VAL A 112 -6.21 22.93 33.19
N SER A 113 -4.90 23.08 33.00
CA SER A 113 -3.93 22.99 34.08
C SER A 113 -3.05 24.23 34.04
N LEU A 114 -2.62 24.71 35.20
CA LEU A 114 -1.85 25.96 35.23
C LEU A 114 -0.88 25.99 36.41
N ASP A 115 0.05 26.93 36.39
CA ASP A 115 1.21 26.89 37.29
C ASP A 115 1.47 28.21 38.04
N LEU A 116 1.24 29.36 37.41
CA LEU A 116 1.37 30.70 38.04
C LEU A 116 2.72 30.97 38.69
N SER A 117 3.82 30.50 38.09
CA SER A 117 5.14 30.68 38.69
C SER A 117 6.11 31.21 37.66
N GLY A 118 6.11 32.53 37.45
CA GLY A 118 7.20 33.18 36.74
C GLY A 118 7.23 32.95 35.24
N ARG A 119 7.35 31.68 34.85
CA ARG A 119 7.65 31.28 33.49
C ARG A 119 6.38 31.21 32.63
N PRO A 120 6.34 31.88 31.49
CA PRO A 120 5.15 31.82 30.63
C PRO A 120 5.20 30.70 29.60
N TYR A 121 4.09 29.98 29.46
CA TYR A 121 3.93 28.97 28.43
C TYR A 121 2.45 28.80 28.13
N LEU A 122 2.14 28.50 26.88
CA LEU A 122 0.78 28.15 26.47
C LEU A 122 0.80 26.92 25.59
N GLY A 123 0.17 25.84 26.05
CA GLY A 123 -0.13 24.71 25.20
C GLY A 123 -1.60 24.72 24.82
N TYR A 124 -1.87 24.63 23.51
CA TYR A 124 -3.21 24.84 22.99
C TYR A 124 -3.52 23.71 22.02
N ASN A 125 -4.54 22.91 22.33
CA ASN A 125 -4.89 21.76 21.50
C ASN A 125 -6.32 21.77 21.02
N LEU A 126 -7.04 22.87 21.18
CA LEU A 126 -8.42 22.97 20.71
C LEU A 126 -8.49 23.09 19.20
N GLU A 127 -9.57 22.57 18.64
CA GLU A 127 -9.88 22.67 17.23
C GLU A 127 -11.35 22.99 17.09
N ILE A 128 -11.66 24.22 16.69
CA ILE A 128 -13.02 24.70 16.58
C ILE A 128 -13.47 24.48 15.14
N PRO A 129 -14.63 23.87 14.89
CA PRO A 129 -15.01 23.57 13.50
C PRO A 129 -15.39 24.79 12.67
N THR A 130 -16.17 25.72 13.21
CA THR A 130 -16.63 26.86 12.44
C THR A 130 -15.66 28.04 12.58
N GLN A 131 -15.91 29.08 11.78
CA GLN A 131 -14.99 30.21 11.73
C GLN A 131 -15.51 31.45 12.45
N ARG A 132 -16.81 31.57 12.67
CA ARG A 132 -17.37 32.61 13.53
C ARG A 132 -18.30 31.96 14.53
N VAL A 133 -18.44 32.59 15.70
CA VAL A 133 -19.37 32.03 16.68
C VAL A 133 -20.69 32.79 16.58
N GLY A 134 -20.70 34.06 16.98
CA GLY A 134 -21.73 34.94 16.48
C GLY A 134 -21.16 35.91 15.46
N THR A 135 -20.15 36.65 15.91
CA THR A 135 -19.35 37.53 15.08
C THR A 135 -17.90 37.52 15.52
N TYR A 136 -17.53 36.63 16.42
CA TYR A 136 -16.20 36.56 16.99
C TYR A 136 -15.34 35.65 16.12
N ASP A 137 -14.10 36.09 15.85
CA ASP A 137 -13.33 35.56 14.75
C ASP A 137 -12.75 34.17 14.99
N THR A 138 -12.82 33.66 16.23
CA THR A 138 -12.65 32.27 16.63
C THR A 138 -11.20 31.78 16.50
N GLN A 139 -10.35 32.57 15.87
CA GLN A 139 -8.92 32.33 15.80
C GLN A 139 -8.20 33.18 16.84
N LEU A 140 -8.98 33.91 17.63
CA LEU A 140 -8.53 34.82 18.65
C LEU A 140 -8.58 34.21 20.04
N VAL A 141 -9.19 33.04 20.18
CA VAL A 141 -9.33 32.39 21.48
C VAL A 141 -7.97 31.90 21.98
N GLU A 142 -7.18 31.33 21.07
CA GLU A 142 -5.80 30.99 21.41
C GLU A 142 -4.98 32.26 21.63
N HIS A 143 -5.34 33.34 20.93
CA HIS A 143 -4.59 34.57 21.08
C HIS A 143 -4.99 35.33 22.33
N PHE A 144 -6.17 35.06 22.88
CA PHE A 144 -6.55 35.58 24.19
C PHE A 144 -5.66 35.00 25.27
N PHE A 145 -5.48 33.68 25.26
CA PHE A 145 -4.72 33.02 26.30
C PHE A 145 -3.23 33.13 26.05
N GLN A 146 -2.82 33.45 24.82
CA GLN A 146 -1.41 33.70 24.57
C GLN A 146 -0.99 35.05 25.14
N SER A 147 -1.88 36.03 25.08
CA SER A 147 -1.59 37.35 25.63
C SER A 147 -1.72 37.36 27.14
N LEU A 148 -2.63 36.54 27.69
CA LEU A 148 -2.79 36.45 29.12
C LEU A 148 -1.62 35.73 29.77
N VAL A 149 -0.99 34.80 29.06
CA VAL A 149 0.13 34.04 29.61
C VAL A 149 1.39 34.90 29.69
N ASN A 150 1.62 35.75 28.67
CA ASN A 150 2.91 36.43 28.52
C ASN A 150 3.10 37.52 29.56
N THR A 151 2.01 38.05 30.10
CA THR A 151 2.13 39.11 31.10
C THR A 151 1.90 38.58 32.52
N SER A 152 1.04 37.57 32.68
CA SER A 152 0.84 37.00 34.01
C SER A 152 2.03 36.16 34.46
N GLY A 153 2.78 35.58 33.53
CA GLY A 153 3.89 34.71 33.89
C GLY A 153 3.43 33.38 34.46
N MET A 154 2.69 32.62 33.66
CA MET A 154 2.11 31.35 34.09
C MET A 154 2.27 30.32 32.98
N THR A 155 2.37 29.06 33.36
CA THR A 155 2.30 27.96 32.41
C THR A 155 0.84 27.58 32.31
N LEU A 156 0.36 27.28 31.10
CA LEU A 156 -1.05 26.96 30.90
C LEU A 156 -1.19 25.89 29.83
N HIS A 157 -1.79 24.76 30.20
CA HIS A 157 -2.11 23.69 29.26
C HIS A 157 -3.61 23.58 29.11
N ILE A 158 -4.09 23.70 27.88
CA ILE A 158 -5.51 23.60 27.57
C ILE A 158 -5.66 22.45 26.58
N ARG A 159 -6.45 21.44 26.95
CA ARG A 159 -6.58 20.25 26.12
C ARG A 159 -8.05 19.91 25.91
N GLN A 160 -8.45 19.75 24.66
CA GLN A 160 -9.79 19.30 24.31
C GLN A 160 -9.84 17.79 24.37
N LEU A 161 -10.88 17.25 24.99
CA LEU A 161 -11.02 15.81 25.15
C LEU A 161 -12.19 15.24 24.37
N ALA A 162 -13.19 16.06 24.02
CA ALA A 162 -14.36 15.67 23.26
C ALA A 162 -15.12 16.90 22.79
N GLY A 163 -16.08 16.73 21.88
CA GLY A 163 -17.02 17.81 21.64
C GLY A 163 -16.87 18.46 20.28
N LYS A 164 -18.02 18.68 19.63
CA LYS A 164 -18.08 19.40 18.36
C LYS A 164 -19.21 20.42 18.38
N ASN A 165 -18.95 21.59 18.95
CA ASN A 165 -19.84 22.74 18.93
C ASN A 165 -19.03 23.95 19.35
N SER A 166 -19.06 24.99 18.52
CA SER A 166 -18.17 26.14 18.70
C SER A 166 -18.49 26.92 19.96
N HIS A 167 -19.78 27.14 20.24
CA HIS A 167 -20.18 27.86 21.44
C HIS A 167 -20.01 26.99 22.68
N HIS A 168 -19.97 25.67 22.50
CA HIS A 168 -19.85 24.80 23.67
C HIS A 168 -18.40 24.57 24.05
N ILE A 169 -17.48 24.56 23.08
CA ILE A 169 -16.08 24.32 23.41
C ILE A 169 -15.46 25.54 24.04
N ILE A 170 -15.78 26.73 23.53
CA ILE A 170 -15.22 27.96 24.09
C ILE A 170 -15.81 28.25 25.46
N GLU A 171 -17.05 27.82 25.72
CA GLU A 171 -17.59 28.07 27.05
C GLU A 171 -17.17 26.99 28.03
N ALA A 172 -16.66 25.86 27.54
CA ALA A 172 -16.15 24.85 28.45
C ALA A 172 -14.73 25.15 28.90
N THR A 173 -13.99 25.95 28.13
CA THR A 173 -12.63 26.31 28.54
C THR A 173 -12.59 27.57 29.40
N PHE A 174 -13.61 28.42 29.35
CA PHE A 174 -13.68 29.55 30.26
C PHE A 174 -14.36 29.24 31.58
N LYS A 175 -15.07 28.11 31.67
CA LYS A 175 -15.49 27.62 32.98
C LYS A 175 -14.37 26.85 33.67
N ALA A 176 -13.53 26.17 32.89
CA ALA A 176 -12.48 25.33 33.48
C ALA A 176 -11.24 26.14 33.80
N PHE A 177 -11.02 27.26 33.10
CA PHE A 177 -9.92 28.14 33.46
C PHE A 177 -10.25 28.91 34.73
N ALA A 178 -11.52 29.22 34.95
CA ALA A 178 -11.94 29.97 36.12
C ALA A 178 -11.83 29.12 37.38
N ARG A 179 -12.25 27.87 37.29
CA ARG A 179 -12.20 26.99 38.45
C ARG A 179 -10.77 26.57 38.77
N ALA A 180 -9.89 26.58 37.77
CA ALA A 180 -8.49 26.25 37.98
C ALA A 180 -7.65 27.46 38.34
N LEU A 181 -8.20 28.67 38.25
CA LEU A 181 -7.49 29.85 38.72
C LEU A 181 -7.85 30.20 40.15
N ARG A 182 -9.06 29.87 40.60
CA ARG A 182 -9.42 30.04 42.00
C ARG A 182 -8.99 28.86 42.85
N GLN A 183 -8.36 27.84 42.26
CA GLN A 183 -7.77 26.75 43.01
C GLN A 183 -6.28 26.99 43.24
N ALA A 184 -5.64 27.72 42.33
CA ALA A 184 -4.20 27.94 42.43
C ALA A 184 -3.88 29.06 43.41
N THR A 185 -4.44 30.24 43.18
CA THR A 185 -4.03 31.43 43.93
C THR A 185 -5.04 31.81 45.01
N GLU A 186 -6.32 31.49 44.81
CA GLU A 186 -7.35 31.96 45.72
C GLU A 186 -7.38 31.12 46.99
N SER A 187 -7.36 29.80 46.83
CA SER A 187 -7.30 28.93 47.99
C SER A 187 -5.89 28.92 48.57
N ASP A 188 -5.79 28.54 49.85
CA ASP A 188 -4.53 28.54 50.55
C ASP A 188 -4.31 27.19 51.23
N PRO A 189 -3.07 26.70 51.25
CA PRO A 189 -2.80 25.42 51.93
C PRO A 189 -2.65 25.57 53.43
N ARG A 190 -2.26 24.48 54.09
CA ARG A 190 -2.14 24.47 55.55
C ARG A 190 -0.90 25.22 56.03
N ARG A 191 0.07 25.44 55.16
CA ARG A 191 1.27 26.17 55.55
C ARG A 191 1.01 27.66 55.54
N GLY A 192 1.86 28.40 56.27
CA GLY A 192 1.69 29.84 56.37
C GLY A 192 2.44 30.63 55.33
N GLY A 193 3.69 30.27 55.08
CA GLY A 193 4.51 30.97 54.11
C GLY A 193 5.81 30.26 53.79
N ARG B 9 -61.67 13.06 -13.30
CA ARG B 9 -60.33 13.61 -13.42
C ARG B 9 -59.57 12.91 -14.54
N ILE B 10 -59.59 13.51 -15.73
CA ILE B 10 -59.02 12.88 -16.91
C ILE B 10 -58.17 13.91 -17.66
N GLY B 11 -57.02 13.47 -18.12
CA GLY B 11 -56.23 14.26 -19.05
C GLY B 11 -55.88 13.40 -20.24
N GLU B 12 -56.03 13.98 -21.43
CA GLU B 12 -55.79 13.23 -22.65
C GLU B 12 -54.90 14.07 -23.57
N VAL B 13 -53.83 13.46 -24.04
CA VAL B 13 -52.86 14.14 -24.89
C VAL B 13 -52.62 13.28 -26.12
N LYS B 14 -52.80 13.88 -27.30
CA LYS B 14 -52.34 13.31 -28.56
C LYS B 14 -51.10 14.07 -28.99
N ARG B 15 -50.15 13.35 -29.59
CA ARG B 15 -48.89 13.95 -29.99
C ARG B 15 -48.29 13.13 -31.12
N GLU B 16 -47.99 13.80 -32.24
CA GLU B 16 -47.49 13.12 -33.43
C GLU B 16 -46.35 13.93 -34.02
N THR B 17 -45.22 13.26 -34.26
CA THR B 17 -44.08 13.83 -34.93
C THR B 17 -43.79 13.00 -36.18
N LYS B 18 -42.65 13.28 -36.80
CA LYS B 18 -42.25 12.51 -37.98
C LYS B 18 -41.79 11.10 -37.62
N GLU B 19 -41.50 10.86 -36.34
CA GLU B 19 -41.01 9.55 -35.92
C GLU B 19 -42.10 8.71 -35.30
N THR B 20 -42.91 9.29 -34.41
CA THR B 20 -43.92 8.53 -33.67
C THR B 20 -45.29 9.17 -33.82
N ASN B 21 -46.31 8.44 -33.38
CA ASN B 21 -47.69 8.90 -33.32
C ASN B 21 -48.29 8.36 -32.03
N VAL B 22 -48.43 9.22 -31.03
CA VAL B 22 -48.72 8.79 -29.67
C VAL B 22 -50.08 9.32 -29.23
N SER B 23 -50.94 8.42 -28.73
CA SER B 23 -52.23 8.78 -28.16
C SER B 23 -52.30 8.28 -26.73
N VAL B 24 -52.50 9.20 -25.78
CA VAL B 24 -52.39 8.92 -24.35
C VAL B 24 -53.54 9.58 -23.59
N LYS B 25 -54.19 8.82 -22.72
CA LYS B 25 -55.25 9.33 -21.84
C LYS B 25 -55.21 8.58 -20.52
N ILE B 26 -55.36 9.32 -19.41
CA ILE B 26 -55.31 8.75 -18.06
C ILE B 26 -56.50 9.26 -17.25
N ASN B 27 -57.29 8.32 -16.70
CA ASN B 27 -58.19 8.60 -15.58
C ASN B 27 -57.41 8.43 -14.30
N LEU B 28 -57.23 9.52 -13.55
CA LEU B 28 -56.41 9.45 -12.34
C LEU B 28 -57.19 8.82 -11.19
N ASP B 29 -58.50 9.05 -11.13
CA ASP B 29 -59.37 8.42 -10.16
C ASP B 29 -60.15 7.32 -10.86
N GLY B 30 -59.70 6.08 -10.71
CA GLY B 30 -60.28 4.99 -11.47
C GLY B 30 -59.98 3.65 -10.85
N HIS B 31 -60.05 2.62 -11.69
CA HIS B 31 -59.95 1.24 -11.23
C HIS B 31 -58.82 0.54 -11.96
N GLY B 32 -58.70 -0.77 -11.79
CA GLY B 32 -57.61 -1.52 -12.37
C GLY B 32 -57.78 -1.93 -13.83
N VAL B 33 -58.37 -1.06 -14.64
CA VAL B 33 -58.54 -1.36 -16.07
C VAL B 33 -57.32 -0.88 -16.84
N SER B 34 -56.93 -1.65 -17.86
CA SER B 34 -55.72 -1.36 -18.60
C SER B 34 -55.88 -1.81 -20.04
N ASP B 35 -55.78 -0.85 -20.97
CA ASP B 35 -55.61 -1.13 -22.39
C ASP B 35 -54.54 -0.19 -22.92
N SER B 36 -53.34 -0.71 -23.14
CA SER B 36 -52.21 0.11 -23.51
C SER B 36 -51.24 -0.72 -24.33
N SER B 37 -51.21 -0.49 -25.64
CA SER B 37 -50.36 -1.25 -26.54
C SER B 37 -49.38 -0.30 -27.18
N THR B 38 -48.13 -0.33 -26.71
CA THR B 38 -47.04 0.35 -27.38
C THR B 38 -46.43 -0.57 -28.43
N GLY B 39 -45.48 -0.03 -29.18
CA GLY B 39 -44.85 -0.80 -30.23
C GLY B 39 -43.94 -1.90 -29.70
N ILE B 40 -43.47 -1.76 -28.47
CA ILE B 40 -42.59 -2.74 -27.84
C ILE B 40 -43.34 -3.42 -26.70
N PRO B 41 -43.36 -4.75 -26.64
CA PRO B 41 -44.28 -5.42 -25.72
C PRO B 41 -43.85 -5.40 -24.27
N PHE B 42 -42.61 -5.03 -23.96
CA PHE B 42 -42.20 -5.07 -22.57
C PHE B 42 -42.71 -3.88 -21.78
N LEU B 43 -42.91 -2.72 -22.43
CA LEU B 43 -43.60 -1.61 -21.78
C LEU B 43 -45.03 -1.96 -21.41
N ASP B 44 -45.67 -2.82 -22.21
CA ASP B 44 -47.06 -3.21 -21.97
C ASP B 44 -47.20 -4.00 -20.68
N HIS B 45 -46.17 -4.77 -20.32
CA HIS B 45 -46.18 -5.46 -19.03
C HIS B 45 -45.88 -4.51 -17.88
N MET B 46 -45.24 -3.38 -18.16
CA MET B 46 -44.90 -2.47 -17.07
C MET B 46 -46.00 -1.45 -16.84
N LEU B 47 -46.72 -1.07 -17.89
CA LEU B 47 -47.86 -0.17 -17.74
C LEU B 47 -49.08 -0.90 -17.18
N ASP B 48 -49.06 -2.23 -17.15
CA ASP B 48 -50.06 -2.97 -16.38
C ASP B 48 -49.88 -2.74 -14.88
N GLN B 49 -48.64 -2.50 -14.46
CA GLN B 49 -48.35 -2.40 -13.03
C GLN B 49 -48.84 -1.08 -12.45
N LEU B 50 -48.74 0.00 -13.23
CA LEU B 50 -49.29 1.27 -12.76
C LEU B 50 -50.78 1.40 -13.05
N ALA B 51 -51.42 0.33 -13.52
CA ALA B 51 -52.88 0.29 -13.63
C ALA B 51 -53.50 -0.52 -12.50
N SER B 52 -52.87 -1.65 -12.15
CA SER B 52 -53.46 -2.54 -11.16
C SER B 52 -53.04 -2.17 -9.74
N HIS B 53 -51.79 -1.72 -9.57
CA HIS B 53 -51.30 -1.34 -8.26
C HIS B 53 -51.47 0.14 -7.95
N GLY B 54 -51.48 0.99 -8.97
CA GLY B 54 -51.71 2.41 -8.76
C GLY B 54 -53.18 2.76 -8.81
N LEU B 55 -53.97 1.80 -9.29
CA LEU B 55 -55.42 1.94 -9.53
C LEU B 55 -55.72 3.15 -10.41
N PHE B 56 -54.97 3.22 -11.51
CA PHE B 56 -55.19 4.22 -12.55
C PHE B 56 -55.79 3.52 -13.75
N ASP B 57 -56.44 4.31 -14.60
CA ASP B 57 -56.95 3.84 -15.88
C ASP B 57 -56.14 4.54 -16.97
N VAL B 58 -55.15 3.83 -17.50
CA VAL B 58 -54.22 4.39 -18.47
C VAL B 58 -54.51 3.78 -19.84
N HIS B 59 -54.51 4.63 -20.86
CA HIS B 59 -54.77 4.21 -22.25
C HIS B 59 -53.69 4.79 -23.13
N VAL B 60 -52.83 3.93 -23.67
CA VAL B 60 -51.71 4.34 -24.51
C VAL B 60 -51.83 3.63 -25.85
N ARG B 61 -51.79 4.40 -26.93
CA ARG B 61 -51.65 3.84 -28.27
C ARG B 61 -50.53 4.60 -28.97
N ALA B 62 -49.45 3.91 -29.28
CA ALA B 62 -48.29 4.51 -29.93
C ALA B 62 -47.85 3.67 -31.11
N THR B 63 -47.63 4.32 -32.24
CA THR B 63 -47.05 3.70 -33.43
C THR B 63 -45.77 4.45 -33.76
N GLY B 64 -44.66 3.74 -33.79
CA GLY B 64 -43.38 4.38 -34.00
C GLY B 64 -42.43 3.48 -34.75
N ASP B 65 -41.22 4.00 -34.96
CA ASP B 65 -40.22 3.35 -35.79
C ASP B 65 -39.38 2.39 -34.95
N THR B 66 -39.91 1.19 -34.74
CA THR B 66 -39.10 0.11 -34.19
C THR B 66 -38.31 -0.63 -35.26
N HIS B 67 -38.37 -0.15 -36.51
CA HIS B 67 -37.45 -0.56 -37.56
C HIS B 67 -36.02 -0.19 -37.21
N ILE B 68 -35.84 0.89 -36.47
CA ILE B 68 -34.57 1.31 -35.89
C ILE B 68 -34.74 1.13 -34.39
N ASP B 69 -33.73 1.53 -33.60
CA ASP B 69 -33.73 1.37 -32.15
C ASP B 69 -34.96 1.95 -31.45
N ASP B 70 -35.29 1.42 -30.28
CA ASP B 70 -36.51 1.76 -29.56
C ASP B 70 -36.41 3.04 -28.75
N HIS B 71 -35.35 3.84 -28.92
CA HIS B 71 -35.16 5.03 -28.10
C HIS B 71 -36.20 6.10 -28.42
N HIS B 72 -36.64 6.16 -29.68
CA HIS B 72 -37.51 7.25 -30.12
C HIS B 72 -38.94 7.04 -29.66
N THR B 73 -39.42 5.81 -29.71
CA THR B 73 -40.79 5.52 -29.30
C THR B 73 -40.93 5.26 -27.82
N ASN B 74 -39.86 5.46 -27.04
CA ASN B 74 -39.97 5.37 -25.59
C ASN B 74 -39.98 6.76 -24.96
N GLU B 75 -39.30 7.71 -25.61
CA GLU B 75 -39.40 9.11 -25.20
C GLU B 75 -40.83 9.61 -25.33
N ASP B 76 -41.41 9.45 -26.52
CA ASP B 76 -42.68 10.07 -26.86
C ASP B 76 -43.85 9.44 -26.14
N VAL B 77 -43.72 8.19 -25.69
CA VAL B 77 -44.71 7.65 -24.76
C VAL B 77 -44.57 8.30 -23.40
N ALA B 78 -43.34 8.38 -22.90
CA ALA B 78 -43.10 8.86 -21.54
C ALA B 78 -43.30 10.36 -21.44
N LEU B 79 -43.05 11.09 -22.53
CA LEU B 79 -43.36 12.52 -22.54
C LEU B 79 -44.86 12.77 -22.54
N ALA B 80 -45.63 11.87 -23.16
CA ALA B 80 -47.06 12.08 -23.28
C ALA B 80 -47.81 11.68 -22.01
N ILE B 81 -47.25 10.75 -21.23
CA ILE B 81 -47.86 10.40 -19.95
C ILE B 81 -47.76 11.56 -18.98
N GLY B 82 -46.64 12.30 -19.01
CA GLY B 82 -46.44 13.41 -18.12
C GLY B 82 -47.29 14.62 -18.42
N THR B 83 -47.46 14.95 -19.70
CA THR B 83 -48.34 16.06 -20.09
C THR B 83 -49.79 15.72 -19.80
N ALA B 84 -50.15 14.45 -19.95
CA ALA B 84 -51.48 14.01 -19.53
C ALA B 84 -51.65 14.06 -18.03
N LEU B 85 -50.58 13.80 -17.28
CA LEU B 85 -50.66 13.82 -15.82
C LEU B 85 -50.62 15.23 -15.26
N LEU B 86 -49.95 16.15 -15.95
CA LEU B 86 -50.04 17.57 -15.57
C LEU B 86 -51.41 18.12 -15.91
N LYS B 87 -52.04 17.62 -16.97
CA LYS B 87 -53.38 18.06 -17.33
C LYS B 87 -54.45 17.34 -16.52
N ALA B 88 -54.12 16.17 -15.97
CA ALA B 88 -55.06 15.49 -15.08
C ALA B 88 -55.22 16.26 -13.77
N LEU B 89 -54.11 16.62 -13.16
CA LEU B 89 -54.15 17.57 -12.05
C LEU B 89 -54.52 18.95 -12.58
N GLY B 90 -55.05 19.79 -11.69
CA GLY B 90 -55.33 21.17 -12.00
C GLY B 90 -54.49 22.11 -11.18
N GLU B 91 -55.13 23.15 -10.67
CA GLU B 91 -54.57 23.88 -9.55
C GLU B 91 -54.51 22.93 -8.36
N ARG B 92 -53.31 22.60 -7.93
CA ARG B 92 -53.10 21.53 -6.96
C ARG B 92 -53.63 21.94 -5.59
N LYS B 93 -54.76 21.35 -5.20
CA LYS B 93 -55.43 21.75 -3.97
C LYS B 93 -56.05 20.52 -3.31
N GLY B 94 -55.72 20.33 -2.04
CA GLY B 94 -56.35 19.27 -1.26
C GLY B 94 -55.80 17.88 -1.52
N ILE B 95 -54.54 17.78 -1.91
CA ILE B 95 -53.89 16.50 -2.12
C ILE B 95 -52.76 16.36 -1.10
N ASN B 96 -52.31 15.12 -0.90
CA ASN B 96 -51.25 14.86 0.07
C ASN B 96 -49.91 15.42 -0.38
N ARG B 97 -49.63 15.34 -1.69
CA ARG B 97 -48.49 15.91 -2.42
C ARG B 97 -47.19 15.16 -2.15
N PHE B 98 -47.15 14.28 -1.17
CA PHE B 98 -45.96 13.48 -0.90
C PHE B 98 -46.29 12.00 -1.05
N GLY B 99 -45.48 11.31 -1.82
CA GLY B 99 -45.67 9.88 -2.00
C GLY B 99 -44.36 9.16 -1.85
N ASP B 100 -44.30 8.28 -0.85
CA ASP B 100 -43.10 7.49 -0.60
C ASP B 100 -43.53 6.05 -0.34
N PHE B 101 -42.78 5.12 -0.92
CA PHE B 101 -43.13 3.71 -0.80
C PHE B 101 -41.92 2.88 -1.19
N THR B 102 -41.78 1.73 -0.53
CA THR B 102 -40.81 0.72 -0.92
C THR B 102 -41.52 -0.61 -1.10
N ALA B 103 -41.10 -1.35 -2.11
CA ALA B 103 -41.85 -2.54 -2.56
C ALA B 103 -40.91 -3.68 -2.90
N PRO B 104 -41.01 -4.83 -2.23
CA PRO B 104 -40.12 -5.94 -2.56
C PRO B 104 -40.69 -6.75 -3.72
N LEU B 105 -39.81 -7.16 -4.61
CA LEU B 105 -40.04 -8.38 -5.36
C LEU B 105 -39.08 -9.39 -4.71
N ASP B 106 -38.91 -10.56 -5.34
CA ASP B 106 -37.92 -11.52 -4.87
C ASP B 106 -36.54 -10.88 -4.89
N GLU B 107 -35.92 -10.82 -3.70
CA GLU B 107 -34.58 -10.37 -3.35
C GLU B 107 -34.30 -8.89 -3.60
N ALA B 108 -35.23 -8.15 -4.20
CA ALA B 108 -34.95 -6.80 -4.67
C ALA B 108 -35.88 -5.79 -4.00
N LEU B 109 -35.30 -4.72 -3.49
CA LEU B 109 -36.03 -3.58 -2.94
C LEU B 109 -35.73 -2.33 -3.75
N ILE B 110 -36.80 -1.61 -4.09
CA ILE B 110 -36.68 -0.26 -4.64
C ILE B 110 -37.42 0.67 -3.71
N HIS B 111 -36.81 1.82 -3.40
CA HIS B 111 -37.47 2.87 -2.65
C HIS B 111 -37.73 4.05 -3.57
N VAL B 112 -38.99 4.41 -3.73
CA VAL B 112 -39.41 5.50 -4.61
C VAL B 112 -40.08 6.59 -3.78
N SER B 113 -39.59 7.82 -3.93
CA SER B 113 -40.14 8.98 -3.25
C SER B 113 -40.42 10.06 -4.29
N LEU B 114 -41.48 10.84 -4.11
CA LEU B 114 -41.84 11.83 -5.12
C LEU B 114 -42.54 13.03 -4.51
N ASP B 115 -42.67 14.11 -5.29
CA ASP B 115 -43.05 15.41 -4.74
C ASP B 115 -44.20 16.09 -5.49
N LEU B 116 -44.28 15.96 -6.82
CA LEU B 116 -45.38 16.50 -7.65
C LEU B 116 -45.62 18.00 -7.48
N SER B 117 -44.57 18.80 -7.31
CA SER B 117 -44.76 20.22 -7.09
C SER B 117 -43.84 21.01 -8.01
N GLY B 118 -44.28 21.23 -9.25
CA GLY B 118 -43.65 22.24 -10.11
C GLY B 118 -42.28 21.86 -10.65
N ARG B 119 -41.34 21.62 -9.74
CA ARG B 119 -39.93 21.50 -10.06
C ARG B 119 -39.57 20.08 -10.49
N PRO B 120 -38.93 19.89 -11.64
CA PRO B 120 -38.55 18.55 -12.09
C PRO B 120 -37.16 18.13 -11.63
N TYR B 121 -37.06 16.90 -11.14
CA TYR B 121 -35.78 16.31 -10.78
C TYR B 121 -35.90 14.79 -10.87
N LEU B 122 -34.81 14.13 -11.25
CA LEU B 122 -34.73 12.67 -11.23
C LEU B 122 -33.42 12.24 -10.60
N GLY B 123 -33.51 11.53 -9.48
CA GLY B 123 -32.37 10.82 -8.93
C GLY B 123 -32.51 9.34 -9.22
N TYR B 124 -31.46 8.76 -9.80
CA TYR B 124 -31.52 7.40 -10.33
C TYR B 124 -30.29 6.64 -9.84
N ASN B 125 -30.49 5.59 -9.06
CA ASN B 125 -29.38 4.84 -8.49
C ASN B 125 -29.43 3.35 -8.82
N LEU B 126 -30.28 2.93 -9.74
CA LEU B 126 -30.36 1.54 -10.15
C LEU B 126 -29.17 1.13 -11.01
N GLU B 127 -28.80 -0.14 -10.89
CA GLU B 127 -27.75 -0.74 -11.70
C GLU B 127 -28.23 -2.12 -12.12
N ILE B 128 -28.56 -2.26 -13.40
CA ILE B 128 -29.11 -3.48 -13.96
C ILE B 128 -27.94 -4.29 -14.51
N PRO B 129 -27.81 -5.57 -14.16
CA PRO B 129 -26.62 -6.32 -14.63
C PRO B 129 -26.61 -6.64 -16.12
N THR B 130 -27.73 -7.07 -16.69
CA THR B 130 -27.74 -7.46 -18.09
C THR B 130 -28.11 -6.27 -18.99
N GLN B 131 -27.99 -6.49 -20.30
CA GLN B 131 -28.19 -5.41 -21.25
C GLN B 131 -29.52 -5.48 -22.00
N ARG B 132 -30.16 -6.64 -22.06
CA ARG B 132 -31.52 -6.76 -22.57
C ARG B 132 -32.34 -7.53 -21.56
N VAL B 133 -33.64 -7.27 -21.53
CA VAL B 133 -34.49 -8.04 -20.62
C VAL B 133 -35.16 -9.15 -21.40
N GLY B 134 -36.08 -8.81 -22.30
CA GLY B 134 -36.38 -9.74 -23.38
C GLY B 134 -35.80 -9.25 -24.69
N THR B 135 -36.20 -8.03 -25.04
CA THR B 135 -35.68 -7.29 -26.17
C THR B 135 -35.59 -5.81 -25.86
N TYR B 136 -35.83 -5.43 -24.61
CA TYR B 136 -35.86 -4.04 -24.20
C TYR B 136 -34.45 -3.61 -23.79
N ASP B 137 -34.06 -2.40 -24.24
CA ASP B 137 -32.65 -2.05 -24.28
C ASP B 137 -32.05 -1.71 -22.93
N THR B 138 -32.86 -1.57 -21.88
CA THR B 138 -32.50 -1.61 -20.45
C THR B 138 -31.74 -0.35 -20.01
N GLN B 139 -31.31 0.46 -20.96
CA GLN B 139 -30.71 1.76 -20.72
C GLN B 139 -31.75 2.86 -20.89
N LEU B 140 -32.98 2.44 -21.17
CA LEU B 140 -34.11 3.31 -21.43
C LEU B 140 -35.01 3.47 -20.21
N VAL B 141 -34.77 2.69 -19.17
CA VAL B 141 -35.60 2.73 -17.96
C VAL B 141 -35.39 4.04 -17.22
N GLU B 142 -34.12 4.47 -17.12
CA GLU B 142 -33.83 5.79 -16.59
C GLU B 142 -34.33 6.87 -17.52
N HIS B 143 -34.36 6.57 -18.82
CA HIS B 143 -34.81 7.57 -19.78
C HIS B 143 -36.33 7.64 -19.83
N PHE B 144 -37.02 6.59 -19.39
CA PHE B 144 -38.47 6.65 -19.22
C PHE B 144 -38.84 7.64 -18.12
N PHE B 145 -38.16 7.54 -16.97
CA PHE B 145 -38.51 8.38 -15.85
C PHE B 145 -37.89 9.76 -15.99
N GLN B 146 -36.89 9.92 -16.85
CA GLN B 146 -36.37 11.25 -17.10
C GLN B 146 -37.33 12.06 -17.96
N SER B 147 -37.99 11.39 -18.90
CA SER B 147 -38.97 12.06 -19.76
C SER B 147 -40.28 12.30 -19.01
N LEU B 148 -40.63 11.40 -18.08
CA LEU B 148 -41.84 11.57 -17.30
C LEU B 148 -41.70 12.71 -16.29
N VAL B 149 -40.48 12.95 -15.80
CA VAL B 149 -40.25 13.99 -14.80
C VAL B 149 -40.33 15.37 -15.45
N ASN B 150 -39.80 15.51 -16.66
CA ASN B 150 -39.59 16.84 -17.25
C ASN B 150 -40.90 17.49 -17.67
N THR B 151 -41.93 16.68 -17.93
CA THR B 151 -43.21 17.25 -18.34
C THR B 151 -44.22 17.27 -17.20
N SER B 152 -44.16 16.29 -16.29
CA SER B 152 -45.06 16.29 -15.14
C SER B 152 -44.69 17.37 -14.11
N GLY B 153 -43.42 17.74 -14.03
CA GLY B 153 -42.99 18.71 -13.04
C GLY B 153 -43.00 18.14 -11.64
N MET B 154 -42.20 17.09 -11.41
CA MET B 154 -42.15 16.40 -10.13
C MET B 154 -40.71 16.08 -9.79
N THR B 155 -40.41 16.02 -8.50
CA THR B 155 -39.13 15.51 -8.02
C THR B 155 -39.32 14.00 -7.83
N LEU B 156 -38.32 13.20 -8.20
CA LEU B 156 -38.44 11.75 -8.10
C LEU B 156 -37.10 11.16 -7.72
N HIS B 157 -37.07 10.45 -6.59
CA HIS B 157 -35.89 9.71 -6.15
C HIS B 157 -36.17 8.22 -6.22
N ILE B 158 -35.35 7.50 -6.96
CA ILE B 158 -35.47 6.06 -7.11
C ILE B 158 -34.17 5.44 -6.61
N ARG B 159 -34.25 4.58 -5.60
CA ARG B 159 -33.06 4.02 -5.00
C ARG B 159 -33.18 2.51 -4.88
N GLN B 160 -32.18 1.79 -5.39
CA GLN B 160 -32.09 0.35 -5.26
C GLN B 160 -31.46 0.01 -3.92
N LEU B 161 -32.05 -0.93 -3.20
CA LEU B 161 -31.57 -1.32 -1.89
C LEU B 161 -31.01 -2.73 -1.84
N ALA B 162 -31.40 -3.59 -2.78
CA ALA B 162 -30.95 -4.97 -2.89
C ALA B 162 -31.35 -5.55 -4.24
N GLY B 163 -30.80 -6.71 -4.60
CA GLY B 163 -31.39 -7.45 -5.71
C GLY B 163 -30.52 -7.51 -6.93
N LYS B 164 -30.41 -8.70 -7.51
CA LYS B 164 -29.71 -8.92 -8.77
C LYS B 164 -30.54 -9.80 -9.71
N ASN B 165 -31.47 -9.17 -10.42
CA ASN B 165 -32.25 -9.80 -11.48
C ASN B 165 -32.91 -8.69 -12.28
N SER B 166 -32.71 -8.70 -13.59
CA SER B 166 -33.10 -7.58 -14.43
C SER B 166 -34.62 -7.44 -14.52
N HIS B 167 -35.33 -8.55 -14.63
CA HIS B 167 -36.80 -8.49 -14.68
C HIS B 167 -37.37 -8.21 -13.31
N HIS B 168 -36.61 -8.49 -12.25
CA HIS B 168 -37.15 -8.26 -10.91
C HIS B 168 -36.92 -6.84 -10.44
N ILE B 169 -35.83 -6.20 -10.85
CA ILE B 169 -35.56 -4.84 -10.40
C ILE B 169 -36.46 -3.86 -11.11
N ILE B 170 -36.68 -4.04 -12.42
CA ILE B 170 -37.54 -3.14 -13.17
C ILE B 170 -39.00 -3.32 -12.77
N GLU B 171 -39.40 -4.52 -12.34
CA GLU B 171 -40.79 -4.66 -11.93
C GLU B 171 -40.98 -4.24 -10.48
N ALA B 172 -39.89 -4.10 -9.72
CA ALA B 172 -40.03 -3.61 -8.36
C ALA B 172 -40.11 -2.08 -8.31
N THR B 173 -39.62 -1.40 -9.34
CA THR B 173 -39.70 0.05 -9.37
C THR B 173 -40.99 0.56 -10.04
N PHE B 174 -41.65 -0.26 -10.85
CA PHE B 174 -42.95 0.12 -11.39
C PHE B 174 -44.12 -0.29 -10.50
N LYS B 175 -43.90 -1.15 -9.52
CA LYS B 175 -44.89 -1.34 -8.47
C LYS B 175 -44.76 -0.26 -7.40
N ALA B 176 -43.54 0.22 -7.15
CA ALA B 176 -43.33 1.18 -6.07
C ALA B 176 -43.60 2.59 -6.54
N PHE B 177 -43.45 2.85 -7.83
CA PHE B 177 -43.83 4.17 -8.37
C PHE B 177 -45.34 4.32 -8.41
N ALA B 178 -46.05 3.21 -8.64
CA ALA B 178 -47.50 3.25 -8.74
C ALA B 178 -48.13 3.48 -7.38
N ARG B 179 -47.61 2.80 -6.35
CA ARG B 179 -48.15 2.95 -5.01
C ARG B 179 -47.79 4.31 -4.41
N ALA B 180 -46.70 4.91 -4.87
CA ALA B 180 -46.29 6.23 -4.39
C ALA B 180 -46.89 7.35 -5.22
N LEU B 181 -47.54 7.05 -6.34
CA LEU B 181 -48.26 8.07 -7.08
C LEU B 181 -49.72 8.13 -6.70
N ARG B 182 -50.31 7.03 -6.26
CA ARG B 182 -51.67 7.05 -5.73
C ARG B 182 -51.71 7.44 -4.25
N GLN B 183 -50.56 7.68 -3.64
CA GLN B 183 -50.50 8.20 -2.28
C GLN B 183 -50.35 9.73 -2.29
N ALA B 184 -49.73 10.26 -3.34
CA ALA B 184 -49.47 11.70 -3.39
C ALA B 184 -50.70 12.46 -3.87
N THR B 185 -51.22 12.11 -5.04
CA THR B 185 -52.27 12.91 -5.67
C THR B 185 -53.65 12.28 -5.53
N GLU B 186 -53.72 10.96 -5.40
CA GLU B 186 -55.03 10.30 -5.43
C GLU B 186 -55.71 10.39 -4.07
N SER B 187 -54.97 10.12 -3.00
CA SER B 187 -55.52 10.28 -1.66
C SER B 187 -55.56 11.75 -1.29
N ASP B 188 -56.42 12.07 -0.32
CA ASP B 188 -56.63 13.45 0.10
C ASP B 188 -56.49 13.54 1.62
N PRO B 189 -55.91 14.63 2.13
CA PRO B 189 -55.81 14.79 3.59
C PRO B 189 -57.09 15.32 4.21
N ARG B 190 -57.02 15.63 5.51
CA ARG B 190 -58.20 16.09 6.24
C ARG B 190 -58.56 17.53 5.90
N ARG B 191 -57.64 18.29 5.34
CA ARG B 191 -57.93 19.67 4.98
C ARG B 191 -58.69 19.72 3.66
N GLY B 192 -59.38 20.85 3.43
CA GLY B 192 -60.18 20.99 2.23
C GLY B 192 -59.44 21.62 1.07
N GLY B 193 -58.68 22.68 1.32
CA GLY B 193 -57.95 23.36 0.29
C GLY B 193 -56.96 24.38 0.81
N ARG C 9 -13.64 -59.22 -21.44
CA ARG C 9 -13.38 -57.86 -21.89
C ARG C 9 -11.89 -57.55 -21.81
N ILE C 10 -11.18 -57.74 -22.92
CA ILE C 10 -9.74 -57.59 -22.93
C ILE C 10 -9.33 -56.76 -24.14
N GLY C 11 -8.39 -55.84 -23.92
CA GLY C 11 -7.74 -55.16 -25.02
C GLY C 11 -6.24 -55.29 -24.85
N GLU C 12 -5.56 -55.59 -25.94
CA GLU C 12 -4.13 -55.80 -25.90
C GLU C 12 -3.48 -55.01 -27.03
N VAL C 13 -2.48 -54.22 -26.67
CA VAL C 13 -1.78 -53.36 -27.63
C VAL C 13 -0.28 -53.60 -27.49
N LYS C 14 0.37 -53.92 -28.60
CA LYS C 14 1.81 -53.91 -28.71
C LYS C 14 2.20 -52.68 -29.51
N ARG C 15 3.31 -52.06 -29.13
CA ARG C 15 3.77 -50.84 -29.77
C ARG C 15 5.27 -50.69 -29.60
N GLU C 16 5.98 -50.55 -30.71
CA GLU C 16 7.43 -50.47 -30.69
C GLU C 16 7.90 -49.37 -31.62
N THR C 17 8.74 -48.50 -31.09
CA THR C 17 9.40 -47.45 -31.86
C THR C 17 10.90 -47.63 -31.74
N LYS C 18 11.65 -46.63 -32.23
CA LYS C 18 13.10 -46.69 -32.12
C LYS C 18 13.59 -46.44 -30.70
N GLU C 19 12.72 -45.92 -29.84
CA GLU C 19 13.12 -45.61 -28.47
C GLU C 19 12.65 -46.67 -27.50
N THR C 20 11.41 -47.12 -27.59
CA THR C 20 10.83 -48.05 -26.63
C THR C 20 10.25 -49.26 -27.34
N ASN C 21 9.91 -50.27 -26.54
CA ASN C 21 9.22 -51.47 -26.99
C ASN C 21 8.22 -51.86 -25.92
N VAL C 22 6.95 -51.59 -26.17
CA VAL C 22 5.91 -51.62 -25.14
C VAL C 22 4.89 -52.70 -25.46
N SER C 23 4.62 -53.57 -24.49
CA SER C 23 3.59 -54.60 -24.59
C SER C 23 2.61 -54.42 -23.44
N VAL C 24 1.33 -54.22 -23.78
CA VAL C 24 0.31 -53.82 -22.82
C VAL C 24 -0.98 -54.60 -23.09
N LYS C 25 -1.56 -55.19 -22.02
CA LYS C 25 -2.84 -55.87 -22.09
C LYS C 25 -3.60 -55.67 -20.78
N ILE C 26 -4.90 -55.41 -20.88
CA ILE C 26 -5.75 -55.16 -19.71
C ILE C 26 -7.03 -55.99 -19.81
N ASN C 27 -7.29 -56.80 -18.78
CA ASN C 27 -8.62 -57.34 -18.52
C ASN C 27 -9.38 -56.32 -17.68
N LEU C 28 -10.45 -55.76 -18.24
CA LEU C 28 -11.18 -54.72 -17.53
C LEU C 28 -12.09 -55.31 -16.47
N ASP C 29 -12.64 -56.49 -16.71
CA ASP C 29 -13.43 -57.21 -15.73
C ASP C 29 -12.57 -58.34 -15.17
N GLY C 30 -11.99 -58.12 -14.00
CA GLY C 30 -11.03 -59.07 -13.47
C GLY C 30 -10.85 -58.90 -11.98
N HIS C 31 -9.70 -59.37 -11.51
CA HIS C 31 -9.41 -59.43 -10.08
C HIS C 31 -8.14 -58.68 -9.77
N GLY C 32 -7.64 -58.80 -8.54
CA GLY C 32 -6.49 -58.03 -8.12
C GLY C 32 -5.13 -58.61 -8.51
N VAL C 33 -5.02 -59.19 -9.70
CA VAL C 33 -3.75 -59.76 -10.14
C VAL C 33 -2.96 -58.69 -10.88
N SER C 34 -1.64 -58.70 -10.70
CA SER C 34 -0.77 -57.67 -11.24
C SER C 34 0.58 -58.26 -11.59
N ASP C 35 0.94 -58.19 -12.87
CA ASP C 35 2.30 -58.42 -13.32
C ASP C 35 2.64 -57.34 -14.35
N SER C 36 3.42 -56.36 -13.93
CA SER C 36 3.70 -55.20 -14.76
C SER C 36 5.06 -54.63 -14.39
N SER C 37 6.06 -54.89 -15.24
CA SER C 37 7.42 -54.43 -14.98
C SER C 37 7.82 -53.46 -16.08
N THR C 38 7.82 -52.17 -15.73
CA THR C 38 8.39 -51.16 -16.60
C THR C 38 9.87 -51.00 -16.29
N GLY C 39 10.54 -50.17 -17.09
CA GLY C 39 11.97 -49.96 -16.90
C GLY C 39 12.30 -49.19 -15.64
N ILE C 40 11.37 -48.44 -15.11
CA ILE C 40 11.55 -47.64 -13.90
C ILE C 40 10.68 -48.22 -12.80
N PRO C 41 11.24 -48.49 -11.61
CA PRO C 41 10.49 -49.28 -10.62
C PRO C 41 9.40 -48.52 -9.90
N PHE C 42 9.35 -47.19 -9.99
CA PHE C 42 8.33 -46.48 -9.24
C PHE C 42 6.97 -46.54 -9.91
N LEU C 43 6.92 -46.66 -11.25
CA LEU C 43 5.66 -46.94 -11.92
C LEU C 43 5.09 -48.30 -11.52
N ASP C 44 5.96 -49.25 -11.20
CA ASP C 44 5.50 -50.60 -10.84
C ASP C 44 4.75 -50.58 -9.51
N HIS C 45 5.12 -49.67 -8.61
CA HIS C 45 4.36 -49.51 -7.37
C HIS C 45 3.05 -48.78 -7.60
N MET C 46 2.95 -48.00 -8.69
CA MET C 46 1.73 -47.24 -8.91
C MET C 46 0.73 -48.03 -9.74
N LEU C 47 1.22 -48.88 -10.64
CA LEU C 47 0.34 -49.76 -11.40
C LEU C 47 -0.17 -50.93 -10.57
N ASP C 48 0.42 -51.17 -9.40
CA ASP C 48 -0.18 -52.08 -8.43
C ASP C 48 -1.48 -51.51 -7.87
N GLN C 49 -1.57 -50.18 -7.80
CA GLN C 49 -2.72 -49.55 -7.15
C GLN C 49 -3.95 -49.63 -8.04
N LEU C 50 -3.78 -49.49 -9.36
CA LEU C 50 -4.91 -49.66 -10.25
C LEU C 50 -5.19 -51.11 -10.60
N ALA C 51 -4.50 -52.05 -9.94
CA ALA C 51 -4.83 -53.46 -10.05
C ALA C 51 -5.58 -53.95 -8.81
N SER C 52 -5.17 -53.50 -7.63
CA SER C 52 -5.78 -54.00 -6.40
C SER C 52 -6.99 -53.18 -5.99
N HIS C 53 -6.97 -51.87 -6.23
CA HIS C 53 -8.09 -51.02 -5.87
C HIS C 53 -9.07 -50.82 -7.02
N GLY C 54 -8.61 -50.90 -8.26
CA GLY C 54 -9.51 -50.78 -9.39
C GLY C 54 -10.08 -52.12 -9.81
N LEU C 55 -9.48 -53.19 -9.27
CA LEU C 55 -9.79 -54.58 -9.58
C LEU C 55 -9.69 -54.85 -11.08
N PHE C 56 -8.58 -54.37 -11.65
CA PHE C 56 -8.24 -54.63 -13.03
C PHE C 56 -7.09 -55.64 -13.07
N ASP C 57 -6.95 -56.29 -14.21
CA ASP C 57 -5.82 -57.17 -14.46
C ASP C 57 -4.98 -56.52 -15.56
N VAL C 58 -3.91 -55.85 -15.17
CA VAL C 58 -3.08 -55.08 -16.09
C VAL C 58 -1.74 -55.79 -16.25
N HIS C 59 -1.27 -55.87 -17.49
CA HIS C 59 -0.02 -56.53 -17.83
C HIS C 59 0.79 -55.59 -18.72
N VAL C 60 1.90 -55.07 -18.19
CA VAL C 60 2.74 -54.12 -18.90
C VAL C 60 4.15 -54.70 -18.96
N ARG C 61 4.72 -54.77 -20.15
CA ARG C 61 6.14 -55.05 -20.34
C ARG C 61 6.71 -54.00 -21.27
N ALA C 62 7.62 -53.19 -20.76
CA ALA C 62 8.22 -52.12 -21.54
C ALA C 62 9.73 -52.14 -21.37
N THR C 63 10.44 -52.07 -22.50
CA THR C 63 11.89 -51.93 -22.51
C THR C 63 12.22 -50.64 -23.25
N GLY C 64 12.91 -49.73 -22.58
CA GLY C 64 13.18 -48.43 -23.16
C GLY C 64 14.50 -47.88 -22.71
N ASP C 65 14.81 -46.68 -23.20
CA ASP C 65 16.10 -46.05 -22.99
C ASP C 65 16.10 -45.26 -21.70
N THR C 66 16.31 -45.94 -20.58
CA THR C 66 16.59 -45.25 -19.32
C THR C 66 18.07 -44.91 -19.18
N HIS C 67 18.87 -45.16 -20.22
CA HIS C 67 20.22 -44.62 -20.32
C HIS C 67 20.18 -43.09 -20.39
N ILE C 68 19.11 -42.54 -20.95
CA ILE C 68 18.83 -41.11 -20.96
C ILE C 68 17.61 -40.95 -20.06
N ASP C 69 17.08 -39.73 -19.97
CA ASP C 69 15.94 -39.42 -19.10
C ASP C 69 14.72 -40.30 -19.32
N ASP C 70 13.88 -40.45 -18.30
CA ASP C 70 12.76 -41.38 -18.32
C ASP C 70 11.51 -40.83 -19.01
N HIS C 71 11.61 -39.71 -19.72
CA HIS C 71 10.44 -39.09 -20.34
C HIS C 71 9.90 -39.94 -21.48
N HIS C 72 10.79 -40.65 -22.18
CA HIS C 72 10.40 -41.36 -23.39
C HIS C 72 9.67 -42.65 -23.07
N THR C 73 10.13 -43.37 -22.05
CA THR C 73 9.52 -44.64 -21.68
C THR C 73 8.35 -44.47 -20.72
N ASN C 74 7.93 -43.24 -20.44
CA ASN C 74 6.73 -43.01 -19.65
C ASN C 74 5.57 -42.59 -20.55
N GLU C 75 5.88 -41.92 -21.66
CA GLU C 75 4.87 -41.63 -22.67
C GLU C 75 4.30 -42.92 -23.24
N ASP C 76 5.20 -43.79 -23.73
CA ASP C 76 4.81 -44.95 -24.51
C ASP C 76 4.14 -46.02 -23.68
N VAL C 77 4.39 -46.04 -22.36
CA VAL C 77 3.56 -46.87 -21.49
C VAL C 77 2.16 -46.29 -21.36
N ALA C 78 2.08 -44.98 -21.10
CA ALA C 78 0.80 -44.34 -20.84
C ALA C 78 -0.03 -44.21 -22.10
N LEU C 79 0.62 -44.09 -23.27
CA LEU C 79 -0.13 -44.09 -24.52
C LEU C 79 -0.70 -45.47 -24.82
N ALA C 80 0.00 -46.53 -24.40
CA ALA C 80 -0.43 -47.88 -24.72
C ALA C 80 -1.53 -48.37 -23.79
N ILE C 81 -1.59 -47.85 -22.56
CA ILE C 81 -2.68 -48.19 -21.66
C ILE C 81 -4.00 -47.62 -22.17
N GLY C 82 -3.96 -46.44 -22.76
CA GLY C 82 -5.16 -45.80 -23.27
C GLY C 82 -5.73 -46.45 -24.51
N THR C 83 -4.85 -46.85 -25.45
CA THR C 83 -5.30 -47.55 -26.65
C THR C 83 -5.83 -48.93 -26.30
N ALA C 84 -5.23 -49.56 -25.28
CA ALA C 84 -5.78 -50.82 -24.78
C ALA C 84 -7.11 -50.61 -24.08
N LEU C 85 -7.30 -49.46 -23.43
CA LEU C 85 -8.55 -49.19 -22.72
C LEU C 85 -9.65 -48.75 -23.66
N LEU C 86 -9.30 -48.08 -24.77
CA LEU C 86 -10.29 -47.80 -25.80
C LEU C 86 -10.68 -49.08 -26.54
N LYS C 87 -9.74 -50.03 -26.66
CA LYS C 87 -10.06 -51.29 -27.30
C LYS C 87 -10.71 -52.27 -26.33
N ALA C 88 -10.55 -52.06 -25.03
CA ALA C 88 -11.26 -52.87 -24.04
C ALA C 88 -12.75 -52.57 -24.08
N LEU C 89 -13.10 -51.29 -24.03
CA LEU C 89 -14.47 -50.88 -24.30
C LEU C 89 -14.79 -51.09 -25.77
N GLY C 90 -16.06 -51.20 -26.08
CA GLY C 90 -16.51 -51.28 -27.45
C GLY C 90 -17.39 -50.10 -27.80
N GLU C 91 -18.49 -50.38 -28.50
CA GLU C 91 -19.58 -49.44 -28.53
C GLU C 91 -20.13 -49.30 -27.12
N ARG C 92 -19.97 -48.12 -26.54
CA ARG C 92 -20.21 -47.90 -25.12
C ARG C 92 -21.72 -48.00 -24.83
N LYS C 93 -22.12 -49.09 -24.19
CA LYS C 93 -23.53 -49.36 -23.96
C LYS C 93 -23.70 -50.04 -22.61
N GLY C 94 -24.58 -49.47 -21.79
CA GLY C 94 -24.93 -50.10 -20.53
C GLY C 94 -23.91 -49.91 -19.43
N ILE C 95 -23.16 -48.82 -19.45
CA ILE C 95 -22.20 -48.50 -18.41
C ILE C 95 -22.64 -47.21 -17.72
N ASN C 96 -22.09 -46.98 -16.53
CA ASN C 96 -22.47 -45.80 -15.75
C ASN C 96 -21.94 -44.52 -16.38
N ARG C 97 -20.73 -44.58 -16.96
CA ARG C 97 -20.04 -43.56 -17.75
C ARG C 97 -19.52 -42.39 -16.88
N PHE C 98 -19.92 -42.31 -15.63
CA PHE C 98 -19.43 -41.27 -14.74
C PHE C 98 -18.72 -41.91 -13.57
N GLY C 99 -17.50 -41.46 -13.29
CA GLY C 99 -16.75 -41.97 -12.16
C GLY C 99 -16.16 -40.82 -11.38
N ASP C 100 -16.57 -40.70 -10.12
CA ASP C 100 -16.05 -39.68 -9.25
C ASP C 100 -15.73 -40.29 -7.90
N PHE C 101 -14.60 -39.90 -7.34
CA PHE C 101 -14.17 -40.48 -6.08
C PHE C 101 -13.08 -39.59 -5.48
N THR C 102 -13.07 -39.53 -4.15
CA THR C 102 -11.98 -38.89 -3.42
C THR C 102 -11.43 -39.88 -2.40
N ALA C 103 -10.11 -39.87 -2.22
CA ALA C 103 -9.42 -40.92 -1.47
C ALA C 103 -8.34 -40.34 -0.59
N PRO C 104 -8.41 -40.49 0.73
CA PRO C 104 -7.33 -39.96 1.57
C PRO C 104 -6.18 -40.93 1.67
N LEU C 105 -4.97 -40.39 1.63
CA LEU C 105 -3.85 -41.01 2.30
C LEU C 105 -3.64 -40.16 3.55
N ASP C 106 -2.54 -40.37 4.26
CA ASP C 106 -2.19 -39.51 5.38
C ASP C 106 -2.04 -38.07 4.90
N GLU C 107 -2.88 -37.20 5.47
CA GLU C 107 -2.97 -35.74 5.33
C GLU C 107 -3.36 -35.24 3.94
N ALA C 108 -3.47 -36.12 2.95
CA ALA C 108 -3.62 -35.70 1.57
C ALA C 108 -4.92 -36.23 0.98
N LEU C 109 -5.66 -35.34 0.34
CA LEU C 109 -6.86 -35.68 -0.42
C LEU C 109 -6.68 -35.34 -1.89
N ILE C 110 -7.05 -36.28 -2.75
CA ILE C 110 -7.17 -36.04 -4.19
C ILE C 110 -8.61 -36.34 -4.57
N HIS C 111 -9.20 -35.47 -5.37
CA HIS C 111 -10.51 -35.70 -5.94
C HIS C 111 -10.37 -35.93 -7.45
N VAL C 112 -10.78 -37.11 -7.91
CA VAL C 112 -10.67 -37.50 -9.30
C VAL C 112 -12.07 -37.72 -9.87
N SER C 113 -12.37 -37.04 -10.98
CA SER C 113 -13.63 -37.18 -11.69
C SER C 113 -13.34 -37.46 -13.15
N LEU C 114 -14.17 -38.29 -13.80
CA LEU C 114 -13.88 -38.67 -15.17
C LEU C 114 -15.16 -38.96 -15.95
N ASP C 115 -15.05 -39.05 -17.28
CA ASP C 115 -16.22 -39.03 -18.16
C ASP C 115 -16.26 -40.16 -19.19
N LEU C 116 -15.11 -40.58 -19.74
CA LEU C 116 -15.00 -41.71 -20.68
C LEU C 116 -15.91 -41.61 -21.90
N SER C 117 -16.10 -40.41 -22.45
CA SER C 117 -16.99 -40.25 -23.59
C SER C 117 -16.30 -39.44 -24.69
N GLY C 118 -15.50 -40.10 -25.52
CA GLY C 118 -15.05 -39.51 -26.76
C GLY C 118 -14.02 -38.41 -26.63
N ARG C 119 -14.38 -37.34 -25.92
CA ARG C 119 -13.63 -36.10 -25.90
C ARG C 119 -12.50 -36.14 -24.86
N PRO C 120 -11.27 -35.85 -25.24
CA PRO C 120 -10.17 -35.87 -24.27
C PRO C 120 -9.94 -34.52 -23.61
N TYR C 121 -9.75 -34.54 -22.29
CA TYR C 121 -9.38 -33.36 -21.53
C TYR C 121 -8.65 -33.80 -20.27
N LEU C 122 -7.70 -32.97 -19.82
CA LEU C 122 -7.03 -33.18 -18.54
C LEU C 122 -6.95 -31.87 -17.77
N GLY C 123 -7.59 -31.83 -16.61
CA GLY C 123 -7.37 -30.76 -15.66
C GLY C 123 -6.50 -31.26 -14.53
N TYR C 124 -5.43 -30.51 -14.25
CA TYR C 124 -4.38 -30.97 -13.34
C TYR C 124 -4.06 -29.83 -12.38
N ASN C 125 -4.30 -30.04 -11.08
CA ASN C 125 -4.09 -29.01 -10.09
C ASN C 125 -3.15 -29.42 -8.97
N LEU C 126 -2.44 -30.53 -9.11
CA LEU C 126 -1.49 -30.97 -8.11
C LEU C 126 -0.22 -30.12 -8.12
N GLU C 127 0.38 -30.01 -6.94
CA GLU C 127 1.64 -29.31 -6.76
C GLU C 127 2.49 -30.14 -5.81
N ILE C 128 3.52 -30.79 -6.34
CA ILE C 128 4.38 -31.68 -5.59
C ILE C 128 5.56 -30.86 -5.10
N PRO C 129 5.92 -30.90 -3.81
CA PRO C 129 7.00 -30.04 -3.32
C PRO C 129 8.39 -30.44 -3.79
N THR C 130 8.72 -31.72 -3.76
CA THR C 130 10.07 -32.15 -4.12
C THR C 130 10.16 -32.47 -5.62
N GLN C 131 11.39 -32.72 -6.07
CA GLN C 131 11.62 -32.92 -7.50
C GLN C 131 11.89 -34.36 -7.88
N ARG C 132 12.28 -35.22 -6.94
CA ARG C 132 12.35 -36.65 -7.17
C ARG C 132 11.61 -37.36 -6.05
N VAL C 133 11.06 -38.54 -6.34
CA VAL C 133 10.41 -39.28 -5.27
C VAL C 133 11.36 -40.32 -4.73
N GLY C 134 11.68 -41.34 -5.52
CA GLY C 134 12.91 -42.06 -5.27
C GLY C 134 13.96 -41.73 -6.31
N THR C 135 13.58 -41.95 -7.56
CA THR C 135 14.34 -41.57 -8.74
C THR C 135 13.43 -41.12 -9.87
N TYR C 136 12.14 -40.97 -9.59
CA TYR C 136 11.14 -40.64 -10.59
C TYR C 136 11.03 -39.12 -10.69
N ASP C 137 10.97 -38.61 -11.92
CA ASP C 137 11.27 -37.21 -12.17
C ASP C 137 10.17 -36.26 -11.75
N THR C 138 8.98 -36.75 -11.39
CA THR C 138 7.91 -36.08 -10.64
C THR C 138 7.19 -35.00 -11.46
N GLN C 139 7.76 -34.65 -12.62
CA GLN C 139 7.13 -33.76 -13.58
C GLN C 139 6.46 -34.57 -14.67
N LEU C 140 6.50 -35.89 -14.53
CA LEU C 140 5.98 -36.86 -15.47
C LEU C 140 4.63 -37.39 -15.05
N VAL C 141 4.18 -37.07 -13.84
CA VAL C 141 2.90 -37.58 -13.33
C VAL C 141 1.74 -36.93 -14.08
N GLU C 142 1.85 -35.62 -14.33
CA GLU C 142 0.88 -34.95 -15.19
C GLU C 142 1.02 -35.43 -16.63
N HIS C 143 2.23 -35.83 -17.02
CA HIS C 143 2.43 -36.29 -18.38
C HIS C 143 1.99 -37.74 -18.56
N PHE C 144 1.89 -38.51 -17.46
CA PHE C 144 1.28 -39.83 -17.52
C PHE C 144 -0.20 -39.72 -17.84
N PHE C 145 -0.91 -38.83 -17.15
CA PHE C 145 -2.35 -38.72 -17.34
C PHE C 145 -2.68 -37.89 -18.56
N GLN C 146 -1.72 -37.11 -19.07
CA GLN C 146 -1.96 -36.40 -20.33
C GLN C 146 -1.91 -37.36 -21.50
N SER C 147 -1.02 -38.36 -21.43
CA SER C 147 -0.92 -39.36 -22.49
C SER C 147 -2.03 -40.38 -22.39
N LEU C 148 -2.51 -40.66 -21.18
CA LEU C 148 -3.61 -41.60 -21.01
C LEU C 148 -4.93 -41.00 -21.48
N VAL C 149 -5.07 -39.68 -21.38
CA VAL C 149 -6.31 -39.02 -21.78
C VAL C 149 -6.44 -38.97 -23.29
N ASN C 150 -5.32 -38.73 -23.99
CA ASN C 150 -5.38 -38.41 -25.41
C ASN C 150 -5.72 -39.62 -26.27
N THR C 151 -5.45 -40.82 -25.75
CA THR C 151 -5.76 -42.03 -26.52
C THR C 151 -7.03 -42.71 -26.03
N SER C 152 -7.31 -42.63 -24.72
CA SER C 152 -8.55 -43.21 -24.20
C SER C 152 -9.78 -42.42 -24.61
N GLY C 153 -9.65 -41.11 -24.81
CA GLY C 153 -10.79 -40.27 -25.13
C GLY C 153 -11.70 -40.06 -23.94
N MET C 154 -11.17 -39.46 -22.89
CA MET C 154 -11.90 -39.25 -21.64
C MET C 154 -11.60 -37.85 -21.12
N THR C 155 -12.56 -37.27 -20.40
CA THR C 155 -12.33 -36.06 -19.64
C THR C 155 -11.87 -36.49 -18.27
N LEU C 156 -10.89 -35.78 -17.70
CA LEU C 156 -10.34 -36.16 -16.40
C LEU C 156 -9.98 -34.91 -15.61
N HIS C 157 -10.59 -34.76 -14.45
CA HIS C 157 -10.26 -33.68 -13.52
C HIS C 157 -9.60 -34.26 -12.27
N ILE C 158 -8.40 -33.79 -11.97
CA ILE C 158 -7.65 -34.22 -10.80
C ILE C 158 -7.38 -32.99 -9.96
N ARG C 159 -7.86 -33.01 -8.71
CA ARG C 159 -7.75 -31.83 -7.85
C ARG C 159 -7.18 -32.22 -6.50
N GLN C 160 -6.13 -31.53 -6.07
CA GLN C 160 -5.55 -31.70 -4.75
C GLN C 160 -6.32 -30.86 -3.76
N LEU C 161 -6.67 -31.44 -2.62
CA LEU C 161 -7.45 -30.74 -1.61
C LEU C 161 -6.66 -30.48 -0.33
N ALA C 162 -5.59 -31.24 -0.08
CA ALA C 162 -4.73 -31.11 1.09
C ALA C 162 -3.46 -31.92 0.91
N GLY C 163 -2.47 -31.73 1.76
CA GLY C 163 -1.38 -32.69 1.82
C GLY C 163 -0.06 -32.15 1.31
N LYS C 164 1.00 -32.43 2.06
CA LYS C 164 2.37 -32.10 1.67
C LYS C 164 3.31 -33.29 1.91
N ASN C 165 3.34 -34.22 0.96
CA ASN C 165 4.26 -35.34 0.93
C ASN C 165 4.22 -35.92 -0.47
N SER C 166 5.39 -36.05 -1.09
CA SER C 166 5.46 -36.41 -2.50
C SER C 166 5.00 -37.84 -2.76
N HIS C 167 5.39 -38.77 -1.89
CA HIS C 167 4.96 -40.16 -2.06
C HIS C 167 3.51 -40.32 -1.64
N HIS C 168 2.98 -39.41 -0.84
CA HIS C 168 1.59 -39.56 -0.38
C HIS C 168 0.61 -38.95 -1.38
N ILE C 169 1.00 -37.88 -2.07
CA ILE C 169 0.09 -37.25 -3.01
C ILE C 169 -0.05 -38.08 -4.27
N ILE C 170 1.06 -38.63 -4.77
CA ILE C 170 1.01 -39.45 -5.97
C ILE C 170 0.32 -40.78 -5.71
N GLU C 171 0.39 -41.30 -4.48
CA GLU C 171 -0.31 -42.54 -4.22
C GLU C 171 -1.76 -42.30 -3.88
N ALA C 172 -2.14 -41.07 -3.56
CA ALA C 172 -3.54 -40.77 -3.32
C ALA C 172 -4.30 -40.54 -4.62
N THR C 173 -3.61 -40.18 -5.70
CA THR C 173 -4.28 -39.98 -6.97
C THR C 173 -4.35 -41.26 -7.81
N PHE C 174 -3.49 -42.25 -7.55
CA PHE C 174 -3.61 -43.53 -8.21
C PHE C 174 -4.52 -44.51 -7.48
N LYS C 175 -4.88 -44.24 -6.24
CA LYS C 175 -5.97 -44.97 -5.61
C LYS C 175 -7.32 -44.39 -6.01
N ALA C 176 -7.38 -43.07 -6.23
CA ALA C 176 -8.65 -42.42 -6.51
C ALA C 176 -9.00 -42.50 -7.98
N PHE C 177 -8.00 -42.62 -8.85
CA PHE C 177 -8.26 -42.84 -10.27
C PHE C 177 -8.75 -44.27 -10.51
N ALA C 178 -8.26 -45.22 -9.71
CA ALA C 178 -8.65 -46.61 -9.87
C ALA C 178 -10.08 -46.84 -9.43
N ARG C 179 -10.47 -46.24 -8.31
CA ARG C 179 -11.82 -46.41 -7.79
C ARG C 179 -12.83 -45.66 -8.66
N ALA C 180 -12.40 -44.60 -9.34
CA ALA C 180 -13.27 -43.85 -10.22
C ALA C 180 -13.29 -44.39 -11.63
N LEU C 181 -12.41 -45.33 -11.96
CA LEU C 181 -12.47 -45.98 -13.26
C LEU C 181 -13.26 -47.27 -13.21
N ARG C 182 -13.30 -47.95 -12.07
CA ARG C 182 -14.16 -49.10 -11.90
C ARG C 182 -15.59 -48.73 -11.50
N GLN C 183 -15.87 -47.43 -11.34
CA GLN C 183 -17.23 -46.95 -11.12
C GLN C 183 -17.87 -46.52 -12.44
N ALA C 184 -17.05 -46.06 -13.38
CA ALA C 184 -17.58 -45.55 -14.64
C ALA C 184 -17.91 -46.68 -15.60
N THR C 185 -16.93 -47.52 -15.91
CA THR C 185 -17.09 -48.50 -16.98
C THR C 185 -17.34 -49.92 -16.44
N GLU C 186 -16.86 -50.22 -15.24
CA GLU C 186 -16.93 -51.59 -14.75
C GLU C 186 -18.31 -51.90 -14.20
N SER C 187 -18.85 -50.99 -13.39
CA SER C 187 -20.20 -51.18 -12.89
C SER C 187 -21.21 -50.84 -13.98
N ASP C 188 -22.43 -51.37 -13.83
CA ASP C 188 -23.47 -51.19 -14.81
C ASP C 188 -24.75 -50.68 -14.14
N PRO C 189 -25.50 -49.79 -14.79
CA PRO C 189 -26.75 -49.32 -14.20
C PRO C 189 -27.90 -50.29 -14.42
N ARG C 190 -29.11 -49.85 -14.05
CA ARG C 190 -30.29 -50.71 -14.14
C ARG C 190 -30.78 -50.85 -15.58
N ARG C 191 -30.38 -49.94 -16.47
CA ARG C 191 -30.79 -50.04 -17.86
C ARG C 191 -29.95 -51.07 -18.61
N GLY C 192 -30.49 -51.56 -19.73
CA GLY C 192 -29.79 -52.57 -20.50
C GLY C 192 -28.89 -52.01 -21.58
N GLY C 193 -29.36 -51.02 -22.32
CA GLY C 193 -28.58 -50.43 -23.39
C GLY C 193 -29.20 -49.17 -23.95
N ARG D 9 3.03 10.68 63.48
CA ARG D 9 2.98 9.62 62.48
C ARG D 9 4.33 9.45 61.80
N ILE D 10 5.15 8.54 62.31
CA ILE D 10 6.51 8.37 61.83
C ILE D 10 6.80 6.90 61.62
N GLY D 11 7.46 6.59 60.51
CA GLY D 11 8.01 5.27 60.30
C GLY D 11 9.46 5.40 59.95
N GLU D 12 10.28 4.54 60.56
CA GLU D 12 11.72 4.60 60.34
C GLU D 12 12.23 3.20 60.07
N VAL D 13 12.99 3.07 58.98
CA VAL D 13 13.51 1.79 58.55
C VAL D 13 15.01 1.95 58.30
N LYS D 14 15.80 1.09 58.94
CA LYS D 14 17.20 0.91 58.61
C LYS D 14 17.34 -0.40 57.87
N ARG D 15 18.23 -0.43 56.87
CA ARG D 15 18.41 -1.62 56.05
C ARG D 15 19.82 -1.60 55.47
N GLU D 16 20.56 -2.69 55.70
CA GLU D 16 21.94 -2.78 55.26
C GLU D 16 22.20 -4.15 54.67
N THR D 17 22.74 -4.16 53.46
CA THR D 17 23.18 -5.37 52.77
C THR D 17 24.67 -5.27 52.50
N LYS D 18 25.18 -6.21 51.71
CA LYS D 18 26.59 -6.18 51.34
C LYS D 18 26.89 -5.08 50.33
N GLU D 19 25.86 -4.53 49.70
CA GLU D 19 26.06 -3.51 48.68
C GLU D 19 25.81 -2.12 49.22
N THR D 20 24.71 -1.92 49.96
CA THR D 20 24.32 -0.60 50.42
C THR D 20 24.11 -0.60 51.93
N ASN D 21 23.96 0.60 52.48
CA ASN D 21 23.64 0.82 53.89
C ASN D 21 22.68 2.01 53.94
N VAL D 22 21.40 1.73 54.15
CA VAL D 22 20.33 2.70 53.94
C VAL D 22 19.63 3.00 55.26
N SER D 23 19.52 4.29 55.59
CA SER D 23 18.78 4.75 56.77
C SER D 23 17.70 5.72 56.31
N VAL D 24 16.45 5.40 56.63
CA VAL D 24 15.28 6.10 56.09
C VAL D 24 14.25 6.32 57.20
N LYS D 25 13.76 7.55 57.32
CA LYS D 25 12.69 7.90 58.25
C LYS D 25 11.80 8.99 57.65
N ILE D 26 10.49 8.84 57.81
CA ILE D 26 9.52 9.79 57.25
C ILE D 26 8.50 10.18 58.32
N ASN D 27 8.37 11.49 58.56
CA ASN D 27 7.20 12.05 59.23
C ASN D 27 6.15 12.33 58.16
N LEU D 28 5.01 11.63 58.24
CA LEU D 28 4.00 11.78 57.20
C LEU D 28 3.19 13.06 57.40
N ASP D 29 2.97 13.43 58.66
CA ASP D 29 2.31 14.69 59.00
C ASP D 29 3.38 15.68 59.45
N GLY D 30 3.78 16.57 58.56
CA GLY D 30 4.91 17.43 58.86
C GLY D 30 4.94 18.64 57.97
N HIS D 31 6.13 19.21 57.85
CA HIS D 31 6.32 20.48 57.14
C HIS D 31 7.34 20.31 56.04
N GLY D 32 7.75 21.42 55.42
CA GLY D 32 8.65 21.34 54.28
C GLY D 32 10.13 21.22 54.61
N VAL D 33 10.46 20.45 55.65
CA VAL D 33 11.86 20.27 56.02
C VAL D 33 12.43 19.06 55.27
N SER D 34 13.69 19.17 54.88
CA SER D 34 14.31 18.13 54.05
C SER D 34 15.79 18.04 54.36
N ASP D 35 16.21 16.87 54.83
CA ASP D 35 17.63 16.51 54.89
C ASP D 35 17.77 15.07 54.40
N SER D 36 18.25 14.93 53.18
CA SER D 36 18.30 13.62 52.53
C SER D 36 19.44 13.61 51.54
N SER D 37 20.53 12.93 51.90
CA SER D 37 21.72 12.86 51.06
C SER D 37 21.95 11.41 50.65
N THR D 38 21.59 11.08 49.42
CA THR D 38 21.97 9.81 48.83
C THR D 38 23.34 9.92 48.18
N GLY D 39 23.83 8.78 47.69
CA GLY D 39 25.15 8.77 47.08
C GLY D 39 25.20 9.49 45.75
N ILE D 40 24.06 9.63 45.09
CA ILE D 40 23.95 10.29 43.79
C ILE D 40 23.17 11.59 43.96
N PRO D 41 23.68 12.73 43.47
CA PRO D 41 23.09 14.02 43.86
C PRO D 41 21.80 14.34 43.15
N PHE D 42 21.43 13.62 42.09
CA PHE D 42 20.21 13.99 41.39
C PHE D 42 18.96 13.51 42.10
N LEU D 43 19.04 12.39 42.85
CA LEU D 43 17.93 12.01 43.73
C LEU D 43 17.69 13.05 44.82
N ASP D 44 18.74 13.74 45.26
CA ASP D 44 18.60 14.73 46.32
C ASP D 44 17.78 15.92 45.86
N HIS D 45 17.84 16.25 44.57
CA HIS D 45 16.98 17.30 44.04
C HIS D 45 15.54 16.82 43.85
N MET D 46 15.34 15.50 43.75
CA MET D 46 13.99 15.00 43.53
C MET D 46 13.28 14.71 44.84
N LEU D 47 14.04 14.31 45.87
CA LEU D 47 13.45 14.12 47.19
C LEU D 47 13.18 15.44 47.90
N ASP D 48 13.73 16.55 47.40
CA ASP D 48 13.30 17.87 47.84
C ASP D 48 11.86 18.14 47.43
N GLN D 49 11.44 17.57 46.30
CA GLN D 49 10.13 17.90 45.75
C GLN D 49 9.02 17.23 46.54
N LEU D 50 9.25 16.00 47.02
CA LEU D 50 8.27 15.36 47.87
C LEU D 50 8.39 15.78 49.33
N ALA D 51 9.23 16.77 49.62
CA ALA D 51 9.27 17.37 50.95
C ALA D 51 8.57 18.73 50.96
N SER D 52 8.76 19.52 49.91
CA SER D 52 8.21 20.88 49.90
C SER D 52 6.80 20.90 49.32
N HIS D 53 6.53 20.06 48.33
CA HIS D 53 5.20 20.02 47.72
C HIS D 53 4.29 18.98 48.34
N GLY D 54 4.85 17.90 48.89
CA GLY D 54 4.04 16.91 49.56
C GLY D 54 3.85 17.23 51.03
N LEU D 55 4.65 18.18 51.52
CA LEU D 55 4.72 18.60 52.91
C LEU D 55 4.99 17.40 53.83
N PHE D 56 5.99 16.62 53.43
CA PHE D 56 6.49 15.52 54.22
C PHE D 56 7.84 15.90 54.80
N ASP D 57 8.23 15.22 55.86
CA ASP D 57 9.56 15.36 56.44
C ASP D 57 10.28 14.04 56.21
N VAL D 58 11.13 13.99 55.18
CA VAL D 58 11.81 12.78 54.77
C VAL D 58 13.29 12.91 55.11
N HIS D 59 13.86 11.83 55.65
CA HIS D 59 15.26 11.78 56.04
C HIS D 59 15.87 10.51 55.49
N VAL D 60 16.78 10.67 54.53
CA VAL D 60 17.41 9.54 53.85
C VAL D 60 18.92 9.69 54.00
N ARG D 61 19.58 8.64 54.49
CA ARG D 61 21.04 8.55 54.47
C ARG D 61 21.40 7.19 53.90
N ALA D 62 22.04 7.19 52.74
CA ALA D 62 22.42 5.96 52.06
C ALA D 62 23.87 6.04 51.62
N THR D 63 24.63 4.98 51.91
CA THR D 63 25.99 4.82 51.43
C THR D 63 26.04 3.54 50.63
N GLY D 64 26.43 3.64 49.36
CA GLY D 64 26.41 2.49 48.50
C GLY D 64 27.53 2.55 47.47
N ASP D 65 27.57 1.52 46.63
CA ASP D 65 28.65 1.32 45.68
C ASP D 65 28.35 2.08 44.39
N THR D 66 28.64 3.38 44.37
CA THR D 66 28.65 4.13 43.12
C THR D 66 29.97 4.01 42.38
N HIS D 67 30.89 3.18 42.90
CA HIS D 67 32.07 2.75 42.14
C HIS D 67 31.67 1.96 40.91
N ILE D 68 30.54 1.25 40.98
CA ILE D 68 29.91 0.58 39.86
C ILE D 68 28.63 1.36 39.60
N ASP D 69 27.80 0.87 38.66
CA ASP D 69 26.56 1.54 38.27
C ASP D 69 25.61 1.84 39.42
N ASP D 70 24.77 2.86 39.26
CA ASP D 70 23.91 3.35 40.33
C ASP D 70 22.63 2.55 40.53
N HIS D 71 22.50 1.38 39.89
CA HIS D 71 21.26 0.61 39.97
C HIS D 71 21.04 0.05 41.37
N HIS D 72 22.13 -0.28 42.07
CA HIS D 72 22.02 -0.97 43.35
C HIS D 72 21.60 -0.02 44.47
N THR D 73 22.15 1.20 44.46
CA THR D 73 21.84 2.16 45.51
C THR D 73 20.59 2.99 45.20
N ASN D 74 19.87 2.65 44.14
CA ASN D 74 18.59 3.30 43.87
C ASN D 74 17.43 2.38 44.24
N GLU D 75 17.64 1.07 44.13
CA GLU D 75 16.67 0.10 44.63
C GLU D 75 16.49 0.25 46.13
N ASP D 76 17.60 0.19 46.86
CA ASP D 76 17.57 0.09 48.31
C ASP D 76 17.13 1.38 48.98
N VAL D 77 17.27 2.52 48.31
CA VAL D 77 16.62 3.73 48.79
C VAL D 77 15.11 3.63 48.59
N ALA D 78 14.69 3.24 47.38
CA ALA D 78 13.28 3.23 47.05
C ALA D 78 12.53 2.10 47.75
N LEU D 79 13.22 0.99 48.04
CA LEU D 79 12.60 -0.06 48.84
C LEU D 79 12.41 0.38 50.28
N ALA D 80 13.31 1.22 50.80
CA ALA D 80 13.25 1.61 52.19
C ALA D 80 12.24 2.73 52.43
N ILE D 81 11.96 3.55 51.42
CA ILE D 81 10.93 4.56 51.55
C ILE D 81 9.55 3.91 51.64
N GLY D 82 9.33 2.82 50.93
CA GLY D 82 8.06 2.13 50.94
C GLY D 82 7.77 1.40 52.23
N THR D 83 8.77 0.71 52.79
CA THR D 83 8.60 0.03 54.07
C THR D 83 8.41 1.04 55.19
N ALA D 84 9.06 2.19 55.08
CA ALA D 84 8.81 3.27 56.04
C ALA D 84 7.42 3.86 55.86
N LEU D 85 6.90 3.88 54.63
CA LEU D 85 5.58 4.44 54.38
C LEU D 85 4.47 3.46 54.73
N LEU D 86 4.74 2.16 54.61
CA LEU D 86 3.78 1.17 55.13
C LEU D 86 3.78 1.17 56.65
N LYS D 87 4.92 1.46 57.27
CA LYS D 87 4.97 1.54 58.72
C LYS D 87 4.51 2.89 59.24
N ALA D 88 4.52 3.92 58.39
CA ALA D 88 3.96 5.21 58.79
C ALA D 88 2.45 5.11 58.92
N LEU D 89 1.79 4.56 57.91
CA LEU D 89 0.39 4.20 58.04
C LEU D 89 0.25 3.03 59.00
N GLY D 90 -0.93 2.88 59.58
CA GLY D 90 -1.26 1.75 60.41
C GLY D 90 -2.36 0.91 59.81
N GLU D 91 -3.30 0.51 60.65
CA GLU D 91 -4.59 0.08 60.15
C GLU D 91 -5.26 1.28 59.50
N ARG D 92 -5.43 1.20 58.17
CA ARG D 92 -5.84 2.35 57.38
C ARG D 92 -7.28 2.73 57.70
N LYS D 93 -7.45 3.84 58.42
CA LYS D 93 -8.76 4.25 58.88
C LYS D 93 -8.87 5.78 58.86
N GLY D 94 -9.91 6.27 58.19
CA GLY D 94 -10.20 7.69 58.21
C GLY D 94 -9.34 8.51 57.26
N ILE D 95 -8.88 7.91 56.17
CA ILE D 95 -8.10 8.62 55.15
C ILE D 95 -8.91 8.62 53.85
N ASN D 96 -8.53 9.52 52.95
CA ASN D 96 -9.24 9.65 51.68
C ASN D 96 -8.99 8.46 50.77
N ARG D 97 -7.77 7.92 50.80
CA ARG D 97 -7.29 6.69 50.14
C ARG D 97 -7.14 6.86 48.63
N PHE D 98 -7.64 7.94 48.05
CA PHE D 98 -7.49 8.19 46.62
C PHE D 98 -6.73 9.49 46.42
N GLY D 99 -5.69 9.44 45.60
CA GLY D 99 -4.92 10.63 45.30
C GLY D 99 -4.68 10.73 43.82
N ASP D 100 -5.21 11.79 43.22
CA ASP D 100 -5.03 12.04 41.79
C ASP D 100 -4.67 13.49 41.60
N PHE D 101 -3.71 13.74 40.71
CA PHE D 101 -3.24 15.08 40.48
C PHE D 101 -2.47 15.13 39.17
N THR D 102 -2.57 16.26 38.47
CA THR D 102 -1.73 16.54 37.32
C THR D 102 -1.03 17.87 37.54
N ALA D 103 0.23 17.95 37.11
CA ALA D 103 1.10 19.07 37.45
C ALA D 103 1.94 19.50 36.27
N PRO D 104 1.81 20.74 35.77
CA PRO D 104 2.65 21.16 34.65
C PRO D 104 4.00 21.64 35.13
N LEU D 105 5.04 21.27 34.40
CA LEU D 105 6.21 22.11 34.32
C LEU D 105 6.12 22.78 32.94
N ASP D 106 7.18 23.44 32.50
CA ASP D 106 7.24 23.99 31.15
C ASP D 106 7.04 22.87 30.15
N GLU D 107 5.98 22.99 29.35
CA GLU D 107 5.55 22.17 28.20
C GLU D 107 5.16 20.73 28.55
N ALA D 108 5.33 20.30 29.79
CA ALA D 108 5.19 18.89 30.15
C ALA D 108 4.12 18.70 31.21
N LEU D 109 3.22 17.75 30.95
CA LEU D 109 2.20 17.32 31.89
C LEU D 109 2.41 15.86 32.27
N ILE D 110 2.35 15.59 33.57
CA ILE D 110 2.28 14.22 34.08
C ILE D 110 1.00 14.11 34.88
N HIS D 111 0.26 13.02 34.68
CA HIS D 111 -0.91 12.71 35.48
C HIS D 111 -0.59 11.50 36.35
N VAL D 112 -0.66 11.68 37.67
CA VAL D 112 -0.36 10.64 38.65
C VAL D 112 -1.61 10.32 39.45
N SER D 113 -1.99 9.04 39.50
CA SER D 113 -3.12 8.56 40.27
C SER D 113 -2.66 7.41 41.14
N LEU D 114 -3.21 7.28 42.34
CA LEU D 114 -2.74 6.25 43.26
C LEU D 114 -3.84 5.78 44.19
N ASP D 115 -3.61 4.66 44.89
CA ASP D 115 -4.68 3.94 45.56
C ASP D 115 -4.36 3.59 47.02
N LEU D 116 -3.11 3.25 47.35
CA LEU D 116 -2.65 2.97 48.73
C LEU D 116 -3.45 1.89 49.46
N SER D 117 -3.90 0.85 48.76
CA SER D 117 -4.71 -0.18 49.40
C SER D 117 -4.17 -1.55 49.07
N GLY D 118 -3.17 -2.01 49.82
CA GLY D 118 -2.79 -3.42 49.82
C GLY D 118 -2.06 -3.88 48.56
N ARG D 119 -2.73 -3.76 47.42
CA ARG D 119 -2.32 -4.38 46.18
C ARG D 119 -1.30 -3.52 45.43
N PRO D 120 -0.15 -4.06 45.06
CA PRO D 120 0.85 -3.27 44.32
C PRO D 120 0.69 -3.35 42.81
N TYR D 121 0.79 -2.19 42.16
CA TYR D 121 0.79 -2.11 40.70
C TYR D 121 1.51 -0.84 40.29
N LEU D 122 2.19 -0.90 39.15
CA LEU D 122 2.79 0.28 38.54
C LEU D 122 2.49 0.31 37.05
N GLY D 123 1.77 1.35 36.62
CA GLY D 123 1.64 1.65 35.21
C GLY D 123 2.53 2.83 34.85
N TYR D 124 3.36 2.65 33.83
CA TYR D 124 4.41 3.62 33.51
C TYR D 124 4.36 3.88 32.01
N ASN D 125 4.09 5.13 31.63
CA ASN D 125 3.97 5.49 30.22
C ASN D 125 4.90 6.61 29.79
N LEU D 126 5.86 7.00 30.63
CA LEU D 126 6.82 8.03 30.28
C LEU D 126 7.83 7.55 29.26
N GLU D 127 8.28 8.48 28.43
CA GLU D 127 9.33 8.24 27.45
C GLU D 127 10.27 9.43 27.48
N ILE D 128 11.47 9.21 28.02
CA ILE D 128 12.48 10.25 28.18
C ILE D 128 13.38 10.22 26.96
N PRO D 129 13.64 11.36 26.30
CA PRO D 129 14.43 11.30 25.06
C PRO D 129 15.91 11.01 25.27
N THR D 130 16.54 11.63 26.25
CA THR D 130 17.98 11.45 26.45
C THR D 130 18.26 10.30 27.41
N GLN D 131 19.54 9.94 27.53
CA GLN D 131 19.92 8.79 28.32
C GLN D 131 20.55 9.13 29.66
N ARG D 132 21.08 10.35 29.83
CA ARG D 132 21.51 10.84 31.13
C ARG D 132 20.88 12.19 31.36
N VAL D 133 20.67 12.54 32.62
CA VAL D 133 20.14 13.87 32.90
C VAL D 133 21.28 14.80 33.28
N GLY D 134 21.90 14.58 34.43
CA GLY D 134 23.25 15.07 34.61
C GLY D 134 24.25 13.95 34.57
N THR D 135 24.03 12.97 35.45
CA THR D 135 24.76 11.73 35.51
C THR D 135 23.86 10.57 35.90
N TYR D 136 22.56 10.82 35.97
CA TYR D 136 21.59 9.84 36.41
C TYR D 136 21.11 9.03 35.21
N ASP D 137 21.02 7.71 35.39
CA ASP D 137 20.99 6.78 34.26
C ASP D 137 19.66 6.75 33.52
N THR D 138 18.60 7.37 34.08
CA THR D 138 17.35 7.77 33.42
C THR D 138 16.46 6.57 33.08
N GLN D 139 16.99 5.36 33.20
CA GLN D 139 16.24 4.12 33.08
C GLN D 139 15.88 3.60 34.45
N LEU D 140 16.23 4.36 35.48
CA LEU D 140 16.05 4.04 36.88
C LEU D 140 14.83 4.72 37.47
N VAL D 141 14.22 5.66 36.73
CA VAL D 141 13.08 6.42 37.23
C VAL D 141 11.85 5.51 37.34
N GLU D 142 11.66 4.65 36.33
CA GLU D 142 10.62 3.63 36.43
C GLU D 142 10.97 2.60 37.49
N HIS D 143 12.28 2.39 37.71
CA HIS D 143 12.69 1.41 38.69
C HIS D 143 12.63 1.97 40.11
N PHE D 144 12.64 3.30 40.25
CA PHE D 144 12.37 3.94 41.53
C PHE D 144 10.95 3.68 41.98
N PHE D 145 9.99 3.89 41.07
CA PHE D 145 8.59 3.74 41.43
C PHE D 145 8.16 2.29 41.40
N GLN D 146 8.93 1.42 40.76
CA GLN D 146 8.61 0.01 40.82
C GLN D 146 8.99 -0.56 42.18
N SER D 147 10.08 -0.08 42.76
CA SER D 147 10.52 -0.52 44.08
C SER D 147 9.68 0.12 45.18
N LEU D 148 9.21 1.34 44.96
CA LEU D 148 8.35 2.00 45.93
C LEU D 148 6.96 1.37 45.99
N VAL D 149 6.49 0.84 44.87
CA VAL D 149 5.17 0.23 44.81
C VAL D 149 5.15 -1.11 45.54
N ASN D 150 6.21 -1.91 45.38
CA ASN D 150 6.19 -3.30 45.80
C ASN D 150 6.21 -3.43 47.33
N THR D 151 6.73 -2.42 48.02
CA THR D 151 6.79 -2.50 49.48
C THR D 151 5.70 -1.66 50.13
N SER D 152 5.30 -0.54 49.52
CA SER D 152 4.21 0.26 50.07
C SER D 152 2.86 -0.41 49.89
N GLY D 153 2.69 -1.23 48.87
CA GLY D 153 1.40 -1.85 48.60
C GLY D 153 0.37 -0.87 48.08
N MET D 154 0.66 -0.26 46.93
CA MET D 154 -0.18 0.77 46.34
C MET D 154 -0.28 0.54 44.84
N THR D 155 -1.41 0.94 44.26
CA THR D 155 -1.55 0.99 42.81
C THR D 155 -1.09 2.39 42.39
N LEU D 156 -0.36 2.48 41.28
CA LEU D 156 0.17 3.77 40.84
C LEU D 156 0.15 3.84 39.32
N HIS D 157 -0.57 4.82 38.78
CA HIS D 157 -0.58 5.09 37.35
C HIS D 157 0.10 6.42 37.08
N ILE D 158 1.12 6.39 36.23
CA ILE D 158 1.87 7.58 35.85
C ILE D 158 1.75 7.71 34.34
N ARG D 159 1.21 8.83 33.87
CA ARG D 159 0.95 9.01 32.45
C ARG D 159 1.50 10.36 31.98
N GLN D 160 2.31 10.33 30.93
CA GLN D 160 2.82 11.54 30.30
C GLN D 160 1.79 12.04 29.31
N LEU D 161 1.52 13.34 29.33
CA LEU D 161 0.52 13.93 28.45
C LEU D 161 1.11 14.88 27.43
N ALA D 162 2.31 15.41 27.68
CA ALA D 162 3.03 16.32 26.80
C ALA D 162 4.47 16.48 27.25
N GLY D 163 5.32 17.08 26.42
CA GLY D 163 6.60 17.53 26.93
C GLY D 163 7.78 16.76 26.39
N LYS D 164 8.82 17.49 26.00
CA LYS D 164 10.08 16.91 25.57
C LYS D 164 11.27 17.64 26.21
N ASN D 165 11.59 17.25 27.44
CA ASN D 165 12.77 17.73 28.16
C ASN D 165 12.98 16.79 29.34
N SER D 166 14.18 16.24 29.45
CA SER D 166 14.44 15.17 30.41
C SER D 166 14.37 15.67 31.85
N HIS D 167 14.92 16.86 32.12
CA HIS D 167 14.85 17.40 33.47
C HIS D 167 13.46 17.92 33.79
N HIS D 168 12.66 18.21 32.76
CA HIS D 168 11.33 18.76 33.02
C HIS D 168 10.30 17.65 33.22
N ILE D 169 10.47 16.50 32.56
CA ILE D 169 9.50 15.43 32.71
C ILE D 169 9.67 14.74 34.05
N ILE D 170 10.91 14.51 34.47
CA ILE D 170 11.15 13.85 35.75
C ILE D 170 10.80 14.77 36.92
N GLU D 171 10.89 16.08 36.74
CA GLU D 171 10.52 16.95 37.85
C GLU D 171 9.01 17.21 37.85
N ALA D 172 8.33 16.91 36.75
CA ALA D 172 6.88 17.06 36.74
C ALA D 172 6.18 15.85 37.35
N THR D 173 6.85 14.70 37.38
CA THR D 173 6.25 13.52 38.01
C THR D 173 6.56 13.42 39.50
N PHE D 174 7.62 14.06 39.98
CA PHE D 174 7.87 14.12 41.42
C PHE D 174 7.17 15.27 42.12
N LYS D 175 6.66 16.26 41.38
CA LYS D 175 5.74 17.22 41.97
C LYS D 175 4.33 16.66 42.01
N ALA D 176 3.96 15.84 41.03
CA ALA D 176 2.59 15.35 40.93
C ALA D 176 2.39 14.12 41.80
N PHE D 177 3.45 13.36 42.07
CA PHE D 177 3.35 12.24 43.00
C PHE D 177 3.26 12.74 44.43
N ALA D 178 3.90 13.88 44.72
CA ALA D 178 3.89 14.43 46.07
C ALA D 178 2.52 15.01 46.41
N ARG D 179 1.92 15.73 45.46
CA ARG D 179 0.61 16.33 45.69
C ARG D 179 -0.49 15.26 45.73
N ALA D 180 -0.27 14.14 45.06
CA ALA D 180 -1.24 13.04 45.07
C ALA D 180 -1.03 12.06 46.21
N LEU D 181 0.08 12.18 46.94
CA LEU D 181 0.30 11.37 48.13
C LEU D 181 -0.16 12.09 49.39
N ARG D 182 -0.12 13.41 49.42
CA ARG D 182 -0.68 14.16 50.53
C ARG D 182 -2.18 14.40 50.37
N GLN D 183 -2.78 13.93 49.29
CA GLN D 183 -4.23 13.97 49.11
C GLN D 183 -4.85 12.65 49.53
N ALA D 184 -4.10 11.55 49.41
CA ALA D 184 -4.65 10.24 49.71
C ALA D 184 -4.63 9.96 51.21
N THR D 185 -3.45 10.05 51.82
CA THR D 185 -3.29 9.59 53.20
C THR D 185 -3.21 10.75 54.19
N GLU D 186 -2.76 11.93 53.74
CA GLU D 186 -2.52 13.02 54.68
C GLU D 186 -3.83 13.72 55.02
N SER D 187 -4.64 14.03 54.01
CA SER D 187 -5.93 14.63 54.26
C SER D 187 -6.91 13.57 54.75
N ASP D 188 -7.96 14.02 55.43
CA ASP D 188 -8.95 13.13 56.01
C ASP D 188 -10.35 13.55 55.59
N PRO D 189 -11.24 12.59 55.35
CA PRO D 189 -12.62 12.95 54.98
C PRO D 189 -13.49 13.28 56.19
N ARG D 190 -14.79 13.46 55.94
CA ARG D 190 -15.71 13.86 57.00
C ARG D 190 -16.04 12.70 57.94
N ARG D 191 -15.81 11.47 57.50
CA ARG D 191 -16.08 10.32 58.36
C ARG D 191 -14.95 10.11 59.37
N GLY D 192 -15.28 9.40 60.45
CA GLY D 192 -14.29 9.18 61.49
C GLY D 192 -13.47 7.91 61.32
N GLY D 193 -14.12 6.81 60.96
CA GLY D 193 -13.42 5.56 60.78
C GLY D 193 -14.28 4.48 60.14
N ARG E 9 43.90 46.92 -4.26
CA ARG E 9 43.74 45.52 -3.90
C ARG E 9 43.62 44.66 -5.16
N ILE E 10 44.73 44.11 -5.61
CA ILE E 10 44.76 43.37 -6.87
C ILE E 10 45.53 42.07 -6.66
N GLY E 11 45.00 41.00 -7.23
CA GLY E 11 45.73 39.75 -7.33
C GLY E 11 45.72 39.29 -8.76
N GLU E 12 46.88 38.85 -9.24
CA GLU E 12 47.01 38.43 -10.62
C GLU E 12 47.73 37.09 -10.66
N VAL E 13 47.13 36.14 -11.37
CA VAL E 13 47.66 34.79 -11.47
C VAL E 13 47.72 34.41 -12.94
N LYS E 14 48.90 33.99 -13.39
CA LYS E 14 49.08 33.32 -14.67
C LYS E 14 49.29 31.85 -14.40
N ARG E 15 48.75 31.00 -15.26
CA ARG E 15 48.83 29.56 -15.08
C ARG E 15 48.69 28.88 -16.44
N GLU E 16 49.68 28.04 -16.78
CA GLU E 16 49.72 27.39 -18.07
C GLU E 16 50.11 25.93 -17.89
N THR E 17 49.30 25.04 -18.45
CA THR E 17 49.58 23.61 -18.48
C THR E 17 49.65 23.17 -19.95
N LYS E 18 49.70 21.85 -20.16
CA LYS E 18 49.71 21.32 -21.51
C LYS E 18 48.36 21.44 -22.18
N GLU E 19 47.30 21.68 -21.41
CA GLU E 19 45.96 21.76 -21.97
C GLU E 19 45.51 23.20 -22.16
N THR E 20 45.73 24.06 -21.17
CA THR E 20 45.21 25.42 -21.20
C THR E 20 46.34 26.42 -20.94
N ASN E 21 46.02 27.69 -21.18
CA ASN E 21 46.92 28.81 -20.89
C ASN E 21 46.06 29.95 -20.37
N VAL E 22 46.09 30.16 -19.05
CA VAL E 22 45.11 31.01 -18.38
C VAL E 22 45.81 32.22 -17.76
N SER E 23 45.29 33.42 -18.06
CA SER E 23 45.75 34.66 -17.47
C SER E 23 44.60 35.35 -16.78
N VAL E 24 44.74 35.60 -15.48
CA VAL E 24 43.64 36.06 -14.62
C VAL E 24 44.14 37.15 -13.68
N LYS E 25 43.39 38.26 -13.61
CA LYS E 25 43.68 39.34 -12.68
C LYS E 25 42.38 39.98 -12.22
N ILE E 26 42.28 40.28 -10.92
CA ILE E 26 41.06 40.85 -10.33
C ILE E 26 41.43 42.05 -9.45
N ASN E 27 40.82 43.20 -9.75
CA ASN E 27 40.74 44.31 -8.80
C ASN E 27 39.51 44.10 -7.93
N LEU E 28 39.72 43.88 -6.63
CA LEU E 28 38.59 43.58 -5.76
C LEU E 28 37.83 44.85 -5.40
N ASP E 29 38.52 45.97 -5.26
CA ASP E 29 37.90 47.26 -5.03
C ASP E 29 37.92 48.04 -6.34
N GLY E 30 36.81 48.04 -7.05
CA GLY E 30 36.79 48.61 -8.38
C GLY E 30 35.39 48.94 -8.84
N HIS E 31 35.24 49.02 -10.16
CA HIS E 31 34.00 49.48 -10.77
C HIS E 31 33.47 48.43 -11.72
N GLY E 32 32.43 48.77 -12.48
CA GLY E 32 31.80 47.80 -13.36
C GLY E 32 32.47 47.57 -14.70
N VAL E 33 33.80 47.58 -14.73
CA VAL E 33 34.52 47.34 -15.98
C VAL E 33 34.77 45.85 -16.15
N SER E 34 34.70 45.37 -17.39
CA SER E 34 34.79 43.95 -17.67
C SER E 34 35.43 43.73 -19.03
N ASP E 35 36.58 43.06 -19.04
CA ASP E 35 37.16 42.51 -20.26
C ASP E 35 37.65 41.10 -19.93
N SER E 36 36.90 40.11 -20.40
CA SER E 36 37.17 38.72 -20.04
C SER E 36 36.66 37.82 -21.15
N SER E 37 37.59 37.29 -21.95
CA SER E 37 37.25 36.43 -23.07
C SER E 37 37.84 35.05 -22.83
N THR E 38 36.99 34.11 -22.45
CA THR E 38 37.36 32.71 -22.41
C THR E 38 37.10 32.07 -23.76
N GLY E 39 37.50 30.81 -23.87
CA GLY E 39 37.32 30.11 -25.14
C GLY E 39 35.88 29.78 -25.47
N ILE E 40 35.02 29.75 -24.46
CA ILE E 40 33.60 29.46 -24.61
C ILE E 40 32.80 30.71 -24.29
N PRO E 41 31.88 31.13 -25.16
CA PRO E 41 31.29 32.46 -25.01
C PRO E 41 30.25 32.57 -23.91
N PHE E 42 29.76 31.45 -23.37
CA PHE E 42 28.72 31.57 -22.37
C PHE E 42 29.27 31.94 -21.00
N LEU E 43 30.51 31.57 -20.69
CA LEU E 43 31.18 32.09 -19.48
C LEU E 43 31.36 33.60 -19.55
N ASP E 44 31.54 34.14 -20.76
CA ASP E 44 31.75 35.58 -20.91
C ASP E 44 30.51 36.37 -20.53
N HIS E 45 29.33 35.79 -20.74
CA HIS E 45 28.10 36.44 -20.29
C HIS E 45 27.92 36.29 -18.78
N MET E 46 28.56 35.29 -18.17
CA MET E 46 28.36 35.09 -16.73
C MET E 46 29.39 35.86 -15.92
N LEU E 47 30.59 36.05 -16.46
CA LEU E 47 31.60 36.86 -15.81
C LEU E 47 31.32 38.35 -15.95
N ASP E 48 30.41 38.74 -16.85
CA ASP E 48 29.90 40.10 -16.85
C ASP E 48 29.07 40.38 -15.61
N GLN E 49 28.43 39.34 -15.06
CA GLN E 49 27.51 39.54 -13.94
C GLN E 49 28.27 39.79 -12.64
N LEU E 50 29.41 39.13 -12.46
CA LEU E 50 30.23 39.41 -11.28
C LEU E 50 31.14 40.61 -11.48
N ALA E 51 30.99 41.34 -12.59
CA ALA E 51 31.67 42.61 -12.78
C ALA E 51 30.73 43.78 -12.55
N SER E 52 29.49 43.67 -13.02
CA SER E 52 28.57 44.79 -12.95
C SER E 52 27.77 44.78 -11.65
N HIS E 53 27.42 43.59 -11.14
CA HIS E 53 26.68 43.49 -9.90
C HIS E 53 27.56 43.32 -8.68
N GLY E 54 28.74 42.74 -8.83
CA GLY E 54 29.66 42.60 -7.73
C GLY E 54 30.58 43.80 -7.60
N LEU E 55 30.58 44.63 -8.65
CA LEU E 55 31.43 45.80 -8.80
C LEU E 55 32.91 45.42 -8.63
N PHE E 56 33.29 44.36 -9.33
CA PHE E 56 34.67 43.92 -9.43
C PHE E 56 35.20 44.26 -10.82
N ASP E 57 36.52 44.32 -10.92
CA ASP E 57 37.19 44.48 -12.19
C ASP E 57 37.94 43.19 -12.47
N VAL E 58 37.37 42.31 -13.29
CA VAL E 58 37.91 41.00 -13.56
C VAL E 58 38.44 40.95 -14.98
N HIS E 59 39.62 40.37 -15.15
CA HIS E 59 40.28 40.25 -16.45
C HIS E 59 40.73 38.82 -16.63
N VAL E 60 40.09 38.12 -17.57
CA VAL E 60 40.37 36.72 -17.83
C VAL E 60 40.75 36.57 -19.30
N ARG E 61 41.89 35.95 -19.57
CA ARG E 61 42.27 35.53 -20.90
C ARG E 61 42.70 34.08 -20.83
N ALA E 62 41.95 33.20 -21.49
CA ALA E 62 42.22 31.77 -21.47
C ALA E 62 42.17 31.21 -22.88
N THR E 63 43.18 30.44 -23.24
CA THR E 63 43.22 29.71 -24.50
C THR E 63 43.35 28.23 -24.16
N GLY E 64 42.41 27.43 -24.61
CA GLY E 64 42.40 26.03 -24.26
C GLY E 64 41.82 25.18 -25.37
N ASP E 65 41.77 23.88 -25.10
CA ASP E 65 41.39 22.88 -26.09
C ASP E 65 39.88 22.70 -26.10
N THR E 66 39.18 23.59 -26.79
CA THR E 66 37.77 23.36 -27.08
C THR E 66 37.56 22.50 -28.32
N HIS E 67 38.66 22.00 -28.90
CA HIS E 67 38.60 20.93 -29.90
C HIS E 67 38.01 19.67 -29.31
N ILE E 68 38.21 19.45 -28.02
CA ILE E 68 37.58 18.39 -27.24
C ILE E 68 36.64 19.10 -26.29
N ASP E 69 35.99 18.34 -25.39
CA ASP E 69 35.02 18.88 -24.45
C ASP E 69 35.53 20.05 -23.61
N ASP E 70 34.62 20.90 -23.14
CA ASP E 70 34.96 22.13 -22.45
C ASP E 70 35.29 21.96 -20.98
N HIS E 71 35.45 20.72 -20.50
CA HIS E 71 35.68 20.47 -19.07
C HIS E 71 37.04 20.99 -18.63
N HIS E 72 38.03 20.93 -19.53
CA HIS E 72 39.41 21.25 -19.15
C HIS E 72 39.62 22.75 -19.03
N THR E 73 39.04 23.52 -19.95
CA THR E 73 39.21 24.97 -19.92
C THR E 73 38.21 25.67 -19.02
N ASN E 74 37.40 24.93 -18.27
CA ASN E 74 36.52 25.54 -17.29
C ASN E 74 37.08 25.36 -15.87
N GLU E 75 37.81 24.26 -15.65
CA GLU E 75 38.54 24.08 -14.40
C GLU E 75 39.58 25.17 -14.23
N ASP E 76 40.45 25.33 -15.24
CA ASP E 76 41.62 26.18 -15.11
C ASP E 76 41.29 27.66 -15.09
N VAL E 77 40.13 28.05 -15.62
CA VAL E 77 39.64 29.41 -15.38
C VAL E 77 39.20 29.55 -13.93
N ALA E 78 38.40 28.60 -13.45
CA ALA E 78 37.82 28.71 -12.12
C ALA E 78 38.85 28.48 -11.02
N LEU E 79 39.88 27.68 -11.31
CA LEU E 79 40.97 27.55 -10.35
C LEU E 79 41.80 28.82 -10.26
N ALA E 80 41.92 29.55 -11.37
CA ALA E 80 42.77 30.74 -11.38
C ALA E 80 42.07 31.95 -10.78
N ILE E 81 40.73 31.98 -10.82
CA ILE E 81 40.00 33.07 -10.17
C ILE E 81 40.15 32.96 -8.66
N GLY E 82 40.17 31.74 -8.13
CA GLY E 82 40.29 31.54 -6.69
C GLY E 82 41.66 31.87 -6.12
N THR E 83 42.72 31.48 -6.84
CA THR E 83 44.08 31.81 -6.41
C THR E 83 44.32 33.31 -6.52
N ALA E 84 43.71 33.95 -7.51
CA ALA E 84 43.77 35.41 -7.59
C ALA E 84 42.96 36.06 -6.46
N LEU E 85 41.88 35.42 -6.03
CA LEU E 85 41.05 35.99 -4.98
C LEU E 85 41.64 35.73 -3.60
N LEU E 86 42.38 34.63 -3.43
CA LEU E 86 43.13 34.44 -2.19
C LEU E 86 44.32 35.39 -2.13
N LYS E 87 44.89 35.73 -3.29
CA LYS E 87 45.99 36.68 -3.31
C LYS E 87 45.51 38.12 -3.29
N ALA E 88 44.24 38.36 -3.66
CA ALA E 88 43.66 39.70 -3.54
C ALA E 88 43.47 40.06 -2.07
N LEU E 89 42.86 39.17 -1.31
CA LEU E 89 42.84 39.30 0.14
C LEU E 89 44.25 39.06 0.70
N GLY E 90 44.51 39.59 1.87
CA GLY E 90 45.75 39.35 2.57
C GLY E 90 45.51 38.61 3.86
N GLU E 91 46.20 39.04 4.92
CA GLU E 91 45.76 38.71 6.25
C GLU E 91 44.39 39.34 6.48
N ARG E 92 43.37 38.50 6.62
CA ARG E 92 41.99 38.95 6.61
C ARG E 92 41.68 39.77 7.85
N LYS E 93 41.54 41.09 7.68
CA LYS E 93 41.37 41.99 8.80
C LYS E 93 40.43 43.12 8.41
N GLY E 94 39.40 43.32 9.22
CA GLY E 94 38.51 44.45 9.03
C GLY E 94 37.49 44.27 7.92
N ILE E 95 37.10 43.03 7.63
CA ILE E 95 36.07 42.74 6.64
C ILE E 95 34.87 42.13 7.35
N ASN E 96 33.73 42.13 6.67
CA ASN E 96 32.50 41.59 7.25
C ASN E 96 32.56 40.08 7.37
N ARG E 97 33.17 39.41 6.38
CA ARG E 97 33.48 37.99 6.31
C ARG E 97 32.24 37.12 6.07
N PHE E 98 31.05 37.68 6.17
CA PHE E 98 29.83 36.93 5.89
C PHE E 98 29.08 37.60 4.75
N GLY E 99 28.72 36.82 3.75
CA GLY E 99 27.95 37.33 2.63
C GLY E 99 26.80 36.42 2.31
N ASP E 100 25.59 36.96 2.46
CA ASP E 100 24.39 36.20 2.14
C ASP E 100 23.45 37.08 1.33
N PHE E 101 22.84 36.48 0.31
CA PHE E 101 21.99 37.24 -0.58
C PHE E 101 21.13 36.27 -1.36
N THR E 102 19.90 36.69 -1.66
CA THR E 102 19.03 35.98 -2.59
C THR E 102 18.57 36.95 -3.67
N ALA E 103 18.48 36.45 -4.90
CA ALA E 103 18.29 37.30 -6.08
C ALA E 103 17.31 36.68 -7.05
N PRO E 104 16.19 37.31 -7.36
CA PRO E 104 15.26 36.73 -8.32
C PRO E 104 15.65 37.08 -9.74
N LEU E 105 15.52 36.11 -10.62
CA LEU E 105 15.25 36.41 -12.01
C LEU E 105 13.78 36.07 -12.19
N ASP E 106 13.29 36.04 -13.42
CA ASP E 106 11.93 35.59 -13.69
C ASP E 106 11.76 34.16 -13.19
N GLU E 107 10.82 34.00 -12.26
CA GLU E 107 10.31 32.77 -11.62
C GLU E 107 11.33 32.01 -10.77
N ALA E 108 12.60 32.43 -10.75
CA ALA E 108 13.66 31.64 -10.15
C ALA E 108 14.34 32.40 -9.03
N LEU E 109 14.50 31.75 -7.89
CA LEU E 109 15.25 32.26 -6.75
C LEU E 109 16.45 31.36 -6.47
N ILE E 110 17.60 31.99 -6.28
CA ILE E 110 18.77 31.31 -5.74
C ILE E 110 19.17 32.02 -4.47
N HIS E 111 19.48 31.25 -3.43
CA HIS E 111 20.03 31.79 -2.19
C HIS E 111 21.48 31.36 -2.07
N VAL E 112 22.38 32.34 -2.00
CA VAL E 112 23.82 32.11 -1.92
C VAL E 112 24.34 32.67 -0.61
N SER E 113 25.04 31.83 0.16
CA SER E 113 25.66 32.22 1.41
C SER E 113 27.12 31.80 1.38
N LEU E 114 28.00 32.59 1.99
CA LEU E 114 29.42 32.28 1.90
C LEU E 114 30.17 32.77 3.14
N ASP E 115 31.42 32.31 3.30
CA ASP E 115 32.13 32.47 4.58
C ASP E 115 33.55 33.04 4.44
N LEU E 116 34.29 32.70 3.38
CA LEU E 116 35.63 33.25 3.08
C LEU E 116 36.64 33.10 4.21
N SER E 117 36.61 32.00 4.95
CA SER E 117 37.51 31.82 6.07
C SER E 117 38.19 30.45 5.99
N GLY E 118 39.27 30.36 5.22
CA GLY E 118 40.17 29.21 5.31
C GLY E 118 39.64 27.91 4.74
N ARG E 119 38.52 27.45 5.29
CA ARG E 119 38.01 26.11 5.06
C ARG E 119 37.16 26.05 3.79
N PRO E 120 37.45 25.15 2.85
CA PRO E 120 36.64 25.04 1.63
C PRO E 120 35.48 24.08 1.76
N TYR E 121 34.31 24.50 1.28
CA TYR E 121 33.13 23.64 1.19
C TYR E 121 32.23 24.16 0.09
N LEU E 122 31.54 23.24 -0.58
CA LEU E 122 30.51 23.61 -1.56
C LEU E 122 29.26 22.77 -1.34
N GLY E 123 28.16 23.43 -1.01
CA GLY E 123 26.86 22.80 -1.04
C GLY E 123 26.09 23.26 -2.26
N TYR E 124 25.59 22.30 -3.03
CA TYR E 124 25.02 22.56 -4.35
C TYR E 124 23.69 21.83 -4.45
N ASN E 125 22.60 22.59 -4.61
CA ASN E 125 21.27 22.00 -4.65
C ASN E 125 20.49 22.35 -5.92
N LEU E 126 21.14 22.93 -6.91
CA LEU E 126 20.48 23.26 -8.17
C LEU E 126 20.20 22.03 -9.00
N GLU E 127 19.12 22.11 -9.77
CA GLU E 127 18.73 21.06 -10.72
C GLU E 127 18.28 21.75 -11.99
N ILE E 128 19.10 21.65 -13.03
CA ILE E 128 18.85 22.31 -14.30
C ILE E 128 18.12 21.30 -15.20
N PRO E 129 17.00 21.66 -15.83
CA PRO E 129 16.25 20.67 -16.61
C PRO E 129 16.92 20.24 -17.90
N THR E 130 17.47 21.17 -18.67
CA THR E 130 18.07 20.83 -19.96
C THR E 130 19.54 20.51 -19.82
N GLN E 131 20.14 20.02 -20.90
CA GLN E 131 21.53 19.57 -20.87
C GLN E 131 22.51 20.52 -21.53
N ARG E 132 22.05 21.41 -22.41
CA ARG E 132 22.87 22.49 -22.94
C ARG E 132 22.12 23.79 -22.78
N VAL E 133 22.85 24.89 -22.65
CA VAL E 133 22.17 26.17 -22.55
C VAL E 133 22.18 26.83 -23.93
N GLY E 134 23.35 27.25 -24.39
CA GLY E 134 23.51 27.43 -25.84
C GLY E 134 24.37 26.32 -26.41
N THR E 135 25.57 26.21 -25.86
CA THR E 135 26.52 25.14 -26.15
C THR E 135 27.28 24.75 -24.91
N TYR E 136 26.89 25.26 -23.75
CA TYR E 136 27.58 25.04 -22.49
C TYR E 136 27.01 23.79 -21.83
N ASP E 137 27.91 22.95 -21.31
CA ASP E 137 27.56 21.56 -21.02
C ASP E 137 26.69 21.38 -19.77
N THR E 138 26.52 22.43 -18.96
CA THR E 138 25.49 22.60 -17.93
C THR E 138 25.73 21.70 -16.70
N GLN E 139 26.65 20.76 -16.81
CA GLN E 139 27.11 19.93 -15.71
C GLN E 139 28.39 20.49 -15.14
N LEU E 140 28.83 21.61 -15.69
CA LEU E 140 30.07 22.29 -15.36
C LEU E 140 29.85 23.46 -14.41
N VAL E 141 28.59 23.83 -14.17
CA VAL E 141 28.27 24.97 -13.31
C VAL E 141 28.60 24.65 -11.86
N GLU E 142 28.27 23.43 -11.43
CA GLU E 142 28.71 22.96 -10.12
C GLU E 142 30.21 22.79 -10.09
N HIS E 143 30.81 22.46 -11.24
CA HIS E 143 32.25 22.25 -11.28
C HIS E 143 33.00 23.57 -11.35
N PHE E 144 32.33 24.65 -11.79
CA PHE E 144 32.91 25.99 -11.69
C PHE E 144 33.07 26.40 -10.24
N PHE E 145 32.03 26.21 -9.44
CA PHE E 145 32.06 26.66 -8.06
C PHE E 145 32.80 25.66 -7.18
N GLN E 146 32.98 24.43 -7.65
CA GLN E 146 33.79 23.49 -6.88
C GLN E 146 35.27 23.83 -7.02
N SER E 147 35.68 24.30 -8.18
CA SER E 147 37.07 24.70 -8.40
C SER E 147 37.36 26.05 -7.77
N LEU E 148 36.35 26.93 -7.73
CA LEU E 148 36.54 28.24 -7.10
C LEU E 148 36.63 28.12 -5.59
N VAL E 149 35.97 27.13 -5.01
CA VAL E 149 35.97 26.96 -3.56
C VAL E 149 37.32 26.41 -3.08
N ASN E 150 37.89 25.48 -3.84
CA ASN E 150 39.04 24.72 -3.35
C ASN E 150 40.31 25.56 -3.27
N THR E 151 40.38 26.63 -4.07
CA THR E 151 41.57 27.48 -4.05
C THR E 151 41.34 28.76 -3.26
N SER E 152 40.11 29.29 -3.27
CA SER E 152 39.84 30.49 -2.48
C SER E 152 39.77 30.20 -0.99
N GLY E 153 39.42 28.98 -0.60
CA GLY E 153 39.27 28.65 0.81
C GLY E 153 38.05 29.29 1.44
N MET E 154 36.87 28.95 0.93
CA MET E 154 35.62 29.54 1.37
C MET E 154 34.57 28.46 1.49
N THR E 155 33.62 28.65 2.40
CA THR E 155 32.43 27.82 2.46
C THR E 155 31.39 28.48 1.58
N LEU E 156 30.64 27.70 0.81
CA LEU E 156 29.66 28.25 -0.12
C LEU E 156 28.44 27.36 -0.18
N HIS E 157 27.28 27.91 0.16
CA HIS E 157 26.00 27.22 0.04
C HIS E 157 25.18 27.88 -1.05
N ILE E 158 24.77 27.09 -2.04
CA ILE E 158 23.94 27.57 -3.14
C ILE E 158 22.67 26.74 -3.13
N ARG E 159 21.51 27.42 -3.00
CA ARG E 159 20.25 26.72 -2.86
C ARG E 159 19.23 27.30 -3.83
N GLN E 160 18.61 26.43 -4.63
CA GLN E 160 17.52 26.82 -5.53
C GLN E 160 16.22 26.80 -4.75
N LEU E 161 15.43 27.85 -4.90
CA LEU E 161 14.17 27.97 -4.19
C LEU E 161 12.95 27.89 -5.09
N ALA E 162 13.12 28.17 -6.39
CA ALA E 162 12.05 28.13 -7.39
C ALA E 162 12.64 28.19 -8.79
N GLY E 163 11.84 27.93 -9.81
CA GLY E 163 12.26 28.28 -11.16
C GLY E 163 12.57 27.10 -12.04
N LYS E 164 12.08 27.17 -13.28
CA LYS E 164 12.37 26.17 -14.30
C LYS E 164 12.72 26.83 -15.63
N ASN E 165 13.98 27.24 -15.77
CA ASN E 165 14.52 27.77 -17.01
C ASN E 165 16.04 27.77 -16.86
N SER E 166 16.73 27.15 -17.82
CA SER E 166 18.16 26.90 -17.68
C SER E 166 18.97 28.19 -17.72
N HIS E 167 18.61 29.11 -18.61
CA HIS E 167 19.33 30.38 -18.69
C HIS E 167 18.95 31.29 -17.52
N HIS E 168 17.80 31.04 -16.90
CA HIS E 168 17.38 31.91 -15.81
C HIS E 168 17.94 31.47 -14.47
N ILE E 169 18.14 30.15 -14.29
CA ILE E 169 18.66 29.67 -13.01
C ILE E 169 20.15 29.96 -12.90
N ILE E 170 20.89 29.77 -13.99
CA ILE E 170 22.32 30.02 -13.96
C ILE E 170 22.62 31.51 -13.87
N GLU E 171 21.74 32.36 -14.39
CA GLU E 171 22.00 33.79 -14.28
C GLU E 171 21.50 34.33 -12.95
N ALA E 172 20.68 33.58 -12.24
CA ALA E 172 20.24 34.02 -10.91
C ALA E 172 21.27 33.66 -9.85
N THR E 173 22.13 32.67 -10.10
CA THR E 173 23.15 32.33 -9.13
C THR E 173 24.45 33.11 -9.34
N PHE E 174 24.69 33.65 -10.53
CA PHE E 174 25.83 34.54 -10.73
C PHE E 174 25.54 35.99 -10.42
N LYS E 175 24.28 36.37 -10.29
CA LYS E 175 23.97 37.67 -9.71
C LYS E 175 23.99 37.62 -8.19
N ALA E 176 23.63 36.47 -7.61
CA ALA E 176 23.53 36.37 -6.16
C ALA E 176 24.87 36.04 -5.53
N PHE E 177 25.77 35.40 -6.29
CA PHE E 177 27.13 35.17 -5.81
C PHE E 177 27.91 36.46 -5.82
N ALA E 178 27.63 37.34 -6.78
CA ALA E 178 28.36 38.60 -6.90
C ALA E 178 27.97 39.56 -5.78
N ARG E 179 26.67 39.63 -5.48
CA ARG E 179 26.21 40.53 -4.43
C ARG E 179 26.61 40.02 -3.05
N ALA E 180 26.79 38.71 -2.90
CA ALA E 180 27.21 38.13 -1.65
C ALA E 180 28.72 38.07 -1.50
N LEU E 181 29.48 38.35 -2.56
CA LEU E 181 30.92 38.45 -2.44
C LEU E 181 31.38 39.87 -2.20
N ARG E 182 30.64 40.87 -2.66
CA ARG E 182 30.94 42.25 -2.33
C ARG E 182 30.33 42.68 -1.01
N GLN E 183 29.62 41.79 -0.32
CA GLN E 183 29.13 42.04 1.02
C GLN E 183 30.09 41.47 2.06
N ALA E 184 30.80 40.40 1.70
CA ALA E 184 31.68 39.74 2.66
C ALA E 184 33.01 40.46 2.77
N THR E 185 33.71 40.63 1.65
CA THR E 185 35.09 41.13 1.70
C THR E 185 35.19 42.60 1.29
N GLU E 186 34.26 43.08 0.46
CA GLU E 186 34.41 44.43 -0.08
C GLU E 186 33.96 45.47 0.94
N SER E 187 32.81 45.24 1.57
CA SER E 187 32.36 46.16 2.61
C SER E 187 33.15 45.90 3.89
N ASP E 188 33.16 46.90 4.77
CA ASP E 188 33.91 46.83 6.01
C ASP E 188 33.02 47.20 7.19
N PRO E 189 33.18 46.54 8.33
CA PRO E 189 32.37 46.90 9.50
C PRO E 189 32.91 48.10 10.25
N ARG E 190 32.32 48.39 11.41
CA ARG E 190 32.71 49.56 12.19
C ARG E 190 34.03 49.37 12.91
N ARG E 191 34.47 48.11 13.08
CA ARG E 191 35.74 47.85 13.74
C ARG E 191 36.90 48.08 12.78
N GLY E 192 38.09 48.30 13.35
CA GLY E 192 39.26 48.56 12.53
C GLY E 192 40.04 47.32 12.16
N GLY E 193 40.26 46.43 13.12
CA GLY E 193 41.03 45.22 12.86
C GLY E 193 40.95 44.22 14.00
N ARG F 9 -20.93 21.81 -56.91
CA ARG F 9 -19.87 21.03 -56.29
C ARG F 9 -20.37 19.64 -55.93
N ILE F 10 -20.14 18.68 -56.82
CA ILE F 10 -20.68 17.34 -56.63
C ILE F 10 -19.59 16.32 -56.93
N GLY F 11 -19.52 15.29 -56.09
CA GLY F 11 -18.70 14.13 -56.38
C GLY F 11 -19.55 12.90 -56.25
N GLU F 12 -19.40 11.99 -57.22
CA GLU F 12 -20.20 10.78 -57.25
C GLU F 12 -19.28 9.59 -57.49
N VAL F 13 -19.41 8.59 -56.62
CA VAL F 13 -18.58 7.40 -56.69
C VAL F 13 -19.48 6.18 -56.66
N LYS F 14 -19.32 5.31 -57.65
CA LYS F 14 -19.89 3.97 -57.64
C LYS F 14 -18.76 2.99 -57.35
N ARG F 15 -19.06 1.95 -56.58
CA ARG F 15 -18.06 0.97 -56.19
C ARG F 15 -18.74 -0.35 -55.87
N GLU F 16 -18.29 -1.42 -56.54
CA GLU F 16 -18.90 -2.72 -56.39
C GLU F 16 -17.82 -3.78 -56.29
N THR F 17 -17.92 -4.60 -55.24
CA THR F 17 -17.04 -5.75 -55.04
C THR F 17 -17.91 -7.01 -55.00
N LYS F 18 -17.28 -8.12 -54.62
CA LYS F 18 -18.02 -9.38 -54.50
C LYS F 18 -18.92 -9.39 -53.26
N GLU F 19 -18.70 -8.46 -52.34
CA GLU F 19 -19.47 -8.44 -51.11
C GLU F 19 -20.57 -7.39 -51.15
N THR F 20 -20.26 -6.17 -51.61
CA THR F 20 -21.19 -5.06 -51.57
C THR F 20 -21.33 -4.44 -52.96
N ASN F 21 -22.32 -3.57 -53.08
CA ASN F 21 -22.56 -2.77 -54.28
C ASN F 21 -23.02 -1.39 -53.82
N VAL F 22 -22.11 -0.41 -53.89
CA VAL F 22 -22.30 0.87 -53.23
C VAL F 22 -22.38 1.98 -54.27
N SER F 23 -23.43 2.80 -54.17
CA SER F 23 -23.60 3.99 -55.00
C SER F 23 -23.72 5.21 -54.11
N VAL F 24 -22.82 6.17 -54.29
CA VAL F 24 -22.67 7.31 -53.38
C VAL F 24 -22.47 8.60 -54.19
N LYS F 25 -23.23 9.64 -53.85
CA LYS F 25 -23.08 10.97 -54.44
C LYS F 25 -23.39 12.04 -53.41
N ILE F 26 -22.58 13.09 -53.38
CA ILE F 26 -22.73 14.18 -52.41
C ILE F 26 -22.67 15.53 -53.11
N ASN F 27 -23.71 16.35 -52.94
CA ASN F 27 -23.64 17.78 -53.19
C ASN F 27 -23.10 18.46 -51.94
N LEU F 28 -21.93 19.07 -52.03
CA LEU F 28 -21.32 19.66 -50.84
C LEU F 28 -21.96 21.01 -50.53
N ASP F 29 -22.35 21.75 -51.55
CA ASP F 29 -23.08 23.01 -51.37
C ASP F 29 -24.55 22.75 -51.68
N GLY F 30 -25.35 22.57 -50.65
CA GLY F 30 -26.72 22.17 -50.86
C GLY F 30 -27.59 22.46 -49.65
N HIS F 31 -28.70 21.73 -49.56
CA HIS F 31 -29.71 21.99 -48.56
C HIS F 31 -29.95 20.73 -47.72
N GLY F 32 -30.98 20.75 -46.88
CA GLY F 32 -31.23 19.63 -45.99
C GLY F 32 -31.99 18.46 -46.59
N VAL F 33 -31.72 18.13 -47.85
CA VAL F 33 -32.39 17.00 -48.48
C VAL F 33 -31.59 15.73 -48.24
N SER F 34 -32.29 14.62 -48.04
CA SER F 34 -31.66 13.36 -47.68
C SER F 34 -32.45 12.19 -48.24
N ASP F 35 -31.80 11.41 -49.11
CA ASP F 35 -32.29 10.10 -49.51
C ASP F 35 -31.10 9.14 -49.50
N SER F 36 -31.04 8.29 -48.47
CA SER F 36 -29.89 7.44 -48.27
C SER F 36 -30.35 6.18 -47.53
N SER F 37 -30.44 5.07 -48.26
CA SER F 37 -30.90 3.81 -47.68
C SER F 37 -29.77 2.80 -47.78
N THR F 38 -29.10 2.55 -46.66
CA THR F 38 -28.17 1.46 -46.55
C THR F 38 -28.90 0.19 -46.14
N GLY F 39 -28.17 -0.92 -46.11
CA GLY F 39 -28.78 -2.19 -45.74
C GLY F 39 -29.16 -2.27 -44.29
N ILE F 40 -28.54 -1.47 -43.43
CA ILE F 40 -28.81 -1.45 -42.00
C ILE F 40 -29.47 -0.13 -41.65
N PRO F 41 -30.60 -0.14 -40.93
CA PRO F 41 -31.40 1.09 -40.80
C PRO F 41 -30.85 2.10 -39.82
N PHE F 42 -29.87 1.72 -38.98
CA PHE F 42 -29.39 2.70 -38.02
C PHE F 42 -28.43 3.70 -38.63
N LEU F 43 -27.68 3.32 -39.68
CA LEU F 43 -26.91 4.30 -40.44
C LEU F 43 -27.80 5.33 -41.11
N ASP F 44 -29.03 4.93 -41.48
CA ASP F 44 -29.94 5.85 -42.16
C ASP F 44 -30.39 6.97 -41.23
N HIS F 45 -30.47 6.70 -39.93
CA HIS F 45 -30.77 7.75 -38.96
C HIS F 45 -29.56 8.63 -38.70
N MET F 46 -28.35 8.13 -38.97
CA MET F 46 -27.16 8.92 -38.69
C MET F 46 -26.76 9.76 -39.90
N LEU F 47 -27.02 9.27 -41.11
CA LEU F 47 -26.75 10.04 -42.30
C LEU F 47 -27.81 11.12 -42.53
N ASP F 48 -28.93 11.06 -41.81
CA ASP F 48 -29.85 12.19 -41.76
C ASP F 48 -29.23 13.38 -41.06
N GLN F 49 -28.34 13.10 -40.09
CA GLN F 49 -27.79 14.18 -39.27
C GLN F 49 -26.77 15.00 -40.03
N LEU F 50 -25.97 14.35 -40.89
CA LEU F 50 -25.03 15.10 -41.72
C LEU F 50 -25.69 15.64 -42.98
N ALA F 51 -27.02 15.52 -43.10
CA ALA F 51 -27.76 16.18 -44.16
C ALA F 51 -28.48 17.42 -43.65
N SER F 52 -29.06 17.33 -42.45
CA SER F 52 -29.87 18.44 -41.94
C SER F 52 -29.02 19.44 -41.16
N HIS F 53 -28.01 18.95 -40.43
CA HIS F 53 -27.15 19.84 -39.65
C HIS F 53 -25.91 20.27 -40.40
N GLY F 54 -25.43 19.46 -41.34
CA GLY F 54 -24.28 19.83 -42.13
C GLY F 54 -24.67 20.59 -43.38
N LEU F 55 -25.97 20.53 -43.68
CA LEU F 55 -26.59 21.11 -44.88
C LEU F 55 -25.92 20.58 -46.15
N PHE F 56 -25.75 19.26 -46.17
CA PHE F 56 -25.25 18.54 -47.34
C PHE F 56 -26.41 17.80 -47.98
N ASP F 57 -26.24 17.47 -49.26
CA ASP F 57 -27.17 16.61 -49.98
C ASP F 57 -26.45 15.31 -50.28
N VAL F 58 -26.71 14.29 -49.47
CA VAL F 58 -26.02 13.01 -49.56
C VAL F 58 -26.99 11.97 -50.09
N HIS F 59 -26.52 11.14 -51.02
CA HIS F 59 -27.31 10.08 -51.63
C HIS F 59 -26.51 8.80 -51.59
N VAL F 60 -26.97 7.84 -50.78
CA VAL F 60 -26.28 6.57 -50.59
C VAL F 60 -27.27 5.45 -50.94
N ARG F 61 -26.85 4.55 -51.83
CA ARG F 61 -27.56 3.30 -52.08
C ARG F 61 -26.55 2.17 -52.00
N ALA F 62 -26.71 1.29 -51.02
CA ALA F 62 -25.80 0.18 -50.83
C ALA F 62 -26.58 -1.10 -50.63
N THR F 63 -26.18 -2.15 -51.35
CA THR F 63 -26.72 -3.49 -51.16
C THR F 63 -25.56 -4.40 -50.81
N GLY F 64 -25.65 -5.05 -49.65
CA GLY F 64 -24.55 -5.86 -49.18
C GLY F 64 -25.04 -7.05 -48.39
N ASP F 65 -24.08 -7.84 -47.91
CA ASP F 65 -24.36 -9.10 -47.25
C ASP F 65 -24.59 -8.87 -45.76
N THR F 66 -25.81 -8.49 -45.40
CA THR F 66 -26.22 -8.51 -44.00
C THR F 66 -26.73 -9.88 -43.58
N HIS F 67 -26.64 -10.88 -44.45
CA HIS F 67 -26.80 -12.28 -44.08
C HIS F 67 -25.73 -12.71 -43.09
N ILE F 68 -24.55 -12.10 -43.17
CA ILE F 68 -23.46 -12.26 -42.23
C ILE F 68 -23.35 -10.90 -41.53
N ASP F 69 -22.35 -10.75 -40.66
CA ASP F 69 -22.15 -9.52 -39.89
C ASP F 69 -22.07 -8.25 -40.73
N ASP F 70 -22.41 -7.11 -40.13
CA ASP F 70 -22.52 -5.84 -40.84
C ASP F 70 -21.20 -5.12 -41.06
N HIS F 71 -20.06 -5.78 -40.80
CA HIS F 71 -18.76 -5.12 -40.89
C HIS F 71 -18.42 -4.78 -42.34
N HIS F 72 -18.86 -5.63 -43.28
CA HIS F 72 -18.45 -5.49 -44.67
C HIS F 72 -19.18 -4.35 -45.36
N THR F 73 -20.48 -4.21 -45.08
CA THR F 73 -21.27 -3.16 -45.72
C THR F 73 -21.22 -1.84 -44.98
N ASN F 74 -20.37 -1.73 -43.96
CA ASN F 74 -20.15 -0.44 -43.29
C ASN F 74 -18.83 0.17 -43.74
N GLU F 75 -17.84 -0.68 -44.06
CA GLU F 75 -16.61 -0.20 -44.66
C GLU F 75 -16.88 0.47 -46.00
N ASP F 76 -17.56 -0.25 -46.89
CA ASP F 76 -17.70 0.16 -48.27
C ASP F 76 -18.63 1.35 -48.44
N VAL F 77 -19.53 1.60 -47.48
CA VAL F 77 -20.24 2.86 -47.46
C VAL F 77 -19.31 3.99 -47.05
N ALA F 78 -18.55 3.78 -45.98
CA ALA F 78 -17.71 4.83 -45.43
C ALA F 78 -16.50 5.11 -46.30
N LEU F 79 -16.02 4.10 -47.03
CA LEU F 79 -14.94 4.33 -47.98
C LEU F 79 -15.44 5.13 -49.18
N ALA F 80 -16.71 4.95 -49.55
CA ALA F 80 -17.23 5.62 -50.75
C ALA F 80 -17.62 7.06 -50.46
N ILE F 81 -17.98 7.38 -49.22
CA ILE F 81 -18.27 8.77 -48.86
C ILE F 81 -16.99 9.61 -48.92
N GLY F 82 -15.87 9.03 -48.54
CA GLY F 82 -14.60 9.75 -48.55
C GLY F 82 -14.05 10.02 -49.93
N THR F 83 -14.13 9.03 -50.83
CA THR F 83 -13.70 9.22 -52.21
C THR F 83 -14.60 10.21 -52.93
N ALA F 84 -15.90 10.20 -52.59
CA ALA F 84 -16.79 11.22 -53.11
C ALA F 84 -16.48 12.59 -52.55
N LEU F 85 -16.02 12.66 -51.30
CA LEU F 85 -15.71 13.94 -50.67
C LEU F 85 -14.36 14.48 -51.11
N LEU F 86 -13.41 13.59 -51.44
CA LEU F 86 -12.17 14.04 -52.06
C LEU F 86 -12.42 14.51 -53.49
N LYS F 87 -13.39 13.90 -54.17
CA LYS F 87 -13.72 14.32 -55.53
C LYS F 87 -14.66 15.52 -55.53
N ALA F 88 -15.37 15.76 -54.43
CA ALA F 88 -16.18 16.97 -54.31
C ALA F 88 -15.30 18.20 -54.22
N LEU F 89 -14.31 18.17 -53.32
CA LEU F 89 -13.27 19.18 -53.33
C LEU F 89 -12.39 19.02 -54.56
N GLY F 90 -11.73 20.09 -54.95
CA GLY F 90 -10.76 20.05 -56.02
C GLY F 90 -9.37 20.37 -55.52
N GLU F 91 -8.66 21.19 -56.28
CA GLU F 91 -7.52 21.89 -55.72
C GLU F 91 -8.02 22.82 -54.63
N ARG F 92 -7.64 22.53 -53.40
CA ARG F 92 -8.24 23.19 -52.24
C ARG F 92 -7.81 24.65 -52.18
N LYS F 93 -8.75 25.54 -52.48
CA LYS F 93 -8.44 26.97 -52.59
C LYS F 93 -9.62 27.78 -52.08
N GLY F 94 -9.35 28.68 -51.14
CA GLY F 94 -10.36 29.60 -50.67
C GLY F 94 -11.34 29.03 -49.69
N ILE F 95 -10.92 28.02 -48.91
CA ILE F 95 -11.76 27.43 -47.88
C ILE F 95 -11.11 27.70 -46.53
N ASN F 96 -11.90 27.55 -45.46
CA ASN F 96 -11.40 27.82 -44.12
C ASN F 96 -10.41 26.76 -43.67
N ARG F 97 -10.64 25.49 -44.06
CA ARG F 97 -9.79 24.31 -43.88
C ARG F 97 -9.76 23.82 -42.44
N PHE F 98 -10.26 24.58 -41.49
CA PHE F 98 -10.32 24.14 -40.10
C PHE F 98 -11.76 24.11 -39.64
N GLY F 99 -12.17 22.98 -39.07
CA GLY F 99 -13.51 22.84 -38.54
C GLY F 99 -13.47 22.25 -37.16
N ASP F 100 -13.95 23.02 -36.20
CA ASP F 100 -14.02 22.55 -34.81
C ASP F 100 -15.38 22.92 -34.25
N PHE F 101 -15.95 21.97 -33.50
CA PHE F 101 -17.28 22.18 -32.96
C PHE F 101 -17.52 21.17 -31.84
N THR F 102 -18.27 21.59 -30.84
CA THR F 102 -18.77 20.69 -29.80
C THR F 102 -20.27 20.83 -29.71
N ALA F 103 -20.97 19.72 -29.50
CA ALA F 103 -22.42 19.65 -29.63
C ALA F 103 -23.03 18.81 -28.52
N PRO F 104 -23.89 19.37 -27.67
CA PRO F 104 -24.51 18.55 -26.63
C PRO F 104 -25.73 17.83 -27.15
N LEU F 105 -25.88 16.58 -26.74
CA LEU F 105 -27.19 16.00 -26.61
C LEU F 105 -27.46 15.99 -25.11
N ASP F 106 -28.51 15.30 -24.67
CA ASP F 106 -28.76 15.12 -23.24
C ASP F 106 -27.56 14.42 -22.60
N GLU F 107 -26.95 15.12 -21.64
CA GLU F 107 -25.85 14.72 -20.75
C GLU F 107 -24.52 14.46 -21.45
N ALA F 108 -24.47 14.47 -22.76
CA ALA F 108 -23.30 14.01 -23.50
C ALA F 108 -22.72 15.12 -24.36
N LEU F 109 -21.41 15.31 -24.27
CA LEU F 109 -20.66 16.22 -25.11
C LEU F 109 -19.65 15.45 -25.94
N ILE F 110 -19.61 15.76 -27.24
CA ILE F 110 -18.54 15.31 -28.12
C ILE F 110 -17.87 16.54 -28.69
N HIS F 111 -16.54 16.55 -28.71
CA HIS F 111 -15.78 17.60 -29.37
C HIS F 111 -15.10 17.02 -30.60
N VAL F 112 -15.43 17.56 -31.77
CA VAL F 112 -14.91 17.10 -33.05
C VAL F 112 -14.09 18.21 -33.70
N SER F 113 -12.85 17.90 -34.06
CA SER F 113 -11.96 18.83 -34.74
C SER F 113 -11.41 18.16 -35.98
N LEU F 114 -11.21 18.92 -37.06
CA LEU F 114 -10.78 18.29 -38.30
C LEU F 114 -9.93 19.25 -39.14
N ASP F 115 -9.26 18.72 -40.17
CA ASP F 115 -8.20 19.46 -40.85
C ASP F 115 -8.33 19.47 -42.38
N LEU F 116 -8.79 18.37 -42.99
CA LEU F 116 -9.04 18.26 -44.45
C LEU F 116 -7.84 18.63 -45.34
N SER F 117 -6.63 18.27 -44.92
CA SER F 117 -5.45 18.63 -45.69
C SER F 117 -4.56 17.41 -45.88
N GLY F 118 -4.87 16.59 -46.89
CA GLY F 118 -3.92 15.60 -47.38
C GLY F 118 -3.72 14.40 -46.46
N ARG F 119 -3.27 14.66 -45.24
CA ARG F 119 -2.78 13.64 -44.33
C ARG F 119 -3.93 13.01 -43.54
N PRO F 120 -4.05 11.68 -43.53
CA PRO F 120 -5.13 11.04 -42.78
C PRO F 120 -4.72 10.68 -41.36
N TYR F 121 -5.61 10.97 -40.40
CA TYR F 121 -5.43 10.56 -39.01
C TYR F 121 -6.80 10.47 -38.36
N LEU F 122 -6.94 9.53 -37.42
CA LEU F 122 -8.13 9.43 -36.58
C LEU F 122 -7.74 9.25 -35.13
N GLY F 123 -8.12 10.21 -34.29
CA GLY F 123 -8.06 10.04 -32.87
C GLY F 123 -9.46 9.78 -32.32
N TYR F 124 -9.60 8.70 -31.55
CA TYR F 124 -10.91 8.21 -31.13
C TYR F 124 -10.87 7.93 -29.64
N ASN F 125 -11.67 8.64 -28.87
CA ASN F 125 -11.66 8.51 -27.41
C ASN F 125 -13.02 8.16 -26.82
N LEU F 126 -13.99 7.80 -27.66
CA LEU F 126 -15.32 7.43 -27.17
C LEU F 126 -15.29 6.05 -26.52
N GLU F 127 -16.18 5.88 -25.54
CA GLU F 127 -16.40 4.62 -24.86
C GLU F 127 -17.89 4.42 -24.69
N ILE F 128 -18.46 3.49 -25.45
CA ILE F 128 -19.89 3.24 -25.47
C ILE F 128 -20.16 2.12 -24.48
N PRO F 129 -21.11 2.26 -23.55
CA PRO F 129 -21.29 1.20 -22.54
C PRO F 129 -21.90 -0.08 -23.06
N THR F 130 -22.92 -0.01 -23.90
CA THR F 130 -23.59 -1.21 -24.38
C THR F 130 -22.96 -1.71 -25.68
N GLN F 131 -23.40 -2.90 -26.11
CA GLN F 131 -22.79 -3.54 -27.26
C GLN F 131 -23.64 -3.49 -28.52
N ARG F 132 -24.95 -3.27 -28.40
CA ARG F 132 -25.80 -3.00 -29.55
C ARG F 132 -26.62 -1.75 -29.25
N VAL F 133 -27.00 -1.03 -30.30
CA VAL F 133 -27.83 0.14 -30.07
C VAL F 133 -29.29 -0.23 -30.34
N GLY F 134 -29.64 -0.50 -31.59
CA GLY F 134 -30.81 -1.31 -31.83
C GLY F 134 -30.43 -2.69 -32.30
N THR F 135 -29.67 -2.72 -33.38
CA THR F 135 -29.06 -3.92 -33.93
C THR F 135 -27.68 -3.61 -34.50
N TYR F 136 -27.18 -2.41 -34.27
CA TYR F 136 -25.92 -1.96 -34.82
C TYR F 136 -24.79 -2.32 -33.86
N ASP F 137 -23.68 -2.84 -34.42
CA ASP F 137 -22.73 -3.60 -33.62
C ASP F 137 -21.85 -2.74 -32.72
N THR F 138 -21.87 -1.41 -32.88
CA THR F 138 -21.39 -0.40 -31.94
C THR F 138 -19.86 -0.35 -31.84
N GLN F 139 -19.19 -1.34 -32.39
CA GLN F 139 -17.74 -1.36 -32.53
C GLN F 139 -17.34 -0.90 -33.92
N LEU F 140 -18.33 -0.52 -34.71
CA LEU F 140 -18.20 -0.10 -36.09
C LEU F 140 -18.20 1.41 -36.24
N VAL F 141 -18.50 2.14 -35.16
CA VAL F 141 -18.57 3.60 -35.21
C VAL F 141 -17.18 4.19 -35.39
N GLU F 142 -16.20 3.63 -34.67
CA GLU F 142 -14.82 4.01 -34.89
C GLU F 142 -14.35 3.54 -36.26
N HIS F 143 -14.92 2.43 -36.74
CA HIS F 143 -14.51 1.92 -38.04
C HIS F 143 -15.17 2.67 -39.18
N PHE F 144 -16.28 3.34 -38.91
CA PHE F 144 -16.88 4.26 -39.89
C PHE F 144 -15.95 5.44 -40.15
N PHE F 145 -15.46 6.05 -39.07
CA PHE F 145 -14.63 7.24 -39.22
C PHE F 145 -13.20 6.88 -39.56
N GLN F 146 -12.80 5.63 -39.34
CA GLN F 146 -11.47 5.21 -39.79
C GLN F 146 -11.44 5.03 -41.30
N SER F 147 -12.54 4.55 -41.87
CA SER F 147 -12.63 4.38 -43.31
C SER F 147 -12.87 5.71 -44.02
N LEU F 148 -13.58 6.62 -43.36
CA LEU F 148 -13.82 7.93 -43.93
C LEU F 148 -12.55 8.78 -43.95
N VAL F 149 -11.67 8.58 -42.98
CA VAL F 149 -10.44 9.35 -42.90
C VAL F 149 -9.45 8.93 -43.97
N ASN F 150 -9.36 7.62 -44.24
CA ASN F 150 -8.27 7.09 -45.06
C ASN F 150 -8.43 7.46 -46.53
N THR F 151 -9.66 7.74 -46.96
CA THR F 151 -9.87 8.09 -48.37
C THR F 151 -10.07 9.60 -48.55
N SER F 152 -10.66 10.28 -47.57
CA SER F 152 -10.81 11.72 -47.66
C SER F 152 -9.48 12.46 -47.48
N GLY F 153 -8.55 11.89 -46.73
CA GLY F 153 -7.29 12.56 -46.45
C GLY F 153 -7.46 13.73 -45.50
N MET F 154 -7.91 13.44 -44.28
CA MET F 154 -8.19 14.46 -43.28
C MET F 154 -7.70 13.97 -41.93
N THR F 155 -7.32 14.92 -41.07
CA THR F 155 -7.04 14.62 -39.67
C THR F 155 -8.36 14.80 -38.94
N LEU F 156 -8.66 13.92 -37.99
CA LEU F 156 -9.93 13.98 -37.27
C LEU F 156 -9.73 13.57 -35.82
N HIS F 157 -10.05 14.47 -34.90
CA HIS F 157 -10.01 14.19 -33.47
C HIS F 157 -11.44 14.20 -32.93
N ILE F 158 -11.84 13.09 -32.32
CA ILE F 158 -13.16 12.94 -31.72
C ILE F 158 -12.95 12.65 -30.24
N ARG F 159 -13.49 13.50 -29.37
CA ARG F 159 -13.26 13.35 -27.94
C ARG F 159 -14.59 13.44 -27.19
N GLN F 160 -14.84 12.43 -26.35
CA GLN F 160 -16.01 12.42 -25.47
C GLN F 160 -15.68 13.20 -24.20
N LEU F 161 -16.60 14.08 -23.80
CA LEU F 161 -16.39 14.91 -22.64
C LEU F 161 -17.32 14.58 -21.48
N ALA F 162 -18.45 13.93 -21.75
CA ALA F 162 -19.45 13.53 -20.76
C ALA F 162 -20.44 12.56 -21.39
N GLY F 163 -21.26 11.91 -20.57
CA GLY F 163 -22.43 11.23 -21.12
C GLY F 163 -22.34 9.72 -21.04
N LYS F 164 -23.46 9.11 -20.62
CA LYS F 164 -23.59 7.65 -20.61
C LYS F 164 -24.95 7.24 -21.18
N ASN F 165 -25.02 7.16 -22.50
CA ASN F 165 -26.17 6.64 -23.24
C ASN F 165 -25.71 6.36 -24.66
N SER F 166 -25.94 5.14 -25.13
CA SER F 166 -25.37 4.69 -26.40
C SER F 166 -25.97 5.43 -27.58
N HIS F 167 -27.29 5.64 -27.58
CA HIS F 167 -27.93 6.37 -28.66
C HIS F 167 -27.65 7.86 -28.57
N HIS F 168 -27.27 8.34 -27.38
CA HIS F 168 -27.03 9.78 -27.25
C HIS F 168 -25.59 10.14 -27.60
N ILE F 169 -24.65 9.25 -27.36
CA ILE F 169 -23.25 9.57 -27.66
C ILE F 169 -23.00 9.49 -29.16
N ILE F 170 -23.57 8.49 -29.83
CA ILE F 170 -23.37 8.35 -31.26
C ILE F 170 -24.12 9.44 -32.02
N GLU F 171 -25.22 9.95 -31.48
CA GLU F 171 -25.90 11.02 -32.20
C GLU F 171 -25.30 12.37 -31.86
N ALA F 172 -24.50 12.46 -30.80
CA ALA F 172 -23.82 13.71 -30.52
C ALA F 172 -22.55 13.89 -31.34
N THR F 173 -21.98 12.78 -31.84
CA THR F 173 -20.78 12.89 -32.67
C THR F 173 -21.12 13.03 -34.16
N PHE F 174 -22.31 12.63 -34.59
CA PHE F 174 -22.73 12.88 -35.96
C PHE F 174 -23.41 14.23 -36.16
N LYS F 175 -23.82 14.90 -35.09
CA LYS F 175 -24.20 16.30 -35.19
C LYS F 175 -22.98 17.21 -35.17
N ALA F 176 -21.93 16.81 -34.43
CA ALA F 176 -20.77 17.66 -34.27
C ALA F 176 -19.79 17.48 -35.42
N PHE F 177 -19.79 16.33 -36.07
CA PHE F 177 -18.98 16.15 -37.27
C PHE F 177 -19.58 16.90 -38.45
N ALA F 178 -20.91 17.01 -38.48
CA ALA F 178 -21.57 17.70 -39.57
C ALA F 178 -21.37 19.20 -39.50
N ARG F 179 -21.46 19.76 -38.29
CA ARG F 179 -21.27 21.20 -38.12
C ARG F 179 -19.80 21.59 -38.29
N ALA F 180 -18.88 20.67 -38.03
CA ALA F 180 -17.46 20.93 -38.21
C ALA F 180 -16.98 20.61 -39.61
N LEU F 181 -17.80 19.98 -40.44
CA LEU F 181 -17.44 19.77 -41.84
C LEU F 181 -17.99 20.87 -42.74
N ARG F 182 -19.11 21.49 -42.37
CA ARG F 182 -19.60 22.65 -43.09
C ARG F 182 -18.94 23.95 -42.62
N GLN F 183 -18.05 23.88 -41.64
CA GLN F 183 -17.26 25.04 -41.24
C GLN F 183 -15.90 25.04 -41.92
N ALA F 184 -15.40 23.85 -42.25
CA ALA F 184 -14.07 23.75 -42.85
C ALA F 184 -14.10 24.04 -44.34
N THR F 185 -14.92 23.30 -45.08
CA THR F 185 -14.87 23.36 -46.54
C THR F 185 -16.03 24.17 -47.13
N GLU F 186 -17.17 24.23 -46.44
CA GLU F 186 -18.34 24.86 -47.03
C GLU F 186 -18.27 26.38 -46.92
N SER F 187 -17.90 26.88 -45.74
CA SER F 187 -17.72 28.31 -45.59
C SER F 187 -16.39 28.74 -46.21
N ASP F 188 -16.30 30.02 -46.53
CA ASP F 188 -15.12 30.58 -47.19
C ASP F 188 -14.64 31.80 -46.42
N PRO F 189 -13.32 31.99 -46.34
CA PRO F 189 -12.79 33.19 -45.66
C PRO F 189 -12.80 34.42 -46.55
N ARG F 190 -12.19 35.50 -46.06
CA ARG F 190 -12.19 36.77 -46.77
C ARG F 190 -11.22 36.75 -47.95
N ARG F 191 -10.26 35.83 -47.95
CA ARG F 191 -9.31 35.76 -49.06
C ARG F 191 -9.93 35.04 -50.25
N GLY F 192 -9.35 35.28 -51.42
CA GLY F 192 -9.88 34.67 -52.63
C GLY F 192 -9.27 33.34 -52.98
N GLY F 193 -7.95 33.22 -52.88
CA GLY F 193 -7.26 31.99 -53.21
C GLY F 193 -5.81 31.98 -52.79
N ARG G 9 -61.83 -14.40 10.85
CA ARG G 9 -60.65 -14.84 10.11
C ARG G 9 -59.67 -15.53 11.05
N ILE G 10 -59.75 -16.86 11.13
CA ILE G 10 -58.95 -17.63 12.08
C ILE G 10 -58.34 -18.82 11.37
N GLY G 11 -57.08 -19.08 11.67
CA GLY G 11 -56.44 -20.31 11.25
C GLY G 11 -55.81 -20.96 12.46
N GLU G 12 -56.01 -22.27 12.58
CA GLU G 12 -55.51 -23.00 13.73
C GLU G 12 -54.80 -24.26 13.26
N VAL G 13 -53.57 -24.44 13.72
CA VAL G 13 -52.74 -25.57 13.33
C VAL G 13 -52.21 -26.25 14.58
N LYS G 14 -52.45 -27.55 14.67
CA LYS G 14 -51.79 -28.40 15.64
C LYS G 14 -50.74 -29.22 14.91
N ARG G 15 -49.59 -29.45 15.57
CA ARG G 15 -48.49 -30.16 14.95
C ARG G 15 -47.64 -30.79 16.03
N GLU G 16 -47.44 -32.10 15.94
CA GLU G 16 -46.70 -32.85 16.94
C GLU G 16 -45.75 -33.83 16.27
N THR G 17 -44.48 -33.76 16.67
CA THR G 17 -43.46 -34.70 16.22
C THR G 17 -42.89 -35.41 17.45
N LYS G 18 -41.81 -36.15 17.23
CA LYS G 18 -41.15 -36.84 18.34
C LYS G 18 -40.39 -35.86 19.23
N GLU G 19 -40.15 -34.65 18.76
CA GLU G 19 -39.38 -33.68 19.54
C GLU G 19 -40.28 -32.66 20.23
N THR G 20 -41.27 -32.13 19.51
CA THR G 20 -42.11 -31.05 20.05
C THR G 20 -43.58 -31.42 19.92
N ASN G 21 -44.41 -30.62 20.58
CA ASN G 21 -45.87 -30.71 20.49
C ASN G 21 -46.41 -29.29 20.48
N VAL G 22 -46.84 -28.81 19.32
CA VAL G 22 -47.10 -27.40 19.09
C VAL G 22 -48.57 -27.20 18.77
N SER G 23 -49.23 -26.28 19.49
CA SER G 23 -50.60 -25.88 19.24
C SER G 23 -50.64 -24.38 18.99
N VAL G 24 -51.14 -23.98 17.82
CA VAL G 24 -51.05 -22.61 17.34
C VAL G 24 -52.38 -22.21 16.71
N LYS G 25 -52.89 -21.03 17.09
CA LYS G 25 -54.10 -20.45 16.50
C LYS G 25 -53.98 -18.93 16.48
N ILE G 26 -54.38 -18.31 15.37
CA ILE G 26 -54.29 -16.86 15.19
C ILE G 26 -55.62 -16.32 14.67
N ASN G 27 -56.18 -15.35 15.39
CA ASN G 27 -57.21 -14.46 14.85
C ASN G 27 -56.50 -13.29 14.18
N LEU G 28 -56.65 -13.17 12.85
CA LEU G 28 -55.93 -12.13 12.14
C LEU G 28 -56.61 -10.77 12.31
N ASP G 29 -57.94 -10.76 12.41
CA ASP G 29 -58.69 -9.55 12.68
C ASP G 29 -59.12 -9.60 14.15
N GLY G 30 -58.40 -8.88 15.00
CA GLY G 30 -58.65 -9.00 16.42
C GLY G 30 -58.07 -7.84 17.18
N HIS G 31 -57.83 -8.07 18.48
CA HIS G 31 -57.43 -7.01 19.39
C HIS G 31 -56.11 -7.37 20.05
N GLY G 32 -55.70 -6.59 21.05
CA GLY G 32 -54.41 -6.81 21.68
C GLY G 32 -54.37 -7.87 22.76
N VAL G 33 -55.10 -8.98 22.57
CA VAL G 33 -55.10 -10.05 23.55
C VAL G 33 -53.98 -11.04 23.21
N SER G 34 -53.34 -11.58 24.25
CA SER G 34 -52.18 -12.44 24.08
C SER G 34 -52.13 -13.48 25.17
N ASP G 35 -52.20 -14.75 24.78
CA ASP G 35 -51.87 -15.87 25.66
C ASP G 35 -51.02 -16.85 24.86
N SER G 36 -49.72 -16.86 25.11
CA SER G 36 -48.80 -17.64 24.31
C SER G 36 -47.60 -18.01 25.18
N SER G 37 -47.54 -19.27 25.60
CA SER G 37 -46.46 -19.74 26.46
C SER G 37 -45.69 -20.83 25.72
N THR G 38 -44.52 -20.46 25.21
CA THR G 38 -43.58 -21.44 24.69
C THR G 38 -42.69 -21.95 25.81
N GLY G 39 -41.85 -22.93 25.48
CA GLY G 39 -40.98 -23.51 26.48
C GLY G 39 -39.87 -22.57 26.93
N ILE G 40 -39.54 -21.58 26.12
CA ILE G 40 -38.49 -20.61 26.42
C ILE G 40 -39.13 -19.25 26.62
N PRO G 41 -38.83 -18.55 27.72
CA PRO G 41 -39.62 -17.36 28.07
C PRO G 41 -39.32 -16.12 27.25
N PHE G 42 -38.23 -16.12 26.49
CA PHE G 42 -37.92 -14.89 25.75
C PHE G 42 -38.76 -14.75 24.49
N LEU G 43 -39.18 -15.87 23.87
CA LEU G 43 -40.18 -15.79 22.80
C LEU G 43 -41.50 -15.23 23.28
N ASP G 44 -41.84 -15.47 24.55
CA ASP G 44 -43.11 -15.00 25.10
C ASP G 44 -43.14 -13.48 25.18
N HIS G 45 -41.99 -12.85 25.40
CA HIS G 45 -41.92 -11.39 25.38
C HIS G 45 -41.95 -10.85 23.94
N MET G 46 -41.58 -11.68 22.97
CA MET G 46 -41.56 -11.19 21.60
C MET G 46 -42.88 -11.41 20.90
N LEU G 47 -43.60 -12.47 21.25
CA LEU G 47 -44.93 -12.71 20.72
C LEU G 47 -45.97 -11.79 21.35
N ASP G 48 -45.64 -11.14 22.46
CA ASP G 48 -46.48 -10.04 22.96
C ASP G 48 -46.46 -8.85 22.00
N GLN G 49 -45.35 -8.67 21.29
CA GLN G 49 -45.19 -7.48 20.46
C GLN G 49 -46.03 -7.59 19.19
N LEU G 50 -46.15 -8.79 18.62
CA LEU G 50 -47.02 -8.96 17.47
C LEU G 50 -48.47 -9.19 17.86
N ALA G 51 -48.79 -9.06 19.15
CA ALA G 51 -50.18 -9.05 19.59
C ALA G 51 -50.67 -7.64 19.89
N SER G 52 -49.81 -6.82 20.51
CA SER G 52 -50.24 -5.49 20.93
C SER G 52 -50.01 -4.45 19.84
N HIS G 53 -48.94 -4.60 19.07
CA HIS G 53 -48.64 -3.65 18.00
C HIS G 53 -49.19 -4.09 16.65
N GLY G 54 -49.34 -5.39 16.42
CA GLY G 54 -49.91 -5.88 15.18
C GLY G 54 -51.42 -6.00 15.27
N LEU G 55 -51.93 -5.92 16.51
CA LEU G 55 -53.33 -6.10 16.86
C LEU G 55 -53.86 -7.44 16.35
N PHE G 56 -53.07 -8.49 16.62
CA PHE G 56 -53.45 -9.86 16.34
C PHE G 56 -53.79 -10.55 17.66
N ASP G 57 -54.55 -11.63 17.55
CA ASP G 57 -54.84 -12.49 18.69
C ASP G 57 -54.14 -13.82 18.43
N VAL G 58 -52.98 -14.02 19.03
CA VAL G 58 -52.14 -15.19 18.79
C VAL G 58 -52.18 -16.07 20.03
N HIS G 59 -52.31 -17.38 19.81
CA HIS G 59 -52.36 -18.36 20.88
C HIS G 59 -51.40 -19.48 20.55
N VAL G 60 -50.32 -19.59 21.33
CA VAL G 60 -49.27 -20.58 21.10
C VAL G 60 -49.12 -21.40 22.37
N ARG G 61 -49.19 -22.73 22.24
CA ARG G 61 -48.83 -23.64 23.31
C ARG G 61 -47.88 -24.67 22.73
N ALA G 62 -46.64 -24.68 23.21
CA ALA G 62 -45.63 -25.60 22.71
C ALA G 62 -44.92 -26.25 23.88
N THR G 63 -44.77 -27.57 23.81
CA THR G 63 -43.98 -28.34 24.77
C THR G 63 -42.90 -29.07 23.98
N GLY G 64 -41.65 -28.81 24.32
CA GLY G 64 -40.55 -29.37 23.57
C GLY G 64 -39.35 -29.65 24.44
N ASP G 65 -38.30 -30.15 23.81
CA ASP G 65 -37.11 -30.64 24.51
C ASP G 65 -36.14 -29.48 24.71
N THR G 66 -36.37 -28.68 25.75
CA THR G 66 -35.36 -27.72 26.20
C THR G 66 -34.34 -28.36 27.13
N HIS G 67 -34.43 -29.67 27.35
CA HIS G 67 -33.36 -30.45 27.97
C HIS G 67 -32.09 -30.40 27.13
N ILE G 68 -32.24 -30.28 25.82
CA ILE G 68 -31.16 -30.06 24.87
C ILE G 68 -31.38 -28.64 24.35
N ASP G 69 -30.56 -28.21 23.39
CA ASP G 69 -30.61 -26.85 22.83
C ASP G 69 -32.00 -26.45 22.31
N ASP G 70 -32.27 -25.15 22.28
CA ASP G 70 -33.59 -24.63 21.94
C ASP G 70 -33.87 -24.54 20.45
N HIS G 71 -33.02 -25.13 19.61
CA HIS G 71 -33.18 -24.99 18.16
C HIS G 71 -34.42 -25.73 17.67
N HIS G 72 -34.77 -26.84 18.33
CA HIS G 72 -35.84 -27.70 17.84
C HIS G 72 -37.22 -27.11 18.14
N THR G 73 -37.38 -26.53 19.32
CA THR G 73 -38.66 -25.96 19.71
C THR G 73 -38.83 -24.53 19.25
N ASN G 74 -37.91 -24.00 18.45
CA ASN G 74 -38.09 -22.69 17.86
C ASN G 74 -38.48 -22.80 16.39
N GLU G 75 -38.02 -23.87 15.73
CA GLU G 75 -38.48 -24.18 14.38
C GLU G 75 -39.98 -24.45 14.37
N ASP G 76 -40.41 -25.38 15.22
CA ASP G 76 -41.77 -25.91 15.17
C ASP G 76 -42.80 -24.91 15.64
N VAL G 77 -42.41 -23.92 16.45
CA VAL G 77 -43.29 -22.79 16.72
C VAL G 77 -43.40 -21.93 15.49
N ALA G 78 -42.27 -21.58 14.88
CA ALA G 78 -42.26 -20.64 13.76
C ALA G 78 -42.82 -21.27 12.48
N LEU G 79 -42.68 -22.59 12.34
CA LEU G 79 -43.32 -23.27 11.21
C LEU G 79 -44.84 -23.30 11.37
N ALA G 80 -45.31 -23.37 12.62
CA ALA G 80 -46.76 -23.49 12.84
C ALA G 80 -47.46 -22.15 12.76
N ILE G 81 -46.76 -21.05 13.03
CA ILE G 81 -47.36 -19.73 12.87
C ILE G 81 -47.60 -19.43 11.39
N GLY G 82 -46.70 -19.89 10.52
CA GLY G 82 -46.84 -19.65 9.09
C GLY G 82 -47.94 -20.45 8.43
N THR G 83 -48.09 -21.72 8.82
CA THR G 83 -49.18 -22.54 8.28
C THR G 83 -50.52 -22.05 8.79
N ALA G 84 -50.55 -21.53 10.02
CA ALA G 84 -51.76 -20.90 10.52
C ALA G 84 -52.04 -19.59 9.80
N LEU G 85 -50.99 -18.87 9.39
CA LEU G 85 -51.18 -17.59 8.70
C LEU G 85 -51.53 -17.79 7.24
N LEU G 86 -51.05 -18.88 6.61
CA LEU G 86 -51.51 -19.22 5.27
C LEU G 86 -52.95 -19.71 5.31
N LYS G 87 -53.36 -20.36 6.40
CA LYS G 87 -54.74 -20.81 6.52
C LYS G 87 -55.65 -19.70 7.02
N ALA G 88 -55.09 -18.65 7.65
CA ALA G 88 -55.89 -17.50 8.03
C ALA G 88 -56.33 -16.73 6.79
N LEU G 89 -55.39 -16.42 5.91
CA LEU G 89 -55.74 -15.91 4.59
C LEU G 89 -56.40 -17.01 3.77
N GLY G 90 -57.17 -16.60 2.78
CA GLY G 90 -57.76 -17.53 1.84
C GLY G 90 -57.24 -17.31 0.44
N GLU G 91 -58.14 -17.33 -0.52
CA GLU G 91 -57.86 -16.73 -1.82
C GLU G 91 -57.66 -15.23 -1.60
N ARG G 92 -56.43 -14.77 -1.82
CA ARG G 92 -56.05 -13.42 -1.43
C ARG G 92 -56.76 -12.39 -2.30
N LYS G 93 -57.73 -11.69 -1.72
CA LYS G 93 -58.57 -10.77 -2.47
C LYS G 93 -58.92 -9.57 -1.61
N GLY G 94 -58.64 -8.38 -2.12
CA GLY G 94 -59.05 -7.16 -1.46
C GLY G 94 -58.16 -6.75 -0.30
N ILE G 95 -56.89 -7.12 -0.35
CA ILE G 95 -55.92 -6.71 0.68
C ILE G 95 -54.88 -5.82 0.02
N ASN G 96 -54.15 -5.09 0.86
CA ASN G 96 -53.13 -4.16 0.36
C ASN G 96 -51.94 -4.90 -0.23
N ARG G 97 -51.56 -6.04 0.40
CA ARG G 97 -50.55 -7.01 -0.02
C ARG G 97 -49.12 -6.48 0.16
N PHE G 98 -48.93 -5.20 0.43
CA PHE G 98 -47.62 -4.65 0.67
C PHE G 98 -47.56 -4.06 2.07
N GLY G 99 -46.56 -4.44 2.83
CA GLY G 99 -46.38 -3.91 4.16
C GLY G 99 -44.94 -3.49 4.37
N ASP G 100 -44.74 -2.20 4.62
CA ASP G 100 -43.42 -1.67 4.87
C ASP G 100 -43.49 -0.73 6.06
N PHE G 101 -42.50 -0.83 6.94
CA PHE G 101 -42.50 -0.04 8.15
C PHE G 101 -41.10 -0.03 8.74
N THR G 102 -40.73 1.09 9.35
CA THR G 102 -39.52 1.18 10.15
C THR G 102 -39.87 1.69 11.54
N ALA G 103 -39.22 1.15 12.56
CA ALA G 103 -39.62 1.37 13.94
C ALA G 103 -38.42 1.57 14.84
N PRO G 104 -38.26 2.72 15.50
CA PRO G 104 -37.12 2.90 16.39
C PRO G 104 -37.39 2.31 17.76
N LEU G 105 -36.38 1.68 18.32
CA LEU G 105 -36.24 1.63 19.76
C LEU G 105 -35.12 2.62 20.06
N ASP G 106 -34.62 2.64 21.30
CA ASP G 106 -33.47 3.45 21.64
C ASP G 106 -32.28 3.05 20.77
N GLU G 107 -31.80 4.02 20.00
CA GLU G 107 -30.62 4.03 19.12
C GLU G 107 -30.69 3.08 17.92
N ALA G 108 -31.72 2.26 17.82
CA ALA G 108 -31.76 1.18 16.84
C ALA G 108 -32.95 1.33 15.91
N LEU G 109 -32.68 1.23 14.61
CA LEU G 109 -33.70 1.20 13.57
C LEU G 109 -33.67 -0.12 12.83
N ILE G 110 -34.84 -0.71 12.64
CA ILE G 110 -35.02 -1.84 11.74
C ILE G 110 -36.03 -1.44 10.70
N HIS G 111 -35.74 -1.74 9.44
CA HIS G 111 -36.69 -1.56 8.35
C HIS G 111 -37.16 -2.92 7.86
N VAL G 112 -38.47 -3.16 7.95
CA VAL G 112 -39.08 -4.43 7.55
C VAL G 112 -40.04 -4.19 6.41
N SER G 113 -39.85 -4.94 5.32
CA SER G 113 -40.72 -4.88 4.15
C SER G 113 -41.17 -6.29 3.81
N LEU G 114 -42.40 -6.44 3.33
CA LEU G 114 -42.92 -7.79 3.07
C LEU G 114 -43.94 -7.78 1.94
N ASP G 115 -44.28 -8.98 1.44
CA ASP G 115 -44.99 -9.10 0.17
C ASP G 115 -46.23 -10.02 0.23
N LEU G 116 -46.17 -11.12 1.01
CA LEU G 116 -47.30 -12.04 1.22
C LEU G 116 -47.92 -12.60 -0.06
N SER G 117 -47.11 -12.89 -1.07
CA SER G 117 -47.65 -13.38 -2.34
C SER G 117 -46.89 -14.63 -2.78
N GLY G 118 -47.28 -15.79 -2.27
CA GLY G 118 -46.85 -17.05 -2.85
C GLY G 118 -45.40 -17.42 -2.62
N ARG G 119 -44.49 -16.57 -3.09
CA ARG G 119 -43.08 -16.87 -3.18
C ARG G 119 -42.35 -16.58 -1.87
N PRO G 120 -41.61 -17.54 -1.32
CA PRO G 120 -40.89 -17.30 -0.06
C PRO G 120 -39.47 -16.78 -0.28
N TYR G 121 -39.11 -15.76 0.50
CA TYR G 121 -37.75 -15.24 0.52
C TYR G 121 -37.49 -14.58 1.86
N LEU G 122 -36.25 -14.66 2.33
CA LEU G 122 -35.82 -13.94 3.53
C LEU G 122 -34.49 -13.26 3.27
N GLY G 123 -34.49 -11.92 3.34
CA GLY G 123 -33.25 -11.17 3.41
C GLY G 123 -33.00 -10.70 4.83
N TYR G 124 -31.81 -10.99 5.34
CA TYR G 124 -31.50 -10.79 6.75
C TYR G 124 -30.15 -10.08 6.85
N ASN G 125 -30.15 -8.87 7.41
CA ASN G 125 -28.93 -8.08 7.49
C ASN G 125 -28.59 -7.65 8.91
N LEU G 126 -29.26 -8.20 9.93
CA LEU G 126 -28.96 -7.88 11.30
C LEU G 126 -27.65 -8.50 11.77
N GLU G 127 -26.99 -7.81 12.69
CA GLU G 127 -25.76 -8.29 13.32
C GLU G 127 -25.86 -7.97 14.81
N ILE G 128 -26.06 -9.00 15.62
CA ILE G 128 -26.25 -8.87 17.06
C ILE G 128 -24.89 -9.03 17.71
N PRO G 129 -24.47 -8.13 18.60
CA PRO G 129 -23.11 -8.23 19.16
C PRO G 129 -22.91 -9.38 20.13
N THR G 130 -23.85 -9.61 21.04
CA THR G 130 -23.67 -10.66 22.05
C THR G 130 -24.25 -11.98 21.57
N GLN G 131 -24.00 -13.03 22.35
CA GLN G 131 -24.38 -14.38 21.95
C GLN G 131 -25.59 -14.92 22.69
N ARG G 132 -25.93 -14.38 23.85
CA ARG G 132 -27.18 -14.69 24.54
C ARG G 132 -27.86 -13.39 24.90
N VAL G 133 -29.19 -13.41 24.99
CA VAL G 133 -29.88 -12.21 25.40
C VAL G 133 -30.20 -12.31 26.89
N GLY G 134 -31.11 -13.21 27.27
CA GLY G 134 -31.10 -13.69 28.63
C GLY G 134 -30.57 -15.11 28.71
N THR G 135 -31.23 -15.98 27.95
CA THR G 135 -30.82 -17.35 27.74
C THR G 135 -31.12 -17.81 26.32
N TYR G 136 -31.52 -16.88 25.46
CA TYR G 136 -31.93 -17.18 24.10
C TYR G 136 -30.70 -17.12 23.19
N ASP G 137 -30.58 -18.10 22.30
CA ASP G 137 -29.29 -18.40 21.67
C ASP G 137 -28.90 -17.41 20.59
N THR G 138 -29.80 -16.51 20.17
CA THR G 138 -29.54 -15.27 19.43
C THR G 138 -29.13 -15.52 17.96
N GLN G 139 -28.85 -16.78 17.63
CA GLN G 139 -28.60 -17.22 16.27
C GLN G 139 -29.85 -17.84 15.69
N LEU G 140 -30.93 -17.81 16.47
CA LEU G 140 -32.22 -18.39 16.16
C LEU G 140 -33.21 -17.35 15.65
N VAL G 141 -32.86 -16.06 15.75
CA VAL G 141 -33.77 -15.00 15.35
C VAL G 141 -33.92 -14.98 13.83
N GLU G 142 -32.81 -15.18 13.11
CA GLU G 142 -32.89 -15.36 11.67
C GLU G 142 -33.57 -16.67 11.33
N HIS G 143 -33.44 -17.67 12.21
CA HIS G 143 -34.05 -18.95 11.95
C HIS G 143 -35.53 -18.96 12.29
N PHE G 144 -35.98 -18.02 13.13
CA PHE G 144 -37.41 -17.82 13.35
C PHE G 144 -38.08 -17.31 12.09
N PHE G 145 -37.48 -16.30 11.46
CA PHE G 145 -38.10 -15.70 10.29
C PHE G 145 -37.83 -16.51 9.03
N GLN G 146 -36.84 -17.41 9.07
CA GLN G 146 -36.63 -18.30 7.94
C GLN G 146 -37.70 -19.37 7.91
N SER G 147 -38.12 -19.84 9.09
CA SER G 147 -39.17 -20.86 9.17
C SER G 147 -40.55 -20.25 8.95
N LEU G 148 -40.73 -18.99 9.35
CA LEU G 148 -42.00 -18.31 9.12
C LEU G 148 -42.21 -17.98 7.65
N VAL G 149 -41.13 -17.74 6.92
CA VAL G 149 -41.23 -17.39 5.50
C VAL G 149 -41.59 -18.61 4.66
N ASN G 150 -41.03 -19.77 5.00
CA ASN G 150 -41.11 -20.94 4.11
C ASN G 150 -42.50 -21.54 4.08
N THR G 151 -43.28 -21.32 5.14
CA THR G 151 -44.64 -21.88 5.18
C THR G 151 -45.70 -20.83 4.87
N SER G 152 -45.47 -19.57 5.24
CA SER G 152 -46.42 -18.51 4.91
C SER G 152 -46.39 -18.15 3.42
N GLY G 153 -45.26 -18.33 2.75
CA GLY G 153 -45.15 -17.96 1.36
C GLY G 153 -45.11 -16.45 1.16
N MET G 154 -44.10 -15.80 1.74
CA MET G 154 -43.98 -14.35 1.71
C MET G 154 -42.53 -13.98 1.44
N THR G 155 -42.32 -12.83 0.81
CA THR G 155 -41.00 -12.24 0.69
C THR G 155 -40.83 -11.34 1.91
N LEU G 156 -39.64 -11.34 2.52
CA LEU G 156 -39.40 -10.55 3.73
C LEU G 156 -37.99 -10.00 3.72
N HIS G 157 -37.87 -8.68 3.76
CA HIS G 157 -36.58 -8.00 3.87
C HIS G 157 -36.49 -7.34 5.23
N ILE G 158 -35.46 -7.68 6.00
CA ILE G 158 -35.22 -7.11 7.31
C ILE G 158 -33.85 -6.46 7.27
N ARG G 159 -33.79 -5.15 7.53
CA ARG G 159 -32.54 -4.41 7.42
C ARG G 159 -32.30 -3.58 8.66
N GLN G 160 -31.11 -3.75 9.26
CA GLN G 160 -30.69 -2.93 10.40
C GLN G 160 -30.08 -1.63 9.88
N LEU G 161 -30.49 -0.52 10.48
CA LEU G 161 -30.01 0.78 10.05
C LEU G 161 -29.13 1.48 11.08
N ALA G 162 -29.24 1.08 12.35
CA ALA G 162 -28.45 1.63 13.46
C ALA G 162 -28.61 0.76 14.69
N GLY G 163 -27.78 0.96 15.71
CA GLY G 163 -28.08 0.39 17.01
C GLY G 163 -27.13 -0.71 17.43
N LYS G 164 -26.70 -0.64 18.68
CA LYS G 164 -25.88 -1.68 19.30
C LYS G 164 -26.40 -2.04 20.69
N ASN G 165 -27.40 -2.91 20.73
CA ASN G 165 -27.93 -3.49 21.97
C ASN G 165 -28.78 -4.68 21.57
N SER G 166 -28.49 -5.84 22.16
CA SER G 166 -29.09 -7.10 21.72
C SER G 166 -30.59 -7.14 22.01
N HIS G 167 -31.00 -6.67 23.19
CA HIS G 167 -32.42 -6.66 23.52
C HIS G 167 -33.15 -5.56 22.77
N HIS G 168 -32.42 -4.55 22.29
CA HIS G 168 -33.09 -3.45 21.61
C HIS G 168 -33.24 -3.73 20.12
N ILE G 169 -32.32 -4.47 19.53
CA ILE G 169 -32.41 -4.74 18.09
C ILE G 169 -33.49 -5.79 17.82
N ILE G 170 -33.55 -6.83 18.67
CA ILE G 170 -34.54 -7.87 18.47
C ILE G 170 -35.95 -7.35 18.80
N GLU G 171 -36.08 -6.37 19.69
CA GLU G 171 -37.41 -5.86 19.96
C GLU G 171 -37.80 -4.79 18.96
N ALA G 172 -36.84 -4.26 18.21
CA ALA G 172 -37.19 -3.29 17.18
C ALA G 172 -37.64 -3.98 15.89
N THR G 173 -37.26 -5.24 15.69
CA THR G 173 -37.69 -5.96 14.49
C THR G 173 -39.01 -6.71 14.71
N PHE G 174 -39.40 -7.00 15.95
CA PHE G 174 -40.70 -7.58 16.22
C PHE G 174 -41.80 -6.52 16.41
N LYS G 175 -41.44 -5.26 16.62
CA LYS G 175 -42.42 -4.20 16.52
C LYS G 175 -42.65 -3.79 15.07
N ALA G 176 -41.60 -3.87 14.25
CA ALA G 176 -41.70 -3.40 12.86
C ALA G 176 -42.27 -4.48 11.96
N PHE G 177 -42.10 -5.75 12.32
CA PHE G 177 -42.75 -6.82 11.57
C PHE G 177 -44.24 -6.85 11.84
N ALA G 178 -44.65 -6.49 13.06
CA ALA G 178 -46.05 -6.50 13.43
C ALA G 178 -46.81 -5.38 12.74
N ARG G 179 -46.22 -4.18 12.69
CA ARG G 179 -46.88 -3.05 12.05
C ARG G 179 -46.90 -3.21 10.54
N ALA G 180 -45.95 -3.95 9.98
CA ALA G 180 -45.91 -4.20 8.54
C ALA G 180 -46.71 -5.43 8.13
N LEU G 181 -47.19 -6.23 9.09
CA LEU G 181 -48.07 -7.34 8.77
C LEU G 181 -49.54 -6.94 8.89
N ARG G 182 -49.87 -5.98 9.75
CA ARG G 182 -51.22 -5.46 9.82
C ARG G 182 -51.46 -4.35 8.79
N GLN G 183 -50.45 -3.99 8.00
CA GLN G 183 -50.62 -3.06 6.89
C GLN G 183 -50.85 -3.82 5.59
N ALA G 184 -50.29 -5.02 5.48
CA ALA G 184 -50.40 -5.78 4.24
C ALA G 184 -51.74 -6.48 4.12
N THR G 185 -52.08 -7.32 5.11
CA THR G 185 -53.23 -8.19 4.99
C THR G 185 -54.44 -7.68 5.80
N GLU G 186 -54.19 -6.94 6.88
CA GLU G 186 -55.29 -6.56 7.76
C GLU G 186 -56.06 -5.38 7.20
N SER G 187 -55.35 -4.36 6.73
CA SER G 187 -56.02 -3.23 6.11
C SER G 187 -56.45 -3.62 4.69
N ASP G 188 -57.43 -2.87 4.18
CA ASP G 188 -57.99 -3.14 2.86
C ASP G 188 -58.00 -1.88 2.02
N PRO G 189 -57.73 -1.98 0.72
CA PRO G 189 -57.77 -0.80 -0.14
C PRO G 189 -59.19 -0.43 -0.58
N ARG G 190 -59.29 0.55 -1.47
CA ARG G 190 -60.58 1.04 -1.92
C ARG G 190 -61.27 0.07 -2.87
N ARG G 191 -60.52 -0.84 -3.48
CA ARG G 191 -61.11 -1.81 -4.40
C ARG G 191 -61.78 -2.95 -3.62
N GLY G 192 -62.70 -3.64 -4.29
CA GLY G 192 -63.41 -4.72 -3.63
C GLY G 192 -62.77 -6.07 -3.79
N GLY G 193 -62.32 -6.40 -5.00
CA GLY G 193 -61.70 -7.69 -5.26
C GLY G 193 -61.02 -7.76 -6.61
N ARG H 9 25.30 52.93 26.64
CA ARG H 9 24.13 52.06 26.70
C ARG H 9 24.48 50.76 27.42
N ILE H 10 24.20 50.71 28.72
CA ILE H 10 24.59 49.58 29.54
C ILE H 10 23.42 49.16 30.42
N GLY H 11 23.21 47.86 30.52
CA GLY H 11 22.29 47.31 31.50
C GLY H 11 23.01 46.26 32.30
N GLU H 12 22.81 46.30 33.61
CA GLU H 12 23.49 45.37 34.51
C GLU H 12 22.48 44.78 35.46
N VAL H 13 22.46 43.46 35.55
CA VAL H 13 21.52 42.75 36.39
C VAL H 13 22.29 41.76 37.25
N LYS H 14 22.09 41.84 38.57
CA LYS H 14 22.53 40.81 39.51
C LYS H 14 21.29 40.04 39.93
N ARG H 15 21.46 38.72 40.11
CA ARG H 15 20.34 37.86 40.47
C ARG H 15 20.87 36.63 41.19
N GLU H 16 20.35 36.38 42.39
CA GLU H 16 20.82 35.28 43.21
C GLU H 16 19.64 34.56 43.82
N THR H 17 19.61 33.24 43.65
CA THR H 17 18.62 32.37 44.27
C THR H 17 19.34 31.36 45.14
N LYS H 18 18.60 30.37 45.62
CA LYS H 18 19.21 29.31 46.43
C LYS H 18 20.04 28.36 45.59
N GLU H 19 19.88 28.40 44.27
CA GLU H 19 20.60 27.48 43.40
C GLU H 19 21.80 28.15 42.75
N THR H 20 21.63 29.36 42.22
CA THR H 20 22.67 30.04 41.46
C THR H 20 22.92 31.43 42.03
N ASN H 21 24.01 32.03 41.56
CA ASN H 21 24.37 33.42 41.87
C ASN H 21 24.94 34.03 40.60
N VAL H 22 24.15 34.87 39.93
CA VAL H 22 24.42 35.31 38.58
C VAL H 22 24.66 36.81 38.55
N SER H 23 25.77 37.22 37.95
CA SER H 23 26.10 38.63 37.75
C SER H 23 26.31 38.87 36.26
N VAL H 24 25.51 39.78 35.68
CA VAL H 24 25.44 39.98 34.23
C VAL H 24 25.41 41.47 33.92
N LYS H 25 26.25 41.90 32.98
CA LYS H 25 26.26 43.27 32.48
C LYS H 25 26.63 43.29 31.00
N ILE H 26 25.93 44.10 30.21
CA ILE H 26 26.14 44.19 28.76
C ILE H 26 26.24 45.65 28.35
N ASN H 27 27.35 46.00 27.69
CA ASN H 27 27.44 47.21 26.87
C ASN H 27 26.93 46.87 25.48
N LEU H 28 25.82 47.49 25.08
CA LEU H 28 25.23 47.15 23.79
C LEU H 28 25.98 47.83 22.65
N ASP H 29 26.49 49.03 22.87
CA ASP H 29 27.33 49.73 21.91
C ASP H 29 28.77 49.62 22.38
N GLY H 30 29.52 48.69 21.78
CA GLY H 30 30.85 48.41 22.26
C GLY H 30 31.68 47.70 21.23
N HIS H 31 32.71 47.01 21.72
CA HIS H 31 33.71 46.39 20.86
C HIS H 31 33.78 44.90 21.14
N GLY H 32 34.78 44.22 20.56
CA GLY H 32 34.88 42.78 20.71
C GLY H 32 35.55 42.28 21.98
N VAL H 33 35.29 42.94 23.11
CA VAL H 33 35.87 42.51 24.37
C VAL H 33 34.94 41.51 25.05
N SER H 34 35.52 40.51 25.71
CA SER H 34 34.75 39.43 26.29
C SER H 34 35.44 38.91 27.54
N ASP H 35 34.76 39.03 28.68
CA ASP H 35 35.13 38.32 29.89
C ASP H 35 33.86 37.75 30.51
N SER H 36 33.67 36.43 30.35
CA SER H 36 32.43 35.79 30.76
C SER H 36 32.73 34.34 31.11
N SER H 37 32.74 34.04 32.41
CA SER H 37 33.05 32.70 32.89
C SER H 37 31.83 32.16 33.62
N THR H 38 31.09 31.28 32.96
CA THR H 38 30.05 30.51 33.61
C THR H 38 30.63 29.24 34.21
N GLY H 39 29.79 28.50 34.93
CA GLY H 39 30.25 27.29 35.58
C GLY H 39 30.57 26.17 34.61
N ILE H 40 30.00 26.22 33.42
CA ILE H 40 30.22 25.22 32.38
C ILE H 40 30.99 25.84 31.23
N PRO H 41 32.08 25.22 30.77
CA PRO H 41 32.99 25.93 29.86
C PRO H 41 32.50 26.03 28.43
N PHE H 42 31.46 25.28 28.05
CA PHE H 42 31.04 25.35 26.66
C PHE H 42 30.20 26.59 26.36
N LEU H 43 29.46 27.11 27.35
CA LEU H 43 28.83 28.42 27.18
C LEU H 43 29.85 29.53 26.99
N ASP H 44 31.04 29.39 27.58
CA ASP H 44 32.07 30.42 27.47
C ASP H 44 32.58 30.53 26.04
N HIS H 45 32.59 29.42 25.30
CA HIS H 45 32.95 29.48 23.89
C HIS H 45 31.82 30.05 23.04
N MET H 46 30.58 29.99 23.53
CA MET H 46 29.47 30.48 22.73
C MET H 46 29.19 31.95 22.99
N LEU H 47 29.45 32.41 24.23
CA LEU H 47 29.32 33.82 24.54
C LEU H 47 30.48 34.64 23.99
N ASP H 48 31.57 33.99 23.57
CA ASP H 48 32.59 34.68 22.79
C ASP H 48 32.06 35.09 21.42
N GLN H 49 31.11 34.32 20.89
CA GLN H 49 30.64 34.56 19.53
C GLN H 49 29.73 35.78 19.46
N LEU H 50 28.92 35.99 20.50
CA LEU H 50 28.10 37.20 20.54
C LEU H 50 28.86 38.40 21.10
N ALA H 51 30.16 38.26 21.31
CA ALA H 51 31.01 39.40 21.66
C ALA H 51 31.83 39.85 20.45
N SER H 52 32.35 38.90 19.68
CA SER H 52 33.24 39.26 18.57
C SER H 52 32.46 39.50 17.28
N HIS H 53 31.39 38.75 17.06
CA HIS H 53 30.59 38.94 15.85
C HIS H 53 29.42 39.88 16.04
N GLY H 54 28.89 40.01 17.26
CA GLY H 54 27.82 40.94 17.52
C GLY H 54 28.35 42.30 17.92
N LEU H 55 29.64 42.35 18.21
CA LEU H 55 30.37 43.53 18.72
C LEU H 55 29.69 44.09 19.96
N PHE H 56 29.40 43.18 20.89
CA PHE H 56 28.88 43.53 22.20
C PHE H 56 29.98 43.33 23.23
N ASP H 57 29.83 43.99 24.37
CA ASP H 57 30.70 43.79 25.51
C ASP H 57 29.87 43.14 26.60
N VAL H 58 29.99 41.83 26.73
CA VAL H 58 29.19 41.05 27.66
C VAL H 58 30.07 40.57 28.81
N HIS H 59 29.55 40.68 30.03
CA HIS H 59 30.26 40.27 31.24
C HIS H 59 29.34 39.41 32.07
N VAL H 60 29.67 38.11 32.17
CA VAL H 60 28.85 37.15 32.89
C VAL H 60 29.72 36.49 33.96
N ARG H 61 29.25 36.51 35.20
CA ARG H 61 29.86 35.72 36.27
C ARG H 61 28.73 34.96 36.97
N ALA H 62 28.76 33.64 36.87
CA ALA H 62 27.73 32.79 37.46
C ALA H 62 28.38 31.67 38.25
N THR H 63 27.91 31.46 39.48
CA THR H 63 28.30 30.33 40.30
C THR H 63 27.04 29.55 40.63
N GLY H 64 27.02 28.26 40.25
CA GLY H 64 25.84 27.47 40.43
C GLY H 64 26.17 26.02 40.70
N ASP H 65 25.11 25.23 40.87
CA ASP H 65 25.23 23.84 41.29
C ASP H 65 25.43 22.95 40.07
N THR H 66 26.67 22.85 39.59
CA THR H 66 27.01 21.83 38.61
C THR H 66 27.37 20.50 39.27
N HIS H 67 27.21 20.41 40.59
CA HIS H 67 27.23 19.13 41.30
C HIS H 67 26.07 18.25 40.85
N ILE H 68 24.97 18.86 40.45
CA ILE H 68 23.83 18.20 39.82
C ILE H 68 23.83 18.69 38.38
N ASP H 69 22.81 18.30 37.60
CA ASP H 69 22.70 18.66 36.19
C ASP H 69 22.78 20.16 35.91
N ASP H 70 23.21 20.52 34.70
CA ASP H 70 23.48 21.91 34.34
C ASP H 70 22.23 22.70 33.94
N HIS H 71 21.03 22.16 34.16
CA HIS H 71 19.81 22.83 33.72
C HIS H 71 19.56 24.11 34.51
N HIS H 72 19.95 24.12 35.79
CA HIS H 72 19.61 25.23 36.68
C HIS H 72 20.49 26.44 36.42
N THR H 73 21.78 26.22 36.17
CA THR H 73 22.69 27.32 35.94
C THR H 73 22.74 27.77 34.48
N ASN H 74 21.87 27.21 33.63
CA ASN H 74 21.76 27.70 32.26
C ASN H 74 20.52 28.57 32.10
N GLU H 75 19.48 28.29 32.88
CA GLU H 75 18.31 29.17 32.93
C GLU H 75 18.71 30.54 33.44
N ASP H 76 19.35 30.58 34.60
CA ASP H 76 19.58 31.83 35.32
C ASP H 76 20.64 32.70 34.65
N VAL H 77 21.51 32.11 33.84
CA VAL H 77 22.35 32.94 32.97
C VAL H 77 21.51 33.55 31.86
N ALA H 78 20.69 32.72 31.21
CA ALA H 78 19.94 33.17 30.04
C ALA H 78 18.80 34.10 30.43
N LEU H 79 18.25 33.94 31.63
CA LEU H 79 17.25 34.88 32.11
C LEU H 79 17.86 36.23 32.44
N ALA H 80 19.13 36.23 32.88
CA ALA H 80 19.75 37.48 33.30
C ALA H 80 20.29 38.28 32.11
N ILE H 81 20.61 37.61 31.00
CA ILE H 81 21.02 38.32 29.80
C ILE H 81 19.85 39.09 29.21
N GLY H 82 18.65 38.52 29.28
CA GLY H 82 17.47 39.17 28.75
C GLY H 82 17.00 40.37 29.54
N THR H 83 17.03 40.28 30.87
CA THR H 83 16.66 41.42 31.70
C THR H 83 17.69 42.53 31.58
N ALA H 84 18.96 42.16 31.39
CA ALA H 84 19.98 43.16 31.10
C ALA H 84 19.78 43.78 29.72
N LEU H 85 19.27 43.00 28.76
CA LEU H 85 19.07 43.51 27.41
C LEU H 85 17.80 44.34 27.30
N LEU H 86 16.78 44.03 28.11
CA LEU H 86 15.62 44.91 28.19
C LEU H 86 15.97 46.21 28.91
N LYS H 87 16.90 46.14 29.87
CA LYS H 87 17.33 47.36 30.55
C LYS H 87 18.39 48.12 29.76
N ALA H 88 19.07 47.45 28.83
CA ALA H 88 19.99 48.15 27.95
C ALA H 88 19.23 49.05 26.98
N LEU H 89 18.21 48.51 26.32
CA LEU H 89 17.28 49.34 25.59
C LEU H 89 16.43 50.16 26.55
N GLY H 90 15.89 51.26 26.05
CA GLY H 90 14.97 52.07 26.82
C GLY H 90 13.60 52.09 26.19
N GLU H 91 13.01 53.28 26.13
CA GLU H 91 11.92 53.51 25.20
C GLU H 91 12.47 53.36 23.79
N ARG H 92 12.01 52.33 23.08
CA ARG H 92 12.63 51.94 21.82
C ARG H 92 12.35 52.99 20.75
N LYS H 93 13.37 53.74 20.38
CA LYS H 93 13.22 54.86 19.46
C LYS H 93 14.45 54.97 18.58
N GLY H 94 14.23 54.99 17.27
CA GLY H 94 15.30 55.22 16.33
C GLY H 94 16.18 54.02 16.06
N ILE H 95 15.64 52.82 16.19
CA ILE H 95 16.36 51.60 15.88
C ILE H 95 15.70 50.91 14.70
N ASN H 96 16.42 49.99 14.07
CA ASN H 96 15.90 49.29 12.89
C ASN H 96 14.79 48.32 13.27
N ARG H 97 14.92 47.67 14.43
CA ARG H 97 13.94 46.80 15.10
C ARG H 97 13.79 45.43 14.40
N PHE H 98 14.34 45.27 13.21
CA PHE H 98 14.30 43.99 12.51
C PHE H 98 15.71 43.50 12.27
N GLY H 99 15.97 42.27 12.65
CA GLY H 99 17.28 41.66 12.43
C GLY H 99 17.12 40.28 11.84
N ASP H 100 17.63 40.11 10.63
CA ASP H 100 17.59 38.82 9.96
C ASP H 100 18.96 38.55 9.36
N PHE H 101 19.40 37.30 9.50
CA PHE H 101 20.73 36.94 9.02
C PHE H 101 20.82 35.43 8.93
N THR H 102 21.57 34.96 7.93
CA THR H 102 21.93 33.54 7.83
C THR H 102 23.44 33.43 7.74
N ALA H 103 24.00 32.41 8.39
CA ALA H 103 25.45 32.31 8.58
C ALA H 103 25.93 30.89 8.39
N PRO H 104 26.80 30.61 7.43
CA PRO H 104 27.29 29.24 7.27
C PRO H 104 28.46 28.97 8.20
N LEU H 105 28.47 27.78 8.77
CA LEU H 105 29.71 27.14 9.14
C LEU H 105 29.91 26.07 8.08
N ASP H 106 30.87 25.17 8.28
CA ASP H 106 31.04 24.03 7.39
C ASP H 106 29.76 23.20 7.36
N GLU H 107 29.19 23.09 6.17
CA GLU H 107 28.01 22.30 5.75
C GLU H 107 26.68 22.72 6.39
N ALA H 108 26.69 23.66 7.32
CA ALA H 108 25.51 23.95 8.12
C ALA H 108 25.09 25.40 7.96
N LEU H 109 23.80 25.61 7.70
CA LEU H 109 23.18 26.91 7.65
C LEU H 109 22.13 27.05 8.74
N ILE H 110 22.16 28.16 9.46
CA ILE H 110 21.09 28.55 10.36
C ILE H 110 20.58 29.91 9.88
N HIS H 111 19.26 30.05 9.83
CA HIS H 111 18.63 31.34 9.55
C HIS H 111 17.95 31.84 10.82
N VAL H 112 18.38 33.02 11.29
CA VAL H 112 17.86 33.62 12.51
C VAL H 112 17.20 34.95 12.17
N SER H 113 15.95 35.10 12.59
CA SER H 113 15.18 36.33 12.41
C SER H 113 14.62 36.75 13.75
N LEU H 114 14.54 38.06 13.99
CA LEU H 114 14.09 38.53 15.30
C LEU H 114 13.39 39.88 15.20
N ASP H 115 12.71 40.28 16.29
CA ASP H 115 11.75 41.39 16.22
C ASP H 115 11.94 42.44 17.32
N LEU H 116 12.32 42.04 18.54
CA LEU H 116 12.62 42.95 19.66
C LEU H 116 11.50 43.94 20.01
N SER H 117 10.24 43.52 19.91
CA SER H 117 9.14 44.43 20.17
C SER H 117 8.14 43.78 21.12
N GLY H 118 8.40 43.87 22.42
CA GLY H 118 7.38 43.59 23.41
C GLY H 118 7.02 42.12 23.58
N ARG H 119 6.55 41.50 22.51
CA ARG H 119 5.92 40.19 22.54
C ARG H 119 6.97 39.07 22.45
N PRO H 120 6.96 38.11 23.38
CA PRO H 120 7.94 37.02 23.33
C PRO H 120 7.44 35.81 22.53
N TYR H 121 8.30 35.28 21.68
CA TYR H 121 8.03 34.05 20.96
C TYR H 121 9.36 33.38 20.61
N LEU H 122 9.36 32.05 20.59
CA LEU H 122 10.51 31.28 20.11
C LEU H 122 10.05 30.19 19.17
N GLY H 123 10.49 30.25 17.92
CA GLY H 123 10.36 29.13 17.01
C GLY H 123 11.69 28.44 16.85
N TYR H 124 11.69 27.12 17.05
CA TYR H 124 12.94 26.35 17.14
C TYR H 124 12.79 25.12 16.26
N ASN H 125 13.64 25.01 15.24
CA ASN H 125 13.55 23.91 14.30
C ASN H 125 14.85 23.11 14.17
N LEU H 126 15.82 23.34 15.05
CA LEU H 126 17.07 22.60 15.02
C LEU H 126 16.89 21.17 15.50
N GLU H 127 17.71 20.28 14.95
CA GLU H 127 17.76 18.88 15.35
C GLU H 127 19.23 18.48 15.42
N ILE H 128 19.73 18.29 16.63
CA ILE H 128 21.13 17.98 16.88
C ILE H 128 21.24 16.46 16.95
N PRO H 129 22.17 15.83 16.23
CA PRO H 129 22.21 14.36 16.24
C PRO H 129 22.71 13.74 17.54
N THR H 130 23.77 14.28 18.13
CA THR H 130 24.33 13.68 19.34
C THR H 130 23.70 14.29 20.59
N GLN H 131 24.04 13.70 21.74
CA GLN H 131 23.42 14.10 22.99
C GLN H 131 24.32 14.93 23.89
N ARG H 132 25.64 14.86 23.71
CA ARG H 132 26.56 15.77 24.38
C ARG H 132 27.48 16.37 23.33
N VAL H 133 27.97 17.58 23.60
CA VAL H 133 28.92 18.17 22.66
C VAL H 133 30.33 17.94 23.16
N GLY H 134 30.70 18.59 24.27
CA GLY H 134 31.80 18.06 25.05
C GLY H 134 31.31 17.43 26.33
N THR H 135 30.58 18.24 27.09
CA THR H 135 29.89 17.83 28.29
C THR H 135 28.57 18.58 28.44
N TYR H 136 28.17 19.33 27.41
CA TYR H 136 26.98 20.16 27.45
C TYR H 136 25.80 19.35 26.97
N ASP H 137 24.67 19.47 27.67
CA ASP H 137 23.61 18.48 27.60
C ASP H 137 22.78 18.55 26.32
N THR H 138 22.94 19.60 25.51
CA THR H 138 22.53 19.73 24.10
C THR H 138 21.01 19.84 23.94
N GLN H 139 20.26 19.59 25.01
CA GLN H 139 18.83 19.81 25.07
C GLN H 139 18.53 21.14 25.73
N LEU H 140 19.58 21.87 26.08
CA LEU H 140 19.56 23.14 26.77
C LEU H 140 19.71 24.32 25.83
N VAL H 141 20.04 24.06 24.56
CA VAL H 141 20.27 25.13 23.58
C VAL H 141 18.94 25.81 23.24
N GLU H 142 17.88 25.01 23.07
CA GLU H 142 16.55 25.58 22.91
C GLU H 142 16.09 26.24 24.21
N HIS H 143 16.57 25.72 25.34
CA HIS H 143 16.17 26.29 26.62
C HIS H 143 16.94 27.55 26.95
N PHE H 144 18.11 27.75 26.33
CA PHE H 144 18.83 29.01 26.43
C PHE H 144 18.04 30.13 25.75
N PHE H 145 17.56 29.86 24.54
CA PHE H 145 16.87 30.90 23.79
C PHE H 145 15.42 31.02 24.22
N GLN H 146 14.88 30.02 24.92
CA GLN H 146 13.55 30.17 25.47
C GLN H 146 13.55 31.09 26.67
N SER H 147 14.63 31.03 27.47
CA SER H 147 14.75 31.90 28.63
C SER H 147 15.16 33.31 28.22
N LEU H 148 15.93 33.44 27.14
CA LEU H 148 16.32 34.75 26.66
C LEU H 148 15.15 35.48 26.03
N VAL H 149 14.20 34.75 25.44
CA VAL H 149 13.06 35.37 24.78
C VAL H 149 12.07 35.92 25.82
N ASN H 150 11.87 35.19 26.92
CA ASN H 150 10.77 35.47 27.83
C ASN H 150 11.02 36.75 28.63
N THR H 151 12.28 37.12 28.81
CA THR H 151 12.59 38.32 29.57
C THR H 151 12.93 39.50 28.67
N SER H 152 13.55 39.25 27.52
CA SER H 152 13.85 40.34 26.58
C SER H 152 12.61 40.86 25.89
N GLY H 153 11.59 40.03 25.71
CA GLY H 153 10.40 40.45 25.00
C GLY H 153 10.63 40.60 23.51
N MET H 154 11.02 39.50 22.85
CA MET H 154 11.35 39.51 21.44
C MET H 154 10.76 38.27 20.78
N THR H 155 10.43 38.39 19.49
CA THR H 155 10.08 37.24 18.68
C THR H 155 11.38 36.73 18.08
N LEU H 156 11.55 35.39 18.02
CA LEU H 156 12.78 34.82 17.52
C LEU H 156 12.48 33.54 16.75
N HIS H 157 12.85 33.52 15.47
CA HIS H 157 12.73 32.32 14.64
C HIS H 157 14.12 31.81 14.30
N ILE H 158 14.39 30.55 14.65
CA ILE H 158 15.66 29.91 14.37
C ILE H 158 15.36 28.69 13.51
N ARG H 159 15.96 28.64 12.31
CA ARG H 159 15.66 27.57 11.37
C ARG H 159 16.94 26.97 10.83
N GLN H 160 17.06 25.65 10.93
CA GLN H 160 18.18 24.91 10.36
C GLN H 160 17.89 24.63 8.88
N LEU H 161 18.87 24.88 8.03
CA LEU H 161 18.70 24.69 6.60
C LEU H 161 19.55 23.56 6.04
N ALA H 162 20.62 23.17 6.73
CA ALA H 162 21.52 22.10 6.34
C ALA H 162 22.44 21.73 7.50
N GLY H 163 23.15 20.62 7.39
CA GLY H 163 24.27 20.40 8.30
C GLY H 163 24.04 19.28 9.30
N LYS H 164 25.06 18.45 9.46
CA LYS H 164 25.06 17.39 10.46
C LYS H 164 26.39 17.35 11.22
N ASN H 165 26.50 18.20 12.24
CA ASN H 165 27.62 18.22 13.17
C ASN H 165 27.20 19.06 14.37
N SER H 166 27.32 18.49 15.56
CA SER H 166 26.76 19.12 16.76
C SER H 166 27.48 20.40 17.12
N HIS H 167 28.82 20.42 17.02
CA HIS H 167 29.57 21.63 17.32
C HIS H 167 29.43 22.65 16.22
N HIS H 168 29.06 22.22 15.01
CA HIS H 168 28.96 23.16 13.91
C HIS H 168 27.58 23.81 13.85
N ILE H 169 26.53 23.10 14.26
CA ILE H 169 25.19 23.68 14.20
C ILE H 169 25.00 24.69 15.32
N ILE H 170 25.49 24.38 16.52
CA ILE H 170 25.33 25.29 17.64
C ILE H 170 26.22 26.53 17.46
N GLU H 171 27.35 26.41 16.76
CA GLU H 171 28.16 27.59 16.55
C GLU H 171 27.68 28.40 15.35
N ALA H 172 26.85 27.80 14.51
CA ALA H 172 26.29 28.55 13.39
C ALA H 172 25.08 29.38 13.82
N THR H 173 24.41 29.00 14.92
CA THR H 173 23.28 29.77 15.40
C THR H 173 23.68 30.86 16.38
N PHE H 174 24.85 30.76 17.02
CA PHE H 174 25.35 31.86 17.85
C PHE H 174 26.16 32.88 17.07
N LYS H 175 26.59 32.57 15.85
CA LYS H 175 27.12 33.62 14.98
C LYS H 175 25.99 34.36 14.28
N ALA H 176 24.88 33.67 13.99
CA ALA H 176 23.80 34.28 13.23
C ALA H 176 22.85 35.06 14.14
N PHE H 177 22.78 34.68 15.42
CA PHE H 177 22.00 35.46 16.37
C PHE H 177 22.71 36.75 16.71
N ALA H 178 24.04 36.72 16.72
CA ALA H 178 24.82 37.91 17.06
C ALA H 178 24.76 38.94 15.95
N ARG H 179 24.86 38.50 14.70
CA ARG H 179 24.81 39.42 13.57
C ARG H 179 23.40 39.97 13.36
N ALA H 180 22.39 39.22 13.78
CA ALA H 180 21.01 39.68 13.67
C ALA H 180 20.54 40.47 14.88
N LEU H 181 21.33 40.52 15.96
CA LEU H 181 21.02 41.37 17.08
C LEU H 181 21.70 42.72 16.98
N ARG H 182 22.85 42.80 16.33
CA ARG H 182 23.49 44.09 16.07
C ARG H 182 22.96 44.74 14.80
N GLN H 183 22.02 44.11 14.11
CA GLN H 183 21.33 44.73 12.98
C GLN H 183 20.01 45.35 13.43
N ALA H 184 19.39 44.77 14.47
CA ALA H 184 18.10 45.25 14.91
C ALA H 184 18.22 46.49 15.79
N THR H 185 18.99 46.40 16.87
CA THR H 185 19.00 47.46 17.87
C THR H 185 20.26 48.33 17.78
N GLU H 186 21.37 47.77 17.28
CA GLU H 186 22.62 48.50 17.32
C GLU H 186 22.69 49.51 16.19
N SER H 187 22.33 49.10 14.97
CA SER H 187 22.29 50.03 13.87
C SER H 187 21.05 50.90 13.96
N ASP H 188 21.09 52.06 13.29
CA ASP H 188 20.00 53.02 13.33
C ASP H 188 19.60 53.42 11.92
N PRO H 189 18.31 53.63 11.67
CA PRO H 189 17.88 54.05 10.34
C PRO H 189 18.04 55.55 10.12
N ARG H 190 17.53 56.03 8.98
CA ARG H 190 17.69 57.44 8.63
C ARG H 190 16.76 58.35 9.44
N ARG H 191 15.72 57.79 10.04
CA ARG H 191 14.81 58.59 10.85
C ARG H 191 15.40 58.84 12.23
N GLY H 192 14.90 59.89 12.89
CA GLY H 192 15.41 60.25 14.20
C GLY H 192 14.69 59.60 15.35
N GLY H 193 13.36 59.58 15.31
CA GLY H 193 12.57 58.98 16.37
C GLY H 193 11.11 58.83 16.02
N ARG I 9 59.58 -24.02 4.71
CA ARG I 9 58.39 -23.71 5.49
C ARG I 9 57.31 -24.76 5.26
N ILE I 10 57.26 -25.76 6.13
CA ILE I 10 56.35 -26.89 5.94
C ILE I 10 55.65 -27.18 7.27
N GLY I 11 54.36 -27.44 7.17
CA GLY I 11 53.60 -27.97 8.29
C GLY I 11 52.87 -29.21 7.85
N GLU I 12 52.93 -30.25 8.68
CA GLU I 12 52.31 -31.52 8.33
C GLU I 12 51.50 -32.00 9.52
N VAL I 13 50.23 -32.34 9.25
CA VAL I 13 49.32 -32.78 10.29
C VAL I 13 48.67 -34.09 9.83
N LYS I 14 48.77 -35.11 10.68
CA LYS I 14 47.99 -36.32 10.55
C LYS I 14 46.88 -36.29 11.59
N ARG I 15 45.71 -36.79 11.24
CA ARG I 15 44.56 -36.76 12.13
C ARG I 15 43.60 -37.87 11.76
N GLU I 16 43.27 -38.72 12.73
CA GLU I 16 42.42 -39.88 12.48
C GLU I 16 41.41 -40.00 13.61
N THR I 17 40.14 -40.11 13.23
CA THR I 17 39.05 -40.37 14.15
C THR I 17 38.36 -41.66 13.75
N LYS I 18 37.22 -41.94 14.37
CA LYS I 18 36.45 -43.13 14.02
C LYS I 18 35.75 -42.98 12.67
N GLU I 19 35.66 -41.76 12.15
CA GLU I 19 34.96 -41.52 10.90
C GLU I 19 35.92 -41.37 9.73
N THR I 20 37.00 -40.59 9.91
CA THR I 20 37.91 -40.28 8.82
C THR I 20 39.35 -40.61 9.23
N ASN I 21 40.23 -40.57 8.24
CA ASN I 21 41.66 -40.74 8.42
C ASN I 21 42.35 -39.77 7.46
N VAL I 22 42.86 -38.66 7.99
CA VAL I 22 43.28 -37.52 7.19
C VAL I 22 44.78 -37.30 7.33
N SER I 23 45.49 -37.22 6.21
CA SER I 23 46.91 -36.89 6.16
C SER I 23 47.11 -35.65 5.30
N VAL I 24 47.69 -34.62 5.89
CA VAL I 24 47.77 -33.28 5.28
C VAL I 24 49.16 -32.69 5.51
N LYS I 25 49.77 -32.17 4.44
CA LYS I 25 51.05 -31.47 4.52
C LYS I 25 51.09 -30.36 3.47
N ILE I 26 51.60 -29.19 3.86
CA ILE I 26 51.67 -28.02 2.98
C ILE I 26 53.06 -27.40 3.03
N ASN I 27 53.69 -27.27 1.86
CA ASN I 27 54.82 -26.37 1.67
C ASN I 27 54.26 -24.99 1.32
N LEU I 28 54.48 -24.01 2.20
CA LEU I 28 53.90 -22.69 1.96
C LEU I 28 54.71 -21.92 0.93
N ASP I 29 56.02 -22.11 0.91
CA ASP I 29 56.88 -21.52 -0.10
C ASP I 29 57.25 -22.60 -1.11
N GLY I 30 56.56 -22.61 -2.24
CA GLY I 30 56.74 -23.71 -3.18
C GLY I 30 56.25 -23.34 -4.56
N HIS I 31 55.94 -24.38 -5.33
CA HIS I 31 55.61 -24.22 -6.74
C HIS I 31 54.24 -24.80 -7.02
N GLY I 32 53.87 -24.90 -8.30
CA GLY I 32 52.54 -25.36 -8.65
C GLY I 32 52.35 -26.87 -8.69
N VAL I 33 52.96 -27.60 -7.76
CA VAL I 33 52.81 -29.04 -7.72
C VAL I 33 51.61 -29.40 -6.84
N SER I 34 50.88 -30.44 -7.23
CA SER I 34 49.65 -30.81 -6.56
C SER I 34 49.45 -32.31 -6.64
N ASP I 35 49.42 -32.96 -5.48
CA ASP I 35 48.92 -34.33 -5.34
C ASP I 35 48.02 -34.39 -4.12
N SER I 36 46.72 -34.43 -4.35
CA SER I 36 45.75 -34.35 -3.27
C SER I 36 44.48 -35.08 -3.69
N SER I 37 44.28 -36.26 -3.12
CA SER I 37 43.13 -37.10 -3.46
C SER I 37 42.28 -37.27 -2.20
N THR I 38 41.18 -36.55 -2.14
CA THR I 38 40.17 -36.79 -1.13
C THR I 38 39.18 -37.84 -1.62
N GLY I 39 38.26 -38.22 -0.73
CA GLY I 39 37.29 -39.24 -1.09
C GLY I 39 36.27 -38.78 -2.10
N ILE I 40 36.07 -37.47 -2.21
CA ILE I 40 35.12 -36.88 -3.16
C ILE I 40 35.89 -36.11 -4.22
N PRO I 41 35.61 -36.34 -5.50
CA PRO I 41 36.50 -35.83 -6.54
C PRO I 41 36.36 -34.35 -6.82
N PHE I 42 35.32 -33.69 -6.33
CA PHE I 42 35.16 -32.29 -6.66
C PHE I 42 36.06 -31.40 -5.82
N LEU I 43 36.40 -31.80 -4.59
CA LEU I 43 37.42 -31.10 -3.82
C LEU I 43 38.78 -31.18 -4.51
N ASP I 44 39.06 -32.26 -5.23
CA ASP I 44 40.34 -32.43 -5.90
C ASP I 44 40.52 -31.40 -7.02
N HIS I 45 39.42 -31.00 -7.67
CA HIS I 45 39.51 -29.93 -8.66
C HIS I 45 39.64 -28.56 -8.00
N MET I 46 39.24 -28.42 -6.73
CA MET I 46 39.31 -27.12 -6.09
C MET I 46 40.64 -26.93 -5.37
N LEU I 47 41.24 -28.01 -4.86
CA LEU I 47 42.55 -27.94 -4.26
C LEU I 47 43.66 -27.83 -5.31
N ASP I 48 43.34 -28.09 -6.57
CA ASP I 48 44.26 -27.75 -7.66
C ASP I 48 44.41 -26.24 -7.79
N GLN I 49 43.36 -25.50 -7.46
CA GLN I 49 43.36 -24.06 -7.68
C GLN I 49 44.23 -23.34 -6.67
N LEU I 50 44.24 -23.82 -5.42
CA LEU I 50 45.13 -23.23 -4.43
C LEU I 50 46.54 -23.82 -4.49
N ALA I 51 46.83 -24.63 -5.51
CA ALA I 51 48.19 -25.09 -5.77
C ALA I 51 48.80 -24.34 -6.94
N SER I 52 48.01 -24.10 -7.99
CA SER I 52 48.56 -23.48 -9.20
C SER I 52 48.48 -21.96 -9.14
N HIS I 53 47.42 -21.42 -8.53
CA HIS I 53 47.28 -19.97 -8.42
C HIS I 53 47.83 -19.41 -7.13
N GLY I 54 47.85 -20.19 -6.07
CA GLY I 54 48.43 -19.73 -4.81
C GLY I 54 49.90 -20.04 -4.73
N LEU I 55 50.36 -20.89 -5.65
CA LEU I 55 51.73 -21.40 -5.72
C LEU I 55 52.14 -22.06 -4.40
N PHE I 56 51.24 -22.91 -3.91
CA PHE I 56 51.49 -23.74 -2.74
C PHE I 56 51.70 -25.17 -3.19
N ASP I 57 52.36 -25.95 -2.34
CA ASP I 57 52.50 -27.39 -2.54
C ASP I 57 51.69 -28.09 -1.46
N VAL I 58 50.49 -28.52 -1.81
CA VAL I 58 49.55 -29.11 -0.86
C VAL I 58 49.44 -30.60 -1.14
N HIS I 59 49.45 -31.39 -0.07
CA HIS I 59 49.36 -32.85 -0.16
C HIS I 59 48.30 -33.32 0.81
N VAL I 60 47.19 -33.82 0.29
CA VAL I 60 46.06 -34.27 1.09
C VAL I 60 45.77 -35.72 0.75
N ARG I 61 45.71 -36.58 1.76
CA ARG I 61 45.21 -37.94 1.61
C ARG I 61 44.19 -38.18 2.71
N ALA I 62 42.94 -38.38 2.32
CA ALA I 62 41.86 -38.59 3.27
C ALA I 62 41.03 -39.80 2.85
N THR I 63 40.76 -40.68 3.81
CA THR I 63 39.85 -41.81 3.62
C THR I 63 38.74 -41.66 4.65
N GLY I 64 37.50 -41.60 4.17
CA GLY I 64 36.40 -41.37 5.06
C GLY I 64 35.14 -42.05 4.57
N ASP I 65 34.07 -41.86 5.34
CA ASP I 65 32.81 -42.57 5.11
C ASP I 65 31.95 -41.79 4.13
N THR I 66 32.22 -41.96 2.83
CA THR I 66 31.29 -41.49 1.82
C THR I 66 30.18 -42.49 1.53
N HIS I 67 30.12 -43.58 2.30
CA HIS I 67 28.96 -44.46 2.33
C HIS I 67 27.73 -43.72 2.86
N ILE I 68 27.95 -42.73 3.73
CA ILE I 68 26.93 -41.80 4.20
C ILE I 68 27.31 -40.46 3.61
N ASP I 69 26.59 -39.40 3.97
CA ASP I 69 26.80 -38.05 3.44
C ASP I 69 28.24 -37.55 3.59
N ASP I 70 28.64 -36.62 2.72
CA ASP I 70 30.02 -36.15 2.65
C ASP I 70 30.36 -35.07 3.67
N HIS I 71 29.50 -34.83 4.66
CA HIS I 71 29.73 -33.75 5.61
C HIS I 71 30.91 -34.06 6.52
N HIS I 72 31.11 -35.34 6.84
CA HIS I 72 32.11 -35.72 7.83
C HIS I 72 33.52 -35.65 7.26
N THR I 73 33.70 -36.08 6.01
CA THR I 73 35.02 -36.06 5.39
C THR I 73 35.36 -34.75 4.73
N ASN I 74 34.52 -33.73 4.91
CA ASN I 74 34.85 -32.39 4.43
C ASN I 74 35.30 -31.50 5.58
N GLU I 75 34.75 -31.75 6.78
CA GLU I 75 35.24 -31.09 7.98
C GLU I 75 36.69 -31.43 8.24
N ASP I 76 37.00 -32.72 8.30
CA ASP I 76 38.29 -33.20 8.75
C ASP I 76 39.40 -32.92 7.76
N VAL I 77 39.08 -32.73 6.47
CA VAL I 77 40.07 -32.20 5.54
C VAL I 77 40.32 -30.74 5.83
N ALA I 78 39.24 -29.96 5.99
CA ALA I 78 39.38 -28.51 6.14
C ALA I 78 39.92 -28.13 7.52
N LEU I 79 39.66 -28.95 8.52
CA LEU I 79 40.27 -28.72 9.84
C LEU I 79 41.77 -29.01 9.80
N ALA I 80 42.19 -29.97 8.98
CA ALA I 80 43.59 -30.36 8.95
C ALA I 80 44.44 -29.42 8.11
N ILE I 81 43.84 -28.76 7.13
CA ILE I 81 44.57 -27.76 6.34
C ILE I 81 44.90 -26.56 7.22
N GLY I 82 44.00 -26.18 8.12
CA GLY I 82 44.22 -25.04 8.99
C GLY I 82 45.26 -25.26 10.06
N THR I 83 45.26 -26.44 10.69
CA THR I 83 46.29 -26.77 11.68
C THR I 83 47.65 -26.91 11.02
N ALA I 84 47.68 -27.40 9.78
CA ALA I 84 48.93 -27.40 9.03
C ALA I 84 49.37 -26.01 8.66
N LEU I 85 48.41 -25.10 8.41
CA LEU I 85 48.76 -23.74 8.03
C LEU I 85 49.14 -22.89 9.23
N LEU I 86 48.59 -23.18 10.41
CA LEU I 86 49.06 -22.55 11.63
C LEU I 86 50.44 -23.06 12.01
N LYS I 87 50.73 -24.33 11.69
CA LYS I 87 52.06 -24.87 11.97
C LYS I 87 53.06 -24.51 10.88
N ALA I 88 52.58 -24.16 9.68
CA ALA I 88 53.48 -23.68 8.64
C ALA I 88 54.04 -22.31 9.02
N LEU I 89 53.18 -21.39 9.40
CA LEU I 89 53.63 -20.15 10.00
C LEU I 89 54.20 -20.43 11.39
N GLY I 90 55.06 -19.53 11.86
CA GLY I 90 55.59 -19.60 13.19
C GLY I 90 55.14 -18.41 14.03
N GLU I 91 56.08 -17.86 14.77
CA GLU I 91 55.91 -16.50 15.27
C GLU I 91 55.86 -15.57 14.07
N ARG I 92 54.70 -14.96 13.85
CA ARG I 92 54.44 -14.23 12.62
C ARG I 92 55.28 -12.95 12.57
N LYS I 93 56.30 -12.96 11.71
CA LYS I 93 57.25 -11.87 11.65
C LYS I 93 57.69 -11.65 10.21
N GLY I 94 57.56 -10.41 9.75
CA GLY I 94 58.05 -10.04 8.43
C GLY I 94 57.17 -10.46 7.28
N ILE I 95 55.86 -10.56 7.51
CA ILE I 95 54.91 -10.88 6.46
C ILE I 95 53.99 -9.69 6.27
N ASN I 96 53.30 -9.66 5.12
CA ASN I 96 52.41 -8.56 4.81
C ASN I 96 51.17 -8.56 5.68
N ARG I 97 50.65 -9.76 6.01
CA ARG I 97 49.56 -10.06 6.94
C ARG I 97 48.19 -9.68 6.39
N PHE I 98 48.13 -8.92 5.30
CA PHE I 98 46.86 -8.57 4.68
C PHE I 98 46.81 -9.11 3.26
N GLY I 99 45.73 -9.81 2.95
CA GLY I 99 45.56 -10.33 1.60
C GLY I 99 44.16 -10.04 1.11
N ASP I 100 44.08 -9.26 0.04
CA ASP I 100 42.81 -8.94 -0.58
C ASP I 100 42.94 -9.10 -2.07
N PHE I 101 41.90 -9.66 -2.68
CA PHE I 101 41.93 -9.94 -4.11
C PHE I 101 40.52 -10.21 -4.59
N THR I 102 40.24 -9.79 -5.82
CA THR I 102 39.01 -10.17 -6.51
C THR I 102 39.36 -10.80 -7.85
N ALA I 103 38.61 -11.81 -8.23
CA ALA I 103 38.98 -12.67 -9.36
C ALA I 103 37.76 -13.02 -10.20
N PRO I 104 37.71 -12.64 -11.47
CA PRO I 104 36.55 -13.01 -12.29
C PRO I 104 36.70 -14.41 -12.86
N LEU I 105 35.61 -15.15 -12.86
CA LEU I 105 35.41 -16.17 -13.86
C LEU I 105 34.39 -15.56 -14.83
N ASP I 106 33.84 -16.36 -15.74
CA ASP I 106 32.75 -15.90 -16.60
C ASP I 106 31.58 -15.46 -15.75
N GLU I 107 31.22 -14.18 -15.89
CA GLU I 107 30.09 -13.44 -15.31
C GLU I 107 30.12 -13.30 -13.79
N ALA I 108 31.07 -13.92 -13.10
CA ALA I 108 31.02 -14.01 -11.64
C ALA I 108 32.26 -13.38 -11.03
N LEU I 109 32.04 -12.52 -10.03
CA LEU I 109 33.09 -11.92 -9.22
C LEU I 109 32.96 -12.36 -7.77
N ILE I 110 34.08 -12.76 -7.18
CA ILE I 110 34.17 -12.97 -5.75
C ILE I 110 35.26 -12.05 -5.23
N HIS I 111 34.99 -11.37 -4.12
CA HIS I 111 36.00 -10.57 -3.43
C HIS I 111 36.35 -11.26 -2.12
N VAL I 112 37.61 -11.63 -1.96
CA VAL I 112 38.11 -12.31 -0.77
C VAL I 112 39.13 -11.45 -0.07
N SER I 113 38.93 -11.21 1.23
CA SER I 113 39.84 -10.44 2.06
C SER I 113 40.16 -11.25 3.30
N LEU I 114 41.39 -11.16 3.81
CA LEU I 114 41.78 -12.00 4.94
C LEU I 114 42.84 -11.31 5.80
N ASP I 115 43.07 -11.85 7.00
CA ASP I 115 43.81 -11.13 8.03
C ASP I 115 44.94 -11.96 8.66
N LEU I 116 44.75 -13.27 8.87
CA LEU I 116 45.78 -14.20 9.40
C LEU I 116 46.38 -13.77 10.74
N SER I 117 45.60 -13.18 11.63
CA SER I 117 46.13 -12.72 12.90
C SER I 117 45.27 -13.22 14.05
N GLY I 118 45.51 -14.44 14.51
CA GLY I 118 44.98 -14.90 15.79
C GLY I 118 43.49 -15.18 15.82
N ARG I 119 42.70 -14.15 15.52
CA ARG I 119 41.26 -14.15 15.74
C ARG I 119 40.52 -14.79 14.56
N PRO I 120 39.67 -15.78 14.81
CA PRO I 120 38.92 -16.41 13.70
C PRO I 120 37.57 -15.75 13.45
N TYR I 121 37.28 -15.52 12.17
CA TYR I 121 35.98 -15.02 11.73
C TYR I 121 35.74 -15.46 10.29
N LEU I 122 34.48 -15.71 9.96
CA LEU I 122 34.08 -15.98 8.58
C LEU I 122 32.83 -15.19 8.24
N GLY I 123 32.96 -14.28 7.26
CA GLY I 123 31.80 -13.66 6.66
C GLY I 123 31.54 -14.28 5.29
N TYR I 124 30.31 -14.72 5.08
CA TYR I 124 29.96 -15.53 3.91
C TYR I 124 28.70 -14.95 3.29
N ASN I 125 28.79 -14.48 2.05
CA ASN I 125 27.66 -13.85 1.38
C ASN I 125 27.30 -14.49 0.05
N LEU I 126 27.87 -15.66 -0.26
CA LEU I 126 27.55 -16.36 -1.50
C LEU I 126 26.17 -16.98 -1.45
N GLU I 127 25.54 -17.07 -2.61
CA GLU I 127 24.26 -17.73 -2.80
C GLU I 127 24.32 -18.54 -4.07
N ILE I 128 24.38 -19.85 -3.94
CA ILE I 128 24.53 -20.78 -5.05
C ILE I 128 23.13 -21.21 -5.47
N PRO I 129 22.76 -21.13 -6.76
CA PRO I 129 21.37 -21.45 -7.14
C PRO I 129 21.02 -22.93 -7.05
N THR I 130 21.90 -23.83 -7.51
CA THR I 130 21.58 -25.25 -7.51
C THR I 130 22.03 -25.92 -6.24
N GLN I 131 21.65 -27.18 -6.07
CA GLN I 131 21.91 -27.90 -4.83
C GLN I 131 23.04 -28.93 -4.94
N ARG I 132 23.36 -29.39 -6.14
CA ARG I 132 24.54 -30.21 -6.36
C ARG I 132 25.34 -29.61 -7.51
N VAL I 133 26.65 -29.81 -7.50
CA VAL I 133 27.45 -29.31 -8.61
C VAL I 133 27.71 -30.45 -9.59
N GLY I 134 28.49 -31.44 -9.20
CA GLY I 134 28.38 -32.73 -9.84
C GLY I 134 27.71 -33.73 -8.94
N THR I 135 28.30 -33.89 -7.77
CA THR I 135 27.76 -34.69 -6.68
C THR I 135 28.08 -34.07 -5.33
N TYR I 136 28.61 -32.85 -5.33
CA TYR I 136 29.03 -32.17 -4.13
C TYR I 136 27.86 -31.37 -3.57
N ASP I 137 27.68 -31.43 -2.25
CA ASP I 137 26.40 -31.08 -1.64
C ASP I 137 26.14 -29.59 -1.57
N THR I 138 27.15 -28.75 -1.86
CA THR I 138 27.04 -27.31 -2.20
C THR I 138 26.68 -26.44 -0.98
N GLN I 139 26.28 -27.08 0.12
CA GLN I 139 26.04 -26.43 1.39
C GLN I 139 27.25 -26.59 2.29
N LEU I 140 28.28 -27.23 1.76
CA LEU I 140 29.52 -27.55 2.44
C LEU I 140 30.64 -26.57 2.12
N VAL I 141 30.41 -25.67 1.14
CA VAL I 141 31.45 -24.72 0.73
C VAL I 141 31.66 -23.68 1.82
N GLU I 142 30.57 -23.21 2.42
CA GLU I 142 30.68 -22.34 3.59
C GLU I 142 31.25 -23.12 4.78
N HIS I 143 30.98 -24.43 4.83
CA HIS I 143 31.46 -25.22 5.93
C HIS I 143 32.93 -25.61 5.75
N PHE I 144 33.43 -25.57 4.51
CA PHE I 144 34.86 -25.72 4.27
C PHE I 144 35.63 -24.55 4.85
N PHE I 145 35.16 -23.33 4.59
CA PHE I 145 35.89 -22.15 5.04
C PHE I 145 35.58 -21.84 6.49
N GLN I 146 34.51 -22.40 7.04
CA GLN I 146 34.26 -22.24 8.47
C GLN I 146 35.21 -23.09 9.28
N SER I 147 35.54 -24.28 8.77
CA SER I 147 36.48 -25.17 9.45
C SER I 147 37.91 -24.72 9.25
N LEU I 148 38.21 -24.11 8.10
CA LEU I 148 39.54 -23.61 7.85
C LEU I 148 39.85 -22.37 8.69
N VAL I 149 38.82 -21.58 9.01
CA VAL I 149 39.02 -20.36 9.78
C VAL I 149 39.29 -20.69 11.24
N ASN I 150 38.60 -21.69 11.79
CA ASN I 150 38.59 -21.91 13.23
C ASN I 150 39.93 -22.47 13.73
N THR I 151 40.68 -23.12 12.85
CA THR I 151 41.96 -23.68 13.26
C THR I 151 43.13 -22.83 12.81
N SER I 152 43.01 -22.16 11.65
CA SER I 152 44.09 -21.27 11.20
C SER I 152 44.16 -19.99 12.02
N GLY I 153 43.05 -19.53 12.58
CA GLY I 153 43.03 -18.29 13.31
C GLY I 153 43.15 -17.08 12.41
N MET I 154 42.20 -16.91 11.51
CA MET I 154 42.21 -15.84 10.52
C MET I 154 40.82 -15.25 10.39
N THR I 155 40.75 -13.97 10.04
CA THR I 155 39.50 -13.34 9.66
C THR I 155 39.38 -13.52 8.16
N LEU I 156 38.18 -13.81 7.67
CA LEU I 156 37.97 -14.06 6.25
C LEU I 156 36.62 -13.52 5.81
N HIS I 157 36.64 -12.59 4.86
CA HIS I 157 35.42 -12.06 4.26
C HIS I 157 35.35 -12.52 2.80
N ILE I 158 34.25 -13.19 2.46
CA ILE I 158 34.01 -13.67 1.11
C ILE I 158 32.71 -13.04 0.62
N ARG I 159 32.78 -12.29 -0.47
CA ARG I 159 31.61 -11.55 -0.95
C ARG I 159 31.41 -11.79 -2.44
N GLN I 160 30.20 -12.21 -2.80
CA GLN I 160 29.81 -12.37 -4.20
C GLN I 160 29.37 -11.03 -4.75
N LEU I 161 29.85 -10.68 -5.93
CA LEU I 161 29.54 -9.41 -6.55
C LEU I 161 28.68 -9.55 -7.81
N ALA I 162 28.70 -10.72 -8.45
CA ALA I 162 27.93 -11.01 -9.66
C ALA I 162 27.94 -12.51 -9.93
N GLY I 163 27.09 -12.97 -10.85
CA GLY I 163 27.28 -14.32 -11.37
C GLY I 163 26.20 -15.30 -10.94
N LYS I 164 25.74 -16.08 -11.91
CA LYS I 164 24.79 -17.16 -11.67
C LYS I 164 25.21 -18.44 -12.40
N ASN I 165 26.12 -19.19 -11.79
CA ASN I 165 26.54 -20.51 -12.25
C ASN I 165 27.28 -21.17 -11.10
N SER I 166 26.85 -22.38 -10.74
CA SER I 166 27.33 -23.02 -9.53
C SER I 166 28.80 -23.42 -9.64
N HIS I 167 29.21 -23.94 -10.80
CA HIS I 167 30.62 -24.31 -10.98
C HIS I 167 31.48 -23.07 -11.18
N HIS I 168 30.88 -21.95 -11.58
CA HIS I 168 31.68 -20.76 -11.82
C HIS I 168 31.88 -19.93 -10.54
N ILE I 169 30.90 -19.96 -9.63
CA ILE I 169 31.03 -19.17 -8.41
C ILE I 169 32.00 -19.84 -7.45
N ILE I 170 31.92 -21.17 -7.33
CA ILE I 170 32.82 -21.88 -6.43
C ILE I 170 34.25 -21.88 -6.96
N GLU I 171 34.44 -21.82 -8.28
CA GLU I 171 35.80 -21.78 -8.76
C GLU I 171 36.34 -20.35 -8.78
N ALA I 172 35.47 -19.35 -8.65
CA ALA I 172 35.95 -17.98 -8.56
C ALA I 172 36.38 -17.62 -7.14
N THR I 173 35.88 -18.35 -6.13
CA THR I 173 36.30 -18.08 -4.76
C THR I 173 37.52 -18.90 -4.34
N PHE I 174 37.81 -20.00 -5.02
CA PHE I 174 39.05 -20.74 -4.76
C PHE I 174 40.24 -20.23 -5.58
N LYS I 175 40.01 -19.43 -6.62
CA LYS I 175 41.09 -18.71 -7.24
C LYS I 175 41.42 -17.43 -6.48
N ALA I 176 40.40 -16.81 -5.87
CA ALA I 176 40.61 -15.54 -5.20
C ALA I 176 41.10 -15.73 -3.77
N PHE I 177 40.80 -16.88 -3.16
CA PHE I 177 41.35 -17.18 -1.85
C PHE I 177 42.83 -17.54 -1.96
N ALA I 178 43.21 -18.16 -3.07
CA ALA I 178 44.60 -18.57 -3.27
C ALA I 178 45.49 -17.37 -3.52
N ARG I 179 45.02 -16.43 -4.34
CA ARG I 179 45.82 -15.25 -4.64
C ARG I 179 45.89 -14.30 -3.44
N ALA I 180 44.89 -14.34 -2.56
CA ALA I 180 44.90 -13.53 -1.36
C ALA I 180 45.58 -14.19 -0.18
N LEU I 181 45.93 -15.47 -0.30
CA LEU I 181 46.71 -16.14 0.74
C LEU I 181 48.20 -16.10 0.44
N ARG I 182 48.59 -16.04 -0.83
CA ARG I 182 49.99 -15.84 -1.18
C ARG I 182 50.38 -14.38 -1.21
N GLN I 183 49.44 -13.47 -0.93
CA GLN I 183 49.75 -12.05 -0.77
C GLN I 183 49.95 -11.71 0.70
N ALA I 184 49.28 -12.44 1.59
CA ALA I 184 49.36 -12.13 3.01
C ALA I 184 50.63 -12.69 3.65
N THR I 185 50.84 -14.00 3.53
CA THR I 185 51.91 -14.66 4.26
C THR I 185 53.12 -14.98 3.39
N GLU I 186 52.91 -15.17 2.08
CA GLU I 186 53.99 -15.63 1.23
C GLU I 186 54.91 -14.47 0.85
N SER I 187 54.33 -13.35 0.44
CA SER I 187 55.14 -12.18 0.14
C SER I 187 55.58 -11.51 1.43
N ASP I 188 56.65 -10.72 1.34
CA ASP I 188 57.23 -10.06 2.50
C ASP I 188 57.40 -8.58 2.22
N PRO I 189 57.18 -7.72 3.22
CA PRO I 189 57.38 -6.28 3.02
C PRO I 189 58.84 -5.87 3.14
N ARG I 190 59.08 -4.55 3.11
CA ARG I 190 60.44 -4.03 3.14
C ARG I 190 61.05 -4.12 4.53
N ARG I 191 60.24 -4.28 5.57
CA ARG I 191 60.77 -4.39 6.92
C ARG I 191 61.27 -5.81 7.17
N GLY I 192 62.15 -5.93 8.17
CA GLY I 192 62.73 -7.23 8.48
C GLY I 192 61.96 -8.03 9.51
N GLY I 193 61.52 -7.38 10.58
CA GLY I 193 60.78 -8.06 11.63
C GLY I 193 60.17 -7.10 12.64
N ARG J 9 -4.51 -36.11 -53.18
CA ARG J 9 -4.53 -36.19 -51.73
C ARG J 9 -5.86 -35.70 -51.18
N ILE J 10 -6.79 -36.63 -50.94
CA ILE J 10 -8.14 -36.27 -50.53
C ILE J 10 -8.56 -37.15 -49.37
N GLY J 11 -9.21 -36.53 -48.39
CA GLY J 11 -9.87 -37.27 -47.34
C GLY J 11 -11.30 -36.79 -47.23
N GLU J 12 -12.22 -37.74 -47.12
CA GLU J 12 -13.64 -37.41 -47.07
C GLU J 12 -14.28 -38.16 -45.92
N VAL J 13 -14.99 -37.42 -45.07
CA VAL J 13 -15.63 -37.98 -43.90
C VAL J 13 -17.09 -37.55 -43.89
N LYS J 14 -17.98 -38.53 -43.79
CA LYS J 14 -19.38 -38.29 -43.48
C LYS J 14 -19.62 -38.69 -42.04
N ARG J 15 -20.47 -37.94 -41.34
CA ARG J 15 -20.73 -38.19 -39.93
C ARG J 15 -22.11 -37.64 -39.58
N GLU J 16 -22.96 -38.50 -39.03
CA GLU J 16 -24.33 -38.14 -38.70
C GLU J 16 -24.70 -38.68 -37.33
N THR J 17 -25.20 -37.78 -36.47
CA THR J 17 -25.71 -38.13 -35.17
C THR J 17 -27.18 -37.71 -35.10
N LYS J 18 -27.75 -37.79 -33.90
CA LYS J 18 -29.14 -37.36 -33.71
C LYS J 18 -29.28 -35.85 -33.76
N GLU J 19 -28.18 -35.12 -33.64
CA GLU J 19 -28.23 -33.66 -33.63
C GLU J 19 -27.86 -33.07 -34.98
N THR J 20 -26.79 -33.56 -35.60
CA THR J 20 -26.28 -32.97 -36.83
C THR J 20 -26.13 -34.04 -37.90
N ASN J 21 -25.89 -33.58 -39.13
CA ASN J 21 -25.60 -34.42 -40.28
C ASN J 21 -24.53 -33.72 -41.09
N VAL J 22 -23.29 -34.19 -41.01
CA VAL J 22 -22.13 -33.46 -41.49
C VAL J 22 -21.46 -34.23 -42.62
N SER J 23 -21.23 -33.55 -43.75
CA SER J 23 -20.49 -34.11 -44.88
C SER J 23 -19.31 -33.21 -45.19
N VAL J 24 -18.10 -33.79 -45.14
CA VAL J 24 -16.85 -33.03 -45.19
C VAL J 24 -15.85 -33.75 -46.10
N LYS J 25 -15.24 -33.00 -47.02
CA LYS J 25 -14.19 -33.51 -47.88
C LYS J 25 -13.17 -32.40 -48.17
N ILE J 26 -11.88 -32.74 -48.13
CA ILE J 26 -10.80 -31.78 -48.35
C ILE J 26 -9.80 -32.34 -49.35
N ASN J 27 -9.54 -31.59 -50.43
CA ASN J 27 -8.35 -31.77 -51.25
C ASN J 27 -7.23 -30.94 -50.63
N LEU J 28 -6.18 -31.60 -50.15
CA LEU J 28 -5.12 -30.88 -49.47
C LEU J 28 -4.19 -30.19 -50.47
N ASP J 29 -3.98 -30.82 -51.62
CA ASP J 29 -3.21 -30.22 -52.71
C ASP J 29 -4.19 -29.72 -53.77
N GLY J 30 -4.48 -28.43 -53.75
CA GLY J 30 -5.52 -27.91 -54.62
C GLY J 30 -5.39 -26.42 -54.81
N HIS J 31 -6.52 -25.81 -55.18
CA HIS J 31 -6.54 -24.40 -55.56
C HIS J 31 -7.53 -23.64 -54.69
N GLY J 32 -7.80 -22.39 -55.03
CA GLY J 32 -8.66 -21.56 -54.20
C GLY J 32 -10.16 -21.73 -54.41
N VAL J 33 -10.61 -22.97 -54.64
CA VAL J 33 -12.04 -23.22 -54.82
C VAL J 33 -12.68 -23.50 -53.48
N SER J 34 -13.91 -23.03 -53.30
CA SER J 34 -14.60 -23.12 -52.03
C SER J 34 -16.09 -23.26 -52.25
N ASP J 35 -16.65 -24.38 -51.79
CA ASP J 35 -18.10 -24.54 -51.65
C ASP J 35 -18.36 -25.21 -50.30
N SER J 36 -18.80 -24.42 -49.33
CA SER J 36 -18.95 -24.89 -47.97
C SER J 36 -20.06 -24.11 -47.29
N SER J 37 -21.22 -24.73 -47.12
CA SER J 37 -22.37 -24.07 -46.51
C SER J 37 -22.73 -24.80 -45.23
N THR J 38 -22.36 -24.22 -44.10
CA THR J 38 -22.84 -24.68 -42.81
C THR J 38 -24.15 -24.01 -42.47
N GLY J 39 -24.75 -24.44 -41.36
CA GLY J 39 -26.03 -23.88 -40.96
C GLY J 39 -25.95 -22.44 -40.50
N ILE J 40 -24.78 -22.00 -40.08
CA ILE J 40 -24.55 -20.64 -39.60
C ILE J 40 -23.66 -19.91 -40.59
N PRO J 41 -24.03 -18.71 -41.05
CA PRO J 41 -23.33 -18.12 -42.19
C PRO J 41 -21.98 -17.52 -41.86
N PHE J 42 -21.64 -17.34 -40.59
CA PHE J 42 -20.36 -16.71 -40.29
C PHE J 42 -19.20 -17.69 -40.42
N LEU J 43 -19.42 -18.98 -40.19
CA LEU J 43 -18.40 -19.98 -40.50
C LEU J 43 -18.10 -20.02 -42.00
N ASP J 44 -19.09 -19.72 -42.84
CA ASP J 44 -18.90 -19.77 -44.28
C ASP J 44 -17.93 -18.67 -44.75
N HIS J 45 -17.91 -17.54 -44.05
CA HIS J 45 -16.92 -16.50 -44.36
C HIS J 45 -15.55 -16.87 -43.82
N MET J 46 -15.47 -17.76 -42.84
CA MET J 46 -14.17 -18.10 -42.27
C MET J 46 -13.54 -19.29 -42.99
N LEU J 47 -14.38 -20.20 -43.49
CA LEU J 47 -13.87 -21.32 -44.28
C LEU J 47 -13.50 -20.90 -45.69
N ASP J 48 -13.91 -19.71 -46.11
CA ASP J 48 -13.37 -19.11 -47.35
C ASP J 48 -11.90 -18.77 -47.18
N GLN J 49 -11.49 -18.44 -45.95
CA GLN J 49 -10.13 -17.96 -45.73
C GLN J 49 -9.13 -19.10 -45.78
N LEU J 50 -9.50 -20.28 -45.29
CA LEU J 50 -8.62 -21.43 -45.42
C LEU J 50 -8.76 -22.13 -46.76
N ALA J 51 -9.51 -21.54 -47.69
CA ALA J 51 -9.54 -22.02 -49.07
C ALA J 51 -8.71 -21.14 -49.98
N SER J 52 -8.78 -19.82 -49.79
CA SER J 52 -8.10 -18.91 -50.69
C SER J 52 -6.67 -18.62 -50.24
N HIS J 53 -6.43 -18.56 -48.93
CA HIS J 53 -5.10 -18.30 -48.41
C HIS J 53 -4.33 -19.58 -48.10
N GLY J 54 -5.00 -20.66 -47.78
CA GLY J 54 -4.33 -21.92 -47.53
C GLY J 54 -4.17 -22.73 -48.80
N LEU J 55 -4.89 -22.30 -49.85
CA LEU J 55 -4.97 -22.97 -51.15
C LEU J 55 -5.40 -24.43 -50.99
N PHE J 56 -6.45 -24.62 -50.20
CA PHE J 56 -7.10 -25.90 -50.02
C PHE J 56 -8.42 -25.89 -50.76
N ASP J 57 -8.92 -27.08 -51.07
CA ASP J 57 -10.26 -27.25 -51.62
C ASP J 57 -11.10 -27.96 -50.57
N VAL J 58 -11.89 -27.19 -49.84
CA VAL J 58 -12.69 -27.70 -48.73
C VAL J 58 -14.16 -27.70 -49.13
N HIS J 59 -14.84 -28.78 -48.79
CA HIS J 59 -16.26 -28.95 -49.10
C HIS J 59 -16.98 -29.41 -47.84
N VAL J 60 -17.82 -28.54 -47.29
CA VAL J 60 -18.54 -28.81 -46.05
C VAL J 60 -20.02 -28.66 -46.33
N ARG J 61 -20.80 -29.68 -45.98
CA ARG J 61 -22.26 -29.58 -45.96
C ARG J 61 -22.72 -30.12 -44.61
N ALA J 62 -23.33 -29.25 -43.81
CA ALA J 62 -23.80 -29.62 -42.48
C ALA J 62 -25.22 -29.11 -42.28
N THR J 63 -26.09 -29.99 -41.79
CA THR J 63 -27.44 -29.64 -41.38
C THR J 63 -27.59 -30.00 -39.91
N GLY J 64 -27.91 -29.00 -39.10
CA GLY J 64 -27.98 -29.23 -37.67
C GLY J 64 -29.03 -28.36 -37.03
N ASP J 65 -29.14 -28.50 -35.71
CA ASP J 65 -30.20 -27.87 -34.93
C ASP J 65 -29.77 -26.47 -34.51
N THR J 66 -29.93 -25.50 -35.41
CA THR J 66 -29.81 -24.10 -35.03
C THR J 66 -31.11 -23.55 -34.47
N HIS J 67 -32.12 -24.40 -34.31
CA HIS J 67 -33.31 -24.07 -33.51
C HIS J 67 -32.95 -23.82 -32.06
N ILE J 68 -31.89 -24.47 -31.58
CA ILE J 68 -31.29 -24.24 -30.28
C ILE J 68 -29.93 -23.64 -30.58
N ASP J 69 -29.11 -23.41 -29.54
CA ASP J 69 -27.80 -22.79 -29.66
C ASP J 69 -26.88 -23.48 -30.66
N ASP J 70 -25.92 -22.72 -31.23
CA ASP J 70 -25.07 -23.20 -32.30
C ASP J 70 -23.88 -24.03 -31.82
N HIS J 71 -23.84 -24.44 -30.56
CA HIS J 71 -22.70 -25.17 -30.02
C HIS J 71 -22.58 -26.56 -30.64
N HIS J 72 -23.72 -27.18 -30.97
CA HIS J 72 -23.73 -28.57 -31.40
C HIS J 72 -23.28 -28.70 -32.84
N THR J 73 -23.70 -27.78 -33.70
CA THR J 73 -23.32 -27.85 -35.11
C THR J 73 -22.01 -27.17 -35.41
N ASN J 74 -21.27 -26.74 -34.39
CA ASN J 74 -19.92 -26.22 -34.59
C ASN J 74 -18.88 -27.25 -34.18
N GLU J 75 -19.22 -28.08 -33.19
CA GLU J 75 -18.37 -29.22 -32.84
C GLU J 75 -18.24 -30.17 -34.02
N ASP J 76 -19.38 -30.62 -34.54
CA ASP J 76 -19.41 -31.70 -35.52
C ASP J 76 -18.88 -31.28 -36.88
N VAL J 77 -18.87 -29.98 -37.19
CA VAL J 77 -18.12 -29.52 -38.35
C VAL J 77 -16.63 -29.60 -38.07
N ALA J 78 -16.20 -29.10 -36.91
CA ALA J 78 -14.78 -29.01 -36.62
C ALA J 78 -14.18 -30.37 -36.30
N LEU J 79 -14.99 -31.30 -35.78
CA LEU J 79 -14.50 -32.66 -35.60
C LEU J 79 -14.34 -33.37 -36.92
N ALA J 80 -15.17 -33.04 -37.91
CA ALA J 80 -15.12 -33.74 -39.19
C ALA J 80 -14.02 -33.21 -40.09
N ILE J 81 -13.62 -31.94 -39.93
CA ILE J 81 -12.49 -31.42 -40.68
C ILE J 81 -11.19 -32.08 -40.24
N GLY J 82 -11.06 -32.38 -38.95
CA GLY J 82 -9.86 -33.01 -38.44
C GLY J 82 -9.69 -34.47 -38.85
N THR J 83 -10.79 -35.23 -38.81
CA THR J 83 -10.73 -36.63 -39.26
C THR J 83 -10.50 -36.71 -40.76
N ALA J 84 -11.02 -35.74 -41.50
CA ALA J 84 -10.70 -35.66 -42.92
C ALA J 84 -9.25 -35.27 -43.15
N LEU J 85 -8.68 -34.44 -42.26
CA LEU J 85 -7.31 -34.00 -42.42
C LEU J 85 -6.32 -35.06 -41.94
N LEU J 86 -6.71 -35.88 -40.97
CA LEU J 86 -5.88 -37.03 -40.61
C LEU J 86 -5.93 -38.09 -41.71
N LYS J 87 -7.07 -38.19 -42.40
CA LYS J 87 -7.17 -39.14 -43.50
C LYS J 87 -6.59 -38.59 -44.79
N ALA J 88 -6.47 -37.26 -44.89
CA ALA J 88 -5.80 -36.68 -46.06
C ALA J 88 -4.31 -36.99 -46.02
N LEU J 89 -3.67 -36.75 -44.88
CA LEU J 89 -2.32 -37.23 -44.68
C LEU J 89 -2.33 -38.75 -44.54
N GLY J 90 -1.20 -39.37 -44.81
CA GLY J 90 -1.03 -40.79 -44.61
C GLY J 90 0.02 -41.07 -43.55
N GLU J 91 0.87 -42.05 -43.84
CA GLU J 91 2.14 -42.13 -43.13
C GLU J 91 2.95 -40.89 -43.46
N ARG J 92 3.17 -40.05 -42.45
CA ARG J 92 3.71 -38.72 -42.67
C ARG J 92 5.17 -38.81 -43.10
N LYS J 93 5.43 -38.52 -44.38
CA LYS J 93 6.75 -38.69 -44.95
C LYS J 93 7.01 -37.60 -45.97
N GLY J 94 8.12 -36.89 -45.80
CA GLY J 94 8.55 -35.91 -46.78
C GLY J 94 7.82 -34.59 -46.70
N ILE J 95 7.34 -34.21 -45.53
CA ILE J 95 6.69 -32.93 -45.31
C ILE J 95 7.54 -32.10 -44.36
N ASN J 96 7.28 -30.80 -44.35
CA ASN J 96 8.06 -29.89 -43.49
C ASN J 96 7.73 -30.09 -42.01
N ARG J 97 6.46 -30.37 -41.71
CA ARG J 97 5.89 -30.74 -40.40
C ARG J 97 5.82 -29.56 -39.44
N PHE J 98 6.45 -28.44 -39.76
CA PHE J 98 6.38 -27.26 -38.91
C PHE J 98 5.77 -26.11 -39.70
N GLY J 99 4.76 -25.48 -39.12
CA GLY J 99 4.13 -24.34 -39.75
C GLY J 99 3.96 -23.22 -38.77
N ASP J 100 4.61 -22.09 -39.05
CA ASP J 100 4.51 -20.91 -38.20
C ASP J 100 4.31 -19.70 -39.09
N PHE J 101 3.42 -18.82 -38.65
CA PHE J 101 3.10 -17.65 -39.45
C PHE J 101 2.38 -16.63 -38.57
N THR J 102 2.62 -15.35 -38.84
CA THR J 102 1.86 -14.27 -38.24
C THR J 102 1.29 -13.39 -39.34
N ALA J 103 0.07 -12.92 -39.15
CA ALA J 103 -0.70 -12.27 -40.21
C ALA J 103 -1.44 -11.06 -39.69
N PRO J 104 -1.18 -9.85 -40.18
CA PRO J 104 -1.92 -8.69 -39.70
C PRO J 104 -3.24 -8.53 -40.43
N LEU J 105 -4.27 -8.18 -39.70
CA LEU J 105 -5.36 -7.42 -40.26
C LEU J 105 -5.13 -6.00 -39.74
N ASP J 106 -6.11 -5.11 -39.92
CA ASP J 106 -6.05 -3.78 -39.34
C ASP J 106 -5.94 -3.91 -37.82
N GLU J 107 -4.83 -3.37 -37.29
CA GLU J 107 -4.44 -3.21 -35.88
C GLU J 107 -4.21 -4.51 -35.12
N ALA J 108 -4.48 -5.66 -35.72
CA ALA J 108 -4.49 -6.92 -34.99
C ALA J 108 -3.48 -7.90 -35.57
N LEU J 109 -2.68 -8.49 -34.70
CA LEU J 109 -1.74 -9.56 -35.04
C LEU J 109 -2.12 -10.84 -34.31
N ILE J 110 -2.13 -11.94 -35.05
CA ILE J 110 -2.22 -13.28 -34.46
C ILE J 110 -0.98 -14.03 -34.91
N HIS J 111 -0.36 -14.75 -33.98
CA HIS J 111 0.74 -15.66 -34.29
C HIS J 111 0.27 -17.08 -34.10
N VAL J 112 0.31 -17.87 -35.17
CA VAL J 112 -0.14 -19.26 -35.16
C VAL J 112 1.04 -20.17 -35.47
N SER J 113 1.28 -21.15 -34.60
CA SER J 113 2.33 -22.14 -34.77
C SER J 113 1.72 -23.53 -34.61
N LEU J 114 2.21 -24.51 -35.37
CA LEU J 114 1.60 -25.82 -35.34
C LEU J 114 2.61 -26.92 -35.64
N ASP J 115 2.24 -28.18 -35.36
CA ASP J 115 3.21 -29.27 -35.31
C ASP J 115 2.79 -30.50 -36.13
N LEU J 116 1.50 -30.84 -36.18
CA LEU J 116 0.96 -31.95 -37.00
C LEU J 116 1.62 -33.31 -36.75
N SER J 117 1.99 -33.61 -35.50
CA SER J 117 2.67 -34.87 -35.21
C SER J 117 2.00 -35.57 -34.05
N GLY J 118 0.93 -36.32 -34.31
CA GLY J 118 0.42 -37.28 -33.35
C GLY J 118 -0.30 -36.68 -32.15
N ARG J 119 0.42 -35.85 -31.39
CA ARG J 119 -0.01 -35.39 -30.08
C ARG J 119 -0.90 -34.16 -30.18
N PRO J 120 -2.08 -34.17 -29.58
CA PRO J 120 -2.97 -32.99 -29.65
C PRO J 120 -2.76 -32.02 -28.49
N TYR J 121 -2.70 -30.74 -28.83
CA TYR J 121 -2.65 -29.67 -27.84
C TYR J 121 -3.21 -28.39 -28.46
N LEU J 122 -3.85 -27.58 -27.62
CA LEU J 122 -4.30 -26.25 -28.02
C LEU J 122 -3.94 -25.23 -26.97
N GLY J 123 -3.10 -24.27 -27.34
CA GLY J 123 -2.89 -23.09 -26.53
C GLY J 123 -3.64 -21.90 -27.13
N TYR J 124 -4.44 -21.25 -26.31
CA TYR J 124 -5.38 -20.23 -26.78
C TYR J 124 -5.24 -19.00 -25.90
N ASN J 125 -4.84 -17.88 -26.47
CA ASN J 125 -4.62 -16.66 -25.71
C ASN J 125 -5.41 -15.47 -26.21
N LEU J 126 -6.37 -15.68 -27.12
CA LEU J 126 -7.21 -14.60 -27.62
C LEU J 126 -8.22 -14.14 -26.59
N GLU J 127 -8.54 -12.85 -26.67
CA GLU J 127 -9.56 -12.24 -25.83
C GLU J 127 -10.39 -11.32 -26.71
N ILE J 128 -11.62 -11.72 -27.00
CA ILE J 128 -12.51 -10.99 -27.89
C ILE J 128 -13.37 -10.08 -27.02
N PRO J 129 -13.47 -8.78 -27.34
CA PRO J 129 -14.23 -7.89 -26.44
C PRO J 129 -15.73 -8.09 -26.46
N THR J 130 -16.35 -8.26 -27.62
CA THR J 130 -17.80 -8.39 -27.68
C THR J 130 -18.23 -9.85 -27.60
N GLN J 131 -19.54 -10.05 -27.49
CA GLN J 131 -20.08 -11.39 -27.27
C GLN J 131 -20.72 -12.00 -28.49
N ARG J 132 -21.12 -11.20 -29.48
CA ARG J 132 -21.56 -11.72 -30.77
C ARG J 132 -20.81 -10.97 -31.85
N VAL J 133 -20.62 -11.63 -33.00
CA VAL J 133 -19.96 -10.93 -34.10
C VAL J 133 -21.02 -10.40 -35.05
N GLY J 134 -21.71 -11.30 -35.76
CA GLY J 134 -23.01 -10.93 -36.29
C GLY J 134 -24.12 -11.61 -35.52
N THR J 135 -24.02 -12.94 -35.47
CA THR J 135 -24.88 -13.79 -34.67
C THR J 135 -24.11 -14.97 -34.13
N TYR J 136 -22.80 -14.98 -34.28
CA TYR J 136 -21.95 -16.08 -33.88
C TYR J 136 -21.51 -15.87 -32.44
N ASP J 137 -21.55 -16.95 -31.64
CA ASP J 137 -21.57 -16.82 -30.19
C ASP J 137 -20.22 -16.48 -29.60
N THR J 138 -19.13 -16.52 -30.38
CA THR J 138 -17.82 -15.91 -30.13
C THR J 138 -17.04 -16.63 -29.02
N GLN J 139 -17.70 -17.51 -28.28
CA GLN J 139 -17.08 -18.39 -27.31
C GLN J 139 -16.82 -19.76 -27.92
N LEU J 140 -17.14 -19.89 -29.19
CA LEU J 140 -17.03 -21.11 -29.97
C LEU J 140 -15.78 -21.15 -30.82
N VAL J 141 -15.06 -20.02 -30.91
CA VAL J 141 -13.86 -19.95 -31.76
C VAL J 141 -12.75 -20.79 -31.15
N GLU J 142 -12.59 -20.72 -29.83
CA GLU J 142 -11.67 -21.62 -29.14
C GLU J 142 -12.16 -23.05 -29.21
N HIS J 143 -13.49 -23.23 -29.27
CA HIS J 143 -14.04 -24.57 -29.32
C HIS J 143 -13.98 -25.15 -30.72
N PHE J 144 -13.87 -24.30 -31.75
CA PHE J 144 -13.59 -24.77 -33.10
C PHE J 144 -12.21 -25.41 -33.17
N PHE J 145 -11.21 -24.72 -32.64
CA PHE J 145 -9.84 -25.21 -32.74
C PHE J 145 -9.56 -26.27 -31.70
N GLN J 146 -10.38 -26.37 -30.66
CA GLN J 146 -10.22 -27.47 -29.71
C GLN J 146 -10.71 -28.77 -30.31
N SER J 147 -11.76 -28.71 -31.11
CA SER J 147 -12.29 -29.90 -31.75
C SER J 147 -11.44 -30.30 -32.96
N LEU J 148 -10.83 -29.31 -33.63
CA LEU J 148 -9.97 -29.60 -34.75
C LEU J 148 -8.65 -30.23 -34.31
N VAL J 149 -8.19 -29.88 -33.11
CA VAL J 149 -6.93 -30.41 -32.60
C VAL J 149 -7.07 -31.86 -32.19
N ASN J 150 -8.20 -32.22 -31.57
CA ASN J 150 -8.34 -33.52 -30.91
C ASN J 150 -8.44 -34.66 -31.91
N THR J 151 -8.89 -34.37 -33.13
CA THR J 151 -9.00 -35.43 -34.13
C THR J 151 -7.86 -35.39 -35.13
N SER J 152 -7.33 -34.21 -35.45
CA SER J 152 -6.19 -34.13 -36.36
C SER J 152 -4.90 -34.63 -35.72
N GLY J 153 -4.78 -34.51 -34.40
CA GLY J 153 -3.55 -34.90 -33.73
C GLY J 153 -2.40 -33.94 -33.99
N MET J 154 -2.59 -32.68 -33.59
CA MET J 154 -1.61 -31.63 -33.85
C MET J 154 -1.47 -30.76 -32.61
N THR J 155 -0.30 -30.17 -32.43
CA THR J 155 -0.09 -29.15 -31.42
C THR J 155 -0.39 -27.82 -32.10
N LEU J 156 -1.07 -26.91 -31.40
CA LEU J 156 -1.44 -25.63 -31.99
C LEU J 156 -1.35 -24.53 -30.95
N HIS J 157 -0.52 -23.52 -31.21
CA HIS J 157 -0.42 -22.34 -30.37
C HIS J 157 -0.96 -21.14 -31.12
N ILE J 158 -1.94 -20.47 -30.54
CA ILE J 158 -2.55 -19.28 -31.11
C ILE J 158 -2.36 -18.15 -30.12
N ARG J 159 -1.69 -17.08 -30.54
CA ARG J 159 -1.36 -15.99 -29.63
C ARG J 159 -1.75 -14.66 -30.24
N GLN J 160 -2.52 -13.86 -29.50
CA GLN J 160 -2.87 -12.51 -29.92
C GLN J 160 -1.76 -11.57 -29.50
N LEU J 161 -1.36 -10.68 -30.41
CA LEU J 161 -0.27 -9.75 -30.15
C LEU J 161 -0.73 -8.30 -30.09
N ALA J 162 -1.88 -7.98 -30.68
CA ALA J 162 -2.46 -6.65 -30.72
C ALA J 162 -3.90 -6.70 -31.21
N GLY J 163 -4.64 -5.62 -31.07
CA GLY J 163 -5.89 -5.52 -31.80
C GLY J 163 -7.12 -5.58 -30.92
N LYS J 164 -8.06 -4.68 -31.19
CA LYS J 164 -9.37 -4.67 -30.52
C LYS J 164 -10.49 -4.47 -31.54
N ASN J 165 -10.90 -5.57 -32.17
CA ASN J 165 -12.06 -5.62 -33.06
C ASN J 165 -12.40 -7.08 -33.28
N SER J 166 -13.67 -7.43 -33.01
CA SER J 166 -14.07 -8.83 -32.98
C SER J 166 -14.00 -9.48 -34.35
N HIS J 167 -14.44 -8.77 -35.39
CA HIS J 167 -14.38 -9.32 -36.74
C HIS J 167 -12.95 -9.31 -37.28
N HIS J 168 -12.08 -8.47 -36.70
CA HIS J 168 -10.72 -8.40 -37.21
C HIS J 168 -9.82 -9.42 -36.55
N ILE J 169 -10.07 -9.77 -35.29
CA ILE J 169 -9.22 -10.74 -34.61
C ILE J 169 -9.51 -12.14 -35.10
N ILE J 170 -10.79 -12.47 -35.29
CA ILE J 170 -11.15 -13.81 -35.77
C ILE J 170 -10.74 -13.99 -37.23
N GLU J 171 -10.71 -12.93 -38.03
CA GLU J 171 -10.29 -13.12 -39.39
C GLU J 171 -8.77 -13.08 -39.52
N ALA J 172 -8.07 -12.60 -38.49
CA ALA J 172 -6.62 -12.63 -38.52
C ALA J 172 -6.07 -13.99 -38.10
N THR J 173 -6.86 -14.77 -37.35
CA THR J 173 -6.39 -16.10 -36.97
C THR J 173 -6.78 -17.18 -37.97
N PHE J 174 -7.78 -16.94 -38.82
CA PHE J 174 -8.09 -17.88 -39.90
C PHE J 174 -7.30 -17.61 -41.18
N LYS J 175 -6.67 -16.45 -41.30
CA LYS J 175 -5.69 -16.27 -42.36
C LYS J 175 -4.33 -16.82 -41.95
N ALA J 176 -4.01 -16.77 -40.65
CA ALA J 176 -2.70 -17.19 -40.19
C ALA J 176 -2.65 -18.69 -39.95
N PHE J 177 -3.80 -19.31 -39.65
CA PHE J 177 -3.85 -20.76 -39.55
C PHE J 177 -3.76 -21.41 -40.93
N ALA J 178 -4.30 -20.74 -41.94
CA ALA J 178 -4.28 -21.28 -43.30
C ALA J 178 -2.88 -21.23 -43.89
N ARG J 179 -2.17 -20.13 -43.67
CA ARG J 179 -0.82 -19.99 -44.21
C ARG J 179 0.17 -20.89 -43.46
N ALA J 180 -0.13 -21.20 -42.20
CA ALA J 180 0.72 -22.09 -41.41
C ALA J 180 0.36 -23.56 -41.56
N LEU J 181 -0.76 -23.87 -42.21
CA LEU J 181 -1.10 -25.25 -42.51
C LEU J 181 -0.63 -25.66 -43.90
N ARG J 182 -0.54 -24.73 -44.84
CA ARG J 182 0.05 -25.03 -46.14
C ARG J 182 1.57 -24.89 -46.13
N GLN J 183 2.16 -24.53 -44.99
CA GLN J 183 3.61 -24.53 -44.84
C GLN J 183 4.09 -25.83 -44.20
N ALA J 184 3.24 -26.45 -43.37
CA ALA J 184 3.64 -27.65 -42.67
C ALA J 184 3.53 -28.89 -43.55
N THR J 185 2.33 -29.14 -44.09
CA THR J 185 2.07 -30.39 -44.78
C THR J 185 2.08 -30.25 -46.30
N GLU J 186 1.76 -29.05 -46.81
CA GLU J 186 1.60 -28.90 -48.25
C GLU J 186 2.95 -28.77 -48.94
N SER J 187 3.83 -27.92 -48.38
CA SER J 187 5.17 -27.80 -48.93
C SER J 187 6.01 -29.00 -48.51
N ASP J 188 7.08 -29.26 -49.27
CA ASP J 188 7.94 -30.39 -49.02
C ASP J 188 9.40 -29.94 -48.96
N PRO J 189 10.20 -30.55 -48.08
CA PRO J 189 11.62 -30.17 -48.01
C PRO J 189 12.46 -30.86 -49.07
N ARG J 190 13.78 -30.69 -48.98
CA ARG J 190 14.69 -31.23 -49.97
C ARG J 190 14.86 -32.73 -49.83
N ARG J 191 14.53 -33.29 -48.67
CA ARG J 191 14.65 -34.73 -48.48
C ARG J 191 13.48 -35.47 -49.11
N GLY J 192 13.68 -36.76 -49.37
CA GLY J 192 12.63 -37.54 -50.01
C GLY J 192 11.70 -38.23 -49.04
N GLY J 193 12.25 -38.85 -48.00
CA GLY J 193 11.44 -39.55 -47.02
C GLY J 193 12.22 -39.95 -45.78
N ARG K 9 -38.80 40.87 -31.23
CA ARG K 9 -38.79 39.60 -30.51
C ARG K 9 -38.70 39.84 -29.00
N ILE K 10 -39.85 39.88 -28.34
CA ILE K 10 -39.90 40.21 -26.92
C ILE K 10 -40.80 39.22 -26.20
N GLY K 11 -40.35 38.79 -25.03
CA GLY K 11 -41.20 38.04 -24.12
C GLY K 11 -41.17 38.71 -22.77
N GLU K 12 -42.35 38.84 -22.16
CA GLU K 12 -42.46 39.52 -20.89
C GLU K 12 -43.30 38.66 -19.96
N VAL K 13 -42.77 38.40 -18.77
CA VAL K 13 -43.44 37.56 -17.77
C VAL K 13 -43.47 38.31 -16.45
N LYS K 14 -44.67 38.44 -15.90
CA LYS K 14 -44.85 38.87 -14.52
C LYS K 14 -45.22 37.65 -13.69
N ARG K 15 -44.73 37.58 -12.46
CA ARG K 15 -44.97 36.44 -11.59
C ARG K 15 -44.84 36.87 -10.15
N GLU K 16 -45.89 36.61 -9.37
CA GLU K 16 -45.93 37.04 -7.98
C GLU K 16 -46.48 35.91 -7.12
N THR K 17 -45.74 35.58 -6.05
CA THR K 17 -46.15 34.62 -5.06
C THR K 17 -46.20 35.32 -3.70
N LYS K 18 -46.37 34.52 -2.64
CA LYS K 18 -46.39 35.09 -1.29
C LYS K 18 -44.99 35.50 -0.84
N GLU K 19 -43.95 35.04 -1.53
CA GLU K 19 -42.59 35.35 -1.12
C GLU K 19 -41.99 36.46 -1.96
N THR K 20 -42.16 36.41 -3.29
CA THR K 20 -41.52 37.36 -4.19
C THR K 20 -42.55 38.00 -5.10
N ASN K 21 -42.12 39.05 -5.80
CA ASN K 21 -42.90 39.74 -6.82
C ASN K 21 -41.94 40.10 -7.95
N VAL K 22 -42.01 39.36 -9.05
CA VAL K 22 -40.99 39.39 -10.09
C VAL K 22 -41.59 39.90 -11.39
N SER K 23 -40.94 40.90 -11.99
CA SER K 23 -41.30 41.44 -13.29
C SER K 23 -40.11 41.33 -14.23
N VAL K 24 -40.28 40.62 -15.34
CA VAL K 24 -39.18 40.25 -16.23
C VAL K 24 -39.61 40.43 -17.68
N LYS K 25 -38.76 41.09 -18.48
CA LYS K 25 -38.98 41.25 -19.91
C LYS K 25 -37.64 41.26 -20.63
N ILE K 26 -37.55 40.57 -21.77
CA ILE K 26 -36.32 40.45 -22.55
C ILE K 26 -36.61 40.73 -24.02
N ASN K 27 -35.89 41.71 -24.58
CA ASN K 27 -35.73 41.83 -26.02
C ASN K 27 -34.57 40.95 -26.45
N LEU K 28 -34.84 39.92 -27.25
CA LEU K 28 -33.78 39.00 -27.63
C LEU K 28 -32.92 39.57 -28.74
N ASP K 29 -33.51 40.35 -29.64
CA ASP K 29 -32.76 41.05 -30.67
C ASP K 29 -32.67 42.52 -30.27
N GLY K 30 -31.52 42.90 -29.71
CA GLY K 30 -31.40 44.24 -29.16
C GLY K 30 -29.96 44.65 -29.00
N HIS K 31 -29.74 45.60 -28.10
CA HIS K 31 -28.44 46.22 -27.93
C HIS K 31 -27.97 46.08 -26.49
N GLY K 32 -26.88 46.75 -26.14
CA GLY K 32 -26.31 46.60 -24.81
C GLY K 32 -26.95 47.43 -23.72
N VAL K 33 -28.28 47.59 -23.75
CA VAL K 33 -28.95 48.35 -22.71
C VAL K 33 -29.35 47.43 -21.56
N SER K 34 -29.26 47.94 -20.35
CA SER K 34 -29.49 47.13 -19.15
C SER K 34 -30.09 47.98 -18.05
N ASP K 35 -31.29 47.62 -17.63
CA ASP K 35 -31.88 48.11 -16.38
C ASP K 35 -32.51 46.94 -15.65
N SER K 36 -31.84 46.47 -14.61
CA SER K 36 -32.26 45.26 -13.92
C SER K 36 -31.81 45.34 -12.48
N SER K 37 -32.75 45.60 -11.57
CA SER K 37 -32.45 45.74 -10.15
C SER K 37 -33.18 44.64 -9.39
N THR K 38 -32.43 43.62 -8.99
CA THR K 38 -32.95 42.62 -8.06
C THR K 38 -32.70 43.07 -6.63
N GLY K 39 -33.20 42.30 -5.69
CA GLY K 39 -33.06 42.66 -4.28
C GLY K 39 -31.63 42.52 -3.78
N ILE K 40 -30.83 41.70 -4.44
CA ILE K 40 -29.44 41.46 -4.07
C ILE K 40 -28.53 42.05 -5.14
N PRO K 41 -27.54 42.86 -4.77
CA PRO K 41 -26.82 43.65 -5.78
C PRO K 41 -25.82 42.86 -6.60
N PHE K 42 -25.48 41.63 -6.20
CA PHE K 42 -24.46 40.92 -6.97
C PHE K 42 -25.03 40.30 -8.23
N LEU K 43 -26.33 39.94 -8.24
CA LEU K 43 -26.98 39.55 -9.49
C LEU K 43 -27.02 40.69 -10.50
N ASP K 44 -27.09 41.93 -10.02
CA ASP K 44 -27.15 43.09 -10.91
C ASP K 44 -25.85 43.26 -11.68
N HIS K 45 -24.73 42.88 -11.09
CA HIS K 45 -23.46 42.90 -11.81
C HIS K 45 -23.35 41.74 -12.79
N MET K 46 -24.11 40.67 -12.56
CA MET K 46 -24.00 39.52 -13.45
C MET K 46 -24.98 39.61 -14.61
N LEU K 47 -26.14 40.23 -14.38
CA LEU K 47 -27.09 40.46 -15.47
C LEU K 47 -26.65 41.59 -16.38
N ASP K 48 -25.67 42.40 -15.97
CA ASP K 48 -25.02 43.32 -16.89
C ASP K 48 -24.23 42.57 -17.95
N GLN K 49 -23.72 41.39 -17.60
CA GLN K 49 -22.83 40.67 -18.51
C GLN K 49 -23.61 40.03 -19.64
N LEU K 50 -24.82 39.54 -19.37
CA LEU K 50 -25.65 39.01 -20.44
C LEU K 50 -26.43 40.09 -21.16
N ALA K 51 -26.16 41.36 -20.86
CA ALA K 51 -26.71 42.47 -21.64
C ALA K 51 -25.67 43.06 -22.57
N SER K 52 -24.43 43.19 -22.10
CA SER K 52 -23.41 43.84 -22.90
C SER K 52 -22.66 42.86 -23.80
N HIS K 53 -22.46 41.63 -23.32
CA HIS K 53 -21.77 40.62 -24.12
C HIS K 53 -22.72 39.73 -24.91
N GLY K 54 -23.95 39.55 -24.45
CA GLY K 54 -24.92 38.77 -25.19
C GLY K 54 -25.72 39.63 -26.15
N LEU K 55 -25.60 40.95 -25.97
CA LEU K 55 -26.33 41.98 -26.70
C LEU K 55 -27.84 41.74 -26.61
N PHE K 56 -28.29 41.50 -25.39
CA PHE K 56 -29.71 41.39 -25.07
C PHE K 56 -30.14 42.63 -24.33
N ASP K 57 -31.44 42.89 -24.34
CA ASP K 57 -32.05 43.95 -23.55
C ASP K 57 -32.91 43.30 -22.49
N VAL K 58 -32.38 43.18 -21.28
CA VAL K 58 -33.04 42.47 -20.19
C VAL K 58 -33.52 43.49 -19.17
N HIS K 59 -34.74 43.30 -18.68
CA HIS K 59 -35.35 44.18 -17.70
C HIS K 59 -35.93 43.33 -16.58
N VAL K 60 -35.33 43.42 -15.39
CA VAL K 60 -35.74 42.62 -14.24
C VAL K 60 -36.07 43.58 -13.10
N ARG K 61 -37.25 43.42 -12.52
CA ARG K 61 -37.61 44.09 -11.27
C ARG K 61 -38.18 43.04 -10.34
N ALA K 62 -37.50 42.79 -9.24
CA ALA K 62 -37.91 41.78 -8.27
C ALA K 62 -37.86 42.36 -6.87
N THR K 63 -38.93 42.17 -6.11
CA THR K 63 -38.98 42.51 -4.70
C THR K 63 -39.27 41.23 -3.92
N GLY K 64 -38.39 40.87 -3.00
CA GLY K 64 -38.53 39.63 -2.29
C GLY K 64 -37.99 39.73 -0.89
N ASP K 65 -38.08 38.61 -0.18
CA ASP K 65 -37.76 38.55 1.24
C ASP K 65 -36.28 38.28 1.43
N THR K 66 -35.47 39.32 1.35
CA THR K 66 -34.07 39.23 1.77
C THR K 66 -33.91 39.44 3.27
N HIS K 67 -35.02 39.60 3.99
CA HIS K 67 -35.02 39.53 5.44
C HIS K 67 -34.59 38.15 5.93
N ILE K 68 -34.86 37.11 5.13
CA ILE K 68 -34.38 35.75 5.33
C ILE K 68 -33.41 35.51 4.19
N ASP K 69 -32.88 34.29 4.09
CA ASP K 69 -31.89 33.92 3.08
C ASP K 69 -32.32 34.22 1.64
N ASP K 70 -31.35 34.42 0.75
CA ASP K 70 -31.60 34.86 -0.61
C ASP K 70 -32.00 33.74 -1.56
N HIS K 71 -32.30 32.54 -1.05
CA HIS K 71 -32.61 31.41 -1.93
C HIS K 71 -33.93 31.61 -2.65
N HIS K 72 -34.88 32.28 -2.01
CA HIS K 72 -36.23 32.38 -2.55
C HIS K 72 -36.30 33.39 -3.68
N THR K 73 -35.61 34.52 -3.54
CA THR K 73 -35.65 35.56 -4.56
C THR K 73 -34.61 35.34 -5.66
N ASN K 74 -33.92 34.20 -5.66
CA ASN K 74 -33.02 33.88 -6.75
C ASN K 74 -33.66 32.83 -7.66
N GLU K 75 -34.50 31.96 -7.09
CA GLU K 75 -35.29 31.03 -7.89
C GLU K 75 -36.24 31.79 -8.82
N ASP K 76 -37.03 32.69 -8.23
CA ASP K 76 -38.12 33.33 -8.95
C ASP K 76 -37.65 34.34 -9.98
N VAL K 77 -36.43 34.87 -9.83
CA VAL K 77 -35.83 35.63 -10.92
C VAL K 77 -35.43 34.69 -12.05
N ALA K 78 -34.76 33.59 -11.70
CA ALA K 78 -34.21 32.69 -12.71
C ALA K 78 -35.31 31.88 -13.39
N LEU K 79 -36.40 31.60 -12.68
CA LEU K 79 -37.55 30.94 -13.31
C LEU K 79 -38.25 31.88 -14.29
N ALA K 80 -38.24 33.18 -14.00
CA ALA K 80 -38.96 34.12 -14.84
C ALA K 80 -38.18 34.50 -16.09
N ILE K 81 -36.85 34.42 -16.04
CA ILE K 81 -36.04 34.68 -17.23
C ILE K 81 -36.25 33.56 -18.25
N GLY K 82 -36.42 32.33 -17.79
CA GLY K 82 -36.62 31.21 -18.68
C GLY K 82 -37.97 31.18 -19.37
N THR K 83 -39.04 31.50 -18.63
CA THR K 83 -40.37 31.58 -19.22
C THR K 83 -40.46 32.74 -20.19
N ALA K 84 -39.75 33.83 -19.89
CA ALA K 84 -39.66 34.93 -20.86
C ALA K 84 -38.85 34.54 -22.08
N LEU K 85 -37.84 33.68 -21.91
CA LEU K 85 -37.01 33.27 -23.02
C LEU K 85 -37.68 32.19 -23.87
N LEU K 86 -38.53 31.36 -23.26
CA LEU K 86 -39.35 30.44 -24.04
C LEU K 86 -40.43 31.20 -24.79
N LYS K 87 -40.92 32.30 -24.22
CA LYS K 87 -41.92 33.10 -24.91
C LYS K 87 -41.28 34.07 -25.90
N ALA K 88 -40.00 34.37 -25.74
CA ALA K 88 -39.29 35.17 -26.74
C ALA K 88 -39.13 34.40 -28.04
N LEU K 89 -38.64 33.18 -27.94
CA LEU K 89 -38.69 32.27 -29.08
C LEU K 89 -40.12 31.86 -29.37
N GLY K 90 -40.37 31.44 -30.59
CA GLY K 90 -41.65 30.91 -30.98
C GLY K 90 -41.55 29.46 -31.39
N GLU K 91 -42.23 29.11 -32.47
CA GLU K 91 -41.88 27.90 -33.19
C GLU K 91 -40.47 28.07 -33.74
N ARG K 92 -39.54 27.27 -33.22
CA ARG K 92 -38.12 27.47 -33.47
C ARG K 92 -37.79 27.15 -34.91
N LYS K 93 -37.51 28.20 -35.70
CA LYS K 93 -37.30 28.05 -37.13
C LYS K 93 -36.25 29.04 -37.59
N GLY K 94 -35.22 28.53 -38.27
CA GLY K 94 -34.22 29.37 -38.87
C GLY K 94 -33.18 29.91 -37.92
N ILE K 95 -32.90 29.18 -36.84
CA ILE K 95 -31.87 29.57 -35.89
C ILE K 95 -30.77 28.51 -35.92
N ASN K 96 -29.60 28.89 -35.39
CA ASN K 96 -28.46 27.97 -35.39
C ASN K 96 -28.66 26.81 -34.44
N ARG K 97 -29.30 27.07 -33.28
CA ARG K 97 -29.74 26.13 -32.25
C ARG K 97 -28.59 25.56 -31.43
N PHE K 98 -27.35 25.77 -31.84
CA PHE K 98 -26.20 25.31 -31.08
C PHE K 98 -25.34 26.50 -30.69
N GLY K 99 -25.02 26.60 -29.42
CA GLY K 99 -24.16 27.67 -28.94
C GLY K 99 -23.09 27.12 -28.03
N ASP K 100 -21.84 27.29 -28.45
CA ASP K 100 -20.71 26.84 -27.66
C ASP K 100 -19.67 27.95 -27.65
N PHE K 101 -19.07 28.16 -26.48
CA PHE K 101 -18.11 29.23 -26.32
C PHE K 101 -17.32 29.00 -25.06
N THR K 102 -16.05 29.39 -25.09
CA THR K 102 -15.21 29.44 -23.89
C THR K 102 -14.61 30.83 -23.76
N ALA K 103 -14.53 31.32 -22.54
CA ALA K 103 -14.20 32.72 -22.27
C ALA K 103 -13.25 32.85 -21.09
N PRO K 104 -12.05 33.41 -21.27
CA PRO K 104 -11.15 33.56 -20.15
C PRO K 104 -11.46 34.84 -19.37
N LEU K 105 -11.39 34.75 -18.06
CA LEU K 105 -11.03 35.90 -17.26
C LEU K 105 -9.59 35.62 -16.84
N ASP K 106 -9.05 36.41 -15.91
CA ASP K 106 -7.73 36.14 -15.35
C ASP K 106 -7.72 34.75 -14.72
N GLU K 107 -6.84 33.90 -15.24
CA GLU K 107 -6.48 32.53 -14.84
C GLU K 107 -7.61 31.50 -14.95
N ALA K 108 -8.83 31.91 -15.31
CA ALA K 108 -9.98 31.03 -15.23
C ALA K 108 -10.63 30.88 -16.60
N LEU K 109 -10.90 29.63 -16.97
CA LEU K 109 -11.65 29.28 -18.17
C LEU K 109 -12.93 28.56 -17.81
N ILE K 110 -14.03 28.98 -18.41
CA ILE K 110 -15.29 28.26 -18.37
C ILE K 110 -15.66 27.91 -19.80
N HIS K 111 -16.09 26.68 -20.03
CA HIS K 111 -16.62 26.26 -21.32
C HIS K 111 -18.12 26.02 -21.17
N VAL K 112 -18.92 26.76 -21.93
CA VAL K 112 -20.37 26.68 -21.88
C VAL K 112 -20.90 26.23 -23.23
N SER K 113 -21.70 25.16 -23.23
CA SER K 113 -22.34 24.63 -24.43
C SER K 113 -23.82 24.49 -24.17
N LEU K 114 -24.65 24.73 -25.19
CA LEU K 114 -26.10 24.71 -24.97
C LEU K 114 -26.84 24.28 -26.23
N ASP K 115 -28.14 23.96 -26.08
CA ASP K 115 -28.87 23.26 -27.13
C ASP K 115 -30.22 23.90 -27.49
N LEU K 116 -30.94 24.46 -26.51
CA LEU K 116 -32.21 25.20 -26.73
C LEU K 116 -33.28 24.40 -27.48
N SER K 117 -33.38 23.10 -27.24
CA SER K 117 -34.35 22.28 -27.97
C SER K 117 -35.15 21.44 -26.99
N GLY K 118 -36.20 22.01 -26.41
CA GLY K 118 -37.22 21.21 -25.72
C GLY K 118 -36.80 20.63 -24.39
N ARG K 119 -35.75 19.81 -24.41
CA ARG K 119 -35.36 18.96 -23.30
C ARG K 119 -34.47 19.72 -22.32
N PRO K 120 -34.80 19.74 -21.02
CA PRO K 120 -33.97 20.44 -20.04
C PRO K 120 -32.90 19.54 -19.41
N TYR K 121 -31.69 20.07 -19.32
CA TYR K 121 -30.60 19.39 -18.62
C TYR K 121 -29.59 20.44 -18.15
N LEU K 122 -28.97 20.18 -17.01
CA LEU K 122 -27.88 21.01 -16.51
C LEU K 122 -26.74 20.13 -16.05
N GLY K 123 -25.58 20.27 -16.70
CA GLY K 123 -24.35 19.71 -16.19
C GLY K 123 -23.49 20.81 -15.59
N TYR K 124 -23.06 20.60 -14.35
CA TYR K 124 -22.41 21.65 -13.57
C TYR K 124 -21.15 21.07 -12.94
N ASN K 125 -19.99 21.61 -13.30
CA ASN K 125 -18.72 21.09 -12.81
C ASN K 125 -17.87 22.14 -12.12
N LEU K 126 -18.41 23.31 -11.83
CA LEU K 126 -17.67 24.35 -11.12
C LEU K 126 -17.48 24.01 -9.66
N GLU K 127 -16.36 24.49 -9.12
CA GLU K 127 -16.04 24.36 -7.70
C GLU K 127 -15.47 25.69 -7.23
N ILE K 128 -16.26 26.43 -6.45
CA ILE K 128 -15.89 27.75 -5.97
C ILE K 128 -15.23 27.58 -4.61
N PRO K 129 -14.05 28.16 -4.37
CA PRO K 129 -13.37 27.92 -3.08
C PRO K 129 -14.03 28.57 -1.88
N THR K 130 -14.46 29.83 -1.99
CA THR K 130 -15.02 30.53 -0.85
C THR K 130 -16.54 30.35 -0.79
N GLN K 131 -17.13 30.82 0.31
CA GLN K 131 -18.55 30.60 0.54
C GLN K 131 -19.40 31.84 0.33
N ARG K 132 -18.83 33.04 0.36
CA ARG K 132 -19.52 34.25 -0.04
C ARG K 132 -18.65 35.00 -1.02
N VAL K 133 -19.28 35.77 -1.91
CA VAL K 133 -18.48 36.56 -2.84
C VAL K 133 -18.37 37.98 -2.31
N GLY K 134 -19.47 38.72 -2.31
CA GLY K 134 -19.55 39.85 -1.40
C GLY K 134 -20.49 39.55 -0.25
N THR K 135 -21.72 39.20 -0.62
CA THR K 135 -22.74 38.73 0.29
C THR K 135 -23.60 37.67 -0.36
N TYR K 136 -23.21 37.20 -1.53
CA TYR K 136 -23.98 36.23 -2.30
C TYR K 136 -23.56 34.83 -1.90
N ASP K 137 -24.54 33.95 -1.72
CA ASP K 137 -24.34 32.72 -0.96
C ASP K 137 -23.56 31.66 -1.70
N THR K 138 -23.32 31.82 -3.00
CA THR K 138 -22.32 31.13 -3.83
C THR K 138 -22.69 29.66 -4.10
N GLN K 139 -23.70 29.16 -3.40
CA GLN K 139 -24.28 27.85 -3.64
C GLN K 139 -25.53 27.98 -4.48
N LEU K 140 -25.83 29.21 -4.89
CA LEU K 140 -27.01 29.58 -5.64
C LEU K 140 -26.71 29.74 -7.13
N VAL K 141 -25.43 29.70 -7.51
CA VAL K 141 -25.04 29.90 -8.91
C VAL K 141 -25.46 28.70 -9.74
N GLU K 142 -25.27 27.50 -9.19
CA GLU K 142 -25.80 26.30 -9.83
C GLU K 142 -27.32 26.29 -9.79
N HIS K 143 -27.90 26.91 -8.76
CA HIS K 143 -29.34 26.94 -8.64
C HIS K 143 -29.95 28.01 -9.53
N PHE K 144 -29.18 29.01 -9.94
CA PHE K 144 -29.62 29.97 -10.95
C PHE K 144 -29.80 29.27 -12.29
N PHE K 145 -28.81 28.48 -12.69
CA PHE K 145 -28.86 27.85 -14.01
C PHE K 145 -29.73 26.59 -13.97
N GLN K 146 -30.00 26.05 -12.78
CA GLN K 146 -30.94 24.94 -12.72
C GLN K 146 -32.36 25.42 -12.92
N SER K 147 -32.68 26.60 -12.42
CA SER K 147 -34.01 27.17 -12.59
C SER K 147 -34.19 27.73 -13.99
N LEU K 148 -33.12 28.24 -14.60
CA LEU K 148 -33.19 28.75 -15.96
C LEU K 148 -33.36 27.64 -16.97
N VAL K 149 -32.82 26.46 -16.68
CA VAL K 149 -32.90 25.33 -17.60
C VAL K 149 -34.30 24.74 -17.63
N ASN K 150 -34.95 24.66 -16.45
CA ASN K 150 -36.18 23.88 -16.32
C ASN K 150 -37.36 24.57 -17.01
N THR K 151 -37.29 25.88 -17.17
CA THR K 151 -38.39 26.59 -17.82
C THR K 151 -38.07 26.94 -19.27
N SER K 152 -36.80 27.21 -19.59
CA SER K 152 -36.44 27.49 -20.97
C SER K 152 -36.46 26.24 -21.85
N GLY K 153 -36.24 25.06 -21.27
CA GLY K 153 -36.19 23.84 -22.05
C GLY K 153 -34.94 23.74 -22.91
N MET K 154 -33.78 23.74 -22.26
CA MET K 154 -32.49 23.73 -22.94
C MET K 154 -31.56 22.77 -22.23
N THR K 155 -30.63 22.18 -22.98
CA THR K 155 -29.53 21.43 -22.40
C THR K 155 -28.41 22.42 -22.18
N LEU K 156 -27.70 22.30 -21.06
CA LEU K 156 -26.64 23.25 -20.73
C LEU K 156 -25.50 22.53 -20.03
N HIS K 157 -24.31 22.58 -20.61
CA HIS K 157 -23.11 22.05 -19.99
C HIS K 157 -22.17 23.19 -19.64
N ILE K 158 -21.81 23.27 -18.37
CA ILE K 158 -20.91 24.29 -17.86
C ILE K 158 -19.70 23.57 -17.25
N ARG K 159 -18.51 23.84 -17.76
CA ARG K 159 -17.32 23.12 -17.32
C ARG K 159 -16.21 24.11 -16.99
N GLN K 160 -15.65 23.98 -15.80
CA GLN K 160 -14.49 24.76 -15.37
C GLN K 160 -13.23 24.09 -15.88
N LEU K 161 -12.33 24.88 -16.46
CA LEU K 161 -11.10 24.33 -17.01
C LEU K 161 -9.85 24.78 -16.25
N ALA K 162 -9.93 25.89 -15.52
CA ALA K 162 -8.84 26.46 -14.73
C ALA K 162 -9.37 27.53 -13.79
N GLY K 163 -8.55 27.96 -12.84
CA GLY K 163 -8.89 29.20 -12.13
C GLY K 163 -9.27 28.99 -10.68
N LYS K 164 -8.72 29.85 -9.82
CA LYS K 164 -9.08 29.86 -8.41
C LYS K 164 -9.29 31.30 -7.92
N ASN K 165 -10.50 31.81 -8.16
CA ASN K 165 -10.95 33.11 -7.65
C ASN K 165 -12.45 33.15 -7.81
N SER K 166 -13.17 33.44 -6.72
CA SER K 166 -14.62 33.30 -6.70
C SER K 166 -15.30 34.33 -7.60
N HIS K 167 -14.82 35.58 -7.58
CA HIS K 167 -15.40 36.60 -8.43
C HIS K 167 -14.98 36.40 -9.88
N HIS K 168 -13.88 35.69 -10.12
CA HIS K 168 -13.42 35.51 -11.49
C HIS K 168 -14.08 34.32 -12.16
N ILE K 169 -14.42 33.28 -11.39
CA ILE K 169 -15.03 32.10 -12.01
C ILE K 169 -16.49 32.38 -12.34
N ILE K 170 -17.21 33.07 -11.45
CA ILE K 170 -18.61 33.37 -11.70
C ILE K 170 -18.76 34.41 -12.81
N GLU K 171 -17.77 35.30 -12.98
CA GLU K 171 -17.90 36.25 -14.07
C GLU K 171 -17.40 35.67 -15.38
N ALA K 172 -16.68 34.56 -15.34
CA ALA K 172 -16.27 33.92 -16.57
C ALA K 172 -17.37 33.02 -17.15
N THR K 173 -18.30 32.58 -16.31
CA THR K 173 -19.40 31.76 -16.81
C THR K 173 -20.60 32.59 -17.25
N PHE K 174 -20.74 33.82 -16.78
CA PHE K 174 -21.78 34.71 -17.28
C PHE K 174 -21.37 35.51 -18.51
N LYS K 175 -20.07 35.57 -18.82
CA LYS K 175 -19.66 36.06 -20.13
C LYS K 175 -19.75 34.97 -21.19
N ALA K 176 -19.52 33.72 -20.79
CA ALA K 176 -19.50 32.63 -21.76
C ALA K 176 -20.89 32.09 -22.03
N PHE K 177 -21.81 32.25 -21.08
CA PHE K 177 -23.20 31.88 -21.33
C PHE K 177 -23.87 32.89 -22.25
N ALA K 178 -23.46 34.15 -22.14
CA ALA K 178 -24.05 35.21 -22.96
C ALA K 178 -23.62 35.09 -24.41
N ARG K 179 -22.33 34.80 -24.64
CA ARG K 179 -21.83 34.68 -26.00
C ARG K 179 -22.32 33.39 -26.65
N ALA K 180 -22.64 32.37 -25.85
CA ALA K 180 -23.18 31.13 -26.38
C ALA K 180 -24.69 31.12 -26.50
N LEU K 181 -25.36 32.13 -25.97
CA LEU K 181 -26.80 32.27 -26.17
C LEU K 181 -27.13 33.17 -27.35
N ARG K 182 -26.27 34.12 -27.67
CA ARG K 182 -26.44 34.92 -28.88
C ARG K 182 -25.85 34.24 -30.11
N GLN K 183 -25.26 33.07 -29.95
CA GLN K 183 -24.80 32.26 -31.08
C GLN K 183 -25.86 31.23 -31.47
N ALA K 184 -26.65 30.79 -30.50
CA ALA K 184 -27.63 29.74 -30.77
C ALA K 184 -28.90 30.30 -31.40
N THR K 185 -29.53 31.28 -30.74
CA THR K 185 -30.84 31.73 -31.17
C THR K 185 -30.79 33.08 -31.89
N GLU K 186 -29.78 33.91 -31.60
CA GLU K 186 -29.78 35.25 -32.15
C GLU K 186 -29.27 35.25 -33.59
N SER K 187 -28.17 34.54 -33.84
CA SER K 187 -27.68 34.43 -35.19
C SER K 187 -28.53 33.43 -35.98
N ASP K 188 -28.49 33.55 -37.30
CA ASP K 188 -29.29 32.71 -38.18
C ASP K 188 -28.41 32.07 -39.24
N PRO K 189 -28.69 30.82 -39.62
CA PRO K 189 -27.90 30.18 -40.68
C PRO K 189 -28.35 30.58 -42.08
N ARG K 190 -27.77 29.93 -43.08
CA ARG K 190 -28.08 30.26 -44.48
C ARG K 190 -29.45 29.76 -44.90
N ARG K 191 -30.01 28.79 -44.18
CA ARG K 191 -31.32 28.27 -44.53
C ARG K 191 -32.42 29.22 -44.04
N GLY K 192 -33.60 29.09 -44.65
CA GLY K 192 -34.70 29.97 -44.28
C GLY K 192 -35.59 29.41 -43.18
N GLY K 193 -35.94 28.13 -43.26
CA GLY K 193 -36.80 27.51 -42.27
C GLY K 193 -36.87 26.00 -42.40
N ARG L 9 63.17 12.37 3.01
CA ARG L 9 61.88 12.97 2.66
C ARG L 9 61.11 13.33 3.93
N ILE L 10 61.24 14.58 4.37
CA ILE L 10 60.65 15.01 5.62
C ILE L 10 59.95 16.35 5.41
N GLY L 11 58.77 16.47 6.00
CA GLY L 11 58.10 17.75 6.09
C GLY L 11 57.72 17.99 7.53
N GLU L 12 57.97 19.22 7.99
CA GLU L 12 57.71 19.57 9.38
C GLU L 12 56.95 20.88 9.41
N VAL L 13 55.83 20.88 10.13
CA VAL L 13 54.98 22.06 10.25
C VAL L 13 54.71 22.33 11.71
N LYS L 14 54.99 23.55 12.14
CA LYS L 14 54.54 24.06 13.43
C LYS L 14 53.39 25.02 13.17
N ARG L 15 52.40 25.03 14.05
CA ARG L 15 51.21 25.86 13.88
C ARG L 15 50.58 26.12 15.23
N GLU L 16 50.41 27.39 15.56
CA GLU L 16 49.88 27.79 16.86
C GLU L 16 48.85 28.90 16.69
N THR L 17 47.68 28.69 17.27
CA THR L 17 46.61 29.68 17.31
C THR L 17 46.30 29.98 18.77
N LYS L 18 45.21 30.73 18.98
CA LYS L 18 44.79 31.04 20.35
C LYS L 18 44.17 29.83 21.04
N GLU L 19 43.82 28.80 20.28
CA GLU L 19 43.18 27.63 20.86
C GLU L 19 44.17 26.47 21.05
N THR L 20 44.99 26.19 20.05
CA THR L 20 45.88 25.04 20.08
C THR L 20 47.32 25.47 19.80
N ASN L 21 48.24 24.53 20.04
CA ASN L 21 49.65 24.69 19.72
C ASN L 21 50.14 23.35 19.20
N VAL L 22 50.34 23.24 17.88
CA VAL L 22 50.52 21.96 17.21
C VAL L 22 51.90 21.91 16.58
N SER L 23 52.65 20.84 16.88
CA SER L 23 53.95 20.56 16.28
C SER L 23 53.91 19.20 15.60
N VAL L 24 54.16 19.18 14.29
CA VAL L 24 53.96 18.01 13.44
C VAL L 24 55.15 17.85 12.50
N LYS L 25 55.68 16.63 12.43
CA LYS L 25 56.75 16.28 11.48
C LYS L 25 56.58 14.83 11.04
N ILE L 26 56.77 14.57 9.74
CA ILE L 26 56.61 13.24 9.17
C ILE L 26 57.80 12.90 8.27
N ASN L 27 58.47 11.79 8.57
CA ASN L 27 59.34 11.12 7.61
C ASN L 27 58.49 10.18 6.76
N LEU L 28 58.41 10.45 5.46
CA LEU L 28 57.54 9.65 4.61
C LEU L 28 58.20 8.33 4.25
N ASP L 29 59.52 8.32 4.10
CA ASP L 29 60.29 7.10 3.88
C ASP L 29 60.98 6.73 5.18
N GLY L 30 60.40 5.79 5.91
CA GLY L 30 60.90 5.48 7.23
C GLY L 30 60.44 4.13 7.71
N HIS L 31 60.45 3.97 9.03
CA HIS L 31 60.19 2.67 9.65
C HIS L 31 59.02 2.79 10.62
N GLY L 32 58.77 1.74 11.40
CA GLY L 32 57.63 1.74 12.29
C GLY L 32 57.81 2.43 13.63
N VAL L 33 58.52 3.57 13.64
CA VAL L 33 58.72 4.31 14.87
C VAL L 33 57.59 5.31 15.05
N SER L 34 57.16 5.51 16.29
CA SER L 34 56.02 6.36 16.58
C SER L 34 56.19 7.02 17.94
N ASP L 35 56.23 8.35 17.93
CA ASP L 35 56.09 9.15 19.14
C ASP L 35 55.14 10.30 18.82
N SER L 36 53.91 10.20 19.30
CA SER L 36 52.87 11.16 18.95
C SER L 36 51.86 11.22 20.07
N SER L 37 51.91 12.30 20.87
CA SER L 37 51.03 12.47 22.00
C SER L 37 50.16 13.70 21.76
N THR L 38 48.90 13.46 21.39
CA THR L 38 47.92 14.53 21.35
C THR L 38 47.25 14.66 22.72
N GLY L 39 46.40 15.67 22.85
CA GLY L 39 45.73 15.91 24.11
C GLY L 39 44.70 14.85 24.46
N ILE L 40 44.19 14.14 23.47
CA ILE L 40 43.20 13.09 23.65
C ILE L 40 43.83 11.75 23.33
N PRO L 41 43.71 10.75 24.21
CA PRO L 41 44.53 9.54 24.06
C PRO L 41 44.05 8.59 22.98
N PHE L 42 42.83 8.77 22.45
CA PHE L 42 42.37 7.81 21.46
C PHE L 42 42.96 8.06 20.09
N LEU L 43 43.30 9.31 19.75
CA LEU L 43 44.07 9.59 18.54
C LEU L 43 45.45 8.95 18.59
N ASP L 44 46.02 8.81 19.80
CA ASP L 44 47.35 8.24 19.94
C ASP L 44 47.37 6.76 19.56
N HIS L 45 46.25 6.06 19.80
CA HIS L 45 46.14 4.68 19.35
C HIS L 45 45.90 4.59 17.86
N MET L 46 45.37 5.66 17.24
CA MET L 46 45.09 5.58 15.82
C MET L 46 46.27 6.04 14.98
N LEU L 47 47.07 6.97 15.50
CA LEU L 47 48.29 7.39 14.82
C LEU L 47 49.40 6.35 14.96
N ASP L 48 49.26 5.39 15.87
CA ASP L 48 50.14 4.24 15.87
C ASP L 48 49.92 3.38 14.63
N GLN L 49 48.70 3.37 14.11
CA GLN L 49 48.37 2.48 13.00
C GLN L 49 48.96 2.97 11.69
N LEU L 50 49.00 4.29 11.49
CA LEU L 50 49.65 4.83 10.30
C LEU L 50 51.17 4.96 10.48
N ALA L 51 51.71 4.46 11.58
CA ALA L 51 53.15 4.36 11.74
C ALA L 51 53.65 2.94 11.53
N SER L 52 52.90 1.95 12.03
CA SER L 52 53.36 0.57 11.95
C SER L 52 52.91 -0.10 10.67
N HIS L 53 51.71 0.23 10.18
CA HIS L 53 51.21 -0.36 8.95
C HIS L 53 51.51 0.46 7.71
N GLY L 54 51.65 1.77 7.86
CA GLY L 54 52.01 2.61 6.74
C GLY L 54 53.50 2.75 6.58
N LEU L 55 54.22 2.33 7.62
CA LEU L 55 55.68 2.43 7.75
C LEU L 55 56.14 3.88 7.57
N PHE L 56 55.44 4.77 8.27
CA PHE L 56 55.80 6.18 8.35
C PHE L 56 56.39 6.46 9.71
N ASP L 57 57.15 7.55 9.80
CA ASP L 57 57.65 8.05 11.07
C ASP L 57 56.97 9.38 11.34
N VAL L 58 55.93 9.36 12.17
CA VAL L 58 55.10 10.51 12.44
C VAL L 58 55.37 11.00 13.86
N HIS L 59 55.50 12.32 14.01
CA HIS L 59 55.77 12.94 15.30
C HIS L 59 54.79 14.09 15.49
N VAL L 60 53.88 13.94 16.44
CA VAL L 60 52.84 14.92 16.71
C VAL L 60 52.94 15.33 18.18
N ARG L 61 53.03 16.63 18.43
CA ARG L 61 52.88 17.18 19.76
C ARG L 61 51.88 18.31 19.69
N ALA L 62 50.74 18.16 20.36
CA ALA L 62 49.68 19.15 20.35
C ALA L 62 49.20 19.41 21.77
N THR L 63 49.09 20.68 22.12
CA THR L 63 48.51 21.11 23.38
C THR L 63 47.32 22.01 23.04
N GLY L 64 46.14 21.62 23.52
CA GLY L 64 44.95 22.36 23.18
C GLY L 64 43.93 22.34 24.30
N ASP L 65 42.79 22.98 24.03
CA ASP L 65 41.77 23.20 25.04
C ASP L 65 40.82 22.00 25.07
N THR L 66 41.20 20.94 25.78
CA THR L 66 40.27 19.88 26.09
C THR L 66 39.45 20.17 27.34
N HIS L 67 39.61 21.37 27.92
CA HIS L 67 38.70 21.89 28.92
C HIS L 67 37.30 22.07 28.35
N ILE L 68 37.20 22.34 27.05
CA ILE L 68 35.96 22.36 26.29
C ILE L 68 36.04 21.17 25.35
N ASP L 69 35.06 21.02 24.46
CA ASP L 69 34.98 19.90 23.54
C ASP L 69 36.22 19.70 22.68
N ASP L 70 36.45 18.47 22.21
CA ASP L 70 37.68 18.11 21.52
C ASP L 70 37.68 18.46 20.04
N HIS L 71 36.71 19.25 19.57
CA HIS L 71 36.60 19.55 18.14
C HIS L 71 37.75 20.43 17.67
N HIS L 72 38.24 21.31 18.55
CA HIS L 72 39.23 22.31 18.15
C HIS L 72 40.62 21.70 18.02
N THR L 73 40.98 20.79 18.94
CA THR L 73 42.30 20.17 18.90
C THR L 73 42.35 18.94 18.01
N ASN L 74 41.28 18.65 17.27
CA ASN L 74 41.31 17.57 16.29
C ASN L 74 41.44 18.12 14.88
N GLU L 75 40.89 19.33 14.65
CA GLU L 75 41.11 20.03 13.40
C GLU L 75 42.58 20.33 13.20
N ASP L 76 43.19 20.99 14.19
CA ASP L 76 44.53 21.54 14.05
C ASP L 76 45.61 20.47 14.02
N VAL L 77 45.33 19.28 14.56
CA VAL L 77 46.22 18.15 14.32
C VAL L 77 46.09 17.68 12.88
N ALA L 78 44.85 17.51 12.42
CA ALA L 78 44.61 16.94 11.09
C ALA L 78 44.96 17.92 9.98
N LEU L 79 44.83 19.22 10.25
CA LEU L 79 45.27 20.22 9.28
C LEU L 79 46.79 20.24 9.17
N ALA L 80 47.49 19.97 10.27
CA ALA L 80 48.94 20.05 10.27
C ALA L 80 49.59 18.81 9.67
N ILE L 81 48.92 17.66 9.72
CA ILE L 81 49.44 16.46 9.08
C ILE L 81 49.41 16.62 7.56
N GLY L 82 48.38 17.28 7.03
CA GLY L 82 48.25 17.48 5.61
C GLY L 82 49.24 18.47 5.02
N THR L 83 49.49 19.57 5.72
CA THR L 83 50.48 20.55 5.27
C THR L 83 51.88 19.96 5.35
N ALA L 84 52.12 19.11 6.35
CA ALA L 84 53.38 18.39 6.42
C ALA L 84 53.49 17.35 5.31
N LEU L 85 52.37 16.76 4.90
CA LEU L 85 52.39 15.74 3.85
C LEU L 85 52.47 16.37 2.46
N LEU L 86 51.92 17.58 2.29
CA LEU L 86 52.14 18.31 1.05
C LEU L 86 53.58 18.80 0.95
N LYS L 87 54.19 19.12 2.10
CA LYS L 87 55.59 19.55 2.09
C LYS L 87 56.54 18.38 2.08
N ALA L 88 56.08 17.19 2.47
CA ALA L 88 56.90 15.98 2.34
C ALA L 88 57.09 15.62 0.87
N LEU L 89 55.99 15.56 0.12
CA LEU L 89 56.09 15.47 -1.32
C LEU L 89 56.62 16.78 -1.90
N GLY L 90 57.19 16.70 -3.09
CA GLY L 90 57.63 17.88 -3.80
C GLY L 90 56.85 18.06 -5.09
N GLU L 91 57.57 18.39 -6.15
CA GLU L 91 57.03 18.19 -7.48
C GLU L 91 56.84 16.69 -7.68
N ARG L 92 55.58 16.28 -7.81
CA ARG L 92 55.24 14.86 -7.77
C ARG L 92 55.76 14.16 -9.02
N LYS L 93 56.80 13.34 -8.85
CA LYS L 93 57.46 12.71 -9.98
C LYS L 93 57.92 11.31 -9.58
N GLY L 94 57.53 10.33 -10.37
CA GLY L 94 58.02 8.97 -10.16
C GLY L 94 57.34 8.22 -9.04
N ILE L 95 56.09 8.53 -8.74
CA ILE L 95 55.32 7.84 -7.73
C ILE L 95 54.15 7.14 -8.42
N ASN L 96 53.56 6.17 -7.71
CA ASN L 96 52.45 5.41 -8.28
C ASN L 96 51.19 6.25 -8.39
N ARG L 97 50.96 7.14 -7.40
CA ARG L 97 49.91 8.16 -7.33
C ARG L 97 48.53 7.57 -7.06
N PHE L 98 48.37 6.26 -7.15
CA PHE L 98 47.10 5.63 -6.84
C PHE L 98 47.27 4.65 -5.69
N GLY L 99 46.44 4.77 -4.68
CA GLY L 99 46.48 3.86 -3.56
C GLY L 99 45.10 3.37 -3.22
N ASP L 100 44.92 2.06 -3.33
CA ASP L 100 43.64 1.44 -3.01
C ASP L 100 43.91 0.19 -2.18
N PHE L 101 43.09 0.01 -1.15
CA PHE L 101 43.29 -1.12 -0.26
C PHE L 101 42.02 -1.33 0.56
N THR L 102 41.74 -2.59 0.87
CA THR L 102 40.69 -2.94 1.82
C THR L 102 41.27 -3.83 2.90
N ALA L 103 40.83 -3.63 4.13
CA ALA L 103 41.47 -4.23 5.30
C ALA L 103 40.44 -4.72 6.29
N PRO L 104 40.39 -6.01 6.62
CA PRO L 104 39.41 -6.48 7.60
C PRO L 104 39.94 -6.32 9.01
N LEU L 105 39.06 -5.90 9.91
CA LEU L 105 39.20 -6.28 11.29
C LEU L 105 38.12 -7.35 11.49
N ASP L 106 37.85 -7.73 12.74
CA ASP L 106 36.76 -8.65 13.03
C ASP L 106 35.44 -8.04 12.55
N GLU L 107 34.79 -8.76 11.63
CA GLU L 107 33.48 -8.54 11.00
C GLU L 107 33.36 -7.29 10.14
N ALA L 108 34.39 -6.44 10.11
CA ALA L 108 34.27 -5.13 9.50
C ALA L 108 35.26 -4.95 8.36
N LEU L 109 34.77 -4.48 7.22
CA LEU L 109 35.58 -4.13 6.07
C LEU L 109 35.46 -2.65 5.77
N ILE L 110 36.59 -2.00 5.55
CA ILE L 110 36.63 -0.64 5.01
C ILE L 110 37.42 -0.70 3.71
N HIS L 111 36.93 -0.05 2.68
CA HIS L 111 37.65 0.12 1.43
C HIS L 111 38.06 1.58 1.29
N VAL L 112 39.37 1.82 1.20
CA VAL L 112 39.93 3.17 1.10
C VAL L 112 40.66 3.30 -0.23
N SER L 113 40.32 4.33 -1.00
CA SER L 113 40.95 4.63 -2.27
C SER L 113 41.37 6.10 -2.26
N LEU L 114 42.50 6.42 -2.88
CA LEU L 114 43.00 7.79 -2.82
C LEU L 114 43.79 8.15 -4.07
N ASP L 115 44.07 9.45 -4.25
CA ASP L 115 44.54 9.96 -5.54
C ASP L 115 45.78 10.85 -5.43
N LEU L 116 45.90 11.67 -4.38
CA LEU L 116 47.08 12.52 -4.10
C LEU L 116 47.48 13.45 -5.25
N SER L 117 46.51 14.00 -5.97
CA SER L 117 46.82 14.86 -7.11
C SER L 117 46.03 16.15 -7.03
N GLY L 118 46.53 17.12 -6.28
CA GLY L 118 46.04 18.50 -6.39
C GLY L 118 44.66 18.74 -5.79
N ARG L 119 43.66 18.03 -6.31
CA ARG L 119 42.26 18.31 -6.06
C ARG L 119 41.78 17.62 -4.78
N PRO L 120 41.17 18.36 -3.85
CA PRO L 120 40.69 17.74 -2.61
C PRO L 120 39.24 17.27 -2.71
N TYR L 121 39.00 16.07 -2.21
CA TYR L 121 37.65 15.52 -2.11
C TYR L 121 37.62 14.48 -0.99
N LEU L 122 36.48 14.39 -0.30
CA LEU L 122 36.26 13.35 0.69
C LEU L 122 34.89 12.73 0.49
N GLY L 123 34.86 11.44 0.17
CA GLY L 123 33.64 10.67 0.23
C GLY L 123 33.64 9.79 1.46
N TYR L 124 32.56 9.89 2.24
CA TYR L 124 32.51 9.27 3.57
C TYR L 124 31.19 8.53 3.70
N ASN L 125 31.25 7.21 3.88
CA ASN L 125 30.05 6.39 3.94
C ASN L 125 29.96 5.56 5.21
N LEU L 126 30.81 5.81 6.20
CA LEU L 126 30.76 5.09 7.46
C LEU L 126 29.57 5.51 8.31
N GLU L 127 29.07 4.55 9.09
CA GLU L 127 28.00 4.79 10.05
C GLU L 127 28.35 4.07 11.33
N ILE L 128 28.72 4.81 12.36
CA ILE L 128 29.16 4.27 13.63
C ILE L 128 27.94 4.20 14.54
N PRO L 129 27.66 3.06 15.18
CA PRO L 129 26.44 2.96 15.98
C PRO L 129 26.45 3.77 17.28
N THR L 130 27.54 3.75 18.03
CA THR L 130 27.57 4.45 19.31
C THR L 130 28.09 5.87 19.14
N GLN L 131 28.01 6.64 20.23
CA GLN L 131 28.35 8.05 20.17
C GLN L 131 29.69 8.39 20.81
N ARG L 132 30.22 7.53 21.69
CA ARG L 132 31.58 7.67 22.19
C ARG L 132 32.28 6.34 22.03
N VAL L 133 33.59 6.38 21.89
CA VAL L 133 34.32 5.11 21.80
C VAL L 133 34.91 4.79 23.16
N GLY L 134 35.89 5.57 23.61
CA GLY L 134 36.14 5.63 25.04
C GLY L 134 35.67 6.94 25.62
N THR L 135 36.20 8.01 25.05
CA THR L 135 35.81 9.38 25.33
C THR L 135 35.86 10.23 24.08
N TYR L 136 36.07 9.61 22.92
CA TYR L 136 36.23 10.31 21.66
C TYR L 136 34.86 10.48 21.00
N ASP L 137 34.61 11.68 20.48
CA ASP L 137 33.24 12.11 20.20
C ASP L 137 32.62 11.46 18.98
N THR L 138 33.41 10.75 18.15
CA THR L 138 32.99 9.78 17.14
C THR L 138 32.33 10.45 15.92
N GLN L 139 32.03 11.73 16.03
CA GLN L 139 31.55 12.55 14.92
C GLN L 139 32.70 13.34 14.33
N LEU L 140 33.89 13.12 14.86
CA LEU L 140 35.11 13.80 14.50
C LEU L 140 35.97 12.98 13.55
N VAL L 141 35.62 11.72 13.33
CA VAL L 141 36.40 10.83 12.47
C VAL L 141 36.29 11.27 11.01
N GLU L 142 35.06 11.64 10.59
CA GLU L 142 34.89 12.24 9.28
C GLU L 142 35.53 13.61 9.22
N HIS L 143 35.59 14.30 10.37
CA HIS L 143 36.18 15.63 10.38
C HIS L 143 37.69 15.57 10.43
N PHE L 144 38.26 14.44 10.87
CA PHE L 144 39.70 14.21 10.77
C PHE L 144 40.12 14.13 9.31
N PHE L 145 39.39 13.33 8.53
CA PHE L 145 39.77 13.11 7.14
C PHE L 145 39.30 14.25 6.26
N GLN L 146 38.35 15.06 6.73
CA GLN L 146 37.98 16.24 5.96
C GLN L 146 39.05 17.31 6.06
N SER L 147 39.68 17.43 7.23
CA SER L 147 40.76 18.40 7.42
C SER L 147 42.06 17.92 6.77
N LEU L 148 42.27 16.60 6.74
CA LEU L 148 43.46 16.06 6.11
C LEU L 148 43.40 16.18 4.59
N VAL L 149 42.19 16.14 4.03
CA VAL L 149 42.03 16.21 2.58
C VAL L 149 42.27 17.64 2.08
N ASN L 150 41.80 18.64 2.84
CA ASN L 150 41.75 20.01 2.33
C ASN L 150 43.13 20.63 2.23
N THR L 151 44.09 20.14 3.02
CA THR L 151 45.44 20.69 2.97
C THR L 151 46.40 19.81 2.19
N SER L 152 46.20 18.49 2.20
CA SER L 152 47.05 17.61 1.41
C SER L 152 46.75 17.69 -0.07
N GLY L 153 45.52 18.03 -0.45
CA GLY L 153 45.15 18.08 -1.85
C GLY L 153 45.04 16.70 -2.47
N MET L 154 44.14 15.88 -1.94
CA MET L 154 43.96 14.50 -2.37
C MET L 154 42.48 14.18 -2.47
N THR L 155 42.13 13.26 -3.35
CA THR L 155 40.79 12.69 -3.40
C THR L 155 40.82 11.47 -2.49
N LEU L 156 39.76 11.26 -1.71
CA LEU L 156 39.73 10.15 -0.77
C LEU L 156 38.33 9.58 -0.68
N HIS L 157 38.18 8.30 -1.01
CA HIS L 157 36.92 7.58 -0.86
C HIS L 157 37.05 6.55 0.24
N ILE L 158 36.18 6.63 1.23
CA ILE L 158 36.16 5.69 2.35
C ILE L 158 34.79 5.04 2.37
N ARG L 159 34.75 3.72 2.25
CA ARG L 159 33.48 3.01 2.14
C ARG L 159 33.45 1.84 3.12
N GLN L 160 32.40 1.78 3.93
CA GLN L 160 32.16 0.67 4.83
C GLN L 160 31.44 -0.43 4.08
N LEU L 161 31.92 -1.66 4.24
CA LEU L 161 31.34 -2.80 3.54
C LEU L 161 30.64 -3.78 4.47
N ALA L 162 30.98 -3.77 5.76
CA ALA L 162 30.40 -4.65 6.78
C ALA L 162 30.79 -4.17 8.18
N GLY L 163 30.15 -4.69 9.20
CA GLY L 163 30.71 -4.51 10.55
C GLY L 163 29.87 -3.61 11.43
N LYS L 164 29.68 -4.05 12.67
CA LYS L 164 29.01 -3.26 13.70
C LYS L 164 29.77 -3.32 15.01
N ASN L 165 30.79 -2.47 15.13
CA ASN L 165 31.55 -2.26 16.37
C ASN L 165 32.35 -0.98 16.19
N SER L 166 32.20 -0.06 17.14
CA SER L 166 32.74 1.29 16.98
C SER L 166 34.26 1.29 17.00
N HIS L 167 34.88 0.50 17.89
CA HIS L 167 36.33 0.44 17.94
C HIS L 167 36.88 -0.38 16.78
N HIS L 168 36.05 -1.23 16.18
CA HIS L 168 36.56 -2.05 15.09
C HIS L 168 36.45 -1.35 13.74
N ILE L 169 35.45 -0.49 13.57
CA ILE L 169 35.30 0.19 12.28
C ILE L 169 36.33 1.30 12.15
N ILE L 170 36.58 2.05 13.23
CA ILE L 170 37.54 3.13 13.17
C ILE L 170 38.97 2.58 13.07
N GLU L 171 39.22 1.39 13.61
CA GLU L 171 40.57 0.86 13.46
C GLU L 171 40.75 0.14 12.15
N ALA L 172 39.65 -0.18 11.46
CA ALA L 172 39.79 -0.79 10.14
C ALA L 172 40.01 0.26 9.05
N THR L 173 39.63 1.51 9.30
CA THR L 173 39.87 2.56 8.32
C THR L 173 41.22 3.24 8.49
N PHE L 174 41.83 3.17 9.68
CA PHE L 174 43.18 3.68 9.86
C PHE L 174 44.26 2.66 9.54
N LYS L 175 43.91 1.38 9.42
CA LYS L 175 44.84 0.42 8.85
C LYS L 175 44.79 0.45 7.32
N ALA L 176 43.62 0.74 6.76
CA ALA L 176 43.45 0.70 5.31
C ALA L 176 43.87 2.01 4.67
N PHE L 177 43.81 3.11 5.42
CA PHE L 177 44.34 4.38 4.90
C PHE L 177 45.86 4.37 4.89
N ALA L 178 46.46 3.67 5.86
CA ALA L 178 47.91 3.62 5.96
C ALA L 178 48.51 2.77 4.85
N ARG L 179 47.88 1.63 4.56
CA ARG L 179 48.38 0.75 3.51
C ARG L 179 48.13 1.34 2.13
N ALA L 180 47.11 2.20 1.99
CA ALA L 180 46.84 2.84 0.72
C ALA L 180 47.57 4.16 0.56
N LEU L 181 48.23 4.66 1.59
CA LEU L 181 49.08 5.83 1.46
C LEU L 181 50.53 5.47 1.20
N ARG L 182 50.98 4.31 1.67
CA ARG L 182 52.31 3.83 1.33
C ARG L 182 52.33 3.07 0.00
N GLN L 183 51.19 2.94 -0.66
CA GLN L 183 51.13 2.37 -2.00
C GLN L 183 51.13 3.48 -3.05
N ALA L 184 50.61 4.65 -2.69
CA ALA L 184 50.50 5.74 -3.66
C ALA L 184 51.82 6.49 -3.80
N THR L 185 52.35 7.00 -2.70
CA THR L 185 53.50 7.90 -2.76
C THR L 185 54.80 7.22 -2.37
N GLU L 186 54.73 6.18 -1.53
CA GLU L 186 55.97 5.60 -1.00
C GLU L 186 56.60 4.65 -2.02
N SER L 187 55.79 3.79 -2.63
CA SER L 187 56.30 2.92 -3.68
C SER L 187 56.48 3.71 -4.97
N ASP L 188 57.33 3.18 -5.85
CA ASP L 188 57.65 3.84 -7.10
C ASP L 188 57.46 2.87 -8.26
N PRO L 189 56.98 3.35 -9.40
CA PRO L 189 56.83 2.47 -10.57
C PRO L 189 58.14 2.29 -11.33
N ARG L 190 58.04 1.61 -12.48
CA ARG L 190 59.23 1.31 -13.28
C ARG L 190 59.76 2.54 -14.02
N ARG L 191 58.93 3.57 -14.19
CA ARG L 191 59.38 4.78 -14.87
C ARG L 191 60.20 5.65 -13.92
N GLY L 192 61.00 6.54 -14.51
CA GLY L 192 61.85 7.39 -13.71
C GLY L 192 61.22 8.72 -13.35
N GLY L 193 60.57 9.38 -14.30
CA GLY L 193 59.95 10.66 -14.06
C GLY L 193 59.05 11.12 -15.18
N ARG M 9 8.54 -28.66 57.07
CA ARG M 9 8.43 -27.35 56.43
C ARG M 9 6.98 -27.03 56.10
N ILE M 10 6.29 -26.33 56.98
CA ILE M 10 4.86 -26.07 56.84
C ILE M 10 4.59 -24.59 57.12
N GLY M 11 3.74 -24.01 56.30
CA GLY M 11 3.21 -22.69 56.57
C GLY M 11 1.70 -22.75 56.49
N GLU M 12 1.03 -22.15 57.46
CA GLU M 12 -0.42 -22.18 57.51
C GLU M 12 -0.94 -20.78 57.74
N VAL M 13 -1.87 -20.35 56.90
CA VAL M 13 -2.44 -19.02 56.96
C VAL M 13 -3.95 -19.14 56.96
N LYS M 14 -4.59 -18.53 57.96
CA LYS M 14 -6.02 -18.30 57.98
C LYS M 14 -6.26 -16.83 57.67
N ARG M 15 -7.32 -16.54 56.92
CA ARG M 15 -7.62 -15.17 56.52
C ARG M 15 -9.11 -15.06 56.23
N GLU M 16 -9.76 -14.11 56.91
CA GLU M 16 -11.20 -13.93 56.78
C GLU M 16 -11.52 -12.45 56.66
N THR M 17 -12.29 -12.11 55.64
CA THR M 17 -12.81 -10.77 55.43
C THR M 17 -14.33 -10.83 55.42
N LYS M 18 -14.95 -9.71 55.04
CA LYS M 18 -16.42 -9.68 54.95
C LYS M 18 -16.92 -10.44 53.74
N GLU M 19 -16.04 -10.76 52.78
CA GLU M 19 -16.46 -11.45 51.58
C GLU M 19 -16.15 -12.94 51.63
N THR M 20 -14.95 -13.31 52.07
CA THR M 20 -14.50 -14.69 52.04
C THR M 20 -14.02 -15.12 53.43
N ASN M 21 -13.80 -16.43 53.55
CA ASN M 21 -13.22 -17.04 54.75
C ASN M 21 -12.31 -18.16 54.29
N VAL M 22 -11.00 -17.92 54.33
CA VAL M 22 -10.01 -18.76 53.65
C VAL M 22 -9.10 -19.40 54.68
N SER M 23 -8.95 -20.73 54.59
CA SER M 23 -8.02 -21.49 55.42
C SER M 23 -7.08 -22.25 54.51
N VAL M 24 -5.77 -22.01 54.67
CA VAL M 24 -4.75 -22.49 53.75
C VAL M 24 -3.54 -22.99 54.53
N LYS M 25 -3.06 -24.18 54.19
CA LYS M 25 -1.85 -24.76 54.77
C LYS M 25 -1.13 -25.60 53.73
N ILE M 26 0.20 -25.47 53.67
CA ILE M 26 1.02 -26.19 52.68
C ILE M 26 2.21 -26.84 53.38
N ASN M 27 2.35 -28.16 53.22
CA ASN M 27 3.61 -28.86 53.46
C ASN M 27 4.43 -28.78 52.18
N LEU M 28 5.58 -28.11 52.24
CA LEU M 28 6.37 -27.92 51.04
C LEU M 28 7.18 -29.18 50.71
N ASP M 29 7.63 -29.89 51.74
CA ASP M 29 8.30 -31.18 51.56
C ASP M 29 7.31 -32.28 51.90
N GLY M 30 6.71 -32.88 50.89
CA GLY M 30 5.65 -33.83 51.14
C GLY M 30 5.41 -34.73 49.95
N HIS M 31 4.20 -35.28 49.89
CA HIS M 31 3.86 -36.29 48.90
C HIS M 31 2.65 -35.84 48.09
N GLY M 32 2.10 -36.74 47.28
CA GLY M 32 1.00 -36.36 46.40
C GLY M 32 -0.38 -36.38 47.02
N VAL M 33 -0.50 -35.96 48.28
CA VAL M 33 -1.80 -35.93 48.94
C VAL M 33 -2.45 -34.58 48.69
N SER M 34 -3.77 -34.59 48.53
CA SER M 34 -4.51 -33.38 48.17
C SER M 34 -5.91 -33.42 48.76
N ASP M 35 -6.20 -32.46 49.62
CA ASP M 35 -7.56 -32.16 50.05
C ASP M 35 -7.75 -30.66 50.02
N SER M 36 -8.46 -30.17 49.01
CA SER M 36 -8.59 -28.74 48.79
C SER M 36 -9.89 -28.47 48.08
N SER M 37 -10.88 -27.95 48.81
CA SER M 37 -12.20 -27.68 48.27
C SER M 37 -12.46 -26.18 48.36
N THR M 38 -12.34 -25.50 47.22
CA THR M 38 -12.78 -24.12 47.11
C THR M 38 -14.25 -24.08 46.73
N GLY M 39 -14.80 -22.87 46.68
CA GLY M 39 -16.21 -22.71 46.35
C GLY M 39 -16.52 -23.02 44.90
N ILE M 40 -15.52 -22.93 44.03
CA ILE M 40 -15.68 -23.19 42.61
C ILE M 40 -14.92 -24.45 42.24
N PRO M 41 -15.54 -25.41 41.56
CA PRO M 41 -14.92 -26.74 41.43
C PRO M 41 -13.79 -26.82 40.43
N PHE M 42 -13.61 -25.80 39.58
CA PHE M 42 -12.56 -25.93 38.57
C PHE M 42 -11.18 -25.63 39.15
N LEU M 43 -11.09 -24.78 40.19
CA LEU M 43 -9.83 -24.64 40.93
C LEU M 43 -9.41 -25.94 41.61
N ASP M 44 -10.39 -26.76 42.01
CA ASP M 44 -10.08 -28.02 42.69
C ASP M 44 -9.38 -29.00 41.77
N HIS M 45 -9.70 -28.94 40.46
CA HIS M 45 -8.97 -29.77 39.50
C HIS M 45 -7.59 -29.21 39.20
N MET M 46 -7.38 -27.91 39.46
CA MET M 46 -6.08 -27.34 39.14
C MET M 46 -5.13 -27.41 40.31
N LEU M 47 -5.67 -27.35 41.54
CA LEU M 47 -4.84 -27.53 42.72
C LEU M 47 -4.48 -28.99 42.96
N ASP M 48 -5.14 -29.93 42.27
CA ASP M 48 -4.67 -31.31 42.24
C ASP M 48 -3.35 -31.41 41.49
N GLN M 49 -3.13 -30.53 40.52
CA GLN M 49 -1.95 -30.64 39.66
C GLN M 49 -0.70 -30.19 40.39
N LEU M 50 -0.81 -29.17 41.24
CA LEU M 50 0.35 -28.77 42.04
C LEU M 50 0.48 -29.60 43.31
N ALA M 51 -0.31 -30.66 43.47
CA ALA M 51 -0.12 -31.62 44.54
C ALA M 51 0.53 -32.89 44.03
N SER M 52 0.12 -33.35 42.84
CA SER M 52 0.63 -34.63 42.34
C SER M 52 1.90 -34.45 41.52
N HIS M 53 2.01 -33.35 40.78
CA HIS M 53 3.20 -33.10 39.97
C HIS M 53 4.23 -32.25 40.69
N GLY M 54 3.83 -31.40 41.63
CA GLY M 54 4.77 -30.62 42.39
C GLY M 54 5.22 -31.34 43.63
N LEU M 55 4.50 -32.42 43.97
CA LEU M 55 4.68 -33.22 45.17
C LEU M 55 4.62 -32.36 46.43
N PHE M 56 3.59 -31.51 46.46
CA PHE M 56 3.27 -30.70 47.63
C PHE M 56 2.04 -31.28 48.31
N ASP M 57 1.88 -30.94 49.58
CA ASP M 57 0.68 -31.28 50.33
C ASP M 57 -0.04 -29.97 50.63
N VAL M 58 -1.06 -29.66 49.84
CA VAL M 58 -1.77 -28.40 49.92
C VAL M 58 -3.17 -28.66 50.49
N HIS M 59 -3.59 -27.80 51.41
CA HIS M 59 -4.90 -27.91 52.05
C HIS M 59 -5.57 -26.55 52.02
N VAL M 60 -6.64 -26.44 51.23
CA VAL M 60 -7.36 -25.18 51.04
C VAL M 60 -8.82 -25.42 51.43
N ARG M 61 -9.34 -24.58 52.31
CA ARG M 61 -10.77 -24.52 52.59
C ARG M 61 -11.20 -23.06 52.52
N ALA M 62 -12.05 -22.75 51.54
CA ALA M 62 -12.51 -21.38 51.33
C ALA M 62 -14.02 -21.38 51.17
N THR M 63 -14.68 -20.47 51.89
CA THR M 63 -16.10 -20.22 51.74
C THR M 63 -16.27 -18.75 51.36
N GLY M 64 -16.89 -18.50 50.22
CA GLY M 64 -17.01 -17.15 49.73
C GLY M 64 -18.29 -16.94 48.97
N ASP M 65 -18.45 -15.72 48.48
CA ASP M 65 -19.70 -15.29 47.84
C ASP M 65 -19.65 -15.63 46.36
N THR M 66 -19.99 -16.87 46.02
CA THR M 66 -20.25 -17.23 44.63
C THR M 66 -21.68 -16.93 44.22
N HIS M 67 -22.47 -16.33 45.11
CA HIS M 67 -23.75 -15.72 44.76
C HIS M 67 -23.57 -14.59 43.75
N ILE M 68 -22.43 -13.92 43.80
CA ILE M 68 -22.00 -12.93 42.83
C ILE M 68 -20.81 -13.55 42.12
N ASP M 69 -20.17 -12.81 41.22
CA ASP M 69 -19.04 -13.29 40.43
C ASP M 69 -17.90 -13.88 41.26
N ASP M 70 -17.12 -14.79 40.65
CA ASP M 70 -16.10 -15.54 41.36
C ASP M 70 -14.78 -14.80 41.53
N HIS M 71 -14.74 -13.49 41.25
CA HIS M 71 -13.49 -12.74 41.31
C HIS M 71 -12.99 -12.61 42.75
N HIS M 72 -13.92 -12.52 43.71
CA HIS M 72 -13.55 -12.23 45.09
C HIS M 72 -12.96 -13.45 45.78
N THR M 73 -13.53 -14.63 45.53
CA THR M 73 -13.06 -15.84 46.17
C THR M 73 -11.92 -16.51 45.41
N ASN M 74 -11.39 -15.85 44.37
CA ASN M 74 -10.21 -16.37 43.69
C ASN M 74 -8.98 -15.56 44.09
N GLU M 75 -9.17 -14.28 44.41
CA GLU M 75 -8.10 -13.47 44.98
C GLU M 75 -7.65 -14.04 46.31
N ASP M 76 -8.59 -14.23 47.22
CA ASP M 76 -8.29 -14.55 48.60
C ASP M 76 -7.77 -15.97 48.78
N VAL M 77 -8.06 -16.87 47.84
CA VAL M 77 -7.36 -18.15 47.82
C VAL M 77 -5.92 -17.95 47.38
N ALA M 78 -5.72 -17.21 46.29
CA ALA M 78 -4.40 -17.07 45.70
C ALA M 78 -3.51 -16.17 46.55
N LEU M 79 -4.09 -15.21 47.28
CA LEU M 79 -3.30 -14.42 48.21
C LEU M 79 -2.86 -15.24 49.41
N ALA M 80 -3.67 -16.22 49.82
CA ALA M 80 -3.36 -17.00 51.00
C ALA M 80 -2.36 -18.11 50.72
N ILE M 81 -2.29 -18.60 49.47
CA ILE M 81 -1.28 -19.58 49.11
C ILE M 81 0.11 -18.94 49.13
N GLY M 82 0.21 -17.68 48.72
CA GLY M 82 1.49 -17.00 48.71
C GLY M 82 2.04 -16.65 50.07
N THR M 83 1.17 -16.19 50.99
CA THR M 83 1.60 -15.91 52.35
C THR M 83 1.97 -17.19 53.08
N ALA M 84 1.27 -18.28 52.77
CA ALA M 84 1.67 -19.58 53.31
C ALA M 84 2.99 -20.05 52.71
N LEU M 85 3.26 -19.71 51.45
CA LEU M 85 4.50 -20.13 50.80
C LEU M 85 5.68 -19.26 51.21
N LEU M 86 5.44 -17.99 51.53
CA LEU M 86 6.49 -17.16 52.11
C LEU M 86 6.78 -17.60 53.55
N LYS M 87 5.76 -18.09 54.25
CA LYS M 87 5.98 -18.58 55.61
C LYS M 87 6.50 -20.01 55.62
N ALA M 88 6.30 -20.76 54.53
CA ALA M 88 6.89 -22.08 54.42
C ALA M 88 8.41 -21.99 54.29
N LEU M 89 8.88 -21.15 53.37
CA LEU M 89 10.29 -20.81 53.35
C LEU M 89 10.64 -19.95 54.56
N GLY M 90 11.92 -19.96 54.92
CA GLY M 90 12.41 -19.10 55.97
C GLY M 90 13.41 -18.10 55.43
N GLU M 91 14.50 -17.92 56.18
CA GLU M 91 15.69 -17.33 55.58
C GLU M 91 16.19 -18.27 54.50
N ARG M 92 16.12 -17.80 53.25
CA ARG M 92 16.33 -18.67 52.10
C ARG M 92 17.80 -19.09 52.02
N LYS M 93 18.06 -20.36 52.33
CA LYS M 93 19.43 -20.84 52.41
C LYS M 93 19.49 -22.29 51.92
N GLY M 94 20.38 -22.54 50.97
CA GLY M 94 20.61 -23.90 50.51
C GLY M 94 19.58 -24.42 49.55
N ILE M 95 18.93 -23.56 48.78
CA ILE M 95 17.97 -23.97 47.77
C ILE M 95 18.52 -23.57 46.40
N ASN M 96 17.94 -24.18 45.35
CA ASN M 96 18.40 -23.92 43.99
C ASN M 96 18.02 -22.51 43.53
N ARG M 97 16.83 -22.05 43.95
CA ARG M 97 16.28 -20.69 43.76
C ARG M 97 15.85 -20.42 42.33
N PHE M 98 16.21 -21.27 41.38
CA PHE M 98 15.77 -21.10 40.00
C PHE M 98 14.97 -22.31 39.58
N GLY M 99 13.79 -22.05 39.02
CA GLY M 99 12.95 -23.13 38.53
C GLY M 99 12.43 -22.80 37.15
N ASP M 100 12.81 -23.63 36.18
CA ASP M 100 12.36 -23.46 34.81
C ASP M 100 11.92 -24.81 34.27
N PHE M 101 10.82 -24.81 33.55
CA PHE M 101 10.28 -26.05 33.03
C PHE M 101 9.27 -25.73 31.93
N THR M 102 9.21 -26.62 30.94
CA THR M 102 8.15 -26.56 29.93
C THR M 102 7.47 -27.93 29.87
N ALA M 103 6.16 -27.91 29.69
CA ALA M 103 5.34 -29.12 29.84
C ALA M 103 4.28 -29.20 28.76
N PRO M 104 4.27 -30.23 27.93
CA PRO M 104 3.23 -30.33 26.91
C PRO M 104 1.98 -30.98 27.47
N LEU M 105 0.83 -30.45 27.07
CA LEU M 105 -0.36 -31.26 26.97
C LEU M 105 -0.53 -31.49 25.48
N ASP M 106 -1.68 -32.04 25.07
CA ASP M 106 -1.99 -32.16 23.66
C ASP M 106 -1.97 -30.79 23.00
N GLU M 107 -1.09 -30.66 22.01
CA GLU M 107 -0.85 -29.52 21.10
C GLU M 107 -0.36 -28.23 21.77
N ALA M 108 -0.29 -28.19 23.10
CA ALA M 108 -0.05 -26.95 23.80
C ALA M 108 1.22 -27.04 24.65
N LEU M 109 2.07 -26.03 24.51
CA LEU M 109 3.26 -25.86 25.34
C LEU M 109 3.17 -24.58 26.16
N ILE M 110 3.47 -24.68 27.45
CA ILE M 110 3.67 -23.53 28.30
C ILE M 110 5.09 -23.61 28.85
N HIS M 111 5.81 -22.50 28.83
CA HIS M 111 7.11 -22.39 29.46
C HIS M 111 7.00 -21.50 30.69
N VAL M 112 7.32 -22.04 31.86
CA VAL M 112 7.23 -21.34 33.13
C VAL M 112 8.61 -21.24 33.75
N SER M 113 9.02 -20.01 34.08
CA SER M 113 10.29 -19.75 34.74
C SER M 113 10.03 -18.91 35.98
N LEU M 114 10.80 -19.12 37.04
CA LEU M 114 10.54 -18.41 38.28
C LEU M 114 11.82 -18.20 39.09
N ASP M 115 11.75 -17.33 40.11
CA ASP M 115 12.95 -16.81 40.76
C ASP M 115 12.92 -16.91 42.29
N LEU M 116 11.75 -16.71 42.93
CA LEU M 116 11.56 -16.85 44.39
C LEU M 116 12.52 -16.01 45.23
N SER M 117 12.86 -14.80 44.80
CA SER M 117 13.80 -13.98 45.55
C SER M 117 13.25 -12.58 45.73
N GLY M 118 12.41 -12.39 46.76
CA GLY M 118 12.08 -11.06 47.24
C GLY M 118 11.15 -10.26 46.32
N ARG M 119 11.58 -10.04 45.09
CA ARG M 119 10.97 -9.09 44.18
C ARG M 119 9.80 -9.73 43.41
N PRO M 120 8.61 -9.14 43.43
CA PRO M 120 7.48 -9.72 42.71
C PRO M 120 7.35 -9.19 41.28
N TYR M 121 7.11 -10.11 40.35
CA TYR M 121 6.82 -9.77 38.96
C TYR M 121 6.01 -10.89 38.33
N LEU M 122 5.13 -10.52 37.41
CA LEU M 122 4.39 -11.49 36.61
C LEU M 122 4.41 -11.08 35.15
N GLY M 123 5.01 -11.93 34.31
CA GLY M 123 4.86 -11.80 32.88
C GLY M 123 3.88 -12.86 32.37
N TYR M 124 2.88 -12.41 31.61
CA TYR M 124 1.77 -13.27 31.23
C TYR M 124 1.52 -13.10 29.74
N ASN M 125 1.68 -14.18 28.97
CA ASN M 125 1.54 -14.10 27.52
C ASN M 125 0.51 -15.09 26.96
N LEU M 126 -0.29 -15.72 27.82
CA LEU M 126 -1.32 -16.63 27.38
C LEU M 126 -2.49 -15.90 26.74
N GLU M 127 -3.12 -16.58 25.78
CA GLU M 127 -4.33 -16.08 25.12
C GLU M 127 -5.28 -17.25 24.98
N ILE M 128 -6.35 -17.24 25.77
CA ILE M 128 -7.32 -18.32 25.82
C ILE M 128 -8.45 -17.96 24.85
N PRO M 129 -8.84 -18.86 23.94
CA PRO M 129 -9.86 -18.48 22.95
C PRO M 129 -11.26 -18.29 23.50
N THR M 130 -11.72 -19.20 24.37
CA THR M 130 -13.09 -19.11 24.87
C THR M 130 -13.15 -18.30 26.16
N GLN M 131 -14.37 -18.03 26.61
CA GLN M 131 -14.57 -17.15 27.76
C GLN M 131 -14.95 -17.90 29.04
N ARG M 132 -15.47 -19.13 28.95
CA ARG M 132 -15.67 -19.98 30.11
C ARG M 132 -15.05 -21.33 29.81
N VAL M 133 -14.61 -22.02 30.87
CA VAL M 133 -14.06 -23.35 30.64
C VAL M 133 -15.15 -24.38 30.93
N GLY M 134 -15.53 -24.53 32.20
CA GLY M 134 -16.84 -25.09 32.48
C GLY M 134 -17.80 -24.03 32.95
N THR M 135 -17.39 -23.36 34.01
CA THR M 135 -18.06 -22.19 34.57
C THR M 135 -17.08 -21.18 35.11
N TYR M 136 -15.79 -21.39 34.84
CA TYR M 136 -14.73 -20.55 35.37
C TYR M 136 -14.46 -19.41 34.38
N ASP M 137 -14.30 -18.21 34.92
CA ASP M 137 -14.46 -16.99 34.12
C ASP M 137 -13.29 -16.72 33.19
N THR M 138 -12.17 -17.44 33.33
CA THR M 138 -11.07 -17.59 32.36
C THR M 138 -10.22 -16.32 32.23
N GLN M 139 -10.69 -15.22 32.79
CA GLN M 139 -9.95 -13.97 32.89
C GLN M 139 -9.31 -13.85 34.26
N LEU M 140 -9.48 -14.89 35.07
CA LEU M 140 -9.04 -14.98 36.45
C LEU M 140 -7.75 -15.78 36.58
N VAL M 141 -7.31 -16.43 35.50
CA VAL M 141 -6.12 -17.27 35.53
C VAL M 141 -4.88 -16.40 35.66
N GLU M 142 -4.84 -15.29 34.94
CA GLU M 142 -3.78 -14.30 35.13
C GLU M 142 -3.91 -13.64 36.49
N HIS M 143 -5.14 -13.54 36.99
CA HIS M 143 -5.33 -12.90 38.28
C HIS M 143 -5.02 -13.84 39.44
N PHE M 144 -5.04 -15.16 39.18
CA PHE M 144 -4.56 -16.12 40.16
C PHE M 144 -3.07 -15.96 40.39
N PHE M 145 -2.31 -15.88 39.29
CA PHE M 145 -0.86 -15.81 39.40
C PHE M 145 -0.40 -14.40 39.72
N GLN M 146 -1.25 -13.40 39.51
CA GLN M 146 -0.89 -12.05 39.93
C GLN M 146 -0.99 -11.91 41.44
N SER M 147 -1.98 -12.57 42.04
CA SER M 147 -2.13 -12.53 43.49
C SER M 147 -1.13 -13.44 44.19
N LEU M 148 -0.74 -14.53 43.53
CA LEU M 148 0.26 -15.43 44.10
C LEU M 148 1.65 -14.80 44.07
N VAL M 149 1.92 -13.95 43.09
CA VAL M 149 3.24 -13.33 42.97
C VAL M 149 3.42 -12.25 44.02
N ASN M 150 2.37 -11.48 44.31
CA ASN M 150 2.52 -10.26 45.11
C ASN M 150 2.77 -10.57 46.58
N THR M 151 2.37 -11.75 47.03
CA THR M 151 2.58 -12.12 48.43
C THR M 151 3.76 -13.07 48.61
N SER M 152 4.00 -13.95 47.63
CA SER M 152 5.15 -14.83 47.71
C SER M 152 6.47 -14.11 47.49
N GLY M 153 6.47 -13.03 46.73
CA GLY M 153 7.70 -12.32 46.42
C GLY M 153 8.58 -13.08 45.45
N MET M 154 8.06 -13.34 44.26
CA MET M 154 8.75 -14.13 43.25
C MET M 154 8.58 -13.47 41.88
N THR M 155 9.56 -13.66 41.01
CA THR M 155 9.43 -13.29 39.61
C THR M 155 8.87 -14.51 38.91
N LEU M 156 7.94 -14.31 37.97
CA LEU M 156 7.30 -15.41 37.28
C LEU M 156 7.03 -15.05 35.83
N HIS M 157 7.62 -15.80 34.90
CA HIS M 157 7.35 -15.65 33.47
C HIS M 157 6.60 -16.86 32.97
N ILE M 158 5.44 -16.62 32.38
CA ILE M 158 4.60 -17.67 31.81
C ILE M 158 4.42 -17.36 30.33
N ARG M 159 4.84 -18.29 29.46
CA ARG M 159 4.81 -18.04 28.04
C ARG M 159 4.16 -19.20 27.31
N GLN M 160 3.16 -18.90 26.48
CA GLN M 160 2.51 -19.88 25.63
C GLN M 160 3.33 -20.05 24.36
N LEU M 161 3.57 -21.30 23.96
CA LEU M 161 4.36 -21.57 22.78
C LEU M 161 3.56 -22.20 21.65
N ALA M 162 2.42 -22.81 21.96
CA ALA M 162 1.53 -23.46 20.99
C ALA M 162 0.19 -23.78 21.64
N GLY M 163 -0.81 -24.14 20.86
CA GLY M 163 -1.99 -24.76 21.44
C GLY M 163 -3.23 -23.88 21.38
N LYS M 164 -4.34 -24.51 20.99
CA LYS M 164 -5.65 -23.87 20.99
C LYS M 164 -6.71 -24.78 21.60
N ASN M 165 -6.79 -24.78 22.93
CA ASN M 165 -7.83 -25.46 23.69
C ASN M 165 -7.78 -24.92 25.10
N SER M 166 -8.93 -24.46 25.59
CA SER M 166 -8.98 -23.72 26.86
C SER M 166 -8.65 -24.60 28.05
N HIS M 167 -9.17 -25.84 28.06
CA HIS M 167 -8.86 -26.75 29.16
C HIS M 167 -7.46 -27.30 29.05
N HIS M 168 -6.87 -27.26 27.84
CA HIS M 168 -5.53 -27.81 27.69
C HIS M 168 -4.45 -26.79 28.00
N ILE M 169 -4.72 -25.50 27.75
CA ILE M 169 -3.69 -24.49 28.02
C ILE M 169 -3.59 -24.22 29.51
N ILE M 170 -4.74 -24.17 30.20
CA ILE M 170 -4.71 -23.90 31.63
C ILE M 170 -4.17 -25.11 32.40
N GLU M 171 -4.33 -26.32 31.88
CA GLU M 171 -3.77 -27.46 32.59
C GLU M 171 -2.32 -27.67 32.23
N ALA M 172 -1.84 -27.04 31.16
CA ALA M 172 -0.42 -27.13 30.83
C ALA M 172 0.41 -26.14 31.63
N THR M 173 -0.21 -25.06 32.13
CA THR M 173 0.54 -24.11 32.93
C THR M 173 0.51 -24.44 34.42
N PHE M 174 -0.45 -25.23 34.88
CA PHE M 174 -0.44 -25.70 36.27
C PHE M 174 0.35 -27.00 36.45
N LYS M 175 0.69 -27.71 35.38
CA LYS M 175 1.67 -28.77 35.50
C LYS M 175 3.08 -28.22 35.42
N ALA M 176 3.28 -27.13 34.67
CA ALA M 176 4.62 -26.60 34.48
C ALA M 176 5.02 -25.66 35.60
N PHE M 177 4.04 -25.04 36.26
CA PHE M 177 4.34 -24.25 37.45
C PHE M 177 4.70 -25.13 38.63
N ALA M 178 4.09 -26.32 38.69
CA ALA M 178 4.34 -27.24 39.79
C ALA M 178 5.72 -27.85 39.70
N ARG M 179 6.12 -28.24 38.48
CA ARG M 179 7.43 -28.85 38.29
C ARG M 179 8.55 -27.82 38.43
N ALA M 180 8.25 -26.55 38.16
CA ALA M 180 9.23 -25.48 38.31
C ALA M 180 9.24 -24.87 39.70
N LEU M 181 8.29 -25.23 40.56
CA LEU M 181 8.33 -24.80 41.94
C LEU M 181 8.99 -25.83 42.84
N ARG M 182 8.93 -27.12 42.49
CA ARG M 182 9.66 -28.14 43.21
C ARG M 182 11.10 -28.29 42.71
N GLN M 183 11.50 -27.51 41.71
CA GLN M 183 12.89 -27.45 41.28
C GLN M 183 13.62 -26.29 41.93
N ALA M 184 12.89 -25.22 42.26
CA ALA M 184 13.52 -24.04 42.84
C ALA M 184 13.78 -24.20 44.32
N THR M 185 12.74 -24.49 45.09
CA THR M 185 12.84 -24.46 46.55
C THR M 185 12.93 -25.87 47.15
N GLU M 186 12.36 -26.87 46.48
CA GLU M 186 12.28 -28.19 47.09
C GLU M 186 13.61 -28.93 46.96
N SER M 187 14.20 -28.90 45.78
CA SER M 187 15.50 -29.51 45.60
C SER M 187 16.58 -28.62 46.19
N ASP M 188 17.74 -29.21 46.49
CA ASP M 188 18.84 -28.51 47.11
C ASP M 188 20.13 -28.74 46.33
N PRO M 189 20.98 -27.72 46.21
CA PRO M 189 22.26 -27.92 45.51
C PRO M 189 23.31 -28.57 46.38
N ARG M 190 24.54 -28.63 45.85
CA ARG M 190 25.63 -29.29 46.57
C ARG M 190 26.16 -28.45 47.72
N ARG M 191 25.89 -27.15 47.71
CA ARG M 191 26.35 -26.28 48.79
C ARG M 191 25.44 -26.41 50.01
N GLY M 192 25.97 -26.04 51.17
CA GLY M 192 25.21 -26.16 52.41
C GLY M 192 24.41 -24.92 52.75
N GLY M 193 25.00 -23.74 52.62
CA GLY M 193 24.33 -22.50 52.94
C GLY M 193 25.09 -21.26 52.49
N ARG N 9 -45.27 -44.85 -9.57
CA ARG N 9 -44.99 -43.60 -8.85
C ARG N 9 -45.08 -42.42 -9.80
N ILE N 10 -46.25 -41.78 -9.86
CA ILE N 10 -46.48 -40.70 -10.82
C ILE N 10 -47.16 -39.55 -10.10
N GLY N 11 -46.71 -38.34 -10.42
CA GLY N 11 -47.41 -37.14 -10.01
C GLY N 11 -47.65 -36.27 -11.22
N GLU N 12 -48.86 -35.75 -11.33
CA GLU N 12 -49.23 -34.94 -12.49
C GLU N 12 -49.90 -33.67 -12.00
N VAL N 13 -49.41 -32.54 -12.49
CA VAL N 13 -49.91 -31.23 -12.10
C VAL N 13 -50.23 -30.44 -13.35
N LYS N 14 -51.46 -29.94 -13.43
CA LYS N 14 -51.84 -28.93 -14.41
C LYS N 14 -51.96 -27.60 -13.69
N ARG N 15 -51.56 -26.52 -14.35
CA ARG N 15 -51.57 -25.21 -13.74
C ARG N 15 -51.66 -24.15 -14.83
N GLU N 16 -52.66 -23.28 -14.72
CA GLU N 16 -52.91 -22.27 -15.74
C GLU N 16 -53.22 -20.94 -15.07
N THR N 17 -52.50 -19.91 -15.49
CA THR N 17 -52.74 -18.54 -15.06
C THR N 17 -53.06 -17.69 -16.28
N LYS N 18 -53.11 -16.38 -16.08
CA LYS N 18 -53.36 -15.46 -17.20
C LYS N 18 -52.15 -15.34 -18.11
N GLU N 19 -50.98 -15.79 -17.65
CA GLU N 19 -49.76 -15.65 -18.44
C GLU N 19 -49.39 -16.96 -19.13
N THR N 20 -49.45 -18.08 -18.41
CA THR N 20 -49.00 -19.37 -18.93
C THR N 20 -50.10 -20.42 -18.78
N ASN N 21 -49.86 -21.56 -19.43
CA ASN N 21 -50.72 -22.73 -19.32
C ASN N 21 -49.80 -23.95 -19.31
N VAL N 22 -49.61 -24.55 -18.15
CA VAL N 22 -48.55 -25.53 -17.92
C VAL N 22 -49.16 -26.88 -17.59
N SER N 23 -48.74 -27.92 -18.31
CA SER N 23 -49.13 -29.30 -18.04
C SER N 23 -47.88 -30.13 -17.81
N VAL N 24 -47.79 -30.75 -16.62
CA VAL N 24 -46.57 -31.41 -16.16
C VAL N 24 -46.93 -32.75 -15.51
N LYS N 25 -46.22 -33.81 -15.89
CA LYS N 25 -46.35 -35.13 -15.29
C LYS N 25 -45.01 -35.84 -15.29
N ILE N 26 -44.68 -36.50 -14.17
CA ILE N 26 -43.40 -37.19 -14.01
C ILE N 26 -43.63 -38.60 -13.47
N ASN N 27 -43.14 -39.61 -14.19
CA ASN N 27 -42.91 -40.95 -13.64
C ASN N 27 -41.54 -40.95 -12.99
N LEU N 28 -41.50 -41.14 -11.67
CA LEU N 28 -40.22 -41.08 -10.97
C LEU N 28 -39.44 -42.38 -11.14
N ASP N 29 -40.14 -43.50 -11.22
CA ASP N 29 -39.52 -44.80 -11.50
C ASP N 29 -39.81 -45.15 -12.95
N GLY N 30 -38.84 -44.92 -13.82
CA GLY N 30 -39.09 -45.08 -15.24
C GLY N 30 -37.81 -45.22 -16.02
N HIS N 31 -37.90 -44.91 -17.31
CA HIS N 31 -36.80 -45.13 -18.23
C HIS N 31 -36.41 -43.83 -18.92
N GLY N 32 -35.55 -43.91 -19.93
CA GLY N 32 -35.06 -42.70 -20.59
C GLY N 32 -35.96 -42.11 -21.66
N VAL N 33 -37.28 -42.14 -21.44
CA VAL N 33 -38.20 -41.57 -22.41
C VAL N 33 -38.43 -40.10 -22.09
N SER N 34 -38.56 -39.29 -23.12
CA SER N 34 -38.68 -37.84 -22.96
C SER N 34 -39.54 -37.25 -24.05
N ASP N 35 -40.65 -36.64 -23.65
CA ASP N 35 -41.43 -35.76 -24.51
C ASP N 35 -41.81 -34.52 -23.72
N SER N 36 -41.11 -33.42 -24.00
CA SER N 36 -41.28 -32.21 -23.21
C SER N 36 -40.96 -31.01 -24.09
N SER N 37 -42.00 -30.29 -24.50
CA SER N 37 -41.85 -29.14 -25.38
C SER N 37 -42.34 -27.90 -24.64
N THR N 38 -41.40 -27.10 -24.15
CA THR N 38 -41.72 -25.78 -23.63
C THR N 38 -41.70 -24.76 -24.76
N GLY N 39 -42.07 -23.52 -24.44
CA GLY N 39 -42.11 -22.49 -25.45
C GLY N 39 -40.73 -22.05 -25.92
N ILE N 40 -39.71 -22.29 -25.12
CA ILE N 40 -38.34 -21.93 -25.44
C ILE N 40 -37.52 -23.20 -25.65
N PRO N 41 -36.79 -23.32 -26.76
CA PRO N 41 -36.22 -24.63 -27.11
C PRO N 41 -35.00 -25.01 -26.30
N PHE N 42 -34.39 -24.10 -25.56
CA PHE N 42 -33.18 -24.48 -24.84
C PHE N 42 -33.49 -25.25 -23.57
N LEU N 43 -34.65 -25.01 -22.93
CA LEU N 43 -35.09 -25.88 -21.84
C LEU N 43 -35.33 -27.31 -22.31
N ASP N 44 -35.75 -27.48 -23.57
CA ASP N 44 -36.02 -28.81 -24.10
C ASP N 44 -34.75 -29.65 -24.20
N HIS N 45 -33.62 -29.01 -24.45
CA HIS N 45 -32.35 -29.73 -24.43
C HIS N 45 -31.88 -30.03 -23.01
N MET N 46 -32.37 -29.26 -22.03
CA MET N 46 -31.91 -29.50 -20.66
C MET N 46 -32.80 -30.49 -19.94
N LEU N 47 -34.10 -30.53 -20.28
CA LEU N 47 -34.99 -31.53 -19.71
C LEU N 47 -34.79 -32.91 -20.34
N ASP N 48 -34.05 -32.99 -21.46
CA ASP N 48 -33.60 -34.28 -21.96
C ASP N 48 -32.57 -34.89 -21.02
N GLN N 49 -31.81 -34.04 -20.32
CA GLN N 49 -30.71 -34.54 -19.50
C GLN N 49 -31.22 -35.18 -18.21
N LEU N 50 -32.29 -34.63 -17.64
CA LEU N 50 -32.88 -35.26 -16.46
C LEU N 50 -33.86 -36.37 -16.83
N ALA N 51 -33.93 -36.74 -18.12
CA ALA N 51 -34.67 -37.92 -18.54
C ALA N 51 -33.74 -39.08 -18.84
N SER N 52 -32.61 -38.80 -19.49
CA SER N 52 -31.71 -39.88 -19.90
C SER N 52 -30.70 -40.22 -18.83
N HIS N 53 -30.23 -39.23 -18.07
CA HIS N 53 -29.26 -39.47 -17.02
C HIS N 53 -29.90 -39.69 -15.65
N GLY N 54 -31.08 -39.12 -15.42
CA GLY N 54 -31.77 -39.35 -14.16
C GLY N 54 -32.68 -40.54 -14.23
N LEU N 55 -32.91 -41.03 -15.45
CA LEU N 55 -33.81 -42.13 -15.78
C LEU N 55 -35.22 -41.85 -15.25
N PHE N 56 -35.69 -40.64 -15.52
CA PHE N 56 -37.04 -40.23 -15.23
C PHE N 56 -37.83 -40.16 -16.53
N ASP N 57 -39.15 -40.22 -16.41
CA ASP N 57 -40.04 -40.01 -17.53
C ASP N 57 -40.80 -38.72 -17.27
N VAL N 58 -40.35 -37.63 -17.89
CA VAL N 58 -40.89 -36.31 -17.65
C VAL N 58 -41.68 -35.87 -18.88
N HIS N 59 -42.86 -35.29 -18.65
CA HIS N 59 -43.73 -34.81 -19.72
C HIS N 59 -44.16 -33.40 -19.39
N VAL N 60 -43.69 -32.43 -20.18
CA VAL N 60 -43.97 -31.02 -19.97
C VAL N 60 -44.61 -30.46 -21.23
N ARG N 61 -45.76 -29.82 -21.09
CA ARG N 61 -46.36 -29.03 -22.16
C ARG N 61 -46.72 -27.67 -21.58
N ALA N 62 -46.07 -26.63 -22.07
CA ALA N 62 -46.30 -25.27 -21.59
C ALA N 62 -46.49 -24.33 -22.76
N THR N 63 -47.53 -23.51 -22.69
CA THR N 63 -47.78 -22.43 -23.65
C THR N 63 -47.80 -21.13 -22.87
N GLY N 64 -46.92 -20.20 -23.24
CA GLY N 64 -46.80 -18.98 -22.49
C GLY N 64 -46.42 -17.82 -23.39
N ASP N 65 -46.27 -16.66 -22.76
CA ASP N 65 -46.06 -15.40 -23.47
C ASP N 65 -44.57 -15.19 -23.70
N THR N 66 -44.02 -15.82 -24.75
CA THR N 66 -42.69 -15.48 -25.21
C THR N 66 -42.70 -14.29 -26.16
N HIS N 67 -43.86 -13.66 -26.36
CA HIS N 67 -43.95 -12.36 -27.00
C HIS N 67 -43.23 -11.30 -26.18
N ILE N 68 -43.17 -11.48 -24.86
CA ILE N 68 -42.40 -10.67 -23.93
C ILE N 68 -41.30 -11.61 -23.43
N ASP N 69 -40.50 -11.13 -22.48
CA ASP N 69 -39.38 -11.90 -21.93
C ASP N 69 -39.76 -13.28 -21.39
N ASP N 70 -38.80 -14.20 -21.37
CA ASP N 70 -39.05 -15.60 -21.01
C ASP N 70 -39.10 -15.86 -19.53
N HIS N 71 -39.14 -14.83 -18.68
CA HIS N 71 -39.09 -15.02 -17.24
C HIS N 71 -40.36 -15.68 -16.72
N HIS N 72 -41.50 -15.39 -17.36
CA HIS N 72 -42.79 -15.83 -16.85
C HIS N 72 -43.03 -17.31 -17.13
N THR N 73 -42.64 -17.77 -18.32
CA THR N 73 -42.86 -19.16 -18.70
C THR N 73 -41.72 -20.07 -18.24
N ASN N 74 -40.77 -19.55 -17.47
CA ASN N 74 -39.75 -20.41 -16.88
C ASN N 74 -40.04 -20.66 -15.40
N GLU N 75 -40.67 -19.69 -14.74
CA GLU N 75 -41.16 -19.91 -13.38
C GLU N 75 -42.19 -21.03 -13.35
N ASP N 76 -43.22 -20.91 -14.18
CA ASP N 76 -44.39 -21.78 -14.10
C ASP N 76 -44.10 -23.19 -14.58
N VAL N 77 -43.07 -23.39 -15.39
CA VAL N 77 -42.58 -24.74 -15.66
C VAL N 77 -41.89 -25.29 -14.42
N ALA N 78 -40.99 -24.50 -13.83
CA ALA N 78 -40.17 -24.98 -12.73
C ALA N 78 -40.99 -25.11 -11.45
N LEU N 79 -42.03 -24.29 -11.28
CA LEU N 79 -42.92 -24.47 -10.14
C LEU N 79 -43.76 -25.73 -10.28
N ALA N 80 -44.09 -26.11 -11.52
CA ALA N 80 -44.96 -27.26 -11.73
C ALA N 80 -44.20 -28.58 -11.64
N ILE N 81 -42.90 -28.57 -11.93
CA ILE N 81 -42.10 -29.78 -11.77
C ILE N 81 -41.96 -30.13 -10.29
N GLY N 82 -41.85 -29.11 -9.43
CA GLY N 82 -41.71 -29.35 -8.01
C GLY N 82 -42.95 -29.86 -7.32
N THR N 83 -44.11 -29.30 -7.68
CA THR N 83 -45.37 -29.78 -7.13
C THR N 83 -45.69 -31.19 -7.63
N ALA N 84 -45.28 -31.49 -8.87
CA ALA N 84 -45.40 -32.86 -9.34
C ALA N 84 -44.43 -33.79 -8.63
N LEU N 85 -43.26 -33.28 -8.24
CA LEU N 85 -42.26 -34.11 -7.56
C LEU N 85 -42.59 -34.29 -6.09
N LEU N 86 -43.25 -33.31 -5.47
CA LEU N 86 -43.76 -33.50 -4.12
C LEU N 86 -44.94 -34.47 -4.12
N LYS N 87 -45.72 -34.47 -5.20
CA LYS N 87 -46.84 -35.40 -5.29
C LYS N 87 -46.39 -36.76 -5.79
N ALA N 88 -45.23 -36.85 -6.44
CA ALA N 88 -44.68 -38.15 -6.82
C ALA N 88 -44.24 -38.92 -5.59
N LEU N 89 -43.47 -38.28 -4.72
CA LEU N 89 -43.20 -38.84 -3.40
C LEU N 89 -44.47 -38.80 -2.56
N GLY N 90 -44.52 -39.66 -1.56
CA GLY N 90 -45.60 -39.66 -0.60
C GLY N 90 -45.11 -39.32 0.79
N GLU N 91 -45.61 -40.07 1.77
CA GLU N 91 -44.92 -40.14 3.04
C GLU N 91 -43.56 -40.77 2.82
N ARG N 92 -42.51 -39.98 3.01
CA ARG N 92 -41.16 -40.37 2.61
C ARG N 92 -40.66 -41.51 3.49
N LYS N 93 -40.60 -42.71 2.91
CA LYS N 93 -40.25 -43.90 3.67
C LYS N 93 -39.44 -44.84 2.80
N GLY N 94 -38.27 -45.24 3.30
CA GLY N 94 -37.47 -46.24 2.63
C GLY N 94 -36.67 -45.72 1.46
N ILE N 95 -36.29 -44.45 1.48
CA ILE N 95 -35.46 -43.85 0.44
C ILE N 95 -34.13 -43.44 1.07
N ASN N 96 -33.13 -43.22 0.22
CA ASN N 96 -31.81 -42.85 0.70
C ASN N 96 -31.78 -41.44 1.27
N ARG N 97 -32.55 -40.52 0.65
CA ARG N 97 -32.83 -39.14 1.06
C ARG N 97 -31.63 -38.21 0.85
N PHE N 98 -30.46 -38.75 0.57
CA PHE N 98 -29.29 -37.92 0.29
C PHE N 98 -28.77 -38.21 -1.11
N GLY N 99 -28.57 -37.16 -1.87
CA GLY N 99 -28.05 -37.30 -3.22
C GLY N 99 -26.94 -36.31 -3.46
N ASP N 100 -25.75 -36.83 -3.71
CA ASP N 100 -24.60 -35.99 -4.00
C ASP N 100 -23.86 -36.57 -5.19
N PHE N 101 -23.43 -35.68 -6.08
CA PHE N 101 -22.77 -36.12 -7.29
C PHE N 101 -22.04 -34.94 -7.91
N THR N 102 -20.90 -35.23 -8.54
CA THR N 102 -20.19 -34.26 -9.36
C THR N 102 -19.97 -34.84 -10.75
N ALA N 103 -20.09 -34.01 -11.76
CA ALA N 103 -20.15 -34.48 -13.15
C ALA N 103 -19.34 -33.57 -14.06
N PRO N 104 -18.31 -34.06 -14.74
CA PRO N 104 -17.55 -33.19 -15.64
C PRO N 104 -18.21 -33.13 -17.01
N LEU N 105 -18.23 -31.93 -17.57
CA LEU N 105 -18.22 -31.81 -19.02
C LEU N 105 -16.78 -31.39 -19.35
N ASP N 106 -16.53 -30.99 -20.59
CA ASP N 106 -15.22 -30.44 -20.96
C ASP N 106 -14.93 -29.22 -20.10
N GLU N 107 -13.82 -29.32 -19.35
CA GLU N 107 -13.18 -28.33 -18.49
C GLU N 107 -13.99 -27.87 -17.28
N ALA N 108 -15.25 -28.30 -17.16
CA ALA N 108 -16.16 -27.75 -16.17
C ALA N 108 -16.65 -28.83 -15.21
N LEU N 109 -16.58 -28.54 -13.92
CA LEU N 109 -17.12 -29.38 -12.86
C LEU N 109 -18.22 -28.64 -12.11
N ILE N 110 -19.33 -29.32 -11.90
CA ILE N 110 -20.37 -28.86 -11.00
C ILE N 110 -20.55 -29.92 -9.93
N HIS N 111 -20.65 -29.50 -8.67
CA HIS N 111 -20.97 -30.39 -7.57
C HIS N 111 -22.37 -30.07 -7.07
N VAL N 112 -23.27 -31.04 -7.13
CA VAL N 112 -24.65 -30.87 -6.72
C VAL N 112 -24.95 -31.81 -5.56
N SER N 113 -25.47 -31.25 -4.47
CA SER N 113 -25.86 -32.00 -3.28
C SER N 113 -27.29 -31.63 -2.91
N LEU N 114 -28.07 -32.58 -2.42
CA LEU N 114 -29.48 -32.30 -2.15
C LEU N 114 -30.00 -33.15 -0.99
N ASP N 115 -31.18 -32.80 -0.48
CA ASP N 115 -31.65 -33.33 0.80
C ASP N 115 -33.08 -33.88 0.76
N LEU N 116 -33.99 -33.26 0.00
CA LEU N 116 -35.38 -33.72 -0.19
C LEU N 116 -36.17 -33.94 1.10
N SER N 117 -35.96 -33.09 2.11
CA SER N 117 -36.65 -33.28 3.39
C SER N 117 -37.29 -31.97 3.83
N GLY N 118 -38.48 -31.68 3.33
CA GLY N 118 -39.32 -30.64 3.92
C GLY N 118 -38.86 -29.22 3.66
N ARG N 119 -37.65 -28.90 4.11
CA ARG N 119 -37.15 -27.54 4.19
C ARG N 119 -36.54 -27.09 2.86
N PRO N 120 -36.97 -25.95 2.30
CA PRO N 120 -36.40 -25.49 1.03
C PRO N 120 -35.21 -24.57 1.22
N TYR N 121 -34.16 -24.80 0.43
CA TYR N 121 -32.99 -23.93 0.40
C TYR N 121 -32.32 -24.09 -0.96
N LEU N 122 -31.73 -22.99 -1.45
CA LEU N 122 -30.91 -23.02 -2.66
C LEU N 122 -29.62 -22.26 -2.43
N GLY N 123 -28.49 -22.96 -2.52
CA GLY N 123 -27.20 -22.31 -2.60
C GLY N 123 -26.69 -22.37 -4.02
N TYR N 124 -26.31 -21.21 -4.56
CA TYR N 124 -26.00 -21.06 -5.98
C TYR N 124 -24.68 -20.31 -6.10
N ASN N 125 -23.66 -20.94 -6.67
CA ASN N 125 -22.34 -20.34 -6.79
C ASN N 125 -21.83 -20.29 -8.22
N LEU N 126 -22.66 -20.58 -9.21
CA LEU N 126 -22.25 -20.51 -10.60
C LEU N 126 -22.09 -19.07 -11.07
N GLU N 127 -21.17 -18.88 -12.02
CA GLU N 127 -20.92 -17.61 -12.66
C GLU N 127 -20.74 -17.87 -14.15
N ILE N 128 -21.72 -17.49 -14.94
CA ILE N 128 -21.74 -17.74 -16.38
C ILE N 128 -21.15 -16.50 -17.06
N PRO N 129 -20.18 -16.64 -17.95
CA PRO N 129 -19.56 -15.44 -18.54
C PRO N 129 -20.44 -14.66 -19.51
N THR N 130 -21.15 -15.35 -20.40
CA THR N 130 -21.95 -14.65 -21.39
C THR N 130 -23.38 -14.42 -20.90
N GLN N 131 -24.14 -13.66 -21.67
CA GLN N 131 -25.48 -13.26 -21.25
C GLN N 131 -26.59 -14.01 -21.97
N ARG N 132 -26.33 -14.59 -23.13
CA ARG N 132 -27.28 -15.48 -23.79
C ARG N 132 -26.54 -16.76 -24.16
N VAL N 133 -27.27 -17.87 -24.22
CA VAL N 133 -26.62 -19.11 -24.64
C VAL N 133 -26.90 -19.33 -26.12
N GLY N 134 -28.15 -19.63 -26.47
CA GLY N 134 -28.58 -19.37 -27.83
C GLY N 134 -29.49 -18.18 -27.91
N THR N 135 -30.57 -18.25 -27.13
CA THR N 135 -31.51 -17.18 -26.92
C THR N 135 -32.04 -17.18 -25.49
N TYR N 136 -31.45 -18.00 -24.63
CA TYR N 136 -31.90 -18.17 -23.26
C TYR N 136 -31.18 -17.16 -22.38
N ASP N 137 -31.93 -16.53 -21.47
CA ASP N 137 -31.49 -15.28 -20.86
C ASP N 137 -30.42 -15.45 -19.81
N THR N 138 -30.13 -16.69 -19.37
CA THR N 138 -28.93 -17.13 -18.64
C THR N 138 -28.92 -16.64 -17.19
N GLN N 139 -29.82 -15.73 -16.85
CA GLN N 139 -30.04 -15.27 -15.48
C GLN N 139 -31.22 -16.00 -14.88
N LEU N 140 -31.78 -16.93 -15.64
CA LEU N 140 -32.95 -17.71 -15.31
C LEU N 140 -32.60 -19.09 -14.80
N VAL N 141 -31.33 -19.48 -14.91
CA VAL N 141 -30.89 -20.82 -14.50
C VAL N 141 -30.94 -20.95 -12.98
N GLU N 142 -30.51 -19.90 -12.28
CA GLU N 142 -30.69 -19.85 -10.84
C GLU N 142 -32.14 -19.73 -10.48
N HIS N 143 -32.94 -19.09 -11.35
CA HIS N 143 -34.35 -18.92 -11.06
C HIS N 143 -35.15 -20.18 -11.38
N PHE N 144 -34.60 -21.06 -12.23
CA PHE N 144 -35.19 -22.38 -12.43
C PHE N 144 -35.10 -23.21 -11.15
N PHE N 145 -33.92 -23.24 -10.54
CA PHE N 145 -33.72 -24.07 -9.37
C PHE N 145 -34.25 -23.39 -8.12
N GLN N 146 -34.47 -22.08 -8.16
CA GLN N 146 -35.11 -21.42 -7.03
C GLN N 146 -36.58 -21.75 -6.97
N SER N 147 -37.22 -21.87 -8.14
CA SER N 147 -38.63 -22.22 -8.20
C SER N 147 -38.86 -23.71 -7.95
N LEU N 148 -37.88 -24.54 -8.35
CA LEU N 148 -37.99 -25.96 -8.12
C LEU N 148 -37.80 -26.31 -6.65
N VAL N 149 -37.00 -25.52 -5.93
CA VAL N 149 -36.74 -25.77 -4.52
C VAL N 149 -37.95 -25.43 -3.66
N ASN N 150 -38.65 -24.33 -3.99
CA ASN N 150 -39.66 -23.77 -3.11
C ASN N 150 -40.91 -24.63 -3.05
N THR N 151 -41.16 -25.42 -4.09
CA THR N 151 -42.34 -26.27 -4.10
C THR N 151 -42.02 -27.72 -3.79
N SER N 152 -40.83 -28.19 -4.17
CA SER N 152 -40.44 -29.56 -3.83
C SER N 152 -40.10 -29.72 -2.36
N GLY N 153 -39.65 -28.66 -1.70
CA GLY N 153 -39.24 -28.76 -0.31
C GLY N 153 -37.94 -29.52 -0.13
N MET N 154 -36.88 -29.02 -0.73
CA MET N 154 -35.57 -29.69 -0.71
C MET N 154 -34.49 -28.65 -0.48
N THR N 155 -33.39 -29.09 0.14
CA THR N 155 -32.18 -28.28 0.23
C THR N 155 -31.35 -28.63 -0.99
N LEU N 156 -30.73 -27.63 -1.61
CA LEU N 156 -29.96 -27.86 -2.83
C LEU N 156 -28.73 -26.96 -2.85
N HIS N 157 -27.55 -27.56 -2.90
CA HIS N 157 -26.30 -26.83 -3.05
C HIS N 157 -25.71 -27.12 -4.41
N ILE N 158 -25.46 -26.06 -5.18
CA ILE N 158 -24.87 -26.18 -6.51
C ILE N 158 -23.58 -25.37 -6.49
N ARG N 159 -22.46 -26.01 -6.77
CA ARG N 159 -21.16 -25.35 -6.68
C ARG N 159 -20.35 -25.59 -7.93
N GLN N 160 -19.87 -24.52 -8.55
CA GLN N 160 -18.97 -24.60 -9.70
C GLN N 160 -17.55 -24.77 -9.21
N LEU N 161 -16.82 -25.71 -9.81
CA LEU N 161 -15.46 -26.01 -9.39
C LEU N 161 -14.42 -25.64 -10.45
N ALA N 162 -14.83 -25.53 -11.71
CA ALA N 162 -13.97 -25.16 -12.84
C ALA N 162 -14.81 -24.84 -14.06
N GLY N 163 -14.20 -24.26 -15.09
CA GLY N 163 -14.88 -24.22 -16.38
C GLY N 163 -15.31 -22.83 -16.81
N LYS N 164 -15.04 -22.52 -18.08
CA LYS N 164 -15.49 -21.27 -18.69
C LYS N 164 -16.09 -21.53 -20.07
N ASN N 165 -17.36 -21.92 -20.09
CA ASN N 165 -18.15 -22.07 -21.31
C ASN N 165 -19.61 -22.15 -20.89
N SER N 166 -20.44 -21.29 -21.48
CA SER N 166 -21.82 -21.12 -21.02
C SER N 166 -22.66 -22.37 -21.29
N HIS N 167 -22.50 -22.98 -22.46
CA HIS N 167 -23.25 -24.19 -22.77
C HIS N 167 -22.69 -25.38 -22.01
N HIS N 168 -21.45 -25.31 -21.56
CA HIS N 168 -20.86 -26.45 -20.87
C HIS N 168 -21.16 -26.42 -19.39
N ILE N 169 -21.28 -25.23 -18.79
CA ILE N 169 -21.53 -25.16 -17.35
C ILE N 169 -22.99 -25.50 -17.06
N ILE N 170 -23.92 -25.02 -17.89
CA ILE N 170 -25.33 -25.30 -17.67
C ILE N 170 -25.64 -26.77 -17.98
N GLU N 171 -24.90 -27.40 -18.88
CA GLU N 171 -25.18 -28.81 -19.14
C GLU N 171 -24.46 -29.70 -18.14
N ALA N 172 -23.49 -29.17 -17.40
CA ALA N 172 -22.84 -29.96 -16.38
C ALA N 172 -23.64 -29.96 -15.07
N THR N 173 -24.50 -28.97 -14.87
CA THR N 173 -25.33 -28.95 -13.67
C THR N 173 -26.66 -29.66 -13.86
N PHE N 174 -27.13 -29.85 -15.08
CA PHE N 174 -28.32 -30.66 -15.33
C PHE N 174 -28.02 -32.14 -15.51
N LYS N 175 -26.76 -32.51 -15.74
CA LYS N 175 -26.39 -33.92 -15.63
C LYS N 175 -26.14 -34.30 -14.18
N ALA N 176 -25.64 -33.37 -13.37
CA ALA N 176 -25.27 -33.69 -12.00
C ALA N 176 -26.47 -33.59 -11.07
N PHE N 177 -27.47 -32.78 -11.42
CA PHE N 177 -28.71 -32.74 -10.65
C PHE N 177 -29.53 -33.99 -10.90
N ALA N 178 -29.45 -34.54 -12.11
CA ALA N 178 -30.22 -35.73 -12.45
C ALA N 178 -29.66 -36.97 -11.77
N ARG N 179 -28.34 -37.09 -11.74
CA ARG N 179 -27.72 -38.25 -11.10
C ARG N 179 -27.84 -38.18 -9.59
N ALA N 180 -27.95 -36.97 -9.04
CA ALA N 180 -28.13 -36.80 -7.60
C ALA N 180 -29.58 -36.82 -7.16
N LEU N 181 -30.52 -36.80 -8.10
CA LEU N 181 -31.92 -36.95 -7.76
C LEU N 181 -32.38 -38.40 -7.86
N ARG N 182 -31.76 -39.20 -8.73
CA ARG N 182 -32.03 -40.63 -8.77
C ARG N 182 -31.20 -41.41 -7.76
N GLN N 183 -30.36 -40.74 -6.99
CA GLN N 183 -29.64 -41.36 -5.89
C GLN N 183 -30.37 -41.14 -4.57
N ALA N 184 -31.11 -40.04 -4.47
CA ALA N 184 -31.78 -39.71 -3.22
C ALA N 184 -33.09 -40.46 -3.07
N THR N 185 -33.99 -40.32 -4.05
CA THR N 185 -35.34 -40.84 -3.90
C THR N 185 -35.57 -42.12 -4.70
N GLU N 186 -34.82 -42.32 -5.78
CA GLU N 186 -35.10 -43.46 -6.66
C GLU N 186 -34.51 -44.74 -6.09
N SER N 187 -33.26 -44.68 -5.64
CA SER N 187 -32.65 -45.84 -5.02
C SER N 187 -33.17 -45.99 -3.59
N ASP N 188 -33.06 -47.21 -3.06
CA ASP N 188 -33.57 -47.52 -1.74
C ASP N 188 -32.49 -48.19 -0.91
N PRO N 189 -32.42 -47.91 0.39
CA PRO N 189 -31.42 -48.56 1.24
C PRO N 189 -31.86 -49.95 1.69
N ARG N 190 -31.07 -50.55 2.58
CA ARG N 190 -31.34 -51.91 3.05
C ARG N 190 -32.50 -51.96 4.02
N ARG N 191 -32.87 -50.83 4.62
CA ARG N 191 -33.99 -50.82 5.55
C ARG N 191 -35.31 -50.78 4.79
N GLY N 192 -36.38 -51.18 5.49
CA GLY N 192 -37.68 -51.23 4.85
C GLY N 192 -38.49 -49.95 5.01
N GLY N 193 -38.51 -49.38 6.21
CA GLY N 193 -39.26 -48.17 6.47
C GLY N 193 -38.95 -47.55 7.82
N ARG O 9 9.41 -3.80 -63.64
CA ARG O 9 8.50 -3.27 -62.64
C ARG O 9 9.10 -2.03 -61.98
N ILE O 10 8.74 -0.86 -62.50
CA ILE O 10 9.34 0.40 -62.05
C ILE O 10 8.23 1.42 -61.82
N GLY O 11 8.35 2.16 -60.73
CA GLY O 11 7.52 3.33 -60.51
C GLY O 11 8.41 4.50 -60.19
N GLU O 12 8.11 5.63 -60.81
CA GLU O 12 8.93 6.82 -60.62
C GLU O 12 8.02 8.00 -60.35
N VAL O 13 8.33 8.72 -59.26
CA VAL O 13 7.53 9.86 -58.83
C VAL O 13 8.46 11.05 -58.61
N LYS O 14 8.14 12.16 -59.26
CA LYS O 14 8.74 13.45 -58.97
C LYS O 14 7.71 14.27 -58.20
N ARG O 15 8.18 15.06 -57.24
CA ARG O 15 7.28 15.84 -56.40
C ARG O 15 8.05 17.03 -55.85
N GLU O 16 7.51 18.24 -56.08
CA GLU O 16 8.18 19.46 -55.68
C GLU O 16 7.16 20.41 -55.06
N THR O 17 7.47 20.90 -53.87
CA THR O 17 6.69 21.92 -53.19
C THR O 17 7.57 23.13 -52.94
N LYS O 18 7.06 24.08 -52.15
CA LYS O 18 7.84 25.26 -51.81
C LYS O 18 8.95 24.93 -50.81
N GLU O 19 8.88 23.78 -50.17
CA GLU O 19 9.87 23.43 -49.16
C GLU O 19 10.91 22.45 -49.71
N THR O 20 10.48 21.42 -50.43
CA THR O 20 11.38 20.38 -50.90
C THR O 20 11.24 20.19 -52.41
N ASN O 21 12.18 19.41 -52.96
CA ASN O 21 12.16 19.00 -54.37
C ASN O 21 12.66 17.57 -54.41
N VAL O 22 11.73 16.62 -54.60
CA VAL O 22 12.00 15.21 -54.37
C VAL O 22 11.85 14.44 -55.69
N SER O 23 12.88 13.66 -56.03
CA SER O 23 12.86 12.77 -57.19
C SER O 23 13.12 11.35 -56.72
N VAL O 24 12.18 10.45 -57.01
CA VAL O 24 12.17 9.10 -56.46
C VAL O 24 11.78 8.10 -57.55
N LYS O 25 12.56 7.02 -57.67
CA LYS O 25 12.27 5.92 -58.59
C LYS O 25 12.74 4.61 -57.97
N ILE O 26 11.92 3.56 -58.10
CA ILE O 26 12.22 2.25 -57.54
C ILE O 26 11.99 1.16 -58.59
N ASN O 27 13.02 0.36 -58.84
CA ASN O 27 12.86 -0.95 -59.48
C ASN O 27 12.56 -1.97 -58.41
N LEU O 28 11.37 -2.56 -58.45
CA LEU O 28 10.99 -3.49 -57.40
C LEU O 28 11.62 -4.85 -57.60
N ASP O 29 11.81 -5.26 -58.85
CA ASP O 29 12.51 -6.49 -59.18
C ASP O 29 13.91 -6.11 -59.68
N GLY O 30 14.89 -6.23 -58.80
CA GLY O 30 16.22 -5.74 -59.14
C GLY O 30 17.28 -6.34 -58.25
N HIS O 31 18.40 -5.63 -58.15
CA HIS O 31 19.58 -6.14 -57.48
C HIS O 31 20.01 -5.17 -56.38
N GLY O 32 21.17 -5.41 -55.79
CA GLY O 32 21.62 -4.58 -54.67
C GLY O 32 22.29 -3.27 -55.04
N VAL O 33 21.79 -2.59 -56.07
CA VAL O 33 22.36 -1.31 -56.46
C VAL O 33 21.66 -0.19 -55.71
N SER O 34 22.41 0.84 -55.34
CA SER O 34 21.89 1.93 -54.52
C SER O 34 22.59 3.22 -54.86
N ASP O 35 21.82 4.19 -55.33
CA ASP O 35 22.25 5.58 -55.41
C ASP O 35 21.12 6.46 -54.90
N SER O 36 21.28 6.97 -53.69
CA SER O 36 20.21 7.71 -53.03
C SER O 36 20.82 8.70 -52.06
N SER O 37 20.81 9.98 -52.43
CA SER O 37 21.40 11.03 -51.62
C SER O 37 20.30 12.00 -51.21
N THR O 38 19.86 11.89 -49.96
CA THR O 38 18.99 12.89 -49.37
C THR O 38 19.82 13.99 -48.74
N GLY O 39 19.13 15.03 -48.26
CA GLY O 39 19.84 16.15 -47.66
C GLY O 39 20.49 15.83 -46.34
N ILE O 40 20.02 14.79 -45.66
CA ILE O 40 20.55 14.37 -44.37
C ILE O 40 21.23 13.02 -44.54
N PRO O 41 22.47 12.86 -44.08
CA PRO O 41 23.24 11.66 -44.46
C PRO O 41 22.85 10.39 -43.73
N PHE O 42 22.06 10.49 -42.65
CA PHE O 42 21.75 9.26 -41.93
C PHE O 42 20.66 8.46 -42.62
N LEU O 43 19.75 9.10 -43.36
CA LEU O 43 18.82 8.35 -44.22
C LEU O 43 19.55 7.59 -45.31
N ASP O 44 20.68 8.11 -45.78
CA ASP O 44 21.43 7.46 -46.84
C ASP O 44 22.01 6.12 -46.38
N HIS O 45 22.35 6.01 -45.09
CA HIS O 45 22.79 4.73 -44.55
C HIS O 45 21.62 3.79 -44.34
N MET O 46 20.40 4.31 -44.21
CA MET O 46 19.27 3.44 -43.96
C MET O 46 18.62 2.97 -45.25
N LEU O 47 18.66 3.80 -46.29
CA LEU O 47 18.16 3.40 -47.60
C LEU O 47 19.12 2.46 -48.31
N ASP O 48 20.37 2.34 -47.84
CA ASP O 48 21.25 1.27 -48.30
C ASP O 48 20.73 -0.09 -47.85
N GLN O 49 20.05 -0.13 -46.70
CA GLN O 49 19.63 -1.41 -46.14
C GLN O 49 18.46 -2.00 -46.90
N LEU O 50 17.54 -1.15 -47.37
CA LEU O 50 16.44 -1.66 -48.20
C LEU O 50 16.84 -1.80 -49.66
N ALA O 51 18.13 -1.61 -49.99
CA ALA O 51 18.63 -1.91 -51.32
C ALA O 51 19.41 -3.22 -51.32
N SER O 52 20.20 -3.47 -50.28
CA SER O 52 21.06 -4.66 -50.27
C SER O 52 20.36 -5.85 -49.66
N HIS O 53 19.50 -5.63 -48.66
CA HIS O 53 18.78 -6.73 -48.02
C HIS O 53 17.40 -6.96 -48.62
N GLY O 54 16.78 -5.93 -49.17
CA GLY O 54 15.49 -6.09 -49.81
C GLY O 54 15.64 -6.43 -51.27
N LEU O 55 16.86 -6.27 -51.79
CA LEU O 55 17.22 -6.45 -53.19
C LEU O 55 16.34 -5.59 -54.11
N PHE O 56 16.20 -4.33 -53.71
CA PHE O 56 15.52 -3.32 -54.50
C PHE O 56 16.56 -2.39 -55.12
N ASP O 57 16.16 -1.71 -56.18
CA ASP O 57 16.97 -0.66 -56.78
C ASP O 57 16.25 0.65 -56.56
N VAL O 58 16.67 1.40 -55.55
CA VAL O 58 16.01 2.63 -55.13
C VAL O 58 16.90 3.81 -55.50
N HIS O 59 16.28 4.86 -56.05
CA HIS O 59 16.97 6.07 -56.47
C HIS O 59 16.23 7.27 -55.90
N VAL O 60 16.86 7.96 -54.96
CA VAL O 60 16.26 9.11 -54.30
C VAL O 60 17.18 10.30 -54.48
N ARG O 61 16.63 11.41 -54.97
CA ARG O 61 17.32 12.69 -54.98
C ARG O 61 16.37 13.72 -54.39
N ALA O 62 16.73 14.29 -53.25
CA ALA O 62 15.90 15.27 -52.57
C ALA O 62 16.75 16.47 -52.15
N THR O 63 16.25 17.66 -52.46
CA THR O 63 16.84 18.90 -52.00
C THR O 63 15.79 19.64 -51.19
N GLY O 64 16.12 19.94 -49.92
CA GLY O 64 15.16 20.54 -49.04
C GLY O 64 15.81 21.47 -48.04
N ASP O 65 14.97 22.05 -47.19
CA ASP O 65 15.40 23.08 -46.26
C ASP O 65 15.91 22.44 -44.98
N THR O 66 17.16 21.99 -44.98
CA THR O 66 17.82 21.62 -43.73
C THR O 66 18.44 22.83 -43.02
N HIS O 67 18.21 24.02 -43.55
CA HIS O 67 18.48 25.27 -42.82
C HIS O 67 17.62 25.37 -41.57
N ILE O 68 16.43 24.77 -41.60
CA ILE O 68 15.54 24.61 -40.47
C ILE O 68 15.53 23.12 -40.19
N ASP O 69 14.70 22.68 -39.22
CA ASP O 69 14.62 21.28 -38.81
C ASP O 69 14.34 20.31 -39.96
N ASP O 70 14.76 19.05 -39.79
CA ASP O 70 14.71 18.06 -40.85
C ASP O 70 13.34 17.39 -41.00
N HIS O 71 12.30 17.91 -40.36
CA HIS O 71 10.98 17.27 -40.40
C HIS O 71 10.37 17.35 -41.80
N HIS O 72 10.65 18.44 -42.51
CA HIS O 72 9.98 18.70 -43.79
C HIS O 72 10.55 17.84 -44.90
N THR O 73 11.86 17.65 -44.92
CA THR O 73 12.50 16.86 -45.96
C THR O 73 12.55 15.38 -45.65
N ASN O 74 11.90 14.95 -44.56
CA ASN O 74 11.78 13.53 -44.27
C ASN O 74 10.37 13.03 -44.62
N GLU O 75 9.37 13.91 -44.49
CA GLU O 75 8.03 13.59 -44.96
C GLU O 75 8.03 13.35 -46.46
N ASP O 76 8.56 14.31 -47.22
CA ASP O 76 8.43 14.32 -48.66
C ASP O 76 9.28 13.25 -49.34
N VAL O 77 10.33 12.76 -48.68
CA VAL O 77 11.01 11.58 -49.16
C VAL O 77 10.13 10.35 -48.92
N ALA O 78 9.59 10.22 -47.71
CA ALA O 78 8.85 9.03 -47.34
C ALA O 78 7.48 8.98 -48.02
N LEU O 79 6.90 10.15 -48.32
CA LEU O 79 5.66 10.18 -49.09
C LEU O 79 5.90 9.77 -50.54
N ALA O 80 7.09 10.08 -51.07
CA ALA O 80 7.36 9.80 -52.48
C ALA O 80 7.75 8.35 -52.71
N ILE O 81 8.33 7.69 -51.70
CA ILE O 81 8.64 6.27 -51.82
C ILE O 81 7.36 5.45 -51.87
N GLY O 82 6.33 5.86 -51.14
CA GLY O 82 5.07 5.14 -51.13
C GLY O 82 4.26 5.26 -52.40
N THR O 83 4.21 6.47 -52.97
CA THR O 83 3.51 6.67 -54.24
C THR O 83 4.24 5.97 -55.38
N ALA O 84 5.58 5.91 -55.29
CA ALA O 84 6.34 5.11 -56.24
C ALA O 84 6.10 3.63 -56.05
N LEU O 85 5.87 3.19 -54.81
CA LEU O 85 5.65 1.78 -54.54
C LEU O 85 4.22 1.35 -54.86
N LEU O 86 3.26 2.26 -54.74
CA LEU O 86 1.91 1.98 -55.22
C LEU O 86 1.87 1.96 -56.74
N LYS O 87 2.72 2.77 -57.38
CA LYS O 87 2.78 2.76 -58.84
C LYS O 87 3.67 1.63 -59.36
N ALA O 88 4.58 1.11 -58.53
CA ALA O 88 5.35 -0.05 -58.92
C ALA O 88 4.47 -1.30 -59.03
N LEU O 89 3.68 -1.55 -57.99
CA LEU O 89 2.62 -2.54 -58.09
C LEU O 89 1.53 -2.05 -59.04
N GLY O 90 0.78 -2.99 -59.59
CA GLY O 90 -0.37 -2.66 -60.40
C GLY O 90 -1.65 -3.15 -59.77
N GLU O 91 -2.51 -3.74 -60.59
CA GLU O 91 -3.56 -4.61 -60.06
C GLU O 91 -2.88 -5.80 -59.40
N ARG O 92 -3.01 -5.89 -58.08
CA ARG O 92 -2.23 -6.83 -57.29
C ARG O 92 -2.68 -8.26 -57.59
N LYS O 93 -1.83 -9.01 -58.30
CA LYS O 93 -2.20 -10.34 -58.75
C LYS O 93 -0.96 -11.23 -58.73
N GLY O 94 -1.08 -12.38 -58.07
CA GLY O 94 -0.03 -13.37 -58.08
C GLY O 94 1.13 -13.07 -57.16
N ILE O 95 0.90 -12.34 -56.07
CA ILE O 95 1.92 -12.06 -55.08
C ILE O 95 1.52 -12.72 -53.77
N ASN O 96 2.51 -12.86 -52.87
CA ASN O 96 2.27 -13.52 -51.59
C ASN O 96 1.40 -12.66 -50.68
N ARG O 97 1.60 -11.34 -50.72
CA ARG O 97 0.82 -10.28 -50.06
C ARG O 97 1.06 -10.23 -48.56
N PHE O 98 1.73 -11.22 -47.97
CA PHE O 98 2.05 -11.20 -46.56
C PHE O 98 3.56 -11.25 -46.39
N GLY O 99 4.08 -10.33 -45.59
CA GLY O 99 5.51 -10.31 -45.31
C GLY O 99 5.74 -10.15 -43.83
N ASP O 100 6.37 -11.15 -43.23
CA ASP O 100 6.70 -11.10 -41.82
C ASP O 100 8.13 -11.58 -41.64
N PHE O 101 8.86 -10.87 -40.78
CA PHE O 101 10.27 -11.19 -40.58
C PHE O 101 10.73 -10.54 -39.28
N THR O 102 11.65 -11.22 -38.60
CA THR O 102 12.35 -10.64 -37.46
C THR O 102 13.85 -10.76 -37.69
N ALA O 103 14.60 -9.73 -37.30
CA ALA O 103 16.00 -9.60 -37.67
C ALA O 103 16.83 -9.09 -36.50
N PRO O 104 17.82 -9.84 -36.03
CA PRO O 104 18.64 -9.35 -34.93
C PRO O 104 19.76 -8.46 -35.44
N LEU O 105 20.02 -7.39 -34.71
CA LEU O 105 21.35 -6.83 -34.66
C LEU O 105 21.88 -7.25 -33.31
N ASP O 106 23.02 -6.69 -32.89
CA ASP O 106 23.54 -6.92 -31.55
C ASP O 106 22.51 -6.47 -30.52
N GLU O 107 22.06 -7.43 -29.70
CA GLU O 107 21.15 -7.35 -28.55
C GLU O 107 19.72 -6.92 -28.87
N ALA O 108 19.42 -6.56 -30.11
CA ALA O 108 18.16 -5.94 -30.44
C ALA O 108 17.40 -6.76 -31.48
N LEU O 109 16.12 -7.01 -31.20
CA LEU O 109 15.20 -7.66 -32.12
C LEU O 109 14.07 -6.71 -32.49
N ILE O 110 13.78 -6.63 -33.78
CA ILE O 110 12.58 -5.98 -34.28
C ILE O 110 11.79 -7.02 -35.05
N HIS O 111 10.48 -7.06 -34.82
CA HIS O 111 9.58 -7.89 -35.60
C HIS O 111 8.71 -6.99 -36.47
N VAL O 112 8.79 -7.17 -37.78
CA VAL O 112 8.05 -6.37 -38.75
C VAL O 112 7.11 -7.27 -39.53
N SER O 113 5.82 -6.91 -39.55
CA SER O 113 4.81 -7.63 -40.30
C SER O 113 4.05 -6.63 -41.16
N LEU O 114 3.63 -7.05 -42.36
CA LEU O 114 2.99 -6.11 -43.27
C LEU O 114 1.98 -6.80 -44.18
N ASP O 115 1.14 -6.02 -44.86
CA ASP O 115 -0.05 -6.56 -45.51
C ASP O 115 -0.20 -6.12 -46.98
N LEU O 116 0.17 -4.88 -47.32
CA LEU O 116 0.15 -4.36 -48.71
C LEU O 116 -1.21 -4.48 -49.42
N SER O 117 -2.31 -4.29 -48.70
CA SER O 117 -3.63 -4.45 -49.31
C SER O 117 -4.50 -3.25 -48.98
N GLY O 118 -4.37 -2.17 -49.75
CA GLY O 118 -5.36 -1.10 -49.73
C GLY O 118 -5.35 -0.22 -48.49
N ARG O 119 -5.57 -0.84 -47.34
CA ARG O 119 -5.86 -0.15 -46.09
C ARG O 119 -4.57 0.27 -45.38
N PRO O 120 -4.41 1.53 -45.01
CA PRO O 120 -3.19 1.97 -44.32
C PRO O 120 -3.32 1.89 -42.79
N TYR O 121 -2.28 1.36 -42.15
CA TYR O 121 -2.19 1.34 -40.70
C TYR O 121 -0.72 1.28 -40.31
N LEU O 122 -0.39 1.91 -39.19
CA LEU O 122 0.95 1.80 -38.60
C LEU O 122 0.84 1.54 -37.11
N GLY O 123 1.35 0.39 -36.67
CA GLY O 123 1.56 0.14 -35.26
C GLY O 123 3.04 0.26 -34.94
N TYR O 124 3.35 1.08 -33.93
CA TYR O 124 4.73 1.46 -33.63
C TYR O 124 4.96 1.30 -32.15
N ASN O 125 5.88 0.41 -31.77
CA ASN O 125 6.14 0.13 -30.37
C ASN O 125 7.60 0.33 -29.97
N LEU O 126 8.41 0.93 -30.83
CA LEU O 126 9.81 1.19 -30.50
C LEU O 126 9.95 2.32 -29.49
N GLU O 127 11.00 2.23 -28.70
CA GLU O 127 11.37 3.25 -27.72
C GLU O 127 12.88 3.43 -27.78
N ILE O 128 13.31 4.55 -28.34
CA ILE O 128 14.73 4.84 -28.55
C ILE O 128 15.21 5.63 -27.34
N PRO O 129 16.31 5.26 -26.69
CA PRO O 129 16.71 5.98 -25.47
C PRO O 129 17.25 7.39 -25.70
N THR O 130 18.10 7.58 -26.70
CA THR O 130 18.68 8.89 -26.93
C THR O 130 17.84 9.73 -27.88
N GLN O 131 18.22 11.00 -28.03
CA GLN O 131 17.43 11.93 -28.81
C GLN O 131 18.03 12.27 -30.17
N ARG O 132 19.33 12.06 -30.36
CA ARG O 132 19.96 12.16 -31.67
C ARG O 132 20.78 10.91 -31.90
N VAL O 133 20.93 10.52 -33.18
CA VAL O 133 21.76 9.36 -33.45
C VAL O 133 23.15 9.84 -33.86
N GLY O 134 23.27 10.47 -35.02
CA GLY O 134 24.40 11.34 -35.24
C GLY O 134 23.98 12.80 -35.20
N THR O 135 23.03 13.11 -36.07
CA THR O 135 22.36 14.40 -36.12
C THR O 135 20.89 14.23 -36.50
N TYR O 136 20.40 12.99 -36.53
CA TYR O 136 19.05 12.69 -36.94
C TYR O 136 18.13 12.73 -35.73
N ASP O 137 16.97 13.35 -35.89
CA ASP O 137 16.18 13.82 -34.75
C ASP O 137 15.47 12.72 -33.99
N THR O 138 15.42 11.49 -34.52
CA THR O 138 15.11 10.23 -33.84
C THR O 138 13.62 10.11 -33.48
N GLN O 139 12.88 11.20 -33.60
CA GLN O 139 11.44 11.23 -33.46
C GLN O 139 10.78 11.18 -34.81
N LEU O 140 11.58 11.07 -35.85
CA LEU O 140 11.18 11.06 -37.24
C LEU O 140 11.11 9.65 -37.82
N VAL O 141 11.59 8.66 -37.08
CA VAL O 141 11.62 7.28 -37.56
C VAL O 141 10.21 6.73 -37.63
N GLU O 142 9.40 7.02 -36.62
CA GLU O 142 7.97 6.68 -36.68
C GLU O 142 7.28 7.51 -37.73
N HIS O 143 7.78 8.73 -37.98
CA HIS O 143 7.15 9.59 -38.96
C HIS O 143 7.56 9.22 -40.38
N PHE O 144 8.70 8.52 -40.54
CA PHE O 144 9.06 7.95 -41.82
C PHE O 144 8.08 6.87 -42.23
N PHE O 145 7.78 5.96 -41.31
CA PHE O 145 6.90 4.84 -41.64
C PHE O 145 5.44 5.25 -41.59
N GLN O 146 5.12 6.37 -40.96
CA GLN O 146 3.75 6.86 -41.00
C GLN O 146 3.44 7.46 -42.37
N SER O 147 4.43 8.12 -42.96
CA SER O 147 4.25 8.71 -44.29
C SER O 147 4.33 7.65 -45.37
N LEU O 148 5.12 6.60 -45.16
CA LEU O 148 5.21 5.51 -46.12
C LEU O 148 3.94 4.67 -46.14
N VAL O 149 3.25 4.57 -45.01
CA VAL O 149 2.05 3.76 -44.92
C VAL O 149 0.88 4.45 -45.63
N ASN O 150 0.78 5.78 -45.49
CA ASN O 150 -0.42 6.49 -45.90
C ASN O 150 -0.56 6.56 -47.42
N THR O 151 0.56 6.47 -48.13
CA THR O 151 0.51 6.53 -49.58
C THR O 151 0.62 5.15 -50.24
N SER O 152 1.36 4.24 -49.61
CA SER O 152 1.45 2.88 -50.16
C SER O 152 0.18 2.09 -49.95
N GLY O 153 -0.59 2.38 -48.91
CA GLY O 153 -1.79 1.63 -48.62
C GLY O 153 -1.49 0.25 -48.08
N MET O 154 -0.81 0.18 -46.95
CA MET O 154 -0.37 -1.07 -46.35
C MET O 154 -0.58 -1.02 -44.85
N THR O 155 -0.83 -2.17 -44.24
CA THR O 155 -0.83 -2.31 -42.79
C THR O 155 0.59 -2.65 -42.40
N LEU O 156 1.09 -2.08 -41.31
CA LEU O 156 2.46 -2.30 -40.89
C LEU O 156 2.55 -2.34 -39.37
N HIS O 157 3.00 -3.46 -38.83
CA HIS O 157 3.25 -3.60 -37.40
C HIS O 157 4.75 -3.72 -37.15
N ILE O 158 5.28 -2.83 -36.33
CA ILE O 158 6.69 -2.83 -35.98
C ILE O 158 6.79 -2.98 -34.46
N ARG O 159 7.45 -4.02 -33.99
CA ARG O 159 7.49 -4.31 -32.57
C ARG O 159 8.93 -4.56 -32.13
N GLN O 160 9.36 -3.85 -31.09
CA GLN O 160 10.66 -4.06 -30.48
C GLN O 160 10.56 -5.18 -29.47
N LEU O 161 11.52 -6.10 -29.51
CA LEU O 161 11.50 -7.25 -28.61
C LEU O 161 12.65 -7.24 -27.60
N ALA O 162 13.73 -6.51 -27.88
CA ALA O 162 14.89 -6.38 -27.03
C ALA O 162 15.79 -5.24 -27.51
N GLY O 163 16.76 -4.83 -26.70
CA GLY O 163 17.81 -3.99 -27.25
C GLY O 163 17.78 -2.57 -26.72
N LYS O 164 18.97 -2.08 -26.36
CA LYS O 164 19.15 -0.69 -25.95
C LYS O 164 20.39 -0.09 -26.62
N ASN O 165 20.21 0.39 -27.86
CA ASN O 165 21.22 1.13 -28.60
C ASN O 165 20.52 1.78 -29.77
N SER O 166 20.68 3.10 -29.90
CA SER O 166 19.90 3.87 -30.86
C SER O 166 20.25 3.53 -32.29
N HIS O 167 21.54 3.37 -32.59
CA HIS O 167 21.95 3.01 -33.95
C HIS O 167 21.65 1.54 -34.23
N HIS O 168 21.49 0.72 -33.19
CA HIS O 168 21.23 -0.69 -33.44
C HIS O 168 19.75 -0.99 -33.60
N ILE O 169 18.88 -0.22 -32.95
CA ILE O 169 17.45 -0.49 -33.06
C ILE O 169 16.93 0.02 -34.40
N ILE O 170 17.39 1.19 -34.84
CA ILE O 170 16.93 1.72 -36.11
C ILE O 170 17.50 0.92 -37.28
N GLU O 171 18.67 0.31 -37.12
CA GLU O 171 19.18 -0.48 -38.24
C GLU O 171 18.61 -1.89 -38.20
N ALA O 172 18.02 -2.31 -37.08
CA ALA O 172 17.37 -3.61 -37.05
C ALA O 172 15.97 -3.57 -37.64
N THR O 173 15.34 -2.39 -37.68
CA THR O 173 14.01 -2.29 -38.28
C THR O 173 14.05 -1.98 -39.76
N PHE O 174 15.16 -1.44 -40.28
CA PHE O 174 15.31 -1.26 -41.72
C PHE O 174 15.91 -2.48 -42.42
N LYS O 175 16.48 -3.42 -41.68
CA LYS O 175 16.80 -4.72 -42.26
C LYS O 175 15.58 -5.63 -42.27
N ALA O 176 14.71 -5.49 -41.26
CA ALA O 176 13.56 -6.39 -41.14
C ALA O 176 12.40 -5.92 -42.00
N PHE O 177 12.32 -4.62 -42.27
CA PHE O 177 11.30 -4.12 -43.19
C PHE O 177 11.64 -4.49 -44.63
N ALA O 178 12.93 -4.54 -44.94
CA ALA O 178 13.37 -4.86 -46.29
C ALA O 178 13.14 -6.33 -46.61
N ARG O 179 13.44 -7.22 -45.66
CA ARG O 179 13.25 -8.64 -45.88
C ARG O 179 11.77 -9.01 -45.88
N ALA O 180 10.94 -8.22 -45.20
CA ALA O 180 9.50 -8.47 -45.19
C ALA O 180 8.77 -7.77 -46.31
N LEU O 181 9.44 -6.90 -47.07
CA LEU O 181 8.84 -6.31 -48.26
C LEU O 181 9.18 -7.09 -49.51
N ARG O 182 10.33 -7.76 -49.56
CA ARG O 182 10.64 -8.65 -50.66
C ARG O 182 10.06 -10.04 -50.47
N GLN O 183 9.36 -10.29 -49.37
CA GLN O 183 8.63 -11.54 -49.17
C GLN O 183 7.16 -11.37 -49.57
N ALA O 184 6.64 -10.15 -49.44
CA ALA O 184 5.23 -9.92 -49.73
C ALA O 184 4.98 -9.77 -51.22
N THR O 185 5.67 -8.82 -51.85
CA THR O 185 5.34 -8.46 -53.23
C THR O 185 6.35 -9.02 -54.23
N GLU O 186 7.59 -9.26 -53.81
CA GLU O 186 8.62 -9.66 -54.76
C GLU O 186 8.52 -11.14 -55.08
N SER O 187 8.37 -11.96 -54.05
CA SER O 187 8.19 -13.39 -54.29
C SER O 187 6.76 -13.66 -54.75
N ASP O 188 6.57 -14.81 -55.41
CA ASP O 188 5.28 -15.17 -55.97
C ASP O 188 4.90 -16.57 -55.52
N PRO O 189 3.62 -16.82 -55.25
CA PRO O 189 3.20 -18.17 -54.86
C PRO O 189 3.01 -19.10 -56.05
N ARG O 190 2.47 -20.29 -55.78
CA ARG O 190 2.31 -21.29 -56.83
C ARG O 190 1.13 -20.97 -57.75
N ARG O 191 0.21 -20.12 -57.30
CA ARG O 191 -0.92 -19.75 -58.14
C ARG O 191 -0.52 -18.70 -59.17
N GLY O 192 -1.32 -18.61 -60.24
CA GLY O 192 -1.00 -17.66 -61.30
C GLY O 192 -1.63 -16.31 -61.13
N GLY O 193 -2.91 -16.26 -60.75
CA GLY O 193 -3.61 -15.00 -60.57
C GLY O 193 -4.96 -15.16 -59.90
N ARG P 9 -21.38 -59.05 14.38
CA ARG P 9 -20.20 -58.20 14.46
C ARG P 9 -20.37 -57.17 15.58
N ILE P 10 -19.85 -57.50 16.77
CA ILE P 10 -20.05 -56.66 17.94
C ILE P 10 -18.72 -56.49 18.66
N GLY P 11 -18.46 -55.27 19.10
CA GLY P 11 -17.37 -55.00 20.01
C GLY P 11 -17.89 -54.24 21.20
N GLU P 12 -17.45 -54.66 22.39
CA GLU P 12 -17.92 -54.04 23.61
C GLU P 12 -16.73 -53.73 24.50
N VAL P 13 -16.67 -52.49 24.95
CA VAL P 13 -15.56 -52.02 25.78
C VAL P 13 -16.14 -51.34 27.02
N LYS P 14 -15.69 -51.80 28.19
CA LYS P 14 -15.91 -51.11 29.45
C LYS P 14 -14.60 -50.44 29.84
N ARG P 15 -14.70 -49.25 30.43
CA ARG P 15 -13.51 -48.49 30.80
C ARG P 15 -13.87 -47.53 31.92
N GLU P 16 -13.14 -47.63 33.03
CA GLU P 16 -13.40 -46.83 34.21
C GLU P 16 -12.10 -46.29 34.78
N THR P 17 -12.08 -44.98 34.99
CA THR P 17 -10.96 -44.30 35.64
C THR P 17 -11.49 -43.60 36.88
N LYS P 18 -10.64 -42.76 37.49
CA LYS P 18 -11.05 -42.01 38.67
C LYS P 18 -12.01 -40.88 38.31
N GLU P 19 -12.09 -40.52 37.02
CA GLU P 19 -12.94 -39.42 36.62
C GLU P 19 -14.26 -39.90 36.02
N THR P 20 -14.21 -40.91 35.15
CA THR P 20 -15.40 -41.36 34.44
C THR P 20 -15.58 -42.87 34.62
N ASN P 21 -16.76 -43.35 34.19
CA ASN P 21 -17.09 -44.76 34.16
C ASN P 21 -17.90 -45.00 32.90
N VAL P 22 -17.27 -45.60 31.88
CA VAL P 22 -17.81 -45.62 30.52
C VAL P 22 -18.08 -47.07 30.11
N SER P 23 -19.30 -47.32 29.63
CA SER P 23 -19.70 -48.61 29.09
C SER P 23 -20.18 -48.42 27.66
N VAL P 24 -19.55 -49.09 26.71
CA VAL P 24 -19.75 -48.85 25.29
C VAL P 24 -19.81 -50.20 24.55
N LYS P 25 -20.83 -50.36 23.70
CA LYS P 25 -20.96 -51.53 22.84
C LYS P 25 -21.60 -51.12 21.52
N ILE P 26 -21.08 -51.65 20.41
CA ILE P 26 -21.57 -51.33 19.07
C ILE P 26 -21.79 -52.60 18.26
N ASN P 27 -23.01 -52.78 17.75
CA ASN P 27 -23.27 -53.70 16.65
C ASN P 27 -23.02 -52.96 15.34
N LEU P 28 -22.03 -53.41 14.58
CA LEU P 28 -21.68 -52.69 13.36
C LEU P 28 -22.65 -53.03 12.23
N ASP P 29 -23.14 -54.26 12.20
CA ASP P 29 -24.16 -54.68 11.25
C ASP P 29 -25.49 -54.75 11.98
N GLY P 30 -26.30 -53.70 11.83
CA GLY P 30 -27.52 -53.61 12.62
C GLY P 30 -28.51 -52.66 12.01
N HIS P 31 -29.41 -52.17 12.86
CA HIS P 31 -30.53 -51.35 12.41
C HIS P 31 -30.51 -50.01 13.13
N GLY P 32 -31.58 -49.22 12.97
CA GLY P 32 -31.60 -47.89 13.54
C GLY P 32 -32.00 -47.80 15.00
N VAL P 33 -31.57 -48.75 15.82
CA VAL P 33 -31.90 -48.72 17.24
C VAL P 33 -30.82 -47.93 17.99
N SER P 34 -31.25 -47.19 19.00
CA SER P 34 -30.34 -46.30 19.72
C SER P 34 -30.78 -46.18 21.18
N ASP P 35 -29.90 -46.60 22.08
CA ASP P 35 -30.02 -46.29 23.49
C ASP P 35 -28.64 -45.88 24.00
N SER P 36 -28.45 -44.58 24.20
CA SER P 36 -27.14 -44.05 24.54
C SER P 36 -27.32 -42.78 25.35
N SER P 37 -27.09 -42.86 26.66
CA SER P 37 -27.26 -41.73 27.55
C SER P 37 -25.91 -41.39 28.16
N THR P 38 -25.29 -40.32 27.66
CA THR P 38 -24.12 -39.75 28.30
C THR P 38 -24.55 -38.73 29.35
N GLY P 39 -23.57 -38.21 30.08
CA GLY P 39 -23.87 -37.24 31.12
C GLY P 39 -24.33 -35.90 30.59
N ILE P 40 -23.99 -35.58 29.35
CA ILE P 40 -24.37 -34.33 28.71
C ILE P 40 -25.36 -34.63 27.59
N PRO P 41 -26.51 -33.93 27.55
CA PRO P 41 -27.58 -34.36 26.66
C PRO P 41 -27.37 -34.03 25.19
N PHE P 42 -26.41 -33.18 24.86
CA PHE P 42 -26.26 -32.82 23.45
C PHE P 42 -25.51 -33.90 22.67
N LEU P 43 -24.63 -34.67 23.30
CA LEU P 43 -24.07 -35.86 22.64
C LEU P 43 -25.14 -36.89 22.33
N ASP P 44 -26.19 -36.96 23.15
CA ASP P 44 -27.25 -37.94 22.93
C ASP P 44 -28.03 -37.65 21.66
N HIS P 45 -28.14 -36.37 21.28
CA HIS P 45 -28.76 -36.02 20.01
C HIS P 45 -27.82 -36.29 18.85
N MET P 46 -26.52 -36.35 19.09
CA MET P 46 -25.58 -36.55 17.99
C MET P 46 -25.31 -38.04 17.76
N LEU P 47 -25.35 -38.83 18.83
CA LEU P 47 -25.20 -40.27 18.69
C LEU P 47 -26.46 -40.93 18.16
N ASP P 48 -27.58 -40.22 18.15
CA ASP P 48 -28.76 -40.67 17.41
C ASP P 48 -28.50 -40.66 15.90
N GLN P 49 -27.65 -39.74 15.45
CA GLN P 49 -27.44 -39.56 14.02
C GLN P 49 -26.59 -40.69 13.43
N LEU P 50 -25.61 -41.17 14.19
CA LEU P 50 -24.83 -42.31 13.73
C LEU P 50 -25.51 -43.63 14.04
N ALA P 51 -26.74 -43.60 14.53
CA ALA P 51 -27.54 -44.82 14.68
C ALA P 51 -28.58 -44.93 13.57
N SER P 52 -29.21 -43.81 13.22
CA SER P 52 -30.30 -43.85 12.25
C SER P 52 -29.79 -43.70 10.82
N HIS P 53 -28.75 -42.88 10.62
CA HIS P 53 -28.20 -42.68 9.29
C HIS P 53 -27.04 -43.62 8.98
N GLY P 54 -26.30 -44.06 9.98
CA GLY P 54 -25.22 -45.00 9.76
C GLY P 54 -25.70 -46.44 9.84
N LEU P 55 -26.93 -46.61 10.35
CA LEU P 55 -27.57 -47.89 10.60
C LEU P 55 -26.69 -48.78 11.49
N PHE P 56 -26.20 -48.17 12.56
CA PHE P 56 -25.46 -48.87 13.60
C PHE P 56 -26.34 -49.01 14.82
N ASP P 57 -26.00 -49.97 15.67
CA ASP P 57 -26.65 -50.13 16.97
C ASP P 57 -25.61 -49.81 18.03
N VAL P 58 -25.66 -48.59 18.56
CA VAL P 58 -24.68 -48.08 19.50
C VAL P 58 -25.31 -47.98 20.88
N HIS P 59 -24.58 -48.42 21.90
CA HIS P 59 -25.04 -48.40 23.28
C HIS P 59 -23.96 -47.79 24.14
N VAL P 60 -24.23 -46.60 24.68
CA VAL P 60 -23.26 -45.86 25.48
C VAL P 60 -23.90 -45.56 26.83
N ARG P 61 -23.22 -45.93 27.90
CA ARG P 61 -23.58 -45.51 29.25
C ARG P 61 -22.33 -44.95 29.92
N ALA P 62 -22.34 -43.65 30.23
CA ALA P 62 -21.20 -42.99 30.83
C ALA P 62 -21.66 -42.15 32.02
N THR P 63 -20.96 -42.30 33.13
CA THR P 63 -21.16 -41.46 34.31
C THR P 63 -19.84 -40.77 34.61
N GLY P 64 -19.86 -39.45 34.62
CA GLY P 64 -18.63 -38.70 34.80
C GLY P 64 -18.86 -37.41 35.54
N ASP P 65 -17.79 -36.66 35.72
CA ASP P 65 -17.79 -35.46 36.54
C ASP P 65 -18.18 -34.26 35.70
N THR P 66 -19.49 -34.07 35.51
CA THR P 66 -19.98 -32.81 34.95
C THR P 66 -20.16 -31.74 36.01
N HIS P 67 -19.76 -32.03 37.26
CA HIS P 67 -19.61 -31.02 38.29
C HIS P 67 -18.54 -30.00 37.91
N ILE P 68 -17.54 -30.44 37.15
CA ILE P 68 -16.52 -29.59 36.54
C ILE P 68 -16.80 -29.65 35.04
N ASP P 69 -15.94 -29.03 34.24
CA ASP P 69 -16.11 -28.95 32.78
C ASP P 69 -16.27 -30.31 32.11
N ASP P 70 -16.93 -30.32 30.94
CA ASP P 70 -17.29 -31.55 30.26
C ASP P 70 -16.17 -32.15 29.42
N HIS P 71 -14.94 -31.67 29.57
CA HIS P 71 -13.84 -32.15 28.73
C HIS P 71 -13.48 -33.59 29.06
N HIS P 72 -13.64 -33.98 30.32
CA HIS P 72 -13.16 -35.29 30.77
C HIS P 72 -14.11 -36.40 30.34
N THR P 73 -15.40 -36.15 30.41
CA THR P 73 -16.39 -37.16 30.04
C THR P 73 -16.71 -37.17 28.56
N ASN P 74 -16.00 -36.37 27.76
CA ASN P 74 -16.16 -36.44 26.30
C ASN P 74 -15.00 -37.19 25.67
N GLU P 75 -13.82 -37.11 26.29
CA GLU P 75 -12.69 -37.94 25.87
C GLU P 75 -13.02 -39.41 26.03
N ASP P 76 -13.43 -39.80 27.23
CA ASP P 76 -13.57 -41.21 27.58
C ASP P 76 -14.75 -41.88 26.89
N VAL P 77 -15.75 -41.11 26.46
CA VAL P 77 -16.75 -41.67 25.56
C VAL P 77 -16.15 -41.91 24.19
N ALA P 78 -15.44 -40.91 23.66
CA ALA P 78 -14.94 -40.98 22.29
C ALA P 78 -13.77 -41.95 22.18
N LEU P 79 -13.00 -42.11 23.25
CA LEU P 79 -11.94 -43.13 23.25
C LEU P 79 -12.54 -44.53 23.28
N ALA P 80 -13.69 -44.71 23.93
CA ALA P 80 -14.26 -46.04 24.07
C ALA P 80 -15.02 -46.46 22.82
N ILE P 81 -15.53 -45.52 22.04
CA ILE P 81 -16.18 -45.86 20.78
C ILE P 81 -15.16 -46.40 19.79
N GLY P 82 -13.95 -45.84 19.80
CA GLY P 82 -12.91 -46.27 18.88
C GLY P 82 -12.33 -47.64 19.19
N THR P 83 -12.12 -47.93 20.47
CA THR P 83 -11.63 -49.26 20.87
C THR P 83 -12.70 -50.31 20.61
N ALA P 84 -13.97 -49.94 20.77
CA ALA P 84 -15.05 -50.84 20.40
C ALA P 84 -15.12 -51.03 18.90
N LEU P 85 -14.79 -49.99 18.12
CA LEU P 85 -14.86 -50.09 16.67
C LEU P 85 -13.64 -50.81 16.10
N LEU P 86 -12.50 -50.72 16.75
CA LEU P 86 -11.35 -51.55 16.36
C LEU P 86 -11.60 -53.01 16.73
N LYS P 87 -12.34 -53.25 17.81
CA LYS P 87 -12.66 -54.62 18.18
C LYS P 87 -13.86 -55.15 17.42
N ALA P 88 -14.70 -54.26 16.86
CA ALA P 88 -15.78 -54.71 15.99
C ALA P 88 -15.25 -55.27 14.69
N LEU P 89 -14.35 -54.53 14.05
CA LEU P 89 -13.59 -55.07 12.93
C LEU P 89 -12.61 -56.12 13.45
N GLY P 90 -12.21 -57.02 12.56
CA GLY P 90 -11.18 -57.98 12.86
C GLY P 90 -9.95 -57.78 12.01
N GLU P 91 -9.40 -58.89 11.51
CA GLU P 91 -8.52 -58.81 10.37
C GLU P 91 -9.32 -58.28 9.18
N ARG P 92 -8.97 -57.07 8.74
CA ARG P 92 -9.79 -56.34 7.78
C ARG P 92 -9.75 -57.03 6.41
N LYS P 93 -10.86 -57.68 6.04
CA LYS P 93 -10.90 -58.47 4.83
C LYS P 93 -12.28 -58.36 4.20
N GLY P 94 -12.30 -57.99 2.93
CA GLY P 94 -13.55 -57.97 2.17
C GLY P 94 -14.42 -56.77 2.43
N ILE P 95 -13.84 -55.64 2.80
CA ILE P 95 -14.56 -54.40 3.00
C ILE P 95 -14.11 -53.39 1.97
N ASN P 96 -14.92 -52.35 1.78
CA ASN P 96 -14.60 -51.32 0.78
C ASN P 96 -13.42 -50.47 1.20
N ARG P 97 -13.30 -50.19 2.51
CA ARG P 97 -12.21 -49.51 3.20
C ARG P 97 -12.15 -48.01 2.91
N PHE P 98 -12.90 -47.52 1.95
CA PHE P 98 -12.95 -46.10 1.66
C PHE P 98 -14.38 -45.60 1.83
N GLY P 99 -14.53 -44.53 2.60
CA GLY P 99 -15.83 -43.93 2.80
C GLY P 99 -15.75 -42.43 2.63
N ASP P 100 -16.48 -41.93 1.64
CA ASP P 100 -16.53 -40.50 1.37
C ASP P 100 -17.97 -40.11 1.14
N PHE P 101 -18.35 -38.96 1.71
CA PHE P 101 -19.73 -38.52 1.61
C PHE P 101 -19.79 -37.04 1.99
N THR P 102 -20.71 -36.32 1.33
CA THR P 102 -21.04 -34.96 1.72
C THR P 102 -22.54 -34.87 1.93
N ALA P 103 -22.94 -34.10 2.94
CA ALA P 103 -24.33 -34.10 3.42
C ALA P 103 -24.79 -32.70 3.75
N PRO P 104 -25.82 -32.18 3.09
CA PRO P 104 -26.29 -30.84 3.43
C PRO P 104 -27.25 -30.87 4.60
N LEU P 105 -27.12 -29.90 5.48
CA LEU P 105 -28.26 -29.43 6.24
C LEU P 105 -28.63 -28.10 5.59
N ASP P 106 -29.50 -27.32 6.22
CA ASP P 106 -29.82 -25.98 5.75
C ASP P 106 -28.54 -25.15 5.73
N GLU P 107 -28.18 -24.68 4.53
CA GLU P 107 -27.10 -23.77 4.15
C GLU P 107 -25.69 -24.31 4.37
N ALA P 108 -25.55 -25.49 4.99
CA ALA P 108 -24.24 -25.97 5.43
C ALA P 108 -23.90 -27.30 4.78
N LEU P 109 -22.69 -27.38 4.24
CA LEU P 109 -22.12 -28.60 3.69
C LEU P 109 -20.89 -29.01 4.48
N ILE P 110 -20.82 -30.29 4.84
CA ILE P 110 -19.61 -30.90 5.37
C ILE P 110 -19.23 -32.03 4.44
N HIS P 111 -17.95 -32.13 4.10
CA HIS P 111 -17.42 -33.25 3.35
C HIS P 111 -16.53 -34.09 4.27
N VAL P 112 -16.89 -35.35 4.45
CA VAL P 112 -16.18 -36.27 5.33
C VAL P 112 -15.63 -37.42 4.50
N SER P 113 -14.31 -37.66 4.62
CA SER P 113 -13.64 -38.75 3.94
C SER P 113 -12.84 -39.54 4.97
N LEU P 114 -12.75 -40.86 4.80
CA LEU P 114 -12.09 -41.67 5.82
C LEU P 114 -11.45 -42.91 5.20
N ASP P 115 -10.59 -43.59 5.98
CA ASP P 115 -9.70 -44.60 5.41
C ASP P 115 -9.71 -45.93 6.18
N LEU P 116 -9.84 -45.91 7.52
CA LEU P 116 -9.95 -47.12 8.37
C LEU P 116 -8.81 -48.12 8.18
N SER P 117 -7.58 -47.66 7.97
CA SER P 117 -6.47 -48.58 7.75
C SER P 117 -5.30 -48.21 8.65
N GLY P 118 -5.32 -48.68 9.89
CA GLY P 118 -4.11 -48.67 10.72
C GLY P 118 -3.71 -47.30 11.24
N ARG P 119 -3.42 -46.39 10.32
CA ARG P 119 -2.77 -45.12 10.61
C ARG P 119 -3.78 -44.06 11.05
N PRO P 120 -3.57 -43.41 12.19
CA PRO P 120 -4.51 -42.38 12.64
C PRO P 120 -4.13 -40.98 12.16
N TYR P 121 -5.13 -40.24 11.68
CA TYR P 121 -4.96 -38.84 11.30
C TYR P 121 -6.31 -38.15 11.41
N LEU P 122 -6.28 -36.87 11.78
CA LEU P 122 -7.48 -36.03 11.77
C LEU P 122 -7.17 -34.69 11.11
N GLY P 123 -7.83 -34.41 10.00
CA GLY P 123 -7.84 -33.07 9.44
C GLY P 123 -9.17 -32.39 9.75
N TYR P 124 -9.09 -31.19 10.32
CA TYR P 124 -10.27 -30.52 10.85
C TYR P 124 -10.27 -29.09 10.36
N ASN P 125 -11.29 -28.70 9.59
CA ASN P 125 -11.34 -27.36 9.01
C ASN P 125 -12.62 -26.62 9.36
N LEU P 126 -13.41 -27.11 10.30
CA LEU P 126 -14.63 -26.43 10.72
C LEU P 126 -14.32 -25.20 11.56
N GLU P 127 -15.21 -24.22 11.45
CA GLU P 127 -15.14 -22.99 12.24
C GLU P 127 -16.56 -22.67 12.69
N ILE P 128 -16.82 -22.85 13.98
CA ILE P 128 -18.14 -22.67 14.55
C ILE P 128 -18.19 -21.24 15.10
N PRO P 129 -19.22 -20.44 14.77
CA PRO P 129 -19.22 -19.04 15.21
C PRO P 129 -19.45 -18.85 16.70
N THR P 130 -20.39 -19.56 17.30
CA THR P 130 -20.71 -19.35 18.70
C THR P 130 -19.88 -20.28 19.60
N GLN P 131 -19.97 -20.05 20.91
CA GLN P 131 -19.14 -20.78 21.85
C GLN P 131 -19.89 -21.86 22.63
N ARG P 132 -21.21 -21.78 22.72
CA ARG P 132 -22.02 -22.87 23.25
C ARG P 132 -23.13 -23.17 22.27
N VAL P 133 -23.60 -24.43 22.27
CA VAL P 133 -24.71 -24.74 21.38
C VAL P 133 -26.01 -24.71 22.19
N GLY P 134 -26.19 -25.65 23.11
CA GLY P 134 -27.11 -25.40 24.19
C GLY P 134 -26.36 -25.16 25.49
N THR P 135 -25.53 -26.15 25.84
CA THR P 135 -24.60 -26.08 26.95
C THR P 135 -23.31 -26.80 26.63
N TYR P 136 -23.13 -27.21 25.38
CA TYR P 136 -21.98 -27.98 24.94
C TYR P 136 -20.88 -27.02 24.51
N ASP P 137 -19.64 -27.32 24.93
CA ASP P 137 -18.59 -26.31 24.94
C ASP P 137 -18.01 -26.00 23.57
N THR P 138 -18.36 -26.78 22.54
CA THR P 138 -18.21 -26.47 21.10
C THR P 138 -16.76 -26.48 20.63
N GLN P 139 -15.82 -26.54 21.57
CA GLN P 139 -14.41 -26.72 21.30
C GLN P 139 -14.02 -28.19 21.48
N LEU P 140 -15.02 -29.01 21.78
CA LEU P 140 -14.89 -30.42 22.06
C LEU P 140 -15.25 -31.27 20.86
N VAL P 141 -15.80 -30.67 19.81
CA VAL P 141 -16.23 -31.42 18.62
C VAL P 141 -15.02 -31.94 17.86
N GLU P 142 -13.99 -31.10 17.73
CA GLU P 142 -12.72 -31.55 17.18
C GLU P 142 -12.06 -32.54 18.11
N HIS P 143 -12.29 -32.39 19.41
CA HIS P 143 -11.67 -33.30 20.38
C HIS P 143 -12.41 -34.62 20.47
N PHE P 144 -13.69 -34.65 20.04
CA PHE P 144 -14.41 -35.92 19.89
C PHE P 144 -13.79 -36.77 18.80
N PHE P 145 -13.53 -36.15 17.64
CA PHE P 145 -13.02 -36.90 16.51
C PHE P 145 -11.52 -37.10 16.61
N GLN P 146 -10.84 -36.33 17.46
CA GLN P 146 -9.42 -36.59 17.69
C GLN P 146 -9.24 -37.83 18.55
N SER P 147 -10.14 -38.03 19.52
CA SER P 147 -10.07 -39.20 20.38
C SER P 147 -10.58 -40.45 19.66
N LEU P 148 -11.54 -40.28 18.75
CA LEU P 148 -12.05 -41.40 18.00
C LEU P 148 -11.04 -41.90 16.97
N VAL P 149 -10.20 -41.00 16.45
CA VAL P 149 -9.21 -41.37 15.44
C VAL P 149 -8.07 -42.15 16.07
N ASN P 150 -7.64 -41.77 17.27
CA ASN P 150 -6.40 -42.29 17.85
C ASN P 150 -6.53 -43.74 18.28
N THR P 151 -7.76 -44.18 18.56
CA THR P 151 -7.95 -45.57 19.00
C THR P 151 -8.49 -46.44 17.87
N SER P 152 -9.31 -45.89 16.98
CA SER P 152 -9.80 -46.66 15.85
C SER P 152 -8.72 -46.93 14.80
N GLY P 153 -7.73 -46.05 14.69
CA GLY P 153 -6.70 -46.20 13.68
C GLY P 153 -7.21 -45.93 12.28
N MET P 154 -7.68 -44.70 12.05
CA MET P 154 -8.27 -44.31 10.78
C MET P 154 -7.78 -42.92 10.42
N THR P 155 -7.70 -42.65 9.11
CA THR P 155 -7.47 -41.29 8.62
C THR P 155 -8.85 -40.66 8.45
N LEU P 156 -8.99 -39.39 8.80
CA LEU P 156 -10.29 -38.72 8.73
C LEU P 156 -10.10 -37.26 8.32
N HIS P 157 -10.69 -36.88 7.20
CA HIS P 157 -10.71 -35.50 6.75
C HIS P 157 -12.12 -34.95 6.84
N ILE P 158 -12.27 -33.86 7.57
CA ILE P 158 -13.56 -33.19 7.73
C ILE P 158 -13.40 -31.77 7.23
N ARG P 159 -14.21 -31.40 6.22
CA ARG P 159 -14.05 -30.09 5.59
C ARG P 159 -15.40 -29.39 5.50
N GLN P 160 -15.47 -28.16 5.99
CA GLN P 160 -16.65 -27.33 5.88
C GLN P 160 -16.63 -26.62 4.53
N LEU P 161 -17.76 -26.64 3.84
CA LEU P 161 -17.85 -26.04 2.52
C LEU P 161 -18.75 -24.82 2.47
N ALA P 162 -19.67 -24.69 3.44
CA ALA P 162 -20.60 -23.56 3.55
C ALA P 162 -21.28 -23.57 4.92
N GLY P 163 -21.96 -22.50 5.27
CA GLY P 163 -22.88 -22.59 6.40
C GLY P 163 -22.44 -21.80 7.61
N LYS P 164 -23.40 -21.08 8.20
CA LYS P 164 -23.17 -20.35 9.45
C LYS P 164 -24.34 -20.57 10.41
N ASN P 165 -24.28 -21.69 11.14
CA ASN P 165 -25.21 -22.01 12.23
C ASN P 165 -24.60 -23.15 13.02
N SER P 166 -24.48 -22.95 14.33
CA SER P 166 -23.72 -23.87 15.17
C SER P 166 -24.40 -25.23 15.28
N HIS P 167 -25.73 -25.25 15.42
CA HIS P 167 -26.45 -26.52 15.50
C HIS P 167 -26.54 -27.18 14.14
N HIS P 168 -26.39 -26.40 13.06
CA HIS P 168 -26.52 -26.98 11.74
C HIS P 168 -25.20 -27.56 11.23
N ILE P 169 -24.07 -26.96 11.63
CA ILE P 169 -22.79 -27.46 11.15
C ILE P 169 -22.41 -28.73 11.87
N ILE P 170 -22.67 -28.80 13.18
CA ILE P 170 -22.33 -30.00 13.95
C ILE P 170 -23.27 -31.15 13.58
N GLU P 171 -24.50 -30.87 13.17
CA GLU P 171 -25.37 -31.97 12.79
C GLU P 171 -25.14 -32.37 11.33
N ALA P 172 -24.47 -31.54 10.56
CA ALA P 172 -24.15 -31.92 9.19
C ALA P 172 -22.90 -32.80 9.13
N THR P 173 -22.04 -32.73 10.14
CA THR P 173 -20.85 -33.58 10.15
C THR P 173 -21.09 -34.92 10.84
N PHE P 174 -22.12 -35.04 11.69
CA PHE P 174 -22.48 -36.34 12.24
C PHE P 174 -23.45 -37.13 11.37
N LYS P 175 -24.10 -36.48 10.40
CA LYS P 175 -24.80 -37.24 9.37
C LYS P 175 -23.84 -37.73 8.29
N ALA P 176 -22.79 -36.94 8.00
CA ALA P 176 -21.89 -37.28 6.91
C ALA P 176 -20.81 -38.26 7.36
N PHE P 177 -20.48 -38.26 8.66
CA PHE P 177 -19.57 -39.26 9.19
C PHE P 177 -20.24 -40.62 9.26
N ALA P 178 -21.55 -40.63 9.52
CA ALA P 178 -22.28 -41.89 9.64
C ALA P 178 -22.45 -42.56 8.29
N ARG P 179 -22.77 -41.77 7.26
CA ARG P 179 -22.96 -42.33 5.92
C ARG P 179 -21.63 -42.75 5.32
N ALA P 180 -20.53 -42.12 5.74
CA ALA P 180 -19.21 -42.49 5.25
C ALA P 180 -18.55 -43.59 6.06
N LEU P 181 -19.12 -43.96 7.19
CA LEU P 181 -18.63 -45.10 7.95
C LEU P 181 -19.36 -46.39 7.60
N ARG P 182 -20.62 -46.30 7.18
CA ARG P 182 -21.33 -47.47 6.68
C ARG P 182 -21.05 -47.72 5.20
N GLN P 183 -20.25 -46.89 4.56
CA GLN P 183 -19.80 -47.13 3.19
C GLN P 183 -18.43 -47.80 3.19
N ALA P 184 -17.63 -47.56 4.22
CA ALA P 184 -16.28 -48.09 4.25
C ALA P 184 -16.27 -49.54 4.73
N THR P 185 -16.81 -49.78 5.92
CA THR P 185 -16.68 -51.09 6.56
C THR P 185 -17.95 -51.93 6.46
N GLU P 186 -19.11 -51.29 6.35
CA GLU P 186 -20.36 -52.05 6.41
C GLU P 186 -20.67 -52.69 5.06
N SER P 187 -20.53 -51.93 3.98
CA SER P 187 -20.73 -52.49 2.66
C SER P 187 -19.50 -53.31 2.27
N ASP P 188 -19.70 -54.22 1.31
CA ASP P 188 -18.66 -55.13 0.88
C ASP P 188 -18.53 -55.08 -0.64
N PRO P 189 -17.31 -55.18 -1.18
CA PRO P 189 -17.16 -55.19 -2.64
C PRO P 189 -17.40 -56.57 -3.25
N ARG P 190 -17.12 -56.69 -4.54
CA ARG P 190 -17.37 -57.93 -5.26
C ARG P 190 -16.34 -59.00 -4.92
N ARG P 191 -15.18 -58.62 -4.39
CA ARG P 191 -14.16 -59.59 -4.04
C ARG P 191 -14.50 -60.25 -2.70
N GLY P 192 -13.91 -61.43 -2.48
CA GLY P 192 -14.19 -62.17 -1.26
C GLY P 192 -13.23 -61.86 -0.12
N GLY P 193 -11.94 -61.78 -0.41
CA GLY P 193 -10.95 -61.50 0.62
C GLY P 193 -9.57 -61.21 0.05
N ARG Q 9 -57.00 20.09 22.37
CA ARG Q 9 -55.70 19.60 22.81
C ARG Q 9 -54.65 20.69 22.69
N ILE Q 10 -54.40 21.41 23.78
CA ILE Q 10 -53.51 22.56 23.76
C ILE Q 10 -52.57 22.48 24.95
N GLY Q 11 -51.31 22.78 24.71
CA GLY Q 11 -50.35 22.99 25.78
C GLY Q 11 -49.67 24.32 25.58
N GLU Q 12 -49.55 25.07 26.67
CA GLU Q 12 -48.96 26.41 26.60
C GLU Q 12 -47.93 26.54 27.70
N VAL Q 13 -46.73 26.97 27.32
CA VAL Q 13 -45.62 27.12 28.25
C VAL Q 13 -45.03 28.51 28.09
N LYS Q 14 -44.94 29.24 29.18
CA LYS Q 14 -44.16 30.47 29.26
C LYS Q 14 -42.89 30.15 30.03
N ARG Q 15 -41.78 30.77 29.63
CA ARG Q 15 -40.49 30.50 30.25
C ARG Q 15 -39.58 31.70 30.04
N GLU Q 16 -39.06 32.24 31.13
CA GLU Q 16 -38.22 33.44 31.08
C GLU Q 16 -37.02 33.26 31.99
N THR Q 17 -35.84 33.50 31.43
CA THR Q 17 -34.59 33.51 32.17
C THR Q 17 -33.95 34.89 32.03
N LYS Q 18 -32.70 34.99 32.49
CA LYS Q 18 -31.98 36.26 32.35
C LYS Q 18 -31.55 36.51 30.92
N GLU Q 19 -31.59 35.48 30.07
CA GLU Q 19 -31.14 35.65 28.69
C GLU Q 19 -32.30 35.82 27.73
N THR Q 20 -33.33 34.99 27.87
CA THR Q 20 -34.45 34.98 26.92
C THR Q 20 -35.78 35.14 27.66
N ASN Q 21 -36.83 35.37 26.88
CA ASN Q 21 -38.21 35.44 27.36
C ASN Q 21 -39.08 34.78 26.31
N VAL Q 22 -39.52 33.55 26.58
CA VAL Q 22 -40.12 32.68 25.58
C VAL Q 22 -41.57 32.40 25.94
N SER Q 23 -42.47 32.62 24.97
CA SER Q 23 -43.88 32.29 25.11
C SER Q 23 -44.29 31.35 23.98
N VAL Q 24 -44.78 30.17 24.34
CA VAL Q 24 -45.00 29.08 23.40
C VAL Q 24 -46.35 28.40 23.71
N LYS Q 25 -47.16 28.21 22.66
CA LYS Q 25 -48.42 27.48 22.76
C LYS Q 25 -48.68 26.72 21.47
N ILE Q 26 -49.16 25.47 21.59
CA ILE Q 26 -49.42 24.61 20.44
C ILE Q 26 -50.79 23.98 20.57
N ASN Q 27 -51.64 24.17 19.56
CA ASN Q 27 -52.80 23.32 19.33
C ASN Q 27 -52.36 22.13 18.50
N LEU Q 28 -52.44 20.93 19.07
CA LEU Q 28 -51.96 19.74 18.37
C LEU Q 28 -52.97 19.28 17.32
N ASP Q 29 -54.25 19.43 17.60
CA ASP Q 29 -55.30 19.14 16.64
C ASP Q 29 -55.82 20.45 16.07
N GLY Q 30 -55.35 20.82 14.88
CA GLY Q 30 -55.66 22.12 14.35
C GLY Q 30 -55.45 22.19 12.86
N HIS Q 31 -55.25 23.41 12.37
CA HIS Q 31 -55.19 23.66 10.93
C HIS Q 31 -53.86 24.33 10.59
N GLY Q 32 -53.73 24.81 9.35
CA GLY Q 32 -52.48 25.38 8.90
C GLY Q 32 -52.25 26.84 9.26
N VAL Q 33 -52.66 27.25 10.46
CA VAL Q 33 -52.46 28.63 10.88
C VAL Q 33 -51.11 28.75 11.59
N SER Q 34 -50.43 29.87 11.38
CA SER Q 34 -49.09 30.06 11.90
C SER Q 34 -48.86 31.53 12.22
N ASP Q 35 -48.59 31.81 13.49
CA ASP Q 35 -48.04 33.09 13.92
C ASP Q 35 -46.93 32.82 14.93
N SER Q 36 -45.68 32.96 14.48
CA SER Q 36 -44.55 32.59 15.29
C SER Q 36 -43.35 33.45 14.88
N SER Q 37 -43.01 34.43 15.71
CA SER Q 37 -41.92 35.35 15.42
C SER Q 37 -40.85 35.17 16.49
N THR Q 38 -39.77 34.48 16.14
CA THR Q 38 -38.59 34.44 16.99
C THR Q 38 -37.68 35.62 16.64
N GLY Q 39 -36.60 35.75 17.42
CA GLY Q 39 -35.68 36.85 17.20
C GLY Q 39 -34.88 36.71 15.92
N ILE Q 40 -34.74 35.50 15.40
CA ILE Q 40 -34.00 35.22 14.18
C ILE Q 40 -34.97 34.78 13.09
N PRO Q 41 -34.92 35.38 11.91
CA PRO Q 41 -36.00 35.16 10.94
C PRO Q 41 -35.97 33.83 10.23
N PHE Q 42 -34.86 33.09 10.32
CA PHE Q 42 -34.82 31.84 9.57
C PHE Q 42 -35.57 30.72 10.28
N LEU Q 43 -35.67 30.75 11.61
CA LEU Q 43 -36.57 29.83 12.31
C LEU Q 43 -38.03 30.06 11.94
N ASP Q 44 -38.38 31.31 11.62
CA ASP Q 44 -39.77 31.63 11.27
C ASP Q 44 -40.18 30.97 9.96
N HIS Q 45 -39.23 30.79 9.04
CA HIS Q 45 -39.53 30.05 7.82
C HIS Q 45 -39.58 28.55 8.07
N MET Q 46 -38.96 28.07 9.15
CA MET Q 46 -38.96 26.63 9.39
C MET Q 46 -40.14 26.21 10.26
N LEU Q 47 -40.59 27.10 11.15
CA LEU Q 47 -41.78 26.81 11.94
C LEU Q 47 -43.06 26.99 11.13
N ASP Q 48 -42.98 27.61 9.95
CA ASP Q 48 -44.09 27.57 9.00
C ASP Q 48 -44.30 26.17 8.47
N GLN Q 49 -43.23 25.38 8.39
CA GLN Q 49 -43.32 24.07 7.75
C GLN Q 49 -44.01 23.07 8.66
N LEU Q 50 -43.78 23.16 9.98
CA LEU Q 50 -44.49 22.29 10.90
C LEU Q 50 -45.87 22.84 11.27
N ALA Q 51 -46.32 23.91 10.60
CA ALA Q 51 -47.68 24.38 10.74
C ALA Q 51 -48.53 23.99 9.53
N SER Q 52 -47.95 24.09 8.33
CA SER Q 52 -48.73 23.82 7.12
C SER Q 52 -48.68 22.36 6.73
N HIS Q 53 -47.55 21.69 6.95
CA HIS Q 53 -47.43 20.28 6.60
C HIS Q 53 -47.75 19.34 7.76
N GLY Q 54 -47.56 19.79 8.99
CA GLY Q 54 -47.91 18.98 10.15
C GLY Q 54 -49.34 19.22 10.59
N LEU Q 55 -49.94 20.29 10.04
CA LEU Q 55 -51.27 20.77 10.38
C LEU Q 55 -51.41 21.01 11.88
N PHE Q 56 -50.41 21.70 12.42
CA PHE Q 56 -50.42 22.15 13.81
C PHE Q 56 -50.66 23.65 13.83
N ASP Q 57 -51.12 24.14 14.97
CA ASP Q 57 -51.26 25.56 15.21
C ASP Q 57 -50.25 25.94 16.29
N VAL Q 58 -49.11 26.49 15.87
CA VAL Q 58 -48.01 26.79 16.75
C VAL Q 58 -47.89 28.31 16.90
N HIS Q 59 -47.69 28.76 18.14
CA HIS Q 59 -47.57 30.18 18.45
C HIS Q 59 -46.34 30.37 19.31
N VAL Q 60 -45.32 31.03 18.75
CA VAL Q 60 -44.05 31.25 19.43
C VAL Q 60 -43.79 32.75 19.47
N ARG Q 61 -43.52 33.29 20.65
CA ARG Q 61 -43.02 34.65 20.82
C ARG Q 61 -41.80 34.57 21.72
N ALA Q 62 -40.64 34.92 21.19
CA ALA Q 62 -39.40 34.87 21.94
C ALA Q 62 -38.62 36.16 21.74
N THR Q 63 -38.16 36.74 22.85
CA THR Q 63 -37.26 37.89 22.83
C THR Q 63 -35.98 37.49 23.55
N GLY Q 64 -34.86 37.58 22.85
CA GLY Q 64 -33.61 37.14 23.42
C GLY Q 64 -32.44 37.96 22.93
N ASP Q 65 -31.26 37.59 23.39
CA ASP Q 65 -30.05 38.35 23.15
C ASP Q 65 -29.40 37.91 21.85
N THR Q 66 -29.89 38.44 20.73
CA THR Q 66 -29.18 38.30 19.46
C THR Q 66 -28.11 39.36 19.29
N HIS Q 67 -27.88 40.19 20.31
CA HIS Q 67 -26.71 41.05 20.38
C HIS Q 67 -25.43 40.22 20.43
N ILE Q 68 -25.50 39.02 21.00
CA ILE Q 68 -24.46 38.02 21.00
C ILE Q 68 -24.98 36.89 20.12
N ASP Q 69 -24.23 35.79 20.02
CA ASP Q 69 -24.58 34.65 19.18
C ASP Q 69 -25.98 34.09 19.45
N ASP Q 70 -26.57 33.45 18.44
CA ASP Q 70 -27.94 32.98 18.49
C ASP Q 70 -28.13 31.65 19.21
N HIS Q 71 -27.11 31.14 19.90
CA HIS Q 71 -27.20 29.83 20.54
C HIS Q 71 -28.18 29.84 21.69
N HIS Q 72 -28.29 30.98 22.39
CA HIS Q 72 -29.08 31.04 23.62
C HIS Q 72 -30.57 31.10 23.33
N THR Q 73 -30.95 31.86 22.30
CA THR Q 73 -32.36 32.00 21.97
C THR Q 73 -32.86 30.92 21.02
N ASN Q 74 -32.04 29.91 20.74
CA ASN Q 74 -32.50 28.75 19.97
C ASN Q 74 -32.74 27.56 20.89
N GLU Q 75 -31.98 27.47 21.98
CA GLU Q 75 -32.26 26.47 23.01
C GLU Q 75 -33.63 26.70 23.62
N ASP Q 76 -33.88 27.91 24.09
CA ASP Q 76 -35.07 28.21 24.90
C ASP Q 76 -36.34 28.20 24.08
N VAL Q 77 -36.26 28.40 22.76
CA VAL Q 77 -37.41 28.14 21.92
C VAL Q 77 -37.66 26.64 21.82
N ALA Q 78 -36.60 25.87 21.55
CA ALA Q 78 -36.74 24.45 21.30
C ALA Q 78 -37.04 23.68 22.58
N LEU Q 79 -36.57 24.18 23.72
CA LEU Q 79 -36.94 23.57 25.00
C LEU Q 79 -38.41 23.82 25.33
N ALA Q 80 -38.95 24.97 24.90
CA ALA Q 80 -40.31 25.33 25.25
C ALA Q 80 -41.33 24.63 24.34
N ILE Q 81 -40.94 24.30 23.11
CA ILE Q 81 -41.83 23.54 22.23
C ILE Q 81 -42.04 22.13 22.77
N GLY Q 82 -41.00 21.54 23.35
CA GLY Q 82 -41.09 20.19 23.87
C GLY Q 82 -41.92 20.07 25.13
N THR Q 83 -41.76 21.02 26.06
CA THR Q 83 -42.58 21.04 27.27
C THR Q 83 -44.03 21.32 26.95
N ALA Q 84 -44.28 22.14 25.93
CA ALA Q 84 -45.64 22.35 25.46
C ALA Q 84 -46.18 21.10 24.78
N LEU Q 85 -45.32 20.33 24.12
CA LEU Q 85 -45.77 19.12 23.43
C LEU Q 85 -45.95 17.95 24.39
N LEU Q 86 -45.18 17.91 25.48
CA LEU Q 86 -45.45 16.94 26.53
C LEU Q 86 -46.72 17.29 27.28
N LYS Q 87 -47.02 18.58 27.40
CA LYS Q 87 -48.27 18.99 28.07
C LYS Q 87 -49.45 18.95 27.12
N ALA Q 88 -49.21 18.96 25.81
CA ALA Q 88 -50.30 18.77 24.85
C ALA Q 88 -50.83 17.35 24.91
N LEU Q 89 -49.93 16.37 24.85
CA LEU Q 89 -50.30 15.00 25.16
C LEU Q 89 -50.62 14.86 26.64
N GLY Q 90 -51.39 13.85 26.98
CA GLY Q 90 -51.67 13.51 28.36
C GLY Q 90 -51.11 12.16 28.71
N GLU Q 91 -51.93 11.39 29.43
CA GLU Q 91 -51.70 9.95 29.48
C GLU Q 91 -51.90 9.39 28.07
N ARG Q 92 -50.82 8.90 27.49
CA ARG Q 92 -50.81 8.55 26.07
C ARG Q 92 -51.68 7.34 25.80
N LYS Q 93 -52.84 7.57 25.19
CA LYS Q 93 -53.82 6.51 24.99
C LYS Q 93 -54.52 6.71 23.65
N GLY Q 94 -54.51 5.66 22.84
CA GLY Q 94 -55.26 5.67 21.60
C GLY Q 94 -54.59 6.42 20.47
N ILE Q 95 -53.26 6.49 20.47
CA ILE Q 95 -52.50 7.11 19.40
C ILE Q 95 -51.66 6.05 18.70
N ASN Q 96 -51.19 6.38 17.50
CA ASN Q 96 -50.41 5.42 16.71
C ASN Q 96 -49.03 5.21 17.32
N ARG Q 97 -48.43 6.27 17.87
CA ARG Q 97 -47.18 6.32 18.64
C ARG Q 97 -45.94 6.13 17.76
N PHE Q 98 -46.10 5.73 16.51
CA PHE Q 98 -44.98 5.60 15.59
C PHE Q 98 -45.18 6.53 14.40
N GLY Q 99 -44.16 7.31 14.11
CA GLY Q 99 -44.22 8.19 12.96
C GLY Q 99 -42.94 8.10 12.16
N ASP Q 100 -43.09 7.67 10.91
CA ASP Q 100 -41.95 7.55 10.01
C ASP Q 100 -42.35 8.13 8.66
N PHE Q 101 -41.42 8.88 8.08
CA PHE Q 101 -41.71 9.54 6.81
C PHE Q 101 -40.39 9.98 6.18
N THR Q 102 -40.36 9.94 4.85
CA THR Q 102 -39.26 10.51 4.09
C THR Q 102 -39.84 11.49 3.07
N ALA Q 103 -39.13 12.61 2.86
CA ALA Q 103 -39.67 13.74 2.11
C ALA Q 103 -38.62 14.34 1.20
N PRO Q 104 -38.81 14.36 -0.11
CA PRO Q 104 -37.81 14.96 -0.98
C PRO Q 104 -38.02 16.46 -1.10
N LEU Q 105 -36.92 17.20 -1.09
CA LEU Q 105 -36.87 18.47 -1.78
C LEU Q 105 -36.07 18.18 -3.04
N ASP Q 106 -35.67 19.22 -3.77
CA ASP Q 106 -34.78 19.05 -4.91
C ASP Q 106 -33.48 18.41 -4.45
N GLU Q 107 -33.20 17.24 -5.01
CA GLU Q 107 -32.00 16.39 -4.89
C GLU Q 107 -31.76 15.81 -3.50
N ALA Q 108 -32.54 16.19 -2.50
CA ALA Q 108 -32.23 15.86 -1.11
C ALA Q 108 -33.36 15.05 -0.48
N LEU Q 109 -32.98 13.94 0.16
CA LEU Q 109 -33.89 13.11 0.94
C LEU Q 109 -33.48 13.12 2.41
N ILE Q 110 -34.46 13.32 3.28
CA ILE Q 110 -34.28 13.10 4.72
C ILE Q 110 -35.29 12.04 5.13
N HIS Q 111 -34.84 11.08 5.94
CA HIS Q 111 -35.73 10.10 6.54
C HIS Q 111 -35.81 10.36 8.04
N VAL Q 112 -37.02 10.65 8.53
CA VAL Q 112 -37.26 10.96 9.93
C VAL Q 112 -38.17 9.89 10.52
N SER Q 113 -37.74 9.30 11.64
CA SER Q 113 -38.51 8.31 12.37
C SER Q 113 -38.56 8.72 13.83
N LEU Q 114 -39.69 8.45 14.50
CA LEU Q 114 -39.84 8.92 15.87
C LEU Q 114 -40.74 8.00 16.68
N ASP Q 115 -40.73 8.17 18.02
CA ASP Q 115 -41.31 7.16 18.91
C ASP Q 115 -42.27 7.74 19.96
N LEU Q 116 -42.00 8.94 20.49
CA LEU Q 116 -42.88 9.65 21.44
C LEU Q 116 -43.26 8.85 22.69
N SER Q 117 -42.33 8.05 23.22
CA SER Q 117 -42.64 7.23 24.38
C SER Q 117 -41.56 7.39 25.45
N GLY Q 118 -41.69 8.43 26.27
CA GLY Q 118 -40.92 8.51 27.50
C GLY Q 118 -39.44 8.81 27.33
N ARG Q 119 -38.74 7.93 26.62
CA ARG Q 119 -37.30 7.90 26.56
C ARG Q 119 -36.76 8.86 25.50
N PRO Q 120 -35.84 9.76 25.86
CA PRO Q 120 -35.30 10.70 24.86
C PRO Q 120 -34.04 10.17 24.18
N TYR Q 121 -33.99 10.33 22.86
CA TYR Q 121 -32.80 10.00 22.07
C TYR Q 121 -32.82 10.84 20.80
N LEU Q 122 -31.64 11.21 20.33
CA LEU Q 122 -31.48 11.87 19.04
C LEU Q 122 -30.35 11.23 18.26
N GLY Q 123 -30.67 10.65 17.11
CA GLY Q 123 -29.67 10.26 16.14
C GLY Q 123 -29.64 11.25 14.99
N TYR Q 124 -28.46 11.75 14.69
CA TYR Q 124 -28.31 12.87 13.75
C TYR Q 124 -27.20 12.53 12.78
N ASN Q 125 -27.53 12.44 11.49
CA ASN Q 125 -26.55 12.04 10.47
C ASN Q 125 -26.42 13.05 9.34
N LEU Q 126 -27.00 14.25 9.49
CA LEU Q 126 -26.89 15.28 8.47
C LEU Q 126 -25.50 15.90 8.44
N GLU Q 127 -25.11 16.32 7.25
CA GLU Q 127 -23.85 17.03 7.03
C GLU Q 127 -24.13 18.18 6.07
N ILE Q 128 -24.12 19.40 6.59
CA ILE Q 128 -24.43 20.60 5.83
C ILE Q 128 -23.12 21.16 5.30
N PRO Q 129 -23.00 21.46 4.01
CA PRO Q 129 -21.70 21.92 3.48
C PRO Q 129 -21.29 23.32 3.93
N THR Q 130 -22.20 24.28 3.91
CA THR Q 130 -21.85 25.65 4.26
C THR Q 130 -22.04 25.92 5.74
N GLN Q 131 -21.59 27.09 6.18
CA GLN Q 131 -21.60 27.41 7.60
C GLN Q 131 -22.69 28.40 8.00
N ARG Q 132 -23.23 29.18 7.06
CA ARG Q 132 -24.40 30.00 7.30
C ARG Q 132 -25.41 29.74 6.21
N VAL Q 133 -26.70 29.90 6.52
CA VAL Q 133 -27.68 29.72 5.47
C VAL Q 133 -28.08 31.09 4.92
N GLY Q 134 -28.76 31.91 5.72
CA GLY Q 134 -28.72 33.33 5.46
C GLY Q 134 -27.86 34.05 6.47
N THR Q 135 -28.23 33.85 7.74
CA THR Q 135 -27.48 34.32 8.89
C THR Q 135 -27.56 33.32 10.03
N TYR Q 136 -28.12 32.15 9.78
CA TYR Q 136 -28.34 31.14 10.79
C TYR Q 136 -27.11 30.23 10.87
N ASP Q 137 -26.69 29.93 12.09
CA ASP Q 137 -25.33 29.44 12.34
C ASP Q 137 -25.11 27.99 11.92
N THR Q 138 -26.17 27.25 11.60
CA THR Q 138 -26.18 25.98 10.85
C THR Q 138 -25.63 24.81 11.68
N GLN Q 139 -25.02 25.10 12.82
CA GLN Q 139 -24.57 24.12 13.79
C GLN Q 139 -25.60 23.99 14.90
N LEU Q 140 -26.69 24.73 14.77
CA LEU Q 140 -27.77 24.82 15.73
C LEU Q 140 -28.95 23.94 15.35
N VAL Q 141 -28.94 23.37 14.15
CA VAL Q 141 -30.05 22.55 13.67
C VAL Q 141 -30.10 21.24 14.43
N GLU Q 142 -28.93 20.64 14.67
CA GLU Q 142 -28.86 19.47 15.55
C GLU Q 142 -29.17 19.86 16.98
N HIS Q 143 -28.86 21.11 17.35
CA HIS Q 143 -29.11 21.54 18.71
C HIS Q 143 -30.57 21.92 18.92
N PHE Q 144 -31.29 22.23 17.83
CA PHE Q 144 -32.73 22.42 17.91
C PHE Q 144 -33.41 21.11 18.27
N PHE Q 145 -33.05 20.04 17.57
CA PHE Q 145 -33.71 18.76 17.80
C PHE Q 145 -33.16 18.05 19.03
N GLN Q 146 -31.99 18.45 19.50
CA GLN Q 146 -31.49 17.89 20.75
C GLN Q 146 -32.25 18.46 21.93
N SER Q 147 -32.63 19.73 21.86
CA SER Q 147 -33.39 20.37 22.93
C SER Q 147 -34.86 19.96 22.87
N LEU Q 148 -35.37 19.71 21.67
CA LEU Q 148 -36.75 19.25 21.53
C LEU Q 148 -36.93 17.82 22.02
N VAL Q 149 -35.90 17.00 21.91
CA VAL Q 149 -35.99 15.61 22.32
C VAL Q 149 -35.97 15.49 23.85
N ASN Q 150 -35.16 16.31 24.51
CA ASN Q 150 -34.89 16.12 25.93
C ASN Q 150 -36.09 16.47 26.80
N THR Q 151 -36.97 17.33 26.31
CA THR Q 151 -38.14 17.72 27.09
C THR Q 151 -39.40 17.01 26.63
N SER Q 152 -39.51 16.70 25.34
CA SER Q 152 -40.67 15.95 24.85
C SER Q 152 -40.64 14.49 25.26
N GLY Q 153 -39.46 13.92 25.46
CA GLY Q 153 -39.34 12.51 25.78
C GLY Q 153 -39.67 11.61 24.61
N MET Q 154 -38.90 11.73 23.54
CA MET Q 154 -39.13 11.00 22.31
C MET Q 154 -37.80 10.50 21.76
N THR Q 155 -37.84 9.36 21.06
CA THR Q 155 -36.70 8.91 20.28
C THR Q 155 -36.85 9.51 18.90
N LEU Q 156 -35.74 9.96 18.31
CA LEU Q 156 -35.80 10.61 17.00
C LEU Q 156 -34.57 10.25 16.19
N HIS Q 157 -34.79 9.63 15.03
CA HIS Q 157 -33.72 9.33 14.09
C HIS Q 157 -33.89 10.18 12.84
N ILE Q 158 -32.86 10.95 12.51
CA ILE Q 158 -32.85 11.81 11.33
C ILE Q 158 -31.69 11.36 10.46
N ARG Q 159 -31.97 10.95 9.23
CA ARG Q 159 -30.94 10.41 8.34
C ARG Q 159 -31.00 11.09 6.99
N GLN Q 160 -29.86 11.61 6.54
CA GLN Q 160 -29.74 12.18 5.20
C GLN Q 160 -29.43 11.06 4.21
N LEU Q 161 -30.15 11.07 3.09
CA LEU Q 161 -29.98 10.03 2.09
C LEU Q 161 -29.37 10.53 0.79
N ALA Q 162 -29.46 11.84 0.52
CA ALA Q 162 -28.92 12.49 -0.67
C ALA Q 162 -28.93 14.01 -0.50
N GLY Q 163 -28.26 14.73 -1.37
CA GLY Q 163 -28.50 16.16 -1.44
C GLY Q 163 -27.33 17.00 -0.96
N LYS Q 164 -27.03 18.04 -1.74
CA LYS Q 164 -26.01 19.03 -1.38
C LYS Q 164 -26.52 20.44 -1.63
N ASN Q 165 -27.27 20.97 -0.66
CA ASN Q 165 -27.73 22.36 -0.65
C ASN Q 165 -28.23 22.65 0.76
N SER Q 166 -27.70 23.71 1.37
CA SER Q 166 -27.93 23.98 2.79
C SER Q 166 -29.39 24.34 3.06
N HIS Q 167 -29.99 25.17 2.20
CA HIS Q 167 -31.39 25.53 2.39
C HIS Q 167 -32.31 24.39 2.00
N HIS Q 168 -31.83 23.44 1.20
CA HIS Q 168 -32.70 22.35 0.79
C HIS Q 168 -32.68 21.20 1.78
N ILE Q 169 -31.56 20.98 2.46
CA ILE Q 169 -31.48 19.87 3.41
C ILE Q 169 -32.24 20.22 4.68
N ILE Q 170 -32.11 21.45 5.16
CA ILE Q 170 -32.79 21.86 6.38
C ILE Q 170 -34.30 21.97 6.14
N GLU Q 171 -34.72 22.29 4.91
CA GLU Q 171 -36.16 22.37 4.69
C GLU Q 171 -36.73 20.99 4.37
N ALA Q 172 -35.88 20.01 4.05
CA ALA Q 172 -36.39 18.66 3.84
C ALA Q 172 -36.56 17.91 5.14
N THR Q 173 -35.87 18.32 6.21
CA THR Q 173 -36.03 17.66 7.49
C THR Q 173 -37.13 18.30 8.35
N PHE Q 174 -37.52 19.54 8.08
CA PHE Q 174 -38.66 20.14 8.76
C PHE Q 174 -39.99 19.86 8.06
N LYS Q 175 -39.97 19.41 6.82
CA LYS Q 175 -41.18 18.86 6.23
C LYS Q 175 -41.40 17.41 6.64
N ALA Q 176 -40.31 16.67 6.84
CA ALA Q 176 -40.43 15.25 7.15
C ALA Q 176 -40.65 15.01 8.64
N PHE Q 177 -40.19 15.94 9.48
CA PHE Q 177 -40.49 15.84 10.90
C PHE Q 177 -41.95 16.19 11.17
N ALA Q 178 -42.52 17.10 10.38
CA ALA Q 178 -43.90 17.51 10.57
C ALA Q 178 -44.87 16.41 10.15
N ARG Q 179 -44.58 15.76 9.02
CA ARG Q 179 -45.46 14.68 8.55
C ARG Q 179 -45.33 13.44 9.42
N ALA Q 180 -44.20 13.26 10.08
CA ALA Q 180 -44.00 12.13 10.97
C ALA Q 180 -44.44 12.42 12.40
N LEU Q 181 -44.76 13.66 12.72
CA LEU Q 181 -45.32 13.98 14.03
C LEU Q 181 -46.84 13.99 14.01
N ARG Q 182 -47.46 14.30 12.87
CA ARG Q 182 -48.91 14.18 12.74
C ARG Q 182 -49.34 12.76 12.36
N GLN Q 183 -48.40 11.84 12.20
CA GLN Q 183 -48.71 10.43 11.99
C GLN Q 183 -48.65 9.68 13.32
N ALA Q 184 -47.82 10.14 14.24
CA ALA Q 184 -47.64 9.43 15.50
C ALA Q 184 -48.74 9.75 16.49
N THR Q 185 -48.93 11.04 16.79
CA THR Q 185 -49.84 11.43 17.87
C THR Q 185 -51.17 11.96 17.35
N GLU Q 186 -51.20 12.53 16.14
CA GLU Q 186 -52.40 13.19 15.67
C GLU Q 186 -53.41 12.17 15.14
N SER Q 187 -52.95 11.22 14.34
CA SER Q 187 -53.83 10.16 13.87
C SER Q 187 -54.05 9.15 14.98
N ASP Q 188 -55.14 8.40 14.86
CA ASP Q 188 -55.54 7.42 15.87
C ASP Q 188 -55.80 6.06 15.21
N PRO Q 189 -55.43 4.97 15.88
CA PRO Q 189 -55.70 3.64 15.30
C PRO Q 189 -57.12 3.19 15.56
N ARG Q 190 -57.41 1.92 15.20
CA ARG Q 190 -58.75 1.39 15.33
C ARG Q 190 -59.10 1.06 16.78
N ARG Q 191 -58.10 0.93 17.65
CA ARG Q 191 -58.38 0.64 19.05
C ARG Q 191 -58.79 1.91 19.79
N GLY Q 192 -59.46 1.73 20.93
CA GLY Q 192 -59.93 2.86 21.69
C GLY Q 192 -58.96 3.35 22.74
N GLY Q 193 -58.35 2.42 23.50
CA GLY Q 193 -57.42 2.79 24.53
C GLY Q 193 -56.66 1.61 25.10
N ARG R 9 -4.42 50.08 -40.33
CA ARG R 9 -4.13 49.74 -38.94
C ARG R 9 -2.73 49.14 -38.82
N ILE R 10 -1.75 49.99 -38.50
CA ILE R 10 -0.36 49.57 -38.46
C ILE R 10 0.30 50.08 -37.20
N GLY R 11 1.09 49.23 -36.58
CA GLY R 11 1.96 49.64 -35.49
C GLY R 11 3.38 49.20 -35.80
N GLU R 12 4.32 50.09 -35.59
CA GLU R 12 5.72 49.80 -35.90
C GLU R 12 6.58 50.20 -34.72
N VAL R 13 7.41 49.27 -34.27
CA VAL R 13 8.27 49.49 -33.12
C VAL R 13 9.70 49.11 -33.51
N LYS R 14 10.62 50.04 -33.30
CA LYS R 14 12.05 49.76 -33.34
C LYS R 14 12.56 49.74 -31.91
N ARG R 15 13.51 48.84 -31.63
CA ARG R 15 14.03 48.68 -30.29
C ARG R 15 15.43 48.09 -30.36
N GLU R 16 16.39 48.77 -29.75
CA GLU R 16 17.79 48.36 -29.81
C GLU R 16 18.42 48.48 -28.43
N THR R 17 19.04 47.41 -27.98
CA THR R 17 19.80 47.38 -26.75
C THR R 17 21.24 47.00 -27.08
N LYS R 18 22.03 46.73 -26.03
CA LYS R 18 23.41 46.32 -26.24
C LYS R 18 23.50 44.88 -26.75
N GLU R 19 22.41 44.12 -26.65
CA GLU R 19 22.43 42.72 -27.06
C GLU R 19 21.80 42.53 -28.43
N THR R 20 20.64 43.15 -28.68
CA THR R 20 19.90 42.93 -29.91
C THR R 20 19.59 44.27 -30.58
N ASN R 21 19.12 44.16 -31.83
CA ASN R 21 18.64 45.31 -32.60
C ASN R 21 17.41 44.84 -33.37
N VAL R 22 16.23 45.23 -32.93
CA VAL R 22 14.98 44.64 -33.38
C VAL R 22 14.13 45.69 -34.09
N SER R 23 13.68 45.36 -35.30
CA SER R 23 12.76 46.19 -36.07
C SER R 23 11.51 45.40 -36.40
N VAL R 24 10.36 45.90 -35.96
CA VAL R 24 9.10 45.16 -36.00
C VAL R 24 7.97 46.08 -36.46
N LYS R 25 7.18 45.61 -37.43
CA LYS R 25 6.00 46.32 -37.90
C LYS R 25 4.92 45.32 -38.30
N ILE R 26 3.67 45.60 -37.93
CA ILE R 26 2.54 44.71 -38.21
C ILE R 26 1.38 45.51 -38.80
N ASN R 27 0.91 45.10 -39.98
CA ASN R 27 -0.41 45.47 -40.48
C ASN R 27 -1.41 44.47 -39.93
N LEU R 28 -2.34 44.94 -39.10
CA LEU R 28 -3.28 44.02 -38.47
C LEU R 28 -4.39 43.63 -39.43
N ASP R 29 -4.80 44.55 -40.31
CA ASP R 29 -5.77 44.27 -41.35
C ASP R 29 -5.02 44.14 -42.66
N GLY R 30 -4.77 42.90 -43.09
CA GLY R 30 -3.92 42.68 -44.24
C GLY R 30 -4.12 41.31 -44.83
N HIS R 31 -3.10 40.86 -45.56
CA HIS R 31 -3.19 39.62 -46.32
C HIS R 31 -2.08 38.68 -45.91
N GLY R 32 -1.90 37.58 -46.64
CA GLY R 32 -0.93 36.58 -46.26
C GLY R 32 0.50 36.84 -46.69
N VAL R 33 0.94 38.10 -46.63
CA VAL R 33 2.31 38.43 -47.00
C VAL R 33 3.21 38.33 -45.77
N SER R 34 4.43 37.86 -45.97
CA SER R 34 5.35 37.60 -44.88
C SER R 34 6.77 37.84 -45.32
N ASP R 35 7.44 38.79 -44.67
CA ASP R 35 8.89 38.93 -44.75
C ASP R 35 9.41 39.19 -43.34
N SER R 36 10.01 38.16 -42.74
CA SER R 36 10.42 38.23 -41.35
C SER R 36 11.61 37.31 -41.15
N SER R 37 12.80 37.89 -41.02
CA SER R 37 14.03 37.12 -40.85
C SER R 37 14.63 37.46 -39.51
N THR R 38 14.47 36.56 -38.54
CA THR R 38 15.18 36.64 -37.29
C THR R 38 16.53 35.94 -37.41
N GLY R 39 17.33 36.03 -36.35
CA GLY R 39 18.64 35.43 -36.38
C GLY R 39 18.61 33.91 -36.34
N ILE R 40 17.52 33.34 -35.86
CA ILE R 40 17.35 31.89 -35.77
C ILE R 40 16.26 31.46 -36.74
N PRO R 41 16.52 30.46 -37.58
CA PRO R 41 15.60 30.20 -38.70
C PRO R 41 14.32 29.50 -38.31
N PHE R 42 14.22 28.94 -37.10
CA PHE R 42 13.00 28.22 -36.78
C PHE R 42 11.86 29.16 -36.40
N LEU R 43 12.15 30.34 -35.84
CA LEU R 43 11.12 31.36 -35.67
C LEU R 43 10.55 31.81 -37.00
N ASP R 44 11.36 31.80 -38.06
CA ASP R 44 10.90 32.26 -39.37
C ASP R 44 9.84 31.32 -39.94
N HIS R 45 9.92 30.03 -39.61
CA HIS R 45 8.87 29.11 -40.02
C HIS R 45 7.62 29.26 -39.16
N MET R 46 7.75 29.83 -37.95
CA MET R 46 6.58 29.95 -37.09
C MET R 46 5.88 31.28 -37.30
N LEU R 47 6.62 32.33 -37.65
CA LEU R 47 6.01 33.60 -37.98
C LEU R 47 5.37 33.60 -39.36
N ASP R 48 5.67 32.60 -40.19
CA ASP R 48 4.90 32.37 -41.41
C ASP R 48 3.46 31.96 -41.07
N GLN R 49 3.29 31.27 -39.94
CA GLN R 49 1.97 30.71 -39.62
C GLN R 49 1.01 31.79 -39.17
N LEU R 50 1.51 32.79 -38.43
CA LEU R 50 0.65 33.91 -38.04
C LEU R 50 0.55 34.97 -39.13
N ALA R 51 1.10 34.70 -40.32
CA ALA R 51 0.89 35.56 -41.47
C ALA R 51 -0.12 34.95 -42.44
N SER R 52 -0.05 33.63 -42.65
CA SER R 52 -0.91 33.00 -43.64
C SER R 52 -2.24 32.56 -43.03
N HIS R 53 -2.23 32.11 -41.77
CA HIS R 53 -3.45 31.68 -41.12
C HIS R 53 -4.13 32.78 -40.31
N GLY R 54 -3.36 33.75 -39.82
CA GLY R 54 -3.95 34.87 -39.10
C GLY R 54 -4.32 36.00 -40.03
N LEU R 55 -3.81 35.92 -41.26
CA LEU R 55 -3.95 36.93 -42.31
C LEU R 55 -3.46 38.30 -41.81
N PHE R 56 -2.28 38.27 -41.20
CA PHE R 56 -1.57 39.47 -40.80
C PHE R 56 -0.41 39.71 -41.74
N ASP R 57 0.06 40.95 -41.77
CA ASP R 57 1.27 41.31 -42.50
C ASP R 57 2.31 41.71 -41.46
N VAL R 58 3.21 40.78 -41.14
CA VAL R 58 4.20 40.97 -40.09
C VAL R 58 5.57 41.12 -40.74
N HIS R 59 6.35 42.08 -40.24
CA HIS R 59 7.69 42.37 -40.75
C HIS R 59 8.63 42.46 -39.56
N VAL R 60 9.54 41.49 -39.45
CA VAL R 60 10.48 41.41 -38.34
C VAL R 60 11.88 41.39 -38.92
N ARG R 61 12.74 42.29 -38.44
CA ARG R 61 14.17 42.23 -38.72
C ARG R 61 14.90 42.36 -37.39
N ALA R 62 15.61 41.32 -36.99
CA ALA R 62 16.33 41.30 -35.73
C ALA R 62 17.74 40.80 -35.95
N THR R 63 18.72 41.52 -35.39
CA THR R 63 20.11 41.10 -35.37
C THR R 63 20.53 41.02 -33.90
N GLY R 64 20.98 39.85 -33.49
CA GLY R 64 21.32 39.63 -32.10
C GLY R 64 22.45 38.65 -31.94
N ASP R 65 22.80 38.41 -30.68
CA ASP R 65 23.96 37.61 -30.32
C ASP R 65 23.58 36.14 -30.26
N THR R 66 23.54 35.48 -31.41
CA THR R 66 23.46 34.03 -31.44
C THR R 66 24.82 33.36 -31.32
N HIS R 67 25.87 34.16 -31.10
CA HIS R 67 27.17 33.65 -30.68
C HIS R 67 27.08 32.98 -29.31
N ILE R 68 26.15 33.44 -28.47
CA ILE R 68 25.80 32.82 -27.21
C ILE R 68 24.38 32.29 -27.41
N ASP R 69 23.77 31.76 -26.35
CA ASP R 69 22.44 31.16 -26.41
C ASP R 69 21.36 32.08 -26.98
N ASP R 70 20.30 31.50 -27.54
CA ASP R 70 19.27 32.25 -28.26
C ASP R 70 18.23 32.87 -27.36
N HIS R 71 18.44 32.89 -26.04
CA HIS R 71 17.43 33.40 -25.12
C HIS R 71 17.24 34.91 -25.27
N HIS R 72 18.32 35.62 -25.60
CA HIS R 72 18.29 37.08 -25.61
C HIS R 72 17.57 37.61 -26.84
N THR R 73 17.80 36.99 -28.00
CA THR R 73 17.19 37.45 -29.23
C THR R 73 15.80 36.85 -29.46
N ASN R 74 15.26 36.12 -28.49
CA ASN R 74 13.89 35.65 -28.58
C ASN R 74 12.96 36.48 -27.70
N GLU R 75 13.51 37.01 -26.60
CA GLU R 75 12.77 37.97 -25.79
C GLU R 75 12.45 39.22 -26.58
N ASP R 76 13.49 39.83 -27.17
CA ASP R 76 13.37 41.14 -27.78
C ASP R 76 12.57 41.13 -29.07
N VAL R 77 12.48 39.98 -29.74
CA VAL R 77 11.51 39.85 -30.82
C VAL R 77 10.10 39.81 -30.27
N ALA R 78 9.88 38.98 -29.25
CA ALA R 78 8.54 38.77 -28.73
C ALA R 78 8.04 39.96 -27.93
N LEU R 79 8.96 40.72 -27.32
CA LEU R 79 8.56 41.96 -26.66
C LEU R 79 8.16 43.03 -27.67
N ALA R 80 8.79 43.01 -28.85
CA ALA R 80 8.53 44.05 -29.84
C ALA R 80 7.25 43.78 -30.64
N ILE R 81 6.86 42.51 -30.77
CA ILE R 81 5.60 42.18 -31.43
C ILE R 81 4.43 42.67 -30.58
N GLY R 82 4.54 42.57 -29.26
CA GLY R 82 3.47 43.00 -28.37
C GLY R 82 3.28 44.50 -28.30
N THR R 83 4.38 45.26 -28.24
CA THR R 83 4.29 46.72 -28.25
C THR R 83 3.77 47.22 -29.59
N ALA R 84 4.13 46.53 -30.67
CA ALA R 84 3.55 46.85 -31.97
C ALA R 84 2.07 46.50 -32.02
N LEU R 85 1.66 45.44 -31.33
CA LEU R 85 0.27 45.02 -31.35
C LEU R 85 -0.59 45.87 -30.41
N LEU R 86 -0.02 46.38 -29.33
CA LEU R 86 -0.72 47.36 -28.51
C LEU R 86 -0.83 48.69 -29.24
N LYS R 87 0.15 49.02 -30.08
CA LYS R 87 0.08 50.25 -30.85
C LYS R 87 -0.75 50.08 -32.12
N ALA R 88 -0.93 48.84 -32.57
CA ALA R 88 -1.81 48.59 -33.71
C ALA R 88 -3.26 48.84 -33.31
N LEU R 89 -3.69 48.26 -32.19
CA LEU R 89 -4.96 48.63 -31.61
C LEU R 89 -4.88 50.05 -31.04
N GLY R 90 -6.03 50.68 -30.91
CA GLY R 90 -6.12 51.98 -30.28
C GLY R 90 -6.94 51.92 -29.02
N GLU R 91 -7.80 52.91 -28.84
CA GLU R 91 -8.92 52.75 -27.91
C GLU R 91 -9.81 51.63 -28.43
N ARG R 92 -9.86 50.54 -27.69
CA ARG R 92 -10.48 49.31 -28.18
C ARG R 92 -11.99 49.47 -28.29
N LYS R 93 -12.48 49.57 -29.52
CA LYS R 93 -13.88 49.86 -29.77
C LYS R 93 -14.35 49.10 -30.99
N GLY R 94 -15.44 48.35 -30.83
CA GLY R 94 -16.06 47.68 -31.97
C GLY R 94 -15.37 46.42 -32.41
N ILE R 95 -14.69 45.72 -31.49
CA ILE R 95 -14.05 44.45 -31.79
C ILE R 95 -14.73 43.37 -30.97
N ASN R 96 -14.51 42.11 -31.39
CA ASN R 96 -15.14 40.99 -30.71
C ASN R 96 -14.54 40.76 -29.32
N ARG R 97 -13.23 40.97 -29.20
CA ARG R 97 -12.41 40.96 -27.97
C ARG R 97 -12.21 39.55 -27.41
N PHE R 98 -12.91 38.55 -27.91
CA PHE R 98 -12.72 37.18 -27.48
C PHE R 98 -12.30 36.33 -28.66
N GLY R 99 -11.22 35.58 -28.48
CA GLY R 99 -10.75 34.69 -29.53
C GLY R 99 -10.43 33.34 -28.96
N ASP R 100 -11.15 32.33 -29.43
CA ASP R 100 -10.94 30.96 -28.99
C ASP R 100 -10.93 30.07 -30.21
N PHE R 101 -10.00 29.11 -30.23
CA PHE R 101 -9.86 28.24 -31.37
C PHE R 101 -9.03 27.03 -30.97
N THR R 102 -9.35 25.88 -31.56
CA THR R 102 -8.52 24.69 -31.45
C THR R 102 -8.19 24.18 -32.83
N ALA R 103 -6.97 23.70 -33.01
CA ALA R 103 -6.44 23.41 -34.34
C ALA R 103 -5.64 22.12 -34.34
N PRO R 104 -6.02 21.10 -35.11
CA PRO R 104 -5.23 19.87 -35.13
C PRO R 104 -4.09 19.97 -36.11
N LEU R 105 -2.94 19.45 -35.71
CA LEU R 105 -2.00 18.91 -36.67
C LEU R 105 -2.16 17.40 -36.54
N ASP R 106 -1.26 16.63 -37.16
CA ASP R 106 -1.25 15.18 -36.97
C ASP R 106 -1.08 14.86 -35.50
N GLU R 107 -2.08 14.16 -34.95
CA GLU R 107 -2.21 13.59 -33.60
C GLU R 107 -2.26 14.60 -32.47
N ALA R 108 -2.08 15.89 -32.74
CA ALA R 108 -1.89 16.89 -31.69
C ALA R 108 -2.96 17.97 -31.78
N LEU R 109 -3.57 18.25 -30.63
CA LEU R 109 -4.52 19.34 -30.46
C LEU R 109 -3.99 20.37 -29.48
N ILE R 110 -4.07 21.64 -29.86
CA ILE R 110 -3.85 22.75 -28.94
C ILE R 110 -5.12 23.57 -28.91
N HIS R 111 -5.54 23.97 -27.72
CA HIS R 111 -6.65 24.90 -27.55
C HIS R 111 -6.12 26.21 -27.03
N VAL R 112 -6.33 27.28 -27.80
CA VAL R 112 -5.85 28.62 -27.47
C VAL R 112 -7.04 29.55 -27.29
N SER R 113 -7.08 30.23 -26.14
CA SER R 113 -8.12 31.20 -25.82
C SER R 113 -7.46 32.49 -25.38
N LEU R 114 -8.05 33.64 -25.72
CA LEU R 114 -7.40 34.91 -25.42
C LEU R 114 -8.42 36.02 -25.20
N ASP R 115 -7.97 37.15 -24.65
CA ASP R 115 -8.88 38.15 -24.10
C ASP R 115 -8.60 39.58 -24.59
N LEU R 116 -7.33 39.96 -24.78
CA LEU R 116 -6.91 41.27 -25.32
C LEU R 116 -7.48 42.48 -24.57
N SER R 117 -7.60 42.40 -23.25
CA SER R 117 -8.18 43.50 -22.49
C SER R 117 -7.29 43.85 -21.31
N GLY R 118 -6.26 44.67 -21.54
CA GLY R 118 -5.56 45.32 -20.45
C GLY R 118 -4.64 44.41 -19.64
N ARG R 119 -5.24 43.39 -19.03
CA ARG R 119 -4.59 42.58 -18.01
C ARG R 119 -3.76 41.46 -18.63
N PRO R 120 -2.49 41.32 -18.29
CA PRO R 120 -1.66 40.25 -18.85
C PRO R 120 -1.69 38.97 -18.00
N TYR R 121 -1.84 37.83 -18.68
CA TYR R 121 -1.74 36.53 -18.05
C TYR R 121 -1.34 35.50 -19.10
N LEU R 122 -0.57 34.50 -18.67
CA LEU R 122 -0.24 33.36 -19.52
C LEU R 122 -0.44 32.07 -18.76
N GLY R 123 -1.35 31.23 -19.23
CA GLY R 123 -1.44 29.86 -18.77
C GLY R 123 -0.85 28.93 -19.82
N TYR R 124 0.07 28.08 -19.38
CA TYR R 124 0.87 27.27 -20.30
C TYR R 124 0.87 25.83 -19.79
N ASN R 125 0.33 24.91 -20.59
CA ASN R 125 0.23 23.51 -20.18
C ASN R 125 0.87 22.55 -21.15
N LEU R 126 1.65 23.03 -22.11
CA LEU R 126 2.35 22.17 -23.06
C LEU R 126 3.52 21.45 -22.40
N GLU R 127 3.79 20.26 -22.92
CA GLU R 127 4.93 19.45 -22.49
C GLU R 127 5.56 18.86 -23.74
N ILE R 128 6.72 19.35 -24.12
CA ILE R 128 7.42 18.94 -25.33
C ILE R 128 8.39 17.84 -24.94
N PRO R 129 8.41 16.69 -25.63
CA PRO R 129 9.28 15.59 -25.19
C PRO R 129 10.77 15.84 -25.42
N THR R 130 11.15 16.36 -26.58
CA THR R 130 12.57 16.54 -26.87
C THR R 130 13.06 17.91 -26.44
N GLN R 131 14.36 18.12 -26.52
CA GLN R 131 14.97 19.35 -26.03
C GLN R 131 15.40 20.31 -27.12
N ARG R 132 15.59 19.85 -28.36
CA ARG R 132 15.80 20.71 -29.50
C ARG R 132 14.84 20.29 -30.60
N VAL R 133 14.45 21.25 -31.44
CA VAL R 133 13.58 20.88 -32.56
C VAL R 133 14.44 20.69 -33.81
N GLY R 134 15.00 21.78 -34.34
CA GLY R 134 16.17 21.61 -35.17
C GLY R 134 17.42 22.06 -34.46
N THR R 135 17.38 23.31 -34.01
CA THR R 135 18.39 23.92 -33.19
C THR R 135 17.78 24.87 -32.17
N TYR R 136 16.45 24.89 -32.08
CA TYR R 136 15.72 25.81 -31.23
C TYR R 136 15.54 25.18 -29.85
N ASP R 137 15.78 25.98 -28.81
CA ASP R 137 16.05 25.44 -27.49
C ASP R 137 14.82 24.89 -26.77
N THR R 138 13.62 25.13 -27.29
CA THR R 138 12.36 24.43 -26.99
C THR R 138 11.81 24.78 -25.59
N GLN R 139 12.62 25.43 -24.77
CA GLN R 139 12.22 25.97 -23.49
C GLN R 139 11.89 27.45 -23.61
N LEU R 140 11.97 27.96 -24.83
CA LEU R 140 11.76 29.34 -25.19
C LEU R 140 10.37 29.59 -25.76
N VAL R 141 9.61 28.53 -26.03
CA VAL R 141 8.27 28.66 -26.61
C VAL R 141 7.32 29.26 -25.60
N GLU R 142 7.41 28.81 -24.35
CA GLU R 142 6.66 29.45 -23.28
C GLU R 142 7.18 30.85 -23.01
N HIS R 143 8.46 31.07 -23.26
CA HIS R 143 9.04 32.39 -23.03
C HIS R 143 8.73 33.35 -24.16
N PHE R 144 8.40 32.83 -25.34
CA PHE R 144 7.90 33.67 -26.43
C PHE R 144 6.55 34.25 -26.07
N PHE R 145 5.65 33.41 -25.57
CA PHE R 145 4.29 33.88 -25.27
C PHE R 145 4.23 34.59 -23.93
N GLN R 146 5.24 34.40 -23.08
CA GLN R 146 5.29 35.16 -21.85
C GLN R 146 5.69 36.60 -22.11
N SER R 147 6.58 36.81 -23.09
CA SER R 147 7.01 38.15 -23.44
C SER R 147 5.97 38.85 -24.30
N LEU R 148 5.23 38.09 -25.11
CA LEU R 148 4.16 38.67 -25.92
C LEU R 148 2.98 39.10 -25.08
N VAL R 149 2.74 38.42 -23.96
CA VAL R 149 1.60 38.73 -23.10
C VAL R 149 1.86 40.01 -22.31
N ASN R 150 3.10 40.20 -21.85
CA ASN R 150 3.39 41.25 -20.87
C ASN R 150 3.33 42.64 -21.50
N THR R 151 3.54 42.73 -22.81
CA THR R 151 3.50 44.02 -23.47
C THR R 151 2.19 44.27 -24.21
N SER R 152 1.58 43.21 -24.75
CA SER R 152 0.29 43.37 -25.41
C SER R 152 -0.85 43.61 -24.43
N GLY R 153 -0.73 43.12 -23.20
CA GLY R 153 -1.80 43.26 -22.23
C GLY R 153 -2.99 42.38 -22.55
N MET R 154 -2.78 41.08 -22.57
CA MET R 154 -3.81 40.11 -22.94
C MET R 154 -3.74 38.91 -22.00
N THR R 155 -4.88 38.28 -21.78
CA THR R 155 -4.92 37.00 -21.09
C THR R 155 -4.80 35.93 -22.17
N LEU R 156 -4.04 34.87 -21.90
CA LEU R 156 -3.81 33.83 -22.89
C LEU R 156 -3.73 32.47 -22.22
N HIS R 157 -4.63 31.57 -22.60
CA HIS R 157 -4.60 30.19 -22.13
C HIS R 157 -4.25 29.27 -23.29
N ILE R 158 -3.20 28.49 -23.11
CA ILE R 158 -2.73 27.54 -24.12
C ILE R 158 -2.77 26.16 -23.48
N ARG R 159 -3.53 25.24 -24.05
CA ARG R 159 -3.72 23.92 -23.45
C ARG R 159 -3.49 22.84 -24.50
N GLN R 160 -2.62 21.88 -24.17
CA GLN R 160 -2.38 20.72 -25.01
C GLN R 160 -3.43 19.66 -24.69
N LEU R 161 -4.02 19.08 -25.73
CA LEU R 161 -5.06 18.09 -25.54
C LEU R 161 -4.64 16.69 -25.99
N ALA R 162 -3.64 16.59 -26.86
CA ALA R 162 -3.11 15.33 -27.39
C ALA R 162 -1.78 15.57 -28.10
N GLY R 163 -1.05 14.51 -28.41
CA GLY R 163 0.04 14.66 -29.36
C GLY R 163 1.41 14.50 -28.75
N LYS R 164 2.26 13.74 -29.44
CA LYS R 164 3.66 13.58 -29.06
C LYS R 164 4.57 13.71 -30.27
N ASN R 165 4.89 14.95 -30.63
CA ASN R 165 5.86 15.28 -31.66
C ASN R 165 6.21 16.76 -31.50
N SER R 166 7.50 17.06 -31.40
CA SER R 166 7.94 18.40 -31.02
C SER R 166 7.65 19.42 -32.11
N HIS R 167 7.86 19.05 -33.37
CA HIS R 167 7.56 19.96 -34.47
C HIS R 167 6.07 20.06 -34.72
N HIS R 168 5.30 19.07 -34.26
CA HIS R 168 3.86 19.11 -34.50
C HIS R 168 3.12 19.88 -33.42
N ILE R 169 3.62 19.85 -32.18
CA ILE R 169 2.93 20.56 -31.11
C ILE R 169 3.17 22.05 -31.21
N ILE R 170 4.40 22.46 -31.54
CA ILE R 170 4.70 23.88 -31.66
C ILE R 170 4.04 24.47 -32.90
N GLU R 171 3.82 23.68 -33.96
CA GLU R 171 3.17 24.26 -35.11
C GLU R 171 1.65 24.20 -34.96
N ALA R 172 1.14 23.43 -34.00
CA ALA R 172 -0.30 23.43 -33.76
C ALA R 172 -0.71 24.60 -32.87
N THR R 173 0.21 25.15 -32.09
CA THR R 173 -0.12 26.29 -31.25
C THR R 173 0.09 27.63 -31.95
N PHE R 174 0.91 27.67 -32.99
CA PHE R 174 1.05 28.89 -33.80
C PHE R 174 0.03 28.98 -34.93
N LYS R 175 -0.64 27.89 -35.27
CA LYS R 175 -1.82 27.99 -36.13
C LYS R 175 -3.05 28.37 -35.33
N ALA R 176 -3.13 27.93 -34.07
CA ALA R 176 -4.32 28.17 -33.27
C ALA R 176 -4.28 29.53 -32.61
N PHE R 177 -3.08 30.07 -32.36
CA PHE R 177 -2.98 31.44 -31.85
C PHE R 177 -3.31 32.45 -32.93
N ALA R 178 -2.98 32.11 -34.18
CA ALA R 178 -3.23 33.02 -35.29
C ALA R 178 -4.71 33.12 -35.61
N ARG R 179 -5.40 31.98 -35.60
CA ARG R 179 -6.83 31.97 -35.88
C ARG R 179 -7.64 32.58 -34.74
N ALA R 180 -7.11 32.52 -33.52
CA ALA R 180 -7.77 33.12 -32.37
C ALA R 180 -7.40 34.57 -32.15
N LEU R 181 -6.40 35.09 -32.87
CA LEU R 181 -6.10 36.51 -32.83
C LEU R 181 -6.80 37.29 -33.92
N ARG R 182 -7.09 36.67 -35.06
CA ARG R 182 -7.90 37.31 -36.08
C ARG R 182 -9.40 37.14 -35.83
N GLN R 183 -9.78 36.45 -34.76
CA GLN R 183 -11.18 36.37 -34.35
C GLN R 183 -11.49 37.41 -33.28
N ALA R 184 -10.48 37.78 -32.49
CA ALA R 184 -10.71 38.72 -31.40
C ALA R 184 -10.72 40.16 -31.88
N THR R 185 -9.65 40.58 -32.55
CA THR R 185 -9.49 41.99 -32.88
C THR R 185 -9.78 42.29 -34.35
N GLU R 186 -9.59 41.31 -35.22
CA GLU R 186 -9.71 41.59 -36.66
C GLU R 186 -11.17 41.61 -37.09
N SER R 187 -11.95 40.63 -36.64
CA SER R 187 -13.37 40.64 -36.94
C SER R 187 -14.09 41.64 -36.05
N ASP R 188 -15.27 42.06 -36.49
CA ASP R 188 -16.04 43.07 -35.78
C ASP R 188 -17.47 42.58 -35.57
N PRO R 189 -18.07 42.87 -34.43
CA PRO R 189 -19.47 42.46 -34.21
C PRO R 189 -20.47 43.40 -34.86
N ARG R 190 -21.75 43.18 -34.56
CA ARG R 190 -22.83 43.96 -35.18
C ARG R 190 -22.92 45.35 -34.57
N ARG R 191 -22.37 45.56 -33.38
CA ARG R 191 -22.41 46.88 -32.76
C ARG R 191 -21.35 47.80 -33.36
N GLY R 192 -21.55 49.10 -33.20
CA GLY R 192 -20.64 50.07 -33.76
C GLY R 192 -19.51 50.47 -32.83
N GLY R 193 -19.84 50.74 -31.57
CA GLY R 193 -18.84 51.16 -30.59
C GLY R 193 -19.37 51.16 -29.17
N ARG S 9 31.20 -29.06 -48.33
CA ARG S 9 31.36 -28.05 -47.28
C ARG S 9 31.53 -28.72 -45.92
N ILE S 10 32.78 -28.91 -45.51
CA ILE S 10 33.08 -29.64 -44.29
C ILE S 10 34.13 -28.88 -43.50
N GLY S 11 33.92 -28.82 -42.19
CA GLY S 11 34.94 -28.34 -41.27
C GLY S 11 35.14 -29.36 -40.19
N GLU S 12 36.41 -29.63 -39.88
CA GLU S 12 36.74 -30.64 -38.88
C GLU S 12 37.76 -30.06 -37.92
N VAL S 13 37.45 -30.17 -36.63
CA VAL S 13 38.32 -29.63 -35.59
C VAL S 13 38.57 -30.73 -34.56
N LYS S 14 39.85 -30.98 -34.29
CA LYS S 14 40.28 -31.79 -33.16
C LYS S 14 40.83 -30.84 -32.10
N ARG S 15 40.57 -31.16 -30.84
CA ARG S 15 40.99 -30.30 -29.74
C ARG S 15 41.12 -31.13 -28.47
N GLU S 16 42.30 -31.08 -27.86
CA GLU S 16 42.59 -31.88 -26.68
C GLU S 16 43.31 -31.04 -25.65
N THR S 17 42.80 -31.05 -24.43
CA THR S 17 43.41 -30.40 -23.28
C THR S 17 43.69 -31.46 -22.22
N LYS S 18 44.08 -31.00 -21.03
CA LYS S 18 44.32 -31.92 -19.92
C LYS S 18 43.03 -32.48 -19.36
N GLU S 19 41.89 -31.87 -19.69
CA GLU S 19 40.62 -32.31 -19.14
C GLU S 19 39.84 -33.15 -20.14
N THR S 20 39.76 -32.72 -21.39
CA THR S 20 38.94 -33.39 -22.40
C THR S 20 39.77 -33.72 -23.63
N ASN S 21 39.17 -34.53 -24.51
CA ASN S 21 39.74 -34.88 -25.81
C ASN S 21 38.59 -34.92 -26.80
N VAL S 22 38.47 -33.89 -27.63
CA VAL S 22 37.27 -33.65 -28.43
C VAL S 22 37.61 -33.75 -29.91
N SER S 23 36.83 -34.56 -30.63
CA SER S 23 36.94 -34.69 -32.09
C SER S 23 35.59 -34.36 -32.71
N VAL S 24 35.57 -33.34 -33.59
CA VAL S 24 34.35 -32.77 -34.11
C VAL S 24 34.50 -32.51 -35.61
N LYS S 25 33.50 -32.94 -36.39
CA LYS S 25 33.44 -32.68 -37.83
C LYS S 25 31.99 -32.51 -38.25
N ILE S 26 31.73 -31.52 -39.11
CA ILE S 26 30.37 -31.22 -39.58
C ILE S 26 30.37 -31.06 -41.10
N ASN S 27 29.53 -31.84 -41.78
CA ASN S 27 29.11 -31.55 -43.15
C ASN S 27 27.91 -30.62 -43.07
N LEU S 28 28.07 -29.40 -43.58
CA LEU S 28 26.98 -28.43 -43.48
C LEU S 28 25.91 -28.68 -44.52
N ASP S 29 26.30 -29.15 -45.70
CA ASP S 29 25.37 -29.55 -46.74
C ASP S 29 25.30 -31.07 -46.76
N GLY S 30 24.26 -31.62 -46.14
CA GLY S 30 24.20 -33.06 -45.98
C GLY S 30 22.80 -33.54 -45.68
N HIS S 31 22.73 -34.72 -45.06
CA HIS S 31 21.46 -35.39 -44.85
C HIS S 31 21.27 -35.68 -43.37
N GLY S 32 20.25 -36.45 -43.02
CA GLY S 32 19.94 -36.71 -41.63
C GLY S 32 20.74 -37.81 -40.96
N VAL S 33 22.03 -37.91 -41.27
CA VAL S 33 22.87 -38.92 -40.64
C VAL S 33 23.48 -38.35 -39.38
N SER S 34 23.62 -39.20 -38.35
CA SER S 34 24.09 -38.76 -37.04
C SER S 34 24.85 -39.88 -36.36
N ASP S 35 26.12 -39.62 -36.08
CA ASP S 35 26.92 -40.44 -35.17
C ASP S 35 27.70 -39.51 -34.26
N SER S 36 27.25 -39.37 -33.02
CA SER S 36 27.83 -38.40 -32.10
C SER S 36 27.65 -38.90 -30.69
N SER S 37 28.73 -39.39 -30.08
CA SER S 37 28.68 -39.93 -28.73
C SER S 37 29.58 -39.09 -27.84
N THR S 38 28.95 -38.24 -27.03
CA THR S 38 29.66 -37.54 -25.97
C THR S 38 29.65 -38.39 -24.71
N GLY S 39 30.36 -37.90 -23.69
CA GLY S 39 30.45 -38.65 -22.45
C GLY S 39 29.15 -38.69 -21.67
N ILE S 40 28.27 -37.75 -21.91
CA ILE S 40 26.97 -37.66 -21.24
C ILE S 40 25.87 -37.94 -22.25
N PRO S 41 24.94 -38.85 -21.94
CA PRO S 41 24.03 -39.32 -22.98
C PRO S 41 22.92 -38.36 -23.35
N PHE S 42 22.68 -37.32 -22.56
CA PHE S 42 21.57 -36.44 -22.89
C PHE S 42 21.92 -35.47 -24.01
N LEU S 43 23.20 -35.08 -24.15
CA LEU S 43 23.62 -34.33 -25.34
C LEU S 43 23.43 -35.14 -26.62
N ASP S 44 23.55 -36.47 -26.53
CA ASP S 44 23.42 -37.31 -27.70
C ASP S 44 22.00 -37.29 -28.25
N HIS S 45 21.01 -37.13 -27.37
CA HIS S 45 19.64 -36.97 -27.83
C HIS S 45 19.38 -35.57 -28.39
N MET S 46 20.20 -34.59 -28.01
CA MET S 46 19.96 -33.24 -28.49
C MET S 46 20.71 -32.97 -29.79
N LEU S 47 21.87 -33.60 -29.97
CA LEU S 47 22.60 -33.48 -31.23
C LEU S 47 21.97 -34.32 -32.33
N ASP S 48 21.06 -35.24 -31.99
CA ASP S 48 20.23 -35.88 -33.01
C ASP S 48 19.27 -34.87 -33.64
N GLN S 49 18.87 -33.86 -32.88
CA GLN S 49 17.85 -32.93 -33.37
C GLN S 49 18.43 -31.96 -34.39
N LEU S 50 19.68 -31.54 -34.21
CA LEU S 50 20.32 -30.71 -35.22
C LEU S 50 20.92 -31.52 -36.36
N ALA S 51 20.67 -32.83 -36.39
CA ALA S 51 21.04 -33.66 -37.54
C ALA S 51 19.82 -33.97 -38.39
N SER S 52 18.69 -34.26 -37.76
CA SER S 52 17.51 -34.69 -38.51
C SER S 52 16.65 -33.50 -38.93
N HIS S 53 16.57 -32.47 -38.09
CA HIS S 53 15.79 -31.29 -38.43
C HIS S 53 16.59 -30.19 -39.09
N GLY S 54 17.89 -30.11 -38.83
CA GLY S 54 18.73 -29.13 -39.48
C GLY S 54 19.31 -29.67 -40.77
N LEU S 55 19.19 -30.98 -40.97
CA LEU S 55 19.75 -31.73 -42.09
C LEU S 55 21.25 -31.50 -42.21
N PHE S 56 21.93 -31.61 -41.08
CA PHE S 56 23.38 -31.55 -41.00
C PHE S 56 23.90 -32.95 -40.74
N ASP S 57 25.17 -33.16 -41.07
CA ASP S 57 25.88 -34.39 -40.75
C ASP S 57 26.95 -34.04 -39.72
N VAL S 58 26.65 -34.29 -38.45
CA VAL S 58 27.52 -33.91 -37.35
C VAL S 58 28.15 -35.17 -36.75
N HIS S 59 29.45 -35.09 -36.47
CA HIS S 59 30.21 -36.20 -35.91
C HIS S 59 31.00 -35.69 -34.73
N VAL S 60 30.63 -36.13 -33.53
CA VAL S 60 31.26 -35.69 -32.29
C VAL S 60 31.77 -36.92 -31.55
N ARG S 61 33.04 -36.92 -31.19
CA ARG S 61 33.60 -37.90 -30.28
C ARG S 61 34.37 -37.14 -29.20
N ALA S 62 33.90 -37.25 -27.96
CA ALA S 62 34.52 -36.54 -26.84
C ALA S 62 34.71 -37.51 -25.67
N THR S 63 35.90 -37.50 -25.10
CA THR S 63 36.21 -38.24 -23.88
C THR S 63 36.67 -37.23 -22.85
N GLY S 64 35.98 -37.17 -21.72
CA GLY S 64 36.29 -36.19 -20.72
C GLY S 64 36.01 -36.69 -19.32
N ASP S 65 36.27 -35.82 -18.35
CA ASP S 65 36.22 -36.18 -16.94
C ASP S 65 34.80 -36.01 -16.42
N THR S 66 33.94 -37.02 -16.64
CA THR S 66 32.67 -37.07 -15.96
C THR S 66 32.77 -37.72 -14.59
N HIS S 67 33.99 -38.05 -14.15
CA HIS S 67 34.26 -38.39 -12.76
C HIS S 67 33.97 -37.22 -11.83
N ILE S 68 34.13 -36.00 -12.34
CA ILE S 68 33.73 -34.77 -11.67
C ILE S 68 32.56 -34.24 -12.49
N ASP S 69 32.06 -33.05 -12.14
CA ASP S 69 30.91 -32.43 -12.80
C ASP S 69 31.06 -32.30 -14.32
N ASP S 70 29.93 -32.25 -15.03
CA ASP S 70 29.93 -32.27 -16.48
C ASP S 70 30.18 -30.92 -17.14
N HIS S 71 30.60 -29.91 -16.38
CA HIS S 71 30.78 -28.57 -16.92
C HIS S 71 31.93 -28.51 -17.91
N HIS S 72 32.97 -29.32 -17.67
CA HIS S 72 34.19 -29.23 -18.46
C HIS S 72 34.03 -29.87 -19.83
N THR S 73 33.34 -31.01 -19.88
CA THR S 73 33.15 -31.71 -21.15
C THR S 73 31.94 -31.21 -21.93
N ASN S 74 31.29 -30.14 -21.47
CA ASN S 74 30.22 -29.53 -22.25
C ASN S 74 30.71 -28.24 -22.92
N GLU S 75 31.67 -27.56 -22.29
CA GLU S 75 32.33 -26.43 -22.92
C GLU S 75 33.05 -26.87 -24.18
N ASP S 76 33.92 -27.87 -24.04
CA ASP S 76 34.85 -28.26 -25.10
C ASP S 76 34.16 -28.94 -26.26
N VAL S 77 32.98 -29.52 -26.05
CA VAL S 77 32.16 -29.94 -27.19
C VAL S 77 31.59 -28.73 -27.90
N ALA S 78 31.02 -27.80 -27.13
CA ALA S 78 30.33 -26.66 -27.73
C ALA S 78 31.31 -25.66 -28.33
N LEU S 79 32.52 -25.57 -27.78
CA LEU S 79 33.54 -24.73 -28.41
C LEU S 79 34.03 -25.33 -29.71
N ALA S 80 34.04 -26.66 -29.82
CA ALA S 80 34.56 -27.30 -31.01
C ALA S 80 33.55 -27.33 -32.15
N ILE S 81 32.26 -27.29 -31.83
CA ILE S 81 31.24 -27.21 -32.88
C ILE S 81 31.29 -25.85 -33.57
N GLY S 82 31.57 -24.79 -32.80
CA GLY S 82 31.64 -23.46 -33.36
C GLY S 82 32.85 -23.20 -34.25
N THR S 83 34.01 -23.71 -33.84
CA THR S 83 35.21 -23.57 -34.66
C THR S 83 35.09 -24.41 -35.92
N ALA S 84 34.41 -25.55 -35.83
CA ALA S 84 34.12 -26.33 -37.02
C ALA S 84 33.11 -25.62 -37.91
N LEU S 85 32.17 -24.87 -37.32
CA LEU S 85 31.16 -24.18 -38.11
C LEU S 85 31.70 -22.89 -38.71
N LEU S 86 32.66 -22.24 -38.05
CA LEU S 86 33.35 -21.12 -38.68
C LEU S 86 34.26 -21.60 -39.80
N LYS S 87 34.81 -22.80 -39.67
CA LYS S 87 35.65 -23.36 -40.73
C LYS S 87 34.82 -24.01 -41.82
N ALA S 88 33.57 -24.38 -41.52
CA ALA S 88 32.68 -24.88 -42.56
C ALA S 88 32.30 -23.78 -43.53
N LEU S 89 31.87 -22.64 -43.00
CA LEU S 89 31.73 -21.44 -43.82
C LEU S 89 33.10 -20.93 -44.24
N GLY S 90 33.13 -20.18 -45.31
CA GLY S 90 34.34 -19.52 -45.75
C GLY S 90 34.19 -18.02 -45.71
N GLU S 91 34.68 -17.35 -46.75
CA GLU S 91 34.24 -16.00 -47.02
C GLU S 91 32.75 -16.04 -47.32
N ARG S 92 31.96 -15.44 -46.44
CA ARG S 92 30.51 -15.61 -46.46
C ARG S 92 29.93 -14.90 -47.67
N LYS S 93 29.48 -15.67 -48.66
CA LYS S 93 29.01 -15.13 -49.92
C LYS S 93 27.86 -15.97 -50.44
N GLY S 94 26.75 -15.31 -50.75
CA GLY S 94 25.62 -15.97 -51.37
C GLY S 94 24.76 -16.79 -50.43
N ILE S 95 24.71 -16.41 -49.16
CA ILE S 95 23.86 -17.07 -48.18
C ILE S 95 22.81 -16.09 -47.71
N ASN S 96 21.74 -16.62 -47.10
CA ASN S 96 20.65 -15.78 -46.64
C ASN S 96 21.05 -14.94 -45.43
N ARG S 97 21.89 -15.50 -44.54
CA ARG S 97 22.54 -14.88 -43.39
C ARG S 97 21.57 -14.61 -42.24
N PHE S 98 20.27 -14.72 -42.46
CA PHE S 98 19.30 -14.53 -41.40
C PHE S 98 18.49 -15.80 -41.22
N GLY S 99 18.41 -16.27 -39.99
CA GLY S 99 17.62 -17.45 -39.68
C GLY S 99 16.75 -17.21 -38.48
N ASP S 100 15.45 -17.28 -38.69
CA ASP S 100 14.48 -17.10 -37.62
C ASP S 100 13.43 -18.19 -37.73
N PHE S 101 13.06 -18.75 -36.58
CA PHE S 101 12.10 -19.85 -36.57
C PHE S 101 11.57 -20.01 -35.15
N THR S 102 10.30 -20.41 -35.07
CA THR S 102 9.70 -20.81 -33.80
C THR S 102 9.10 -22.20 -33.96
N ALA S 103 9.23 -23.02 -32.94
CA ALA S 103 8.92 -24.45 -33.03
C ALA S 103 8.19 -24.94 -31.79
N PRO S 104 6.97 -25.45 -31.90
CA PRO S 104 6.28 -25.95 -30.71
C PRO S 104 6.68 -27.38 -30.41
N LEU S 105 6.86 -27.67 -29.13
CA LEU S 105 6.63 -29.01 -28.64
C LEU S 105 5.29 -28.91 -27.91
N ASP S 106 4.92 -29.94 -27.15
CA ASP S 106 3.73 -29.87 -26.31
C ASP S 106 3.88 -28.73 -25.31
N GLU S 107 2.94 -27.78 -25.40
CA GLU S 107 2.71 -26.60 -24.57
C GLU S 107 3.81 -25.55 -24.59
N ALA S 108 4.94 -25.81 -25.26
CA ALA S 108 6.11 -24.96 -25.15
C ALA S 108 6.50 -24.41 -26.51
N LEU S 109 6.73 -23.10 -26.55
CA LEU S 109 7.25 -22.39 -27.71
C LEU S 109 8.60 -21.78 -27.40
N ILE S 110 9.57 -21.98 -28.30
CA ILE S 110 10.82 -21.26 -28.28
C ILE S 110 10.94 -20.52 -29.61
N HIS S 111 11.35 -19.26 -29.54
CA HIS S 111 11.66 -18.47 -30.73
C HIS S 111 13.16 -18.24 -30.80
N VAL S 112 13.79 -18.72 -31.87
CA VAL S 112 15.23 -18.62 -32.07
C VAL S 112 15.50 -17.78 -33.31
N SER S 113 16.32 -16.75 -33.15
CA SER S 113 16.74 -15.88 -34.25
C SER S 113 18.26 -15.79 -34.23
N LEU S 114 18.87 -15.70 -35.41
CA LEU S 114 20.33 -15.70 -35.47
C LEU S 114 20.85 -14.91 -36.66
N ASP S 115 22.15 -14.62 -36.67
CA ASP S 115 22.71 -13.62 -37.59
C ASP S 115 23.95 -14.10 -38.36
N LEU S 116 24.82 -14.90 -37.75
CA LEU S 116 26.01 -15.51 -38.38
C LEU S 116 26.94 -14.50 -39.07
N SER S 117 27.13 -13.32 -38.48
CA SER S 117 27.97 -12.31 -39.10
C SER S 117 28.96 -11.76 -38.09
N GLY S 118 30.08 -12.45 -37.90
CA GLY S 118 31.22 -11.86 -37.23
C GLY S 118 31.07 -11.69 -35.72
N ARG S 119 30.07 -10.92 -35.31
CA ARG S 119 29.91 -10.45 -33.96
C ARG S 119 29.20 -11.47 -33.08
N PRO S 120 29.76 -11.86 -31.94
CA PRO S 120 29.10 -12.83 -31.06
C PRO S 120 28.20 -12.18 -30.01
N TYR S 121 27.00 -12.73 -29.85
CA TYR S 121 26.08 -12.32 -28.80
C TYR S 121 25.16 -13.48 -28.48
N LEU S 122 24.76 -13.57 -27.21
CA LEU S 122 23.75 -14.54 -26.78
C LEU S 122 22.73 -13.86 -25.89
N GLY S 123 21.48 -13.83 -26.32
CA GLY S 123 20.38 -13.48 -25.45
C GLY S 123 19.61 -14.73 -25.05
N TYR S 124 19.42 -14.90 -23.74
CA TYR S 124 18.90 -16.13 -23.19
C TYR S 124 17.79 -15.79 -22.21
N ASN S 125 16.57 -16.24 -22.48
CA ASN S 125 15.43 -15.91 -21.64
C ASN S 125 14.69 -17.13 -21.13
N LEU S 126 15.24 -18.33 -21.29
CA LEU S 126 14.61 -19.55 -20.80
C LEU S 126 14.70 -19.65 -19.28
N GLU S 127 13.69 -20.29 -18.70
CA GLU S 127 13.64 -20.58 -17.28
C GLU S 127 13.13 -22.00 -17.11
N ILE S 128 14.02 -22.91 -16.72
CA ILE S 128 13.71 -24.32 -16.60
C ILE S 128 13.32 -24.57 -15.15
N PRO S 129 12.18 -25.23 -14.86
CA PRO S 129 11.77 -25.38 -13.47
C PRO S 129 12.61 -26.33 -12.64
N THR S 130 12.97 -27.50 -13.19
CA THR S 130 13.72 -28.48 -12.41
C THR S 130 15.23 -28.29 -12.59
N GLN S 131 15.99 -29.04 -11.80
CA GLN S 131 17.44 -28.86 -11.77
C GLN S 131 18.21 -29.96 -12.49
N ARG S 132 17.61 -31.13 -12.69
CA ARG S 132 18.19 -32.17 -13.55
C ARG S 132 17.12 -32.62 -14.53
N VAL S 133 17.56 -33.08 -15.70
CA VAL S 133 16.57 -33.59 -16.65
C VAL S 133 16.52 -35.11 -16.54
N GLY S 134 17.58 -35.79 -16.95
CA GLY S 134 17.80 -37.13 -16.44
C GLY S 134 18.94 -37.16 -15.44
N THR S 135 20.09 -36.68 -15.91
CA THR S 135 21.28 -36.47 -15.12
C THR S 135 22.04 -35.24 -15.58
N TYR S 136 21.44 -34.45 -16.48
CA TYR S 136 22.08 -33.30 -17.06
C TYR S 136 21.79 -32.08 -16.21
N ASP S 137 22.82 -31.26 -15.98
CA ASP S 137 22.79 -30.31 -14.87
C ASP S 137 21.92 -29.10 -15.11
N THR S 138 21.43 -28.88 -16.35
CA THR S 138 20.32 -28.01 -16.74
C THR S 138 20.68 -26.52 -16.64
N GLN S 139 21.82 -26.21 -16.02
CA GLN S 139 22.38 -24.87 -15.98
C GLN S 139 23.45 -24.73 -17.04
N LEU S 140 23.64 -25.78 -17.82
CA LEU S 140 24.64 -25.89 -18.86
C LEU S 140 24.07 -25.63 -20.25
N VAL S 141 22.74 -25.52 -20.36
CA VAL S 141 22.10 -25.31 -21.65
C VAL S 141 22.39 -23.91 -22.17
N GLU S 142 22.35 -22.92 -21.27
CA GLU S 142 22.78 -21.58 -21.64
C GLU S 142 24.28 -21.55 -21.87
N HIS S 143 25.02 -22.42 -21.19
CA HIS S 143 26.46 -22.45 -21.35
C HIS S 143 26.88 -23.19 -22.61
N PHE S 144 26.00 -24.06 -23.13
CA PHE S 144 26.21 -24.67 -24.44
C PHE S 144 26.17 -23.62 -25.54
N PHE S 145 25.15 -22.77 -25.51
CA PHE S 145 24.98 -21.78 -26.56
C PHE S 145 25.87 -20.57 -26.33
N GLN S 146 26.38 -20.39 -25.12
CA GLN S 146 27.34 -19.31 -24.91
C GLN S 146 28.69 -19.67 -25.50
N SER S 147 29.06 -20.96 -25.43
CA SER S 147 30.32 -21.41 -25.99
C SER S 147 30.23 -21.55 -27.50
N LEU S 148 29.04 -21.88 -28.02
CA LEU S 148 28.85 -21.99 -29.45
C LEU S 148 28.86 -20.62 -30.12
N VAL S 149 28.41 -19.58 -29.41
CA VAL S 149 28.35 -18.24 -29.96
C VAL S 149 29.75 -17.63 -30.08
N ASN S 150 30.60 -17.87 -29.08
CA ASN S 150 31.86 -17.15 -28.95
C ASN S 150 32.87 -17.57 -30.02
N THR S 151 32.73 -18.78 -30.54
CA THR S 151 33.68 -19.25 -31.56
C THR S 151 33.08 -19.18 -32.96
N SER S 152 31.78 -19.37 -33.10
CA SER S 152 31.15 -19.24 -34.40
C SER S 152 31.06 -17.81 -34.88
N GLY S 153 30.97 -16.85 -33.96
CA GLY S 153 30.82 -15.45 -34.33
C GLY S 153 29.44 -15.15 -34.88
N MET S 154 28.42 -15.36 -34.05
CA MET S 154 27.02 -15.19 -34.45
C MET S 154 26.26 -14.49 -33.34
N THR S 155 25.24 -13.74 -33.71
CA THR S 155 24.28 -13.21 -32.75
C THR S 155 23.19 -14.26 -32.61
N LEU S 156 22.70 -14.49 -31.39
CA LEU S 156 21.69 -15.51 -31.15
C LEU S 156 20.73 -15.06 -30.07
N HIS S 157 19.45 -14.96 -30.42
CA HIS S 157 18.39 -14.65 -29.48
C HIS S 157 17.51 -15.88 -29.29
N ILE S 158 17.38 -16.32 -28.05
CA ILE S 158 16.54 -17.47 -27.70
C ILE S 158 15.51 -16.99 -26.70
N ARG S 159 14.23 -17.13 -27.04
CA ARG S 159 13.17 -16.60 -26.20
C ARG S 159 12.10 -17.66 -25.96
N GLN S 160 11.77 -17.90 -24.70
CA GLN S 160 10.69 -18.80 -24.32
C GLN S 160 9.39 -18.04 -24.36
N LEU S 161 8.37 -18.64 -24.97
CA LEU S 161 7.07 -18.00 -25.11
C LEU S 161 5.97 -18.68 -24.30
N ALA S 162 6.16 -19.96 -23.94
CA ALA S 162 5.22 -20.75 -23.15
C ALA S 162 5.87 -22.04 -22.67
N GLY S 163 5.24 -22.75 -21.76
CA GLY S 163 5.66 -24.12 -21.51
C GLY S 163 6.31 -24.32 -20.16
N LYS S 164 5.90 -25.40 -19.49
CA LYS S 164 6.51 -25.82 -18.23
C LYS S 164 6.77 -27.34 -18.23
N ASN S 165 7.89 -27.73 -18.82
CA ASN S 165 8.40 -29.09 -18.79
C ASN S 165 9.84 -29.05 -19.24
N SER S 166 10.73 -29.62 -18.42
CA SER S 166 12.16 -29.46 -18.63
C SER S 166 12.64 -30.17 -19.90
N HIS S 167 12.13 -31.39 -20.14
CA HIS S 167 12.52 -32.11 -21.35
C HIS S 167 11.84 -31.52 -22.58
N HIS S 168 10.74 -30.78 -22.40
CA HIS S 168 10.05 -30.24 -23.55
C HIS S 168 10.61 -28.88 -23.97
N ILE S 169 11.11 -28.10 -23.01
CA ILE S 169 11.63 -26.78 -23.37
C ILE S 169 13.00 -26.91 -24.03
N ILE S 170 13.84 -27.81 -23.51
CA ILE S 170 15.17 -27.99 -24.09
C ILE S 170 15.07 -28.66 -25.45
N GLU S 171 14.06 -29.49 -25.70
CA GLU S 171 13.96 -30.10 -27.01
C GLU S 171 13.24 -29.17 -27.99
N ALA S 172 12.56 -28.14 -27.50
CA ALA S 172 11.96 -27.17 -28.40
C ALA S 172 12.95 -26.13 -28.88
N THR S 173 14.04 -25.91 -28.14
CA THR S 173 15.06 -24.97 -28.58
C THR S 173 16.13 -25.60 -29.46
N PHE S 174 16.31 -26.92 -29.40
CA PHE S 174 17.22 -27.60 -30.31
C PHE S 174 16.56 -28.01 -31.62
N LYS S 175 15.23 -28.02 -31.69
CA LYS S 175 14.57 -28.13 -32.98
C LYS S 175 14.51 -26.78 -33.68
N ALA S 176 14.38 -25.69 -32.90
CA ALA S 176 14.21 -24.37 -33.51
C ALA S 176 15.55 -23.74 -33.86
N PHE S 177 16.62 -24.15 -33.18
CA PHE S 177 17.95 -23.69 -33.56
C PHE S 177 18.41 -24.38 -34.84
N ALA S 178 17.99 -25.63 -35.03
CA ALA S 178 18.39 -26.39 -36.21
C ALA S 178 17.70 -25.87 -37.46
N ARG S 179 16.40 -25.56 -37.36
CA ARG S 179 15.66 -25.06 -38.50
C ARG S 179 16.07 -23.63 -38.84
N ALA S 180 16.56 -22.88 -37.86
CA ALA S 180 17.02 -21.51 -38.09
C ALA S 180 18.48 -21.45 -38.48
N LEU S 181 19.21 -22.55 -38.40
CA LEU S 181 20.59 -22.58 -38.89
C LEU S 181 20.67 -23.10 -40.32
N ARG S 182 19.73 -23.94 -40.74
CA ARG S 182 19.66 -24.35 -42.13
C ARG S 182 18.87 -23.36 -42.99
N GLN S 183 18.35 -22.29 -42.39
CA GLN S 183 17.72 -21.22 -43.14
C GLN S 183 18.71 -20.08 -43.40
N ALA S 184 19.69 -19.92 -42.51
CA ALA S 184 20.64 -18.82 -42.64
C ALA S 184 21.74 -19.14 -43.63
N THR S 185 22.45 -20.25 -43.40
CA THR S 185 23.65 -20.53 -44.18
C THR S 185 23.43 -21.61 -45.24
N GLU S 186 22.47 -22.51 -45.01
CA GLU S 186 22.32 -23.65 -45.92
C GLU S 186 21.56 -23.25 -47.17
N SER S 187 20.46 -22.52 -47.00
CA SER S 187 19.73 -22.03 -48.16
C SER S 187 20.45 -20.83 -48.76
N ASP S 188 20.16 -20.57 -50.03
CA ASP S 188 20.82 -19.50 -50.77
C ASP S 188 19.78 -18.59 -51.42
N PRO S 189 20.01 -17.29 -51.47
CA PRO S 189 19.05 -16.39 -52.14
C PRO S 189 19.24 -16.36 -53.64
N ARG S 190 18.51 -15.45 -54.30
CA ARG S 190 18.54 -15.37 -55.76
C ARG S 190 19.82 -14.73 -56.27
N ARG S 191 20.53 -14.00 -55.41
CA ARG S 191 21.78 -13.36 -55.84
C ARG S 191 22.91 -14.38 -55.85
N GLY S 192 23.97 -14.07 -56.60
CA GLY S 192 25.10 -14.97 -56.71
C GLY S 192 26.18 -14.74 -55.69
N GLY S 193 26.54 -13.48 -55.46
CA GLY S 193 27.59 -13.15 -54.51
C GLY S 193 27.68 -11.67 -54.21
N ARG T 9 57.77 -6.91 -27.74
CA ARG T 9 56.40 -7.43 -27.75
C ARG T 9 55.48 -6.46 -28.47
N ILE T 10 55.26 -6.68 -29.76
CA ILE T 10 54.49 -5.76 -30.58
C ILE T 10 53.49 -6.56 -31.42
N GLY T 11 52.28 -6.04 -31.51
CA GLY T 11 51.31 -6.54 -32.46
C GLY T 11 50.78 -5.38 -33.27
N GLU T 12 50.68 -5.59 -34.58
CA GLU T 12 50.23 -4.53 -35.48
C GLU T 12 49.17 -5.09 -36.41
N VAL T 13 48.04 -4.40 -36.47
CA VAL T 13 46.92 -4.83 -37.29
C VAL T 13 46.48 -3.66 -38.15
N LYS T 14 46.41 -3.89 -39.46
CA LYS T 14 45.75 -2.99 -40.39
C LYS T 14 44.42 -3.62 -40.79
N ARG T 15 43.40 -2.80 -40.95
CA ARG T 15 42.07 -3.29 -41.27
C ARG T 15 41.28 -2.20 -41.99
N GLU T 16 40.77 -2.52 -43.18
CA GLU T 16 40.08 -1.54 -44.00
C GLU T 16 38.81 -2.18 -44.58
N THR T 17 37.69 -1.50 -44.39
CA THR T 17 36.42 -1.88 -44.98
C THR T 17 35.93 -0.74 -45.86
N LYS T 18 34.68 -0.85 -46.31
CA LYS T 18 34.09 0.22 -47.12
C LYS T 18 33.74 1.44 -46.28
N GLU T 19 33.72 1.29 -44.95
CA GLU T 19 33.34 2.41 -44.09
C GLU T 19 34.56 3.07 -43.47
N THR T 20 35.50 2.29 -42.95
CA THR T 20 36.65 2.82 -42.23
C THR T 20 37.95 2.29 -42.82
N ASN T 21 39.05 2.90 -42.38
CA ASN T 21 40.40 2.47 -42.72
C ASN T 21 41.25 2.64 -41.47
N VAL T 22 41.56 1.53 -40.79
CA VAL T 22 42.11 1.54 -39.44
C VAL T 22 43.51 0.95 -39.44
N SER T 23 44.46 1.68 -38.87
CA SER T 23 45.84 1.22 -38.68
C SER T 23 46.18 1.29 -37.21
N VAL T 24 46.54 0.14 -36.63
CA VAL T 24 46.70 -0.01 -35.18
C VAL T 24 47.95 -0.83 -34.88
N LYS T 25 48.79 -0.33 -33.96
CA LYS T 25 49.96 -1.05 -33.48
C LYS T 25 50.20 -0.72 -32.01
N ILE T 26 50.53 -1.75 -31.22
CA ILE T 26 50.76 -1.59 -29.78
C ILE T 26 52.06 -2.26 -29.37
N ASN T 27 52.96 -1.51 -28.74
CA ASN T 27 54.05 -2.07 -27.95
C ASN T 27 53.52 -2.31 -26.54
N LEU T 28 53.46 -3.57 -26.12
CA LEU T 28 52.89 -3.88 -24.82
C LEU T 28 53.88 -3.59 -23.70
N ASP T 29 55.17 -3.79 -23.95
CA ASP T 29 56.23 -3.44 -23.02
C ASP T 29 56.88 -2.16 -23.51
N GLY T 30 56.50 -1.04 -22.92
CA GLY T 30 56.97 0.24 -23.43
C GLY T 30 56.83 1.34 -22.41
N HIS T 31 56.77 2.57 -22.91
CA HIS T 31 56.79 3.75 -22.06
C HIS T 31 55.56 4.61 -22.33
N GLY T 32 55.53 5.81 -21.76
CA GLY T 32 54.36 6.66 -21.90
C GLY T 32 54.26 7.47 -23.17
N VAL T 33 54.67 6.89 -24.30
CA VAL T 33 54.58 7.61 -25.57
C VAL T 33 53.22 7.33 -26.21
N SER T 34 52.67 8.35 -26.88
CA SER T 34 51.33 8.26 -27.43
C SER T 34 51.23 9.11 -28.69
N ASP T 35 50.94 8.46 -29.81
CA ASP T 35 50.51 9.13 -31.03
C ASP T 35 49.33 8.35 -31.61
N SER T 36 48.13 8.88 -31.43
CA SER T 36 46.92 8.18 -31.80
C SER T 36 45.84 9.18 -32.15
N SER T 37 45.57 9.34 -33.45
CA SER T 37 44.58 10.30 -33.91
C SER T 37 43.47 9.55 -34.61
N THR T 38 42.34 9.40 -33.92
CA THR T 38 41.12 8.92 -34.54
C THR T 38 40.34 10.08 -35.14
N GLY T 39 39.26 9.75 -35.83
CA GLY T 39 38.46 10.78 -36.47
C GLY T 39 37.70 11.65 -35.49
N ILE T 40 37.47 11.16 -34.30
CA ILE T 40 36.75 11.88 -33.25
C ILE T 40 37.71 12.22 -32.13
N PRO T 41 37.78 13.48 -31.69
CA PRO T 41 38.88 13.88 -30.80
C PRO T 41 38.73 13.43 -29.36
N PHE T 42 37.56 12.95 -28.94
CA PHE T 42 37.42 12.58 -27.54
C PHE T 42 38.03 11.21 -27.25
N LEU T 43 38.07 10.31 -28.23
CA LEU T 43 38.85 9.07 -28.07
C LEU T 43 40.33 9.35 -27.90
N ASP T 44 40.83 10.43 -28.52
CA ASP T 44 42.24 10.75 -28.44
C ASP T 44 42.65 11.15 -27.02
N HIS T 45 41.72 11.75 -26.27
CA HIS T 45 41.99 12.04 -24.87
C HIS T 45 41.89 10.79 -24.01
N MET T 46 41.18 9.77 -24.47
CA MET T 46 41.02 8.57 -23.65
C MET T 46 42.12 7.56 -23.93
N LEU T 47 42.62 7.52 -25.17
CA LEU T 47 43.74 6.65 -25.49
C LEU T 47 45.06 7.21 -24.98
N ASP T 48 45.09 8.47 -24.57
CA ASP T 48 46.23 9.00 -23.82
C ASP T 48 46.33 8.34 -22.45
N GLN T 49 45.19 7.95 -21.89
CA GLN T 49 45.17 7.44 -20.52
C GLN T 49 45.72 6.02 -20.46
N LEU T 50 45.45 5.20 -21.47
CA LEU T 50 46.04 3.87 -21.51
C LEU T 50 47.44 3.88 -22.10
N ALA T 51 48.01 5.05 -22.34
CA ALA T 51 49.42 5.16 -22.71
C ALA T 51 50.27 5.64 -21.54
N SER T 52 49.75 6.59 -20.76
CA SER T 52 50.54 7.16 -19.68
C SER T 52 50.37 6.39 -18.38
N HIS T 53 49.17 5.87 -18.12
CA HIS T 53 48.92 5.12 -16.90
C HIS T 53 49.10 3.62 -17.08
N GLY T 54 48.90 3.10 -18.28
CA GLY T 54 49.13 1.69 -18.53
C GLY T 54 50.55 1.41 -18.96
N LEU T 55 51.27 2.49 -19.28
CA LEU T 55 52.63 2.46 -19.80
C LEU T 55 52.74 1.58 -21.05
N PHE T 56 51.79 1.79 -21.95
CA PHE T 56 51.78 1.16 -23.26
C PHE T 56 52.18 2.18 -24.31
N ASP T 57 52.64 1.69 -25.45
CA ASP T 57 52.91 2.53 -26.62
C ASP T 57 51.89 2.16 -27.68
N VAL T 58 50.83 2.96 -27.80
CA VAL T 58 49.72 2.67 -28.70
C VAL T 58 49.76 3.66 -29.85
N HIS T 59 49.56 3.15 -31.07
CA HIS T 59 49.56 3.95 -32.28
C HIS T 59 48.31 3.62 -33.09
N VAL T 60 47.40 4.58 -33.18
CA VAL T 60 46.13 4.40 -33.87
C VAL T 60 46.02 5.47 -34.95
N ARG T 61 45.75 5.05 -36.18
CA ARG T 61 45.38 5.96 -37.26
C ARG T 61 44.13 5.40 -37.92
N ALA T 62 43.03 6.13 -37.81
CA ALA T 62 41.76 5.70 -38.37
C ALA T 62 41.13 6.84 -39.15
N THR T 63 40.67 6.53 -40.37
CA THR T 63 39.90 7.45 -41.19
C THR T 63 38.56 6.81 -41.48
N GLY T 64 37.48 7.47 -41.09
CA GLY T 64 36.17 6.88 -41.24
C GLY T 64 35.12 7.93 -41.50
N ASP T 65 33.88 7.45 -41.63
CA ASP T 65 32.76 8.28 -42.04
C ASP T 65 32.13 8.94 -40.81
N THR T 66 32.71 10.05 -40.36
CA THR T 66 32.06 10.89 -39.38
C THR T 66 31.09 11.88 -40.03
N HIS T 67 30.91 11.80 -41.34
CA HIS T 67 29.81 12.47 -42.04
C HIS T 67 28.47 11.96 -41.55
N ILE T 68 28.41 10.71 -41.13
CA ILE T 68 27.26 10.10 -40.47
C ILE T 68 27.70 9.85 -39.04
N ASP T 69 26.86 9.21 -38.24
CA ASP T 69 27.13 8.95 -36.82
C ASP T 69 28.45 8.22 -36.57
N ASP T 70 29.01 8.41 -35.37
CA ASP T 70 30.33 7.89 -35.03
C ASP T 70 30.35 6.43 -34.62
N HIS T 71 29.26 5.70 -34.81
CA HIS T 71 29.18 4.32 -34.35
C HIS T 71 30.12 3.42 -35.16
N HIS T 72 30.31 3.73 -36.44
CA HIS T 72 31.05 2.84 -37.33
C HIS T 72 32.55 2.94 -37.10
N THR T 73 33.05 4.15 -36.88
CA THR T 73 34.48 4.35 -36.67
C THR T 73 34.90 4.17 -35.23
N ASN T 74 34.00 3.73 -34.35
CA ASN T 74 34.38 3.40 -32.99
C ASN T 74 34.46 1.89 -32.81
N GLU T 75 33.65 1.14 -33.56
CA GLU T 75 33.78 -0.31 -33.61
C GLU T 75 35.15 -0.72 -34.13
N ASP T 76 35.50 -0.20 -35.31
CA ASP T 76 36.67 -0.67 -36.05
C ASP T 76 37.97 -0.23 -35.41
N VAL T 77 37.96 0.83 -34.60
CA VAL T 77 39.12 1.12 -33.76
C VAL T 77 39.21 0.10 -32.65
N ALA T 78 38.09 -0.16 -31.97
CA ALA T 78 38.11 -1.02 -30.78
C ALA T 78 38.28 -2.48 -31.17
N LEU T 79 37.81 -2.88 -32.35
CA LEU T 79 38.07 -4.23 -32.82
C LEU T 79 39.54 -4.43 -33.19
N ALA T 80 40.20 -3.37 -33.65
CA ALA T 80 41.58 -3.50 -34.09
C ALA T 80 42.56 -3.46 -32.93
N ILE T 81 42.20 -2.81 -31.82
CA ILE T 81 43.04 -2.83 -30.63
C ILE T 81 43.08 -4.23 -30.03
N GLY T 82 41.96 -4.94 -30.08
CA GLY T 82 41.90 -6.28 -29.52
C GLY T 82 42.66 -7.33 -30.31
N THR T 83 42.56 -7.27 -31.64
CA THR T 83 43.32 -8.19 -32.48
C THR T 83 44.81 -7.91 -32.40
N ALA T 84 45.17 -6.63 -32.22
CA ALA T 84 46.57 -6.30 -31.97
C ALA T 84 47.02 -6.78 -30.59
N LEU T 85 46.11 -6.78 -29.61
CA LEU T 85 46.47 -7.20 -28.27
C LEU T 85 46.49 -8.72 -28.15
N LEU T 86 45.67 -9.43 -28.93
CA LEU T 86 45.79 -10.88 -29.00
C LEU T 86 47.07 -11.29 -29.73
N LYS T 87 47.50 -10.47 -30.71
CA LYS T 87 48.73 -10.76 -31.41
C LYS T 87 49.95 -10.26 -30.65
N ALA T 88 49.77 -9.32 -29.73
CA ALA T 88 50.87 -8.90 -28.87
C ALA T 88 51.26 -10.01 -27.91
N LEU T 89 50.27 -10.57 -27.23
CA LEU T 89 50.49 -11.80 -26.47
C LEU T 89 50.72 -12.96 -27.43
N GLY T 90 51.38 -14.00 -26.94
CA GLY T 90 51.56 -15.21 -27.69
C GLY T 90 50.86 -16.37 -27.03
N GLU T 91 51.56 -17.51 -26.98
CA GLU T 91 51.20 -18.55 -26.03
C GLU T 91 51.40 -17.99 -24.62
N ARG T 92 50.30 -17.82 -23.90
CA ARG T 92 50.31 -17.08 -22.64
C ARG T 92 51.07 -17.86 -21.57
N LYS T 93 52.27 -17.38 -21.24
CA LYS T 93 53.15 -18.09 -20.32
C LYS T 93 53.92 -17.10 -19.47
N GLY T 94 53.84 -17.28 -18.16
CA GLY T 94 54.63 -16.48 -17.24
C GLY T 94 54.08 -15.10 -16.98
N ILE T 95 52.77 -14.92 -17.08
CA ILE T 95 52.12 -13.65 -16.77
C ILE T 95 51.21 -13.84 -15.58
N ASN T 96 50.83 -12.73 -14.95
CA ASN T 96 49.99 -12.79 -13.76
C ASN T 96 48.57 -13.22 -14.09
N ARG T 97 48.06 -12.78 -15.25
CA ARG T 97 46.79 -13.16 -15.89
C ARG T 97 45.57 -12.55 -15.16
N PHE T 98 45.75 -11.98 -13.98
CA PHE T 98 44.65 -11.34 -13.28
C PHE T 98 44.99 -9.88 -13.06
N GLY T 99 44.07 -9.01 -13.43
CA GLY T 99 44.26 -7.58 -13.23
C GLY T 99 43.02 -6.97 -12.63
N ASP T 100 43.17 -6.43 -11.43
CA ASP T 100 42.07 -5.77 -10.74
C ASP T 100 42.58 -4.46 -10.17
N PHE T 101 41.76 -3.42 -10.29
CA PHE T 101 42.16 -2.10 -9.84
C PHE T 101 40.92 -1.23 -9.73
N THR T 102 40.94 -0.33 -8.75
CA THR T 102 39.94 0.73 -8.64
C THR T 102 40.64 2.07 -8.57
N ALA T 103 40.07 3.08 -9.22
CA ALA T 103 40.75 4.36 -9.44
C ALA T 103 39.80 5.52 -9.25
N PRO T 104 40.04 6.42 -8.31
CA PRO T 104 39.15 7.56 -8.14
C PRO T 104 39.51 8.69 -9.09
N LEU T 105 38.49 9.31 -9.65
CA LEU T 105 38.60 10.71 -10.04
C LEU T 105 37.82 11.46 -8.96
N ASP T 106 37.56 12.74 -9.17
CA ASP T 106 36.70 13.50 -8.28
C ASP T 106 35.33 12.86 -8.21
N GLU T 107 34.95 12.44 -7.01
CA GLU T 107 33.67 11.86 -6.55
C GLU T 107 33.31 10.51 -7.17
N ALA T 108 34.09 10.01 -8.11
CA ALA T 108 33.70 8.85 -8.89
C ALA T 108 34.71 7.73 -8.73
N LEU T 109 34.20 6.52 -8.46
CA LEU T 109 34.99 5.30 -8.41
C LEU T 109 34.51 4.32 -9.47
N ILE T 110 35.47 3.76 -10.20
CA ILE T 110 35.22 2.64 -11.08
C ILE T 110 36.09 1.48 -10.61
N HIS T 111 35.52 0.28 -10.54
CA HIS T 111 36.27 -0.92 -10.26
C HIS T 111 36.33 -1.78 -11.52
N VAL T 112 37.54 -2.04 -12.01
CA VAL T 112 37.75 -2.82 -13.24
C VAL T 112 38.53 -4.08 -12.89
N SER T 113 37.99 -5.22 -13.29
CA SER T 113 38.63 -6.52 -13.10
C SER T 113 38.65 -7.24 -14.44
N LEU T 114 39.72 -8.01 -14.69
CA LEU T 114 39.87 -8.65 -16.00
C LEU T 114 40.63 -9.96 -15.90
N ASP T 115 40.58 -10.76 -16.97
CA ASP T 115 41.02 -12.16 -16.90
C ASP T 115 41.99 -12.56 -18.02
N LEU T 116 41.83 -12.05 -19.24
CA LEU T 116 42.74 -12.29 -20.38
C LEU T 116 42.96 -13.77 -20.71
N SER T 117 41.95 -14.61 -20.58
CA SER T 117 42.13 -16.04 -20.83
C SER T 117 41.04 -16.55 -21.75
N GLY T 118 41.22 -16.39 -23.05
CA GLY T 118 40.42 -17.11 -24.03
C GLY T 118 38.98 -16.64 -24.17
N ARG T 119 38.23 -16.69 -23.07
CA ARG T 119 36.79 -16.53 -23.08
C ARG T 119 36.40 -15.06 -23.00
N PRO T 120 35.56 -14.56 -23.91
CA PRO T 120 35.16 -13.16 -23.87
C PRO T 120 33.87 -12.94 -23.06
N TYR T 121 33.90 -11.90 -22.22
CA TYR T 121 32.72 -11.47 -21.48
C TYR T 121 32.87 -9.99 -21.14
N LEU T 122 31.75 -9.29 -21.10
CA LEU T 122 31.72 -7.90 -20.64
C LEU T 122 30.56 -7.70 -19.68
N GLY T 123 30.88 -7.35 -18.44
CA GLY T 123 29.87 -6.86 -17.51
C GLY T 123 30.00 -5.34 -17.37
N TYR T 124 28.88 -4.65 -17.56
CA TYR T 124 28.88 -3.20 -17.67
C TYR T 124 27.78 -2.65 -16.77
N ASN T 125 28.15 -1.87 -15.77
CA ASN T 125 27.19 -1.34 -14.81
C ASN T 125 27.21 0.17 -14.70
N LEU T 126 27.89 0.87 -15.60
CA LEU T 126 27.93 2.33 -15.58
C LEU T 126 26.61 2.92 -16.05
N GLU T 127 26.31 4.10 -15.51
CA GLU T 127 25.14 4.88 -15.89
C GLU T 127 25.57 6.33 -15.98
N ILE T 128 25.66 6.84 -17.21
CA ILE T 128 26.13 8.20 -17.47
C ILE T 128 24.90 9.10 -17.54
N PRO T 129 24.86 10.22 -16.83
CA PRO T 129 23.63 11.04 -16.82
C PRO T 129 23.35 11.77 -18.12
N THR T 130 24.36 12.38 -18.75
CA THR T 130 24.12 13.15 -19.95
C THR T 130 24.29 12.29 -21.20
N GLN T 131 23.93 12.88 -22.35
CA GLN T 131 23.92 12.12 -23.59
C GLN T 131 25.08 12.44 -24.52
N ARG T 132 25.73 13.59 -24.36
CA ARG T 132 26.97 13.88 -25.06
C ARG T 132 27.99 14.36 -24.05
N VAL T 133 29.27 14.13 -24.34
CA VAL T 133 30.29 14.63 -23.43
C VAL T 133 30.83 15.94 -23.96
N GLY T 134 31.56 15.90 -25.07
CA GLY T 134 31.68 17.11 -25.87
C GLY T 134 30.85 17.01 -27.14
N THR T 135 31.15 15.95 -27.89
CA THR T 135 30.40 15.56 -29.07
C THR T 135 30.33 14.05 -29.20
N TYR T 136 30.78 13.33 -28.18
CA TYR T 136 30.86 11.88 -28.20
C TYR T 136 29.54 11.31 -27.68
N ASP T 137 29.05 10.28 -28.37
CA ASP T 137 27.64 9.91 -28.26
C ASP T 137 27.28 9.18 -26.96
N THR T 138 28.29 8.77 -26.17
CA THR T 138 28.20 8.37 -24.76
C THR T 138 27.50 7.02 -24.56
N GLN T 139 26.87 6.51 -25.62
CA GLN T 139 26.29 5.18 -25.64
C GLN T 139 27.24 4.21 -26.31
N LEU T 140 28.41 4.72 -26.69
CA LEU T 140 29.45 4.01 -27.39
C LEU T 140 30.56 3.52 -26.47
N VAL T 141 30.54 3.96 -25.21
CA VAL T 141 31.59 3.59 -24.25
C VAL T 141 31.47 2.12 -23.88
N GLU T 142 30.24 1.64 -23.69
CA GLU T 142 30.01 0.21 -23.51
C GLU T 142 30.30 -0.54 -24.80
N HIS T 143 30.10 0.13 -25.94
CA HIS T 143 30.34 -0.54 -27.21
C HIS T 143 31.82 -0.54 -27.57
N PHE T 144 32.61 0.35 -26.98
CA PHE T 144 34.06 0.29 -27.11
C PHE T 144 34.60 -0.97 -26.43
N PHE T 145 34.15 -1.22 -25.19
CA PHE T 145 34.67 -2.35 -24.45
C PHE T 145 34.00 -3.65 -24.85
N GLN T 146 32.86 -3.57 -25.53
CA GLN T 146 32.26 -4.79 -26.05
C GLN T 146 33.02 -5.29 -27.27
N SER T 147 33.52 -4.36 -28.08
CA SER T 147 34.30 -4.72 -29.26
C SER T 147 35.72 -5.12 -28.88
N LEU T 148 36.26 -4.53 -27.81
CA LEU T 148 37.59 -4.89 -27.35
C LEU T 148 37.61 -6.27 -26.71
N VAL T 149 36.50 -6.67 -26.09
CA VAL T 149 36.43 -7.97 -25.43
C VAL T 149 36.35 -9.09 -26.43
N ASN T 150 35.59 -8.90 -27.52
CA ASN T 150 35.24 -10.00 -28.42
C ASN T 150 36.43 -10.46 -29.24
N THR T 151 37.42 -9.59 -29.45
CA THR T 151 38.58 -9.98 -30.23
C THR T 151 39.79 -10.29 -29.36
N SER T 152 39.92 -9.63 -28.21
CA SER T 152 41.02 -9.94 -27.29
C SER T 152 40.82 -11.26 -26.58
N GLY T 153 39.58 -11.69 -26.37
CA GLY T 153 39.31 -12.91 -25.64
C GLY T 153 39.60 -12.77 -24.16
N MET T 154 38.88 -11.86 -23.49
CA MET T 154 39.10 -11.56 -22.09
C MET T 154 37.75 -11.40 -21.40
N THR T 155 37.71 -11.72 -20.11
CA THR T 155 36.55 -11.40 -19.27
C THR T 155 36.83 -10.02 -18.70
N LEU T 156 35.79 -9.18 -18.63
CA LEU T 156 35.96 -7.82 -18.14
C LEU T 156 34.74 -7.38 -17.35
N HIS T 157 34.94 -7.04 -16.08
CA HIS T 157 33.89 -6.50 -15.24
C HIS T 157 34.19 -5.05 -14.92
N ILE T 158 33.27 -4.16 -15.25
CA ILE T 158 33.39 -2.73 -15.00
C ILE T 158 32.23 -2.33 -14.11
N ARG T 159 32.52 -1.79 -12.93
CA ARG T 159 31.47 -1.47 -11.97
C ARG T 159 31.66 -0.05 -11.45
N GLN T 160 30.60 0.75 -11.54
CA GLN T 160 30.58 2.10 -10.98
C GLN T 160 30.22 2.01 -9.50
N LEU T 161 30.97 2.72 -8.67
CA LEU T 161 30.75 2.69 -7.23
C LEU T 161 30.24 4.01 -6.68
N ALA T 162 30.48 5.13 -7.39
CA ALA T 162 30.05 6.47 -7.00
C ALA T 162 30.21 7.43 -8.18
N GLY T 163 29.64 8.63 -8.07
CA GLY T 163 30.03 9.67 -9.01
C GLY T 163 28.93 10.06 -9.98
N LYS T 164 28.76 11.37 -10.16
CA LYS T 164 27.84 11.91 -11.15
C LYS T 164 28.50 13.05 -11.93
N ASN T 165 29.25 12.68 -12.96
CA ASN T 165 29.85 13.61 -13.91
C ASN T 165 30.32 12.80 -15.10
N SER T 166 29.87 13.19 -16.30
CA SER T 166 30.07 12.37 -17.49
C SER T 166 31.54 12.30 -17.89
N HIS T 167 32.25 13.42 -17.81
CA HIS T 167 33.68 13.41 -18.15
C HIS T 167 34.50 12.76 -17.05
N HIS T 168 33.96 12.69 -15.83
CA HIS T 168 34.73 12.12 -14.74
C HIS T 168 34.55 10.61 -14.65
N ILE T 169 33.39 10.09 -15.04
CA ILE T 169 33.17 8.65 -14.95
C ILE T 169 33.90 7.93 -16.08
N ILE T 170 33.87 8.50 -17.29
CA ILE T 170 34.54 7.87 -18.41
C ILE T 170 36.06 7.98 -18.26
N GLU T 171 36.57 9.00 -17.58
CA GLU T 171 38.01 9.06 -17.42
C GLU T 171 38.46 8.26 -16.22
N ALA T 172 37.54 7.86 -15.35
CA ALA T 172 37.90 7.00 -14.23
C ALA T 172 37.95 5.53 -14.64
N THR T 173 37.26 5.16 -15.72
CA THR T 173 37.30 3.78 -16.18
C THR T 173 38.41 3.54 -17.19
N PHE T 174 38.93 4.57 -17.85
CA PHE T 174 40.10 4.40 -18.71
C PHE T 174 41.42 4.56 -17.96
N LYS T 175 41.41 5.10 -16.75
CA LYS T 175 42.59 5.01 -15.90
C LYS T 175 42.64 3.66 -15.18
N ALA T 176 41.48 3.09 -14.86
CA ALA T 176 41.43 1.86 -14.08
C ALA T 176 41.58 0.63 -14.98
N PHE T 177 41.19 0.76 -16.25
CA PHE T 177 41.42 -0.33 -17.20
C PHE T 177 42.88 -0.42 -17.57
N ALA T 178 43.57 0.73 -17.60
CA ALA T 178 44.98 0.76 -17.97
C ALA T 178 45.84 0.17 -16.87
N ARG T 179 45.54 0.50 -15.62
CA ARG T 179 46.33 -0.01 -14.50
C ARG T 179 46.05 -1.50 -14.27
N ALA T 180 44.86 -1.97 -14.66
CA ALA T 180 44.52 -3.38 -14.53
C ALA T 180 44.93 -4.21 -15.73
N LEU T 181 45.36 -3.57 -16.82
CA LEU T 181 45.90 -4.30 -17.96
C LEU T 181 47.41 -4.43 -17.89
N ARG T 182 48.10 -3.49 -17.26
CA ARG T 182 49.53 -3.63 -17.03
C ARG T 182 49.83 -4.42 -15.76
N GLN T 183 48.81 -4.86 -15.04
CA GLN T 183 48.99 -5.77 -13.90
C GLN T 183 48.81 -7.22 -14.33
N ALA T 184 47.98 -7.45 -15.35
CA ALA T 184 47.68 -8.81 -15.77
C ALA T 184 48.78 -9.38 -16.66
N THR T 185 49.08 -8.69 -17.76
CA THR T 185 49.97 -9.24 -18.78
C THR T 185 51.37 -8.64 -18.72
N GLU T 186 51.50 -7.39 -18.24
CA GLU T 186 52.79 -6.73 -18.31
C GLU T 186 53.71 -7.19 -17.19
N SER T 187 53.19 -7.26 -15.96
CA SER T 187 53.98 -7.78 -14.86
C SER T 187 54.05 -9.30 -14.94
N ASP T 188 55.07 -9.87 -14.29
CA ASP T 188 55.31 -11.29 -14.33
C ASP T 188 55.47 -11.83 -12.91
N PRO T 189 54.96 -13.03 -12.64
CA PRO T 189 55.13 -13.61 -11.30
C PRO T 189 56.49 -14.26 -11.10
N ARG T 190 56.66 -14.93 -9.96
CA ARG T 190 57.93 -15.55 -9.62
C ARG T 190 58.19 -16.82 -10.42
N ARG T 191 57.15 -17.42 -11.00
CA ARG T 191 57.33 -18.62 -11.80
C ARG T 191 57.84 -18.27 -13.19
N GLY T 192 58.45 -19.26 -13.86
CA GLY T 192 58.99 -19.03 -15.18
C GLY T 192 58.03 -19.32 -16.31
N GLY T 193 57.31 -20.42 -16.24
CA GLY T 193 56.37 -20.79 -17.28
C GLY T 193 55.47 -21.95 -16.89
N ARG U 9 11.11 63.11 -5.52
CA ARG U 9 10.75 61.93 -6.29
C ARG U 9 9.28 61.57 -6.03
N ILE U 10 8.39 62.05 -6.89
CA ILE U 10 6.95 61.88 -6.68
C ILE U 10 6.31 61.43 -7.98
N GLY U 11 5.41 60.47 -7.87
CA GLY U 11 4.54 60.11 -8.98
C GLY U 11 3.11 60.15 -8.50
N GLU U 12 2.25 60.74 -9.33
CA GLU U 12 0.85 60.89 -8.97
C GLU U 12 -0.01 60.45 -10.14
N VAL U 13 -0.95 59.55 -9.84
CA VAL U 13 -1.84 58.99 -10.86
C VAL U 13 -3.27 59.15 -10.39
N LYS U 14 -4.10 59.75 -11.23
CA LYS U 14 -5.55 59.74 -11.08
C LYS U 14 -6.12 58.78 -12.11
N ARG U 15 -7.16 58.05 -11.72
CA ARG U 15 -7.76 57.05 -12.60
C ARG U 15 -9.20 56.83 -12.20
N GLU U 16 -10.11 57.00 -13.16
CA GLU U 16 -11.53 56.89 -12.89
C GLU U 16 -12.20 56.08 -14.00
N THR U 17 -12.96 55.06 -13.60
CA THR U 17 -13.77 54.26 -14.51
C THR U 17 -15.22 54.37 -14.07
N LYS U 18 -16.07 53.55 -14.66
CA LYS U 18 -17.49 53.53 -14.30
C LYS U 18 -17.71 52.88 -12.94
N GLU U 19 -16.71 52.16 -12.44
CA GLU U 19 -16.87 51.45 -11.17
C GLU U 19 -16.20 52.20 -10.02
N THR U 20 -14.98 52.68 -10.22
CA THR U 20 -14.21 53.31 -9.15
C THR U 20 -13.74 54.70 -9.57
N ASN U 21 -13.22 55.44 -8.60
CA ASN U 21 -12.60 56.74 -8.81
C ASN U 21 -11.41 56.82 -7.86
N VAL U 22 -10.20 56.66 -8.41
CA VAL U 22 -9.00 56.42 -7.62
C VAL U 22 -8.03 57.58 -7.80
N SER U 23 -7.56 58.14 -6.69
CA SER U 23 -6.53 59.17 -6.67
C SER U 23 -5.36 58.71 -5.82
N VAL U 24 -4.18 58.64 -6.43
CA VAL U 24 -3.00 58.00 -5.83
C VAL U 24 -1.77 58.86 -6.09
N LYS U 25 -0.99 59.13 -5.03
CA LYS U 25 0.28 59.84 -5.13
C LYS U 25 1.26 59.29 -4.10
N ILE U 26 2.52 59.10 -4.50
CA ILE U 26 3.56 58.54 -3.62
C ILE U 26 4.81 59.39 -3.70
N ASN U 27 5.28 59.88 -2.55
CA ASN U 27 6.65 60.35 -2.39
C ASN U 27 7.52 59.16 -2.04
N LEU U 28 8.46 58.81 -2.93
CA LEU U 28 9.28 57.62 -2.69
C LEU U 28 10.38 57.91 -1.68
N ASP U 29 10.91 59.12 -1.67
CA ASP U 29 11.89 59.55 -0.69
C ASP U 29 11.18 60.45 0.32
N GLY U 30 10.82 59.88 1.47
CA GLY U 30 10.00 60.62 2.40
C GLY U 30 10.08 60.03 3.80
N HIS U 31 9.04 60.32 4.58
CA HIS U 31 9.02 59.97 6.00
C HIS U 31 7.80 59.12 6.30
N GLY U 32 7.54 58.87 7.58
CA GLY U 32 6.45 57.99 7.97
C GLY U 32 5.07 58.63 8.01
N VAL U 33 4.77 59.53 7.09
CA VAL U 33 3.46 60.16 7.05
C VAL U 33 2.51 59.32 6.20
N SER U 34 1.25 59.26 6.61
CA SER U 34 0.27 58.41 5.96
C SER U 34 -1.11 59.04 6.05
N ASP U 35 -1.69 59.33 4.90
CA ASP U 35 -3.11 59.64 4.78
C ASP U 35 -3.66 58.90 3.57
N SER U 36 -4.39 57.82 3.83
CA SER U 36 -4.84 56.94 2.76
C SER U 36 -6.13 56.27 3.20
N SER U 37 -7.26 56.72 2.66
CA SER U 37 -8.56 56.18 3.01
C SER U 37 -9.18 55.54 1.79
N THR U 38 -9.16 54.21 1.73
CA THR U 38 -9.90 53.48 0.73
C THR U 38 -11.31 53.20 1.24
N GLY U 39 -12.14 52.62 0.38
CA GLY U 39 -13.50 52.33 0.76
C GLY U 39 -13.64 51.24 1.79
N ILE U 40 -12.63 50.38 1.90
CA ILE U 40 -12.63 49.27 2.84
C ILE U 40 -11.55 49.52 3.89
N PRO U 41 -11.87 49.42 5.18
CA PRO U 41 -10.95 49.92 6.21
C PRO U 41 -9.76 49.01 6.47
N PHE U 42 -9.77 47.77 5.99
CA PHE U 42 -8.66 46.90 6.32
C PHE U 42 -7.44 47.18 5.45
N LEU U 43 -7.62 47.66 4.22
CA LEU U 43 -6.49 48.17 3.44
C LEU U 43 -5.82 49.37 4.10
N ASP U 44 -6.60 50.17 4.82
CA ASP U 44 -6.04 51.36 5.47
C ASP U 44 -5.07 50.99 6.58
N HIS U 45 -5.28 49.84 7.23
CA HIS U 45 -4.32 49.36 8.22
C HIS U 45 -3.10 48.74 7.55
N MET U 46 -3.22 48.32 6.29
CA MET U 46 -2.08 47.69 5.63
C MET U 46 -1.23 48.70 4.90
N LEU U 47 -1.85 49.77 4.39
CA LEU U 47 -1.09 50.85 3.76
C LEU U 47 -0.41 51.74 4.79
N ASP U 48 -0.77 51.63 6.07
CA ASP U 48 0.03 52.23 7.13
C ASP U 48 1.39 51.56 7.25
N GLN U 49 1.45 50.27 6.92
CA GLN U 49 2.68 49.51 7.14
C GLN U 49 3.73 49.86 6.10
N LEU U 50 3.32 50.10 4.85
CA LEU U 50 4.28 50.54 3.85
C LEU U 50 4.52 52.04 3.90
N ALA U 51 4.00 52.74 4.91
CA ALA U 51 4.34 54.13 5.16
C ALA U 51 5.32 54.26 6.32
N SER U 52 5.12 53.47 7.37
CA SER U 52 5.95 53.63 8.57
C SER U 52 7.19 52.75 8.49
N HIS U 53 7.09 51.57 7.90
CA HIS U 53 8.23 50.67 7.79
C HIS U 53 8.99 50.82 6.47
N GLY U 54 8.32 51.25 5.41
CA GLY U 54 8.99 51.48 4.15
C GLY U 54 9.51 52.90 4.05
N LEU U 55 9.05 53.75 4.97
CA LEU U 55 9.34 55.18 5.01
C LEU U 55 8.97 55.86 3.69
N PHE U 56 7.77 55.54 3.22
CA PHE U 56 7.18 56.18 2.05
C PHE U 56 6.08 57.13 2.52
N ASP U 57 5.75 58.08 1.66
CA ASP U 57 4.63 58.97 1.87
C ASP U 57 3.59 58.64 0.81
N VAL U 58 2.58 57.86 1.19
CA VAL U 58 1.58 57.36 0.25
C VAL U 58 0.26 58.06 0.54
N HIS U 59 -0.43 58.48 -0.52
CA HIS U 59 -1.71 59.17 -0.42
C HIS U 59 -2.68 58.51 -1.37
N VAL U 60 -3.69 57.84 -0.83
CA VAL U 60 -4.68 57.11 -1.61
C VAL U 60 -6.06 57.64 -1.24
N ARG U 61 -6.84 58.04 -2.25
CA ARG U 61 -8.25 58.34 -2.07
C ARG U 61 -9.00 57.59 -3.15
N ALA U 62 -9.84 56.64 -2.75
CA ALA U 62 -10.61 55.82 -3.67
C ALA U 62 -12.05 55.76 -3.24
N THR U 63 -12.97 55.99 -4.18
CA THR U 63 -14.40 55.82 -3.97
C THR U 63 -14.89 54.80 -4.98
N GLY U 64 -15.47 53.71 -4.48
CA GLY U 64 -15.89 52.64 -5.35
C GLY U 64 -17.12 51.94 -4.84
N ASP U 65 -17.54 50.93 -5.59
CA ASP U 65 -18.80 50.24 -5.34
C ASP U 65 -18.58 49.11 -4.35
N THR U 66 -18.57 49.43 -3.06
CA THR U 66 -18.64 48.41 -2.02
C THR U 66 -20.07 48.00 -1.72
N HIS U 67 -21.04 48.52 -2.47
CA HIS U 67 -22.40 48.00 -2.49
C HIS U 67 -22.43 46.56 -3.00
N ILE U 68 -21.49 46.21 -3.87
CA ILE U 68 -21.25 44.85 -4.34
C ILE U 68 -19.90 44.47 -3.76
N ASP U 69 -19.39 43.29 -4.12
CA ASP U 69 -18.13 42.77 -3.60
C ASP U 69 -16.94 43.71 -3.79
N ASP U 70 -15.93 43.57 -2.93
CA ASP U 70 -14.80 44.49 -2.88
C ASP U 70 -13.72 44.21 -3.92
N HIS U 71 -13.98 43.33 -4.89
CA HIS U 71 -12.96 42.94 -5.85
C HIS U 71 -12.61 44.10 -6.78
N HIS U 72 -13.59 44.96 -7.09
CA HIS U 72 -13.40 45.99 -8.09
C HIS U 72 -12.59 47.16 -7.55
N THR U 73 -12.84 47.54 -6.30
CA THR U 73 -12.12 48.66 -5.70
C THR U 73 -10.80 48.25 -5.06
N ASN U 74 -10.38 47.00 -5.23
CA ASN U 74 -9.07 46.59 -4.77
C ASN U 74 -8.10 46.47 -5.94
N GLU U 75 -8.62 46.14 -7.12
CA GLU U 75 -7.82 46.17 -8.34
C GLU U 75 -7.33 47.59 -8.62
N ASP U 76 -8.28 48.54 -8.66
CA ASP U 76 -8.00 49.88 -9.14
C ASP U 76 -7.16 50.69 -8.16
N VAL U 77 -7.16 50.33 -6.88
CA VAL U 77 -6.17 50.89 -5.96
C VAL U 77 -4.79 50.32 -6.26
N ALA U 78 -4.70 49.00 -6.42
CA ALA U 78 -3.41 48.34 -6.58
C ALA U 78 -2.83 48.60 -7.96
N LEU U 79 -3.68 48.79 -8.97
CA LEU U 79 -3.17 49.19 -10.29
C LEU U 79 -2.63 50.61 -10.28
N ALA U 80 -3.21 51.48 -9.45
CA ALA U 80 -2.80 52.88 -9.46
C ALA U 80 -1.53 53.11 -8.63
N ILE U 81 -1.27 52.25 -7.64
CA ILE U 81 -0.03 52.34 -6.89
C ILE U 81 1.16 51.98 -7.77
N GLY U 82 0.98 51.01 -8.66
CA GLY U 82 2.05 50.58 -9.54
C GLY U 82 2.41 51.58 -10.63
N THR U 83 1.39 52.19 -11.24
CA THR U 83 1.64 53.22 -12.25
C THR U 83 2.26 54.47 -11.61
N ALA U 84 1.87 54.76 -10.37
CA ALA U 84 2.53 55.83 -9.64
C ALA U 84 3.96 55.47 -9.29
N LEU U 85 4.23 54.18 -9.03
CA LEU U 85 5.58 53.76 -8.66
C LEU U 85 6.47 53.62 -9.88
N LEU U 86 5.91 53.29 -11.04
CA LEU U 86 6.69 53.34 -12.28
C LEU U 86 6.98 54.79 -12.68
N LYS U 87 6.07 55.70 -12.35
CA LYS U 87 6.30 57.11 -12.65
C LYS U 87 7.15 57.79 -11.58
N ALA U 88 7.22 57.21 -10.38
CA ALA U 88 8.13 57.72 -9.35
C ALA U 88 9.57 57.47 -9.75
N LEU U 89 9.88 56.24 -10.13
CA LEU U 89 11.17 55.96 -10.74
C LEU U 89 11.21 56.59 -12.14
N GLY U 90 12.42 56.83 -12.62
CA GLY U 90 12.61 57.30 -13.97
C GLY U 90 13.38 56.29 -14.80
N GLU U 91 14.34 56.79 -15.57
CA GLU U 91 15.39 55.92 -16.08
C GLU U 91 16.17 55.39 -14.89
N ARG U 92 16.08 54.09 -14.65
CA ARG U 92 16.58 53.49 -13.42
C ARG U 92 18.10 53.53 -13.39
N LYS U 93 18.65 54.40 -12.55
CA LYS U 93 20.09 54.63 -12.50
C LYS U 93 20.52 54.90 -11.08
N GLY U 94 21.51 54.13 -10.63
CA GLY U 94 22.10 54.38 -9.32
C GLY U 94 21.30 53.86 -8.15
N ILE U 95 20.52 52.80 -8.35
CA ILE U 95 19.76 52.18 -7.29
C ILE U 95 20.29 50.76 -7.09
N ASN U 96 19.95 50.18 -5.93
CA ASN U 96 20.43 48.83 -5.62
C ASN U 96 19.76 47.78 -6.47
N ARG U 97 18.46 47.97 -6.78
CA ARG U 97 17.60 47.20 -7.69
C ARG U 97 17.23 45.83 -7.12
N PHE U 98 17.84 45.39 -6.03
CA PHE U 98 17.48 44.14 -5.40
C PHE U 98 17.03 44.40 -3.98
N GLY U 99 15.86 43.86 -3.63
CA GLY U 99 15.35 44.00 -2.28
C GLY U 99 14.86 42.67 -1.78
N ASP U 100 15.49 42.21 -0.71
CA ASP U 100 15.11 40.95 -0.07
C ASP U 100 15.07 41.16 1.43
N PHE U 101 14.04 40.60 2.06
CA PHE U 101 13.85 40.78 3.48
C PHE U 101 12.88 39.73 3.99
N THR U 102 13.10 39.29 5.22
CA THR U 102 12.15 38.45 5.93
C THR U 102 11.82 39.09 7.27
N ALA U 103 10.56 39.00 7.68
CA ALA U 103 10.05 39.77 8.81
C ALA U 103 9.12 38.93 9.67
N PRO U 104 9.42 38.70 10.94
CA PRO U 104 8.51 37.92 11.78
C PRO U 104 7.42 38.80 12.35
N LEU U 105 6.21 38.26 12.38
CA LEU U 105 5.26 38.65 13.39
C LEU U 105 5.25 37.46 14.37
N ASP U 106 4.30 37.43 15.29
CA ASP U 106 4.12 36.28 16.17
C ASP U 106 3.86 35.04 15.34
N GLU U 107 4.76 34.07 15.46
CA GLU U 107 4.77 32.71 14.90
C GLU U 107 4.88 32.64 13.38
N ALA U 108 4.85 33.77 12.68
CA ALA U 108 4.73 33.76 11.23
C ALA U 108 5.91 34.47 10.59
N LEU U 109 6.51 33.82 9.59
CA LEU U 109 7.57 34.38 8.77
C LEU U 109 7.10 34.48 7.32
N ILE U 110 7.34 35.64 6.71
CA ILE U 110 7.19 35.82 5.27
C ILE U 110 8.54 36.25 4.73
N HIS U 111 8.96 35.65 3.62
CA HIS U 111 10.15 36.08 2.90
C HIS U 111 9.74 36.72 1.60
N VAL U 112 10.10 37.99 1.42
CA VAL U 112 9.74 38.76 0.23
C VAL U 112 11.03 39.17 -0.50
N SER U 113 11.09 38.84 -1.79
CA SER U 113 12.22 39.21 -2.64
C SER U 113 11.68 39.89 -3.89
N LEU U 114 12.40 40.88 -4.41
CA LEU U 114 11.88 41.65 -5.54
C LEU U 114 13.01 42.17 -6.43
N ASP U 115 12.65 42.64 -7.63
CA ASP U 115 13.64 42.88 -8.67
C ASP U 115 13.54 44.27 -9.32
N LEU U 116 12.32 44.79 -9.52
CA LEU U 116 12.07 46.15 -10.05
C LEU U 116 12.73 46.43 -11.41
N SER U 117 12.79 45.44 -12.30
CA SER U 117 13.45 45.64 -13.58
C SER U 117 12.55 45.16 -14.71
N GLY U 118 11.64 46.01 -15.15
CA GLY U 118 10.96 45.79 -16.43
C GLY U 118 9.93 44.67 -16.42
N ARG U 119 10.38 43.46 -16.12
CA ARG U 119 9.61 42.24 -16.33
C ARG U 119 8.70 41.96 -15.13
N PRO U 120 7.40 41.75 -15.35
CA PRO U 120 6.49 41.46 -14.23
C PRO U 120 6.35 39.98 -13.94
N TYR U 121 6.40 39.63 -12.67
CA TYR U 121 6.14 38.26 -12.22
C TYR U 121 5.67 38.31 -10.77
N LEU U 122 4.79 37.37 -10.42
CA LEU U 122 4.37 37.19 -9.03
C LEU U 122 4.39 35.71 -8.67
N GLY U 123 5.23 35.36 -7.70
CA GLY U 123 5.15 34.05 -7.08
C GLY U 123 4.52 34.18 -5.71
N TYR U 124 3.49 33.37 -5.47
CA TYR U 124 2.64 33.51 -4.29
C TYR U 124 2.47 32.14 -3.66
N ASN U 125 2.94 31.98 -2.42
CA ASN U 125 2.89 30.69 -1.74
C ASN U 125 2.17 30.75 -0.40
N LEU U 126 1.49 31.84 -0.08
CA LEU U 126 0.75 31.95 1.16
C LEU U 126 -0.52 31.12 1.14
N GLU U 127 -0.91 30.64 2.32
CA GLU U 127 -2.13 29.90 2.53
C GLU U 127 -2.77 30.41 3.81
N ILE U 128 -3.86 31.14 3.68
CA ILE U 128 -4.54 31.77 4.80
C ILE U 128 -5.65 30.81 5.24
N PRO U 129 -5.76 30.48 6.54
CA PRO U 129 -6.76 29.48 6.94
C PRO U 129 -8.20 29.96 6.87
N THR U 130 -8.49 31.18 7.32
CA THR U 130 -9.86 31.66 7.34
C THR U 130 -10.21 32.39 6.05
N GLN U 131 -11.50 32.73 5.91
CA GLN U 131 -11.98 33.32 4.67
C GLN U 131 -12.26 34.82 4.77
N ARG U 132 -12.45 35.36 5.98
CA ARG U 132 -12.52 36.80 6.19
C ARG U 132 -11.57 37.17 7.31
N VAL U 133 -11.05 38.39 7.27
CA VAL U 133 -10.18 38.81 8.37
C VAL U 133 -11.00 39.63 9.35
N GLY U 134 -11.43 40.83 8.96
CA GLY U 134 -12.57 41.42 9.62
C GLY U 134 -13.80 41.37 8.73
N THR U 135 -13.64 41.95 7.55
CA THR U 135 -14.62 41.91 6.47
C THR U 135 -13.93 41.82 5.12
N TYR U 136 -12.62 41.62 5.11
CA TYR U 136 -11.83 41.62 3.89
C TYR U 136 -11.78 40.19 3.35
N ASP U 137 -11.96 40.06 2.03
CA ASP U 137 -12.35 38.78 1.44
C ASP U 137 -11.22 37.77 1.36
N THR U 138 -9.97 38.17 1.63
CA THR U 138 -8.80 37.34 1.95
C THR U 138 -8.29 36.56 0.73
N GLN U 139 -9.05 36.54 -0.35
CA GLN U 139 -8.64 35.98 -1.63
C GLN U 139 -8.14 37.09 -2.54
N LEU U 140 -8.12 38.31 -2.02
CA LEU U 140 -7.76 39.52 -2.72
C LEU U 140 -6.33 39.95 -2.43
N VAL U 141 -5.68 39.30 -1.46
CA VAL U 141 -4.32 39.66 -1.07
C VAL U 141 -3.34 39.29 -2.17
N GLU U 142 -3.52 38.11 -2.76
CA GLU U 142 -2.75 37.74 -3.94
C GLU U 142 -3.12 38.60 -5.12
N HIS U 143 -4.38 39.07 -5.16
CA HIS U 143 -4.81 39.90 -6.27
C HIS U 143 -4.36 41.34 -6.11
N PHE U 144 -4.05 41.76 -4.88
CA PHE U 144 -3.42 43.06 -4.65
C PHE U 144 -2.02 43.09 -5.27
N PHE U 145 -1.23 42.05 -5.00
CA PHE U 145 0.14 42.03 -5.47
C PHE U 145 0.23 41.59 -6.91
N GLN U 146 -0.83 40.98 -7.45
CA GLN U 146 -0.83 40.66 -8.88
C GLN U 146 -1.07 41.92 -9.69
N SER U 147 -1.90 42.83 -9.18
CA SER U 147 -2.17 44.08 -9.87
C SER U 147 -1.02 45.07 -9.69
N LEU U 148 -0.34 45.01 -8.55
CA LEU U 148 0.81 45.87 -8.33
C LEU U 148 2.01 45.46 -9.18
N VAL U 149 2.13 44.18 -9.49
CA VAL U 149 3.25 43.69 -10.27
C VAL U 149 3.10 44.08 -11.74
N ASN U 150 1.87 44.01 -12.27
CA ASN U 150 1.66 44.12 -13.70
C ASN U 150 1.88 45.53 -14.23
N THR U 151 1.75 46.53 -13.35
CA THR U 151 1.94 47.91 -13.78
C THR U 151 3.29 48.45 -13.35
N SER U 152 3.81 48.01 -12.20
CA SER U 152 5.14 48.46 -11.77
C SER U 152 6.26 47.83 -12.60
N GLY U 153 6.04 46.63 -13.14
CA GLY U 153 7.07 45.95 -13.89
C GLY U 153 8.18 45.43 -13.00
N MET U 154 7.84 44.54 -12.09
CA MET U 154 8.76 44.00 -11.11
C MET U 154 8.54 42.50 -10.96
N THR U 155 9.59 41.77 -10.62
CA THR U 155 9.46 40.38 -10.21
C THR U 155 9.28 40.39 -8.71
N LEU U 156 8.39 39.53 -8.20
CA LEU U 156 8.10 39.50 -6.77
C LEU U 156 7.85 38.08 -6.32
N HIS U 157 8.66 37.60 -5.38
CA HIS U 157 8.46 36.30 -4.75
C HIS U 157 8.07 36.48 -3.30
N ILE U 158 6.93 35.92 -2.93
CA ILE U 158 6.40 35.98 -1.57
C ILE U 158 6.27 34.56 -1.07
N ARG U 159 6.96 34.22 0.02
CA ARG U 159 6.97 32.85 0.51
C ARG U 159 6.67 32.82 2.00
N GLN U 160 5.69 32.01 2.39
CA GLN U 160 5.37 31.79 3.79
C GLN U 160 6.28 30.71 4.35
N LEU U 161 6.84 30.94 5.52
CA LEU U 161 7.77 30.01 6.13
C LEU U 161 7.22 29.37 7.40
N ALA U 162 6.24 30.01 8.04
CA ALA U 162 5.60 29.52 9.27
C ALA U 162 4.34 30.33 9.56
N GLY U 163 3.52 29.87 10.48
CA GLY U 163 2.49 30.75 11.01
C GLY U 163 1.08 30.35 10.62
N LYS U 164 0.18 30.38 11.60
CA LYS U 164 -1.25 30.15 11.38
C LYS U 164 -2.09 31.18 12.12
N ASN U 165 -2.26 32.35 11.49
CA ASN U 165 -3.14 33.40 11.96
C ASN U 165 -3.34 34.37 10.81
N SER U 166 -4.59 34.64 10.46
CA SER U 166 -4.91 35.39 9.24
C SER U 166 -4.46 36.84 9.33
N HIS U 167 -4.66 37.48 10.49
CA HIS U 167 -4.22 38.86 10.65
C HIS U 167 -2.72 38.94 10.83
N HIS U 168 -2.08 37.85 11.22
CA HIS U 168 -0.63 37.89 11.44
C HIS U 168 0.14 37.61 10.16
N ILE U 169 -0.41 36.79 9.26
CA ILE U 169 0.31 36.46 8.03
C ILE U 169 0.23 37.63 7.06
N ILE U 170 -0.93 38.27 6.95
CA ILE U 170 -1.08 39.39 6.05
C ILE U 170 -0.31 40.61 6.56
N GLU U 171 -0.13 40.76 7.87
CA GLU U 171 0.63 41.90 8.34
C GLU U 171 2.12 41.61 8.33
N ALA U 172 2.51 40.34 8.21
CA ALA U 172 3.93 40.02 8.09
C ALA U 172 4.43 40.18 6.66
N THR U 173 3.54 40.13 5.67
CA THR U 173 3.96 40.32 4.29
C THR U 173 3.91 41.78 3.86
N PHE U 174 3.14 42.63 4.54
CA PHE U 174 3.18 44.07 4.27
C PHE U 174 4.24 44.81 5.06
N LYS U 175 4.81 44.20 6.10
CA LYS U 175 6.02 44.75 6.70
C LYS U 175 7.26 44.33 5.91
N ALA U 176 7.23 43.14 5.32
CA ALA U 176 8.42 42.63 4.64
C ALA U 176 8.50 43.14 3.20
N PHE U 177 7.35 43.48 2.60
CA PHE U 177 7.36 44.10 1.29
C PHE U 177 7.85 45.54 1.38
N ALA U 178 7.53 46.21 2.49
CA ALA U 178 7.92 47.61 2.66
C ALA U 178 9.42 47.73 2.89
N ARG U 179 9.99 46.84 3.71
CA ARG U 179 11.41 46.89 3.99
C ARG U 179 12.22 46.44 2.78
N ALA U 180 11.65 45.61 1.92
CA ALA U 180 12.33 45.17 0.71
C ALA U 180 12.10 46.09 -0.48
N LEU U 181 11.21 47.06 -0.36
CA LEU U 181 11.05 48.06 -1.40
C LEU U 181 11.88 49.31 -1.12
N ARG U 182 12.14 49.63 0.13
CA ARG U 182 13.06 50.71 0.46
C ARG U 182 14.51 50.26 0.47
N GLN U 183 14.78 48.98 0.20
CA GLN U 183 16.14 48.50 0.03
C GLN U 183 16.51 48.47 -1.45
N ALA U 184 15.53 48.28 -2.32
CA ALA U 184 15.81 48.17 -3.75
C ALA U 184 16.00 49.53 -4.39
N THR U 185 15.01 50.41 -4.27
CA THR U 185 15.00 51.66 -5.01
C THR U 185 15.38 52.85 -4.15
N GLU U 186 15.12 52.79 -2.85
CA GLU U 186 15.33 53.97 -2.01
C GLU U 186 16.80 54.14 -1.65
N SER U 187 17.45 53.05 -1.25
CA SER U 187 18.88 53.11 -0.97
C SER U 187 19.66 53.13 -2.27
N ASP U 188 20.89 53.62 -2.20
CA ASP U 188 21.74 53.75 -3.37
C ASP U 188 23.10 53.11 -3.11
N PRO U 189 23.70 52.47 -4.12
CA PRO U 189 25.02 51.87 -3.93
C PRO U 189 26.15 52.89 -4.07
N ARG U 190 27.39 52.39 -4.06
CA ARG U 190 28.55 53.26 -4.12
C ARG U 190 28.77 53.83 -5.52
N ARG U 191 28.19 53.21 -6.54
CA ARG U 191 28.36 53.70 -7.90
C ARG U 191 27.42 54.88 -8.16
N GLY U 192 27.77 55.68 -9.17
CA GLY U 192 26.97 56.86 -9.48
C GLY U 192 25.87 56.61 -10.48
N GLY U 193 26.17 55.89 -11.55
CA GLY U 193 25.19 55.60 -12.59
C GLY U 193 25.65 54.57 -13.59
N ARG V 9 -31.96 15.92 53.64
CA ARG V 9 -32.06 15.92 52.18
C ARG V 9 -32.35 14.53 51.67
N ILE V 10 -33.64 14.24 51.45
CA ILE V 10 -34.06 12.89 51.07
C ILE V 10 -35.05 12.99 49.92
N GLY V 11 -34.89 12.10 48.95
CA GLY V 11 -35.89 11.92 47.92
C GLY V 11 -36.24 10.46 47.84
N GLU V 12 -37.54 10.18 47.76
CA GLU V 12 -38.01 8.80 47.73
C GLU V 12 -39.00 8.64 46.60
N VAL V 13 -38.77 7.64 45.76
CA VAL V 13 -39.61 7.38 44.59
C VAL V 13 -40.01 5.91 44.61
N LYS V 14 -41.32 5.67 44.54
CA LYS V 14 -41.87 4.35 44.27
C LYS V 14 -42.36 4.35 42.83
N ARG V 15 -42.19 3.22 42.15
CA ARG V 15 -42.57 3.11 40.75
C ARG V 15 -42.84 1.66 40.41
N GLU V 16 -44.03 1.38 39.88
CA GLU V 16 -44.45 0.03 39.59
C GLU V 16 -45.12 -0.02 38.23
N THR V 17 -44.66 -0.92 37.38
CA THR V 17 -45.26 -1.19 36.08
C THR V 17 -45.68 -2.66 36.04
N LYS V 18 -46.07 -3.12 34.85
CA LYS V 18 -46.45 -4.51 34.69
C LYS V 18 -45.24 -5.44 34.72
N GLU V 19 -44.04 -4.89 34.58
CA GLU V 19 -42.84 -5.72 34.54
C GLU V 19 -42.10 -5.70 35.88
N THR V 20 -41.94 -4.52 36.49
CA THR V 20 -41.14 -4.39 37.70
C THR V 20 -41.95 -3.68 38.78
N ASN V 21 -41.40 -3.71 40.00
CA ASN V 21 -41.95 -3.00 41.15
C ASN V 21 -40.76 -2.46 41.94
N VAL V 22 -40.52 -1.15 41.82
CA VAL V 22 -39.27 -0.56 42.27
C VAL V 22 -39.55 0.44 43.41
N SER V 23 -38.83 0.29 44.51
CA SER V 23 -38.89 1.21 45.64
C SER V 23 -37.50 1.75 45.92
N VAL V 24 -37.34 3.07 45.84
CA VAL V 24 -36.04 3.74 45.87
C VAL V 24 -36.10 4.97 46.77
N LYS V 25 -35.12 5.10 47.66
CA LYS V 25 -34.98 6.28 48.51
C LYS V 25 -33.49 6.55 48.77
N ILE V 26 -33.11 7.82 48.71
CA ILE V 26 -31.71 8.24 48.89
C ILE V 26 -31.63 9.39 49.87
N ASN V 27 -30.84 9.23 50.94
CA ASN V 27 -30.34 10.34 51.74
C ASN V 27 -29.06 10.84 51.09
N LEU V 28 -29.08 12.08 50.59
CA LEU V 28 -27.90 12.59 49.89
C LEU V 28 -26.82 13.03 50.86
N ASP V 29 -27.21 13.54 52.02
CA ASP V 29 -26.28 13.88 53.08
C ASP V 29 -26.36 12.81 54.15
N GLY V 30 -25.41 11.88 54.13
CA GLY V 30 -25.50 10.73 55.01
C GLY V 30 -24.17 10.05 55.18
N HIS V 31 -24.24 8.78 55.57
CA HIS V 31 -23.05 8.01 55.93
C HIS V 31 -22.95 6.77 55.07
N GLY V 32 -22.02 5.87 55.40
CA GLY V 32 -21.80 4.70 54.58
C GLY V 32 -22.73 3.52 54.82
N VAL V 33 -24.01 3.80 55.07
CA VAL V 33 -24.97 2.72 55.30
C VAL V 33 -25.58 2.31 53.96
N SER V 34 -25.84 1.01 53.82
CA SER V 34 -26.31 0.46 52.55
C SER V 34 -27.22 -0.73 52.80
N ASP V 35 -28.47 -0.61 52.38
CA ASP V 35 -29.37 -1.76 52.25
C ASP V 35 -30.10 -1.63 50.92
N SER V 36 -29.68 -2.45 49.95
CA SER V 36 -30.20 -2.33 48.60
C SER V 36 -30.12 -3.70 47.93
N SER V 37 -31.27 -4.35 47.79
CA SER V 37 -31.34 -5.68 47.21
C SER V 37 -32.18 -5.61 45.93
N THR V 38 -31.51 -5.64 44.80
CA THR V 38 -32.18 -5.79 43.52
C THR V 38 -32.32 -7.28 43.20
N GLY V 39 -33.00 -7.56 42.10
CA GLY V 39 -33.23 -8.96 41.72
C GLY V 39 -31.98 -9.65 41.24
N ILE V 40 -30.98 -8.90 40.80
CA ILE V 40 -29.73 -9.43 40.30
C ILE V 40 -28.61 -9.04 41.27
N PRO V 41 -27.79 -9.99 41.72
CA PRO V 41 -26.89 -9.70 42.84
C PRO V 41 -25.67 -8.87 42.48
N PHE V 42 -25.37 -8.70 41.19
CA PHE V 42 -24.16 -7.96 40.86
C PHE V 42 -24.36 -6.45 40.97
N LEU V 43 -25.58 -5.95 40.76
CA LEU V 43 -25.88 -4.55 41.07
C LEU V 43 -25.73 -4.26 42.56
N ASP V 44 -25.99 -5.25 43.41
CA ASP V 44 -25.90 -5.05 44.86
C ASP V 44 -24.45 -4.80 45.29
N HIS V 45 -23.49 -5.40 44.58
CA HIS V 45 -22.08 -5.10 44.86
C HIS V 45 -21.67 -3.74 44.30
N MET V 46 -22.41 -3.22 43.32
CA MET V 46 -22.01 -1.94 42.74
C MET V 46 -22.68 -0.78 43.45
N LEU V 47 -23.89 -0.99 43.97
CA LEU V 47 -24.55 0.04 44.76
C LEU V 47 -23.96 0.15 46.17
N ASP V 48 -23.17 -0.83 46.60
CA ASP V 48 -22.36 -0.68 47.80
C ASP V 48 -21.29 0.39 47.60
N GLN V 49 -20.81 0.55 46.36
CA GLN V 49 -19.68 1.44 46.11
C GLN V 49 -20.12 2.90 46.15
N LEU V 50 -21.33 3.20 45.68
CA LEU V 50 -21.84 4.56 45.80
C LEU V 50 -22.48 4.83 47.16
N ALA V 51 -22.35 3.89 48.10
CA ALA V 51 -22.75 4.14 49.48
C ALA V 51 -21.55 4.39 50.37
N SER V 52 -20.47 3.62 50.16
CA SER V 52 -19.31 3.72 51.04
C SER V 52 -18.33 4.78 50.56
N HIS V 53 -18.18 4.93 49.24
CA HIS V 53 -17.26 5.92 48.69
C HIS V 53 -17.93 7.25 48.38
N GLY V 54 -19.22 7.25 48.08
CA GLY V 54 -19.93 8.48 47.84
C GLY V 54 -20.51 9.06 49.11
N LEU V 55 -20.51 8.24 50.17
CA LEU V 55 -21.09 8.53 51.47
C LEU V 55 -22.56 8.94 51.34
N PHE V 56 -23.29 8.14 50.57
CA PHE V 56 -24.73 8.27 50.42
C PHE V 56 -25.40 7.15 51.18
N ASP V 57 -26.67 7.36 51.52
CA ASP V 57 -27.51 6.33 52.11
C ASP V 57 -28.58 5.98 51.08
N VAL V 58 -28.37 4.88 50.36
CA VAL V 58 -29.24 4.48 49.26
C VAL V 58 -30.01 3.23 49.69
N HIS V 59 -31.31 3.22 49.39
CA HIS V 59 -32.18 2.11 49.72
C HIS V 59 -32.97 1.73 48.48
N VAL V 60 -32.70 0.55 47.94
CA VAL V 60 -33.33 0.07 46.71
C VAL V 60 -33.99 -1.27 47.02
N ARG V 61 -35.27 -1.39 46.69
CA ARG V 61 -35.97 -2.67 46.70
C ARG V 61 -36.70 -2.80 45.38
N ALA V 62 -36.29 -3.77 44.57
CA ALA V 62 -36.88 -4.00 43.26
C ALA V 62 -37.21 -5.48 43.08
N THR V 63 -38.42 -5.75 42.62
CA THR V 63 -38.85 -7.09 42.24
C THR V 63 -39.25 -7.04 40.77
N GLY V 64 -38.61 -7.85 39.95
CA GLY V 64 -38.86 -7.81 38.54
C GLY V 64 -38.69 -9.17 37.90
N ASP V 65 -38.89 -9.19 36.58
CA ASP V 65 -38.94 -10.44 35.83
C ASP V 65 -37.53 -10.82 35.38
N THR V 66 -36.78 -11.46 36.27
CA THR V 66 -35.53 -12.10 35.88
C THR V 66 -35.77 -13.52 35.34
N HIS V 67 -37.03 -13.92 35.20
CA HIS V 67 -37.40 -15.10 34.43
C HIS V 67 -37.02 -14.95 32.97
N ILE V 68 -37.02 -13.71 32.47
CA ILE V 68 -36.53 -13.34 31.16
C ILE V 68 -35.29 -12.50 31.41
N ASP V 69 -34.69 -11.94 30.36
CA ASP V 69 -33.47 -11.16 30.46
C ASP V 69 -33.54 -10.00 31.45
N ASP V 70 -32.39 -9.58 31.97
CA ASP V 70 -32.31 -8.59 33.03
C ASP V 70 -32.40 -7.16 32.55
N HIS V 71 -32.76 -6.92 31.29
CA HIS V 71 -32.77 -5.57 30.74
C HIS V 71 -33.88 -4.73 31.37
N HIS V 72 -34.99 -5.37 31.71
CA HIS V 72 -36.17 -4.62 32.17
C HIS V 72 -36.02 -4.16 33.61
N THR V 73 -35.44 -4.99 34.47
CA THR V 73 -35.28 -4.62 35.86
C THR V 73 -33.99 -3.85 36.13
N ASN V 74 -33.26 -3.48 35.08
CA ASN V 74 -32.10 -2.61 35.26
C ASN V 74 -32.43 -1.18 34.83
N GLU V 75 -33.34 -1.04 33.87
CA GLU V 75 -33.86 0.28 33.51
C GLU V 75 -34.57 0.91 34.69
N ASP V 76 -35.54 0.18 35.26
CA ASP V 76 -36.46 0.74 36.24
C ASP V 76 -35.79 0.99 37.58
N VAL V 77 -34.69 0.32 37.88
CA VAL V 77 -33.87 0.71 39.02
C VAL V 77 -33.15 2.01 38.71
N ALA V 78 -32.52 2.10 37.55
CA ALA V 78 -31.70 3.26 37.21
C ALA V 78 -32.55 4.48 36.90
N LEU V 79 -33.77 4.29 36.40
CA LEU V 79 -34.67 5.42 36.22
C LEU V 79 -35.16 5.95 37.56
N ALA V 80 -35.30 5.08 38.55
CA ALA V 80 -35.84 5.50 39.84
C ALA V 80 -34.79 6.17 40.71
N ILE V 81 -33.50 5.84 40.52
CA ILE V 81 -32.45 6.52 41.26
C ILE V 81 -32.33 7.97 40.80
N GLY V 82 -32.54 8.22 39.51
CA GLY V 82 -32.45 9.57 38.98
C GLY V 82 -33.58 10.49 39.39
N THR V 83 -34.81 9.97 39.39
CA THR V 83 -35.97 10.75 39.85
C THR V 83 -35.87 11.02 41.35
N ALA V 84 -35.32 10.07 42.10
CA ALA V 84 -35.06 10.32 43.51
C ALA V 84 -33.94 11.33 43.69
N LEU V 85 -32.96 11.36 42.79
CA LEU V 85 -31.85 12.31 42.91
C LEU V 85 -32.23 13.70 42.43
N LEU V 86 -33.15 13.80 41.47
CA LEU V 86 -33.70 15.10 41.11
C LEU V 86 -34.61 15.63 42.21
N LYS V 87 -35.28 14.73 42.93
CA LYS V 87 -36.13 15.16 44.05
C LYS V 87 -35.32 15.37 45.32
N ALA V 88 -34.13 14.77 45.41
CA ALA V 88 -33.25 15.05 46.54
C ALA V 88 -32.73 16.47 46.48
N LEU V 89 -32.21 16.88 45.33
CA LEU V 89 -31.91 18.27 45.10
C LEU V 89 -33.20 19.06 44.98
N GLY V 90 -33.12 20.36 45.23
CA GLY V 90 -34.24 21.25 45.05
C GLY V 90 -33.95 22.28 43.98
N GLU V 91 -34.31 23.52 44.25
CA GLU V 91 -33.73 24.62 43.52
C GLU V 91 -32.25 24.66 43.82
N ARG V 92 -31.43 24.39 42.80
CA ARG V 92 -30.01 24.15 42.99
C ARG V 92 -29.30 25.44 43.40
N LYS V 93 -28.90 25.52 44.67
CA LYS V 93 -28.33 26.74 45.20
C LYS V 93 -27.25 26.39 46.22
N GLY V 94 -26.06 26.96 46.02
CA GLY V 94 -24.99 26.81 46.98
C GLY V 94 -24.26 25.49 46.90
N ILE V 95 -24.21 24.87 45.73
CA ILE V 95 -23.47 23.64 45.52
C ILE V 95 -22.34 23.90 44.54
N ASN V 96 -21.37 22.99 44.51
CA ASN V 96 -20.21 23.16 43.63
C ASN V 96 -20.58 22.98 42.16
N ARG V 97 -21.50 22.03 41.90
CA ARG V 97 -22.14 21.74 40.60
C ARG V 97 -21.19 21.04 39.62
N PHE V 98 -19.90 20.99 39.91
CA PHE V 98 -18.96 20.29 39.06
C PHE V 98 -18.29 19.17 39.84
N GLY V 99 -18.30 17.97 39.27
CA GLY V 99 -17.65 16.85 39.92
C GLY V 99 -16.81 16.09 38.92
N ASP V 100 -15.51 16.06 39.18
CA ASP V 100 -14.58 15.34 38.32
C ASP V 100 -13.64 14.54 39.20
N PHE V 101 -13.38 13.30 38.77
CA PHE V 101 -12.54 12.42 39.56
C PHE V 101 -12.07 11.27 38.68
N THR V 102 -10.86 10.80 38.94
CA THR V 102 -10.35 9.57 38.34
C THR V 102 -9.89 8.64 39.44
N ALA V 103 -10.14 7.34 39.27
CA ALA V 103 -9.97 6.36 40.34
C ALA V 103 -9.35 5.08 39.82
N PRO V 104 -8.18 4.68 40.29
CA PRO V 104 -7.60 3.42 39.81
C PRO V 104 -8.15 2.24 40.58
N LEU V 105 -8.41 1.16 39.85
CA LEU V 105 -8.32 -0.16 40.44
C LEU V 105 -7.02 -0.73 39.89
N ASP V 106 -6.78 -2.02 40.08
CA ASP V 106 -5.64 -2.68 39.48
C ASP V 106 -5.70 -2.54 37.97
N GLU V 107 -4.68 -1.90 37.41
CA GLU V 107 -4.35 -1.67 35.99
C GLU V 107 -5.35 -0.79 35.24
N ALA V 108 -6.46 -0.40 35.86
CA ALA V 108 -7.55 0.25 35.14
C ALA V 108 -7.84 1.63 35.72
N LEU V 109 -7.93 2.62 34.82
CA LEU V 109 -8.33 3.97 35.16
C LEU V 109 -9.63 4.33 34.45
N ILE V 110 -10.55 4.91 35.20
CA ILE V 110 -11.75 5.54 34.63
C ILE V 110 -11.73 6.99 35.07
N HIS V 111 -12.01 7.89 34.13
CA HIS V 111 -12.19 9.30 34.43
C HIS V 111 -13.66 9.66 34.26
N VAL V 112 -14.29 10.13 35.34
CA VAL V 112 -15.70 10.48 35.35
C VAL V 112 -15.84 11.97 35.65
N SER V 113 -16.56 12.68 34.78
CA SER V 113 -16.84 14.10 34.95
C SER V 113 -18.35 14.32 34.82
N LEU V 114 -18.90 15.26 35.58
CA LEU V 114 -20.35 15.44 35.56
C LEU V 114 -20.73 16.88 35.85
N ASP V 115 -22.00 17.23 35.60
CA ASP V 115 -22.41 18.63 35.56
C ASP V 115 -23.65 18.95 36.39
N LEU V 116 -24.63 18.03 36.46
CA LEU V 116 -25.85 18.16 37.31
C LEU V 116 -26.65 19.44 37.05
N SER V 117 -26.74 19.90 35.81
CA SER V 117 -27.45 21.15 35.52
C SER V 117 -28.42 20.94 34.37
N GLY V 118 -29.62 20.42 34.67
CA GLY V 118 -30.72 20.48 33.73
C GLY V 118 -30.61 19.54 32.53
N ARG V 119 -29.55 19.71 31.75
CA ARG V 119 -29.41 19.09 30.45
C ARG V 119 -28.83 17.68 30.56
N PRO V 120 -29.48 16.67 29.98
CA PRO V 120 -28.95 15.30 30.05
C PRO V 120 -28.04 14.95 28.89
N TYR V 121 -26.91 14.32 29.20
CA TYR V 121 -26.00 13.80 28.20
C TYR V 121 -25.21 12.65 28.81
N LEU V 122 -24.88 11.66 27.97
CA LEU V 122 -23.99 10.57 28.38
C LEU V 122 -22.94 10.33 27.30
N GLY V 123 -21.68 10.53 27.65
CA GLY V 123 -20.58 10.08 26.81
C GLY V 123 -19.96 8.83 27.43
N TYR V 124 -19.84 7.79 26.61
CA TYR V 124 -19.47 6.46 27.09
C TYR V 124 -18.37 5.91 26.20
N ASN V 125 -17.20 5.67 26.75
CA ASN V 125 -16.06 5.20 25.97
C ASN V 125 -15.46 3.89 26.48
N LEU V 126 -16.12 3.22 27.40
CA LEU V 126 -15.64 1.94 27.91
C LEU V 126 -15.80 0.83 26.89
N GLU V 127 -14.89 -0.13 26.97
CA GLU V 127 -14.92 -1.34 26.14
C GLU V 127 -14.57 -2.52 27.03
N ILE V 128 -15.55 -3.33 27.35
CA ILE V 128 -15.40 -4.47 28.24
C ILE V 128 -15.09 -5.70 27.39
N PRO V 129 -14.05 -6.47 27.69
CA PRO V 129 -13.70 -7.59 26.80
C PRO V 129 -14.67 -8.76 26.84
N THR V 130 -15.11 -9.18 28.02
CA THR V 130 -15.99 -10.33 28.12
C THR V 130 -17.46 -9.93 28.05
N GLN V 131 -18.34 -10.93 27.97
CA GLN V 131 -19.75 -10.68 27.78
C GLN V 131 -20.60 -10.88 29.03
N ARG V 132 -20.11 -11.64 30.01
CA ARG V 132 -20.75 -11.73 31.32
C ARG V 132 -19.70 -11.48 32.38
N VAL V 133 -20.13 -10.96 33.53
CA VAL V 133 -19.16 -10.75 34.60
C VAL V 133 -19.27 -11.92 35.58
N GLY V 134 -20.38 -12.01 36.31
CA GLY V 134 -20.74 -13.30 36.85
C GLY V 134 -21.92 -13.89 36.11
N THR V 135 -22.99 -13.12 36.08
CA THR V 135 -24.19 -13.40 35.31
C THR V 135 -24.80 -12.12 34.76
N TYR V 136 -24.10 -11.01 34.88
CA TYR V 136 -24.59 -9.70 34.49
C TYR V 136 -24.21 -9.45 33.03
N ASP V 137 -25.17 -8.94 32.25
CA ASP V 137 -25.10 -9.03 30.80
C ASP V 137 -24.09 -8.08 30.17
N THR V 138 -23.54 -7.13 30.93
CA THR V 138 -22.33 -6.34 30.63
C THR V 138 -22.55 -5.31 29.52
N GLN V 139 -23.66 -5.41 28.82
CA GLN V 139 -24.09 -4.43 27.84
C GLN V 139 -25.10 -3.47 28.46
N LEU V 140 -25.37 -3.66 29.75
CA LEU V 140 -26.32 -2.92 30.53
C LEU V 140 -25.68 -1.83 31.36
N VAL V 141 -24.33 -1.81 31.42
CA VAL V 141 -23.62 -0.83 32.23
C VAL V 141 -23.76 0.56 31.62
N GLU V 142 -23.64 0.64 30.29
CA GLU V 142 -23.94 1.89 29.60
C GLU V 142 -25.41 2.23 29.70
N HIS V 143 -26.25 1.20 29.77
CA HIS V 143 -27.69 1.45 29.85
C HIS V 143 -28.13 1.83 31.26
N PHE V 144 -27.32 1.49 32.27
CA PHE V 144 -27.55 1.98 33.63
C PHE V 144 -27.35 3.48 33.69
N PHE V 145 -26.25 3.96 33.11
CA PHE V 145 -25.94 5.38 33.20
C PHE V 145 -26.71 6.19 32.16
N GLN V 146 -27.24 5.52 31.14
CA GLN V 146 -28.11 6.23 30.19
C GLN V 146 -29.46 6.52 30.82
N SER V 147 -29.95 5.59 31.64
CA SER V 147 -31.24 5.79 32.31
C SER V 147 -31.10 6.73 33.50
N LEU V 148 -29.93 6.72 34.15
CA LEU V 148 -29.69 7.64 35.26
C LEU V 148 -29.54 9.07 34.79
N VAL V 149 -29.02 9.27 33.58
CA VAL V 149 -28.80 10.61 33.05
C VAL V 149 -30.13 11.26 32.65
N ASN V 150 -31.03 10.48 32.07
CA ASN V 150 -32.22 11.04 31.43
C ASN V 150 -33.22 11.57 32.43
N THR V 151 -33.18 11.06 33.66
CA THR V 151 -34.12 11.52 34.68
C THR V 151 -33.48 12.50 35.66
N SER V 152 -32.18 12.31 35.95
CA SER V 152 -31.50 13.26 36.83
C SER V 152 -31.24 14.60 36.17
N GLY V 153 -31.10 14.64 34.85
CA GLY V 153 -30.79 15.87 34.16
C GLY V 153 -29.37 16.32 34.39
N MET V 154 -28.41 15.51 33.99
CA MET V 154 -27.00 15.77 34.21
C MET V 154 -26.21 15.41 32.95
N THR V 155 -25.10 16.11 32.74
CA THR V 155 -24.14 15.71 31.72
C THR V 155 -23.16 14.77 32.39
N LEU V 156 -22.75 13.71 31.69
CA LEU V 156 -21.85 12.72 32.28
C LEU V 156 -20.90 12.19 31.23
N HIS V 157 -19.60 12.38 31.46
CA HIS V 157 -18.56 11.83 30.60
C HIS V 157 -17.81 10.74 31.35
N ILE V 158 -17.78 9.54 30.78
CA ILE V 158 -17.08 8.41 31.37
C ILE V 158 -16.04 7.96 30.35
N ARG V 159 -14.77 7.96 30.74
CA ARG V 159 -13.70 7.65 29.82
C ARG V 159 -12.76 6.62 30.43
N GLN V 160 -12.51 5.54 29.69
CA GLN V 160 -11.53 4.52 30.09
C GLN V 160 -10.15 4.96 29.64
N LEU V 161 -9.17 4.85 30.54
CA LEU V 161 -7.81 5.28 30.24
C LEU V 161 -6.83 4.13 30.18
N ALA V 162 -7.15 2.98 30.80
CA ALA V 162 -6.33 1.78 30.82
C ALA V 162 -7.13 0.59 31.34
N GLY V 163 -6.60 -0.62 31.20
CA GLY V 163 -7.17 -1.72 31.96
C GLY V 163 -7.89 -2.73 31.11
N LYS V 164 -7.62 -4.01 31.39
CA LYS V 164 -8.32 -5.12 30.75
C LYS V 164 -8.73 -6.18 31.79
N ASN V 165 -9.87 -5.94 32.44
CA ASN V 165 -10.49 -6.88 33.35
C ASN V 165 -11.92 -6.39 33.58
N SER V 166 -12.89 -7.28 33.35
CA SER V 166 -14.30 -6.88 33.34
C SER V 166 -14.78 -6.46 34.72
N HIS V 167 -14.39 -7.20 35.76
CA HIS V 167 -14.80 -6.84 37.12
C HIS V 167 -14.01 -5.63 37.62
N HIS V 168 -12.85 -5.35 37.01
CA HIS V 168 -12.06 -4.23 37.50
C HIS V 168 -12.47 -2.92 36.83
N ILE V 169 -12.92 -2.97 35.59
CA ILE V 169 -13.30 -1.74 34.90
C ILE V 169 -14.65 -1.24 35.41
N ILE V 170 -15.59 -2.14 35.63
CA ILE V 170 -16.90 -1.73 36.12
C ILE V 170 -16.83 -1.28 37.58
N GLU V 171 -15.88 -1.80 38.36
CA GLU V 171 -15.79 -1.33 39.73
C GLU V 171 -14.95 -0.07 39.82
N ALA V 172 -14.20 0.26 38.77
CA ALA V 172 -13.45 1.51 38.79
C ALA V 172 -14.32 2.69 38.36
N THR V 173 -15.41 2.44 37.64
CA THR V 173 -16.31 3.53 37.26
C THR V 173 -17.40 3.78 38.27
N PHE V 174 -17.72 2.82 39.14
CA PHE V 174 -18.65 3.07 40.24
C PHE V 174 -17.98 3.60 41.49
N LYS V 175 -16.65 3.52 41.60
CA LYS V 175 -15.96 4.28 42.63
C LYS V 175 -15.72 5.71 42.19
N ALA V 176 -15.54 5.94 40.90
CA ALA V 176 -15.21 7.27 40.41
C ALA V 176 -16.46 8.10 40.18
N PHE V 177 -17.60 7.46 39.93
CA PHE V 177 -18.85 8.19 39.83
C PHE V 177 -19.33 8.62 41.21
N ALA V 178 -19.02 7.82 42.24
CA ALA V 178 -19.45 8.13 43.59
C ALA V 178 -18.66 9.31 44.16
N ARG V 179 -17.35 9.32 43.91
CA ARG V 179 -16.52 10.40 44.42
C ARG V 179 -16.76 11.70 43.66
N ALA V 180 -17.21 11.60 42.42
CA ALA V 180 -17.52 12.78 41.62
C ALA V 180 -18.96 13.25 41.80
N LEU V 181 -19.81 12.48 42.46
CA LEU V 181 -21.15 12.92 42.78
C LEU V 181 -21.23 13.56 44.17
N ARG V 182 -20.36 13.16 45.10
CA ARG V 182 -20.28 13.83 46.38
C ARG V 182 -19.35 15.04 46.35
N GLN V 183 -18.76 15.34 45.20
CA GLN V 183 -17.99 16.57 45.02
C GLN V 183 -18.85 17.66 44.38
N ALA V 184 -19.84 17.25 43.59
CA ALA V 184 -20.66 18.22 42.88
C ALA V 184 -21.76 18.79 43.77
N THR V 185 -22.58 17.92 44.34
CA THR V 185 -23.78 18.37 45.04
C THR V 185 -23.62 18.31 46.57
N GLU V 186 -22.77 17.42 47.06
CA GLU V 186 -22.70 17.22 48.52
C GLU V 186 -21.85 18.30 49.17
N SER V 187 -20.69 18.59 48.59
CA SER V 187 -19.86 19.66 49.10
C SER V 187 -20.43 21.01 48.68
N ASP V 188 -20.07 22.06 49.42
CA ASP V 188 -20.58 23.39 49.18
C ASP V 188 -19.43 24.38 49.07
N PRO V 189 -19.54 25.37 48.18
CA PRO V 189 -18.47 26.38 48.08
C PRO V 189 -18.58 27.47 49.14
N ARG V 190 -17.74 28.50 49.00
CA ARG V 190 -17.70 29.57 49.99
C ARG V 190 -18.89 30.52 49.86
N ARG V 191 -19.56 30.52 48.71
CA ARG V 191 -20.72 31.38 48.53
C ARG V 191 -21.95 30.77 49.20
N GLY V 192 -22.94 31.63 49.47
CA GLY V 192 -24.14 31.17 50.14
C GLY V 192 -25.24 30.74 49.20
N GLY V 193 -25.49 31.51 48.15
CA GLY V 193 -26.54 31.19 47.19
C GLY V 193 -26.49 32.05 45.94
N ARG W 9 14.76 -54.24 31.50
CA ARG W 9 13.68 -53.57 30.79
C ARG W 9 13.90 -53.64 29.28
N ILE W 10 13.30 -54.63 28.64
CA ILE W 10 13.53 -54.88 27.22
C ILE W 10 12.21 -55.11 26.53
N GLY W 11 12.05 -54.52 25.36
CA GLY W 11 10.95 -54.85 24.47
C GLY W 11 11.49 -55.19 23.11
N GLU W 12 10.97 -56.26 22.53
CA GLU W 12 11.46 -56.73 21.24
C GLU W 12 10.26 -57.00 20.34
N VAL W 13 10.30 -56.42 19.14
CA VAL W 13 9.23 -56.55 18.18
C VAL W 13 9.81 -56.98 16.85
N LYS W 14 9.28 -58.08 16.30
CA LYS W 14 9.51 -58.47 14.93
C LYS W 14 8.27 -58.15 14.13
N ARG W 15 8.45 -57.71 12.89
CA ARG W 15 7.33 -57.31 12.04
C ARG W 15 7.73 -57.45 10.58
N GLU W 16 6.95 -58.21 9.82
CA GLU W 16 7.24 -58.48 8.43
C GLU W 16 5.99 -58.36 7.60
N THR W 17 6.08 -57.57 6.52
CA THR W 17 5.02 -57.42 5.55
C THR W 17 5.56 -57.83 4.18
N LYS W 18 4.77 -57.58 3.14
CA LYS W 18 5.22 -57.90 1.79
C LYS W 18 6.29 -56.93 1.30
N GLU W 19 6.46 -55.80 1.97
CA GLU W 19 7.43 -54.81 1.55
C GLU W 19 8.72 -54.88 2.36
N THR W 20 8.61 -54.98 3.68
CA THR W 20 9.77 -54.94 4.56
C THR W 20 9.80 -56.15 5.48
N ASN W 21 10.93 -56.32 6.16
CA ASN W 21 11.12 -57.34 7.18
C ASN W 21 11.95 -56.71 8.29
N VAL W 22 11.31 -56.37 9.40
CA VAL W 22 11.90 -55.50 10.42
C VAL W 22 12.05 -56.27 11.73
N SER W 23 13.25 -56.24 12.30
CA SER W 23 13.54 -56.83 13.60
C SER W 23 14.11 -55.75 14.51
N VAL W 24 13.43 -55.51 15.63
CA VAL W 24 13.72 -54.37 16.51
C VAL W 24 13.68 -54.82 17.97
N LYS W 25 14.70 -54.45 18.74
CA LYS W 25 14.76 -54.70 20.17
C LYS W 25 15.48 -53.55 20.87
N ILE W 26 14.97 -53.12 22.01
CA ILE W 26 15.53 -52.00 22.77
C ILE W 26 15.66 -52.38 24.23
N ASN W 27 16.87 -52.27 24.79
CA ASN W 27 17.09 -52.19 26.23
C ASN W 27 16.97 -50.74 26.64
N LEU W 28 15.97 -50.42 27.45
CA LEU W 28 15.74 -49.03 27.83
C LEU W 28 16.72 -48.58 28.91
N ASP W 29 17.08 -49.49 29.81
CA ASP W 29 18.09 -49.22 30.82
C ASP W 29 19.38 -49.91 30.39
N GLY W 30 20.30 -49.15 29.82
CA GLY W 30 21.48 -49.76 29.24
C GLY W 30 22.59 -48.75 29.05
N HIS W 31 23.49 -49.08 28.14
CA HIS W 31 24.71 -48.30 27.93
C HIS W 31 24.80 -47.84 26.49
N GLY W 32 25.94 -47.27 26.10
CA GLY W 32 26.09 -46.72 24.76
C GLY W 32 26.44 -47.71 23.67
N VAL W 33 25.87 -48.92 23.72
CA VAL W 33 26.13 -49.91 22.69
C VAL W 33 25.12 -49.76 21.57
N SER W 34 25.57 -49.97 20.33
CA SER W 34 24.74 -49.75 19.16
C SER W 34 25.12 -50.71 18.06
N ASP W 35 24.16 -51.55 17.66
CA ASP W 35 24.26 -52.33 16.42
C ASP W 35 22.91 -52.25 15.72
N SER W 36 22.84 -51.44 14.67
CA SER W 36 21.58 -51.16 14.01
C SER W 36 21.85 -50.83 12.55
N SER W 37 21.56 -51.78 11.66
CA SER W 37 21.81 -51.61 10.23
C SER W 37 20.48 -51.65 9.50
N THR W 38 19.98 -50.48 9.10
CA THR W 38 18.85 -50.41 8.20
C THR W 38 19.33 -50.45 6.76
N GLY W 39 18.39 -50.48 5.84
CA GLY W 39 18.74 -50.54 4.43
C GLY W 39 19.36 -49.27 3.90
N ILE W 40 19.11 -48.15 4.56
CA ILE W 40 19.63 -46.85 4.16
C ILE W 40 20.63 -46.38 5.21
N PRO W 41 21.84 -45.97 4.80
CA PRO W 41 22.91 -45.77 5.79
C PRO W 41 22.78 -44.49 6.60
N PHE W 42 21.92 -43.55 6.21
CA PHE W 42 21.86 -42.31 6.97
C PHE W 42 21.06 -42.46 8.26
N LEU W 43 20.07 -43.36 8.29
CA LEU W 43 19.42 -43.70 9.57
C LEU W 43 20.40 -44.32 10.55
N ASP W 44 21.40 -45.05 10.05
CA ASP W 44 22.36 -45.70 10.93
C ASP W 44 23.22 -44.69 11.68
N HIS W 45 23.47 -43.53 11.06
CA HIS W 45 24.17 -42.46 11.77
C HIS W 45 23.27 -41.75 12.76
N MET W 46 21.95 -41.83 12.56
CA MET W 46 21.04 -41.12 13.46
C MET W 46 20.63 -41.99 14.64
N LEU W 47 20.55 -43.30 14.42
CA LEU W 47 20.26 -44.22 15.52
C LEU W 47 21.47 -44.45 16.41
N ASP W 48 22.66 -44.04 15.97
CA ASP W 48 23.81 -43.97 16.86
C ASP W 48 23.62 -42.90 17.92
N GLN W 49 22.88 -41.83 17.58
CA GLN W 49 22.76 -40.69 18.48
C GLN W 49 21.83 -41.01 19.64
N LEU W 50 20.76 -41.78 19.39
CA LEU W 50 19.89 -42.19 20.48
C LEU W 50 20.42 -43.42 21.20
N ALA W 51 21.64 -43.87 20.88
CA ALA W 51 22.30 -44.91 21.65
C ALA W 51 23.37 -44.33 22.56
N SER W 52 24.12 -43.34 22.07
CA SER W 52 25.24 -42.81 22.84
C SER W 52 24.81 -41.66 23.73
N HIS W 53 23.86 -40.84 23.28
CA HIS W 53 23.38 -39.72 24.07
C HIS W 53 22.15 -40.05 24.89
N GLY W 54 21.33 -41.00 24.45
CA GLY W 54 20.18 -41.40 25.23
C GLY W 54 20.51 -42.52 26.18
N LEU W 55 21.69 -43.12 25.98
CA LEU W 55 22.18 -44.28 26.71
C LEU W 55 21.19 -45.44 26.65
N PHE W 56 20.72 -45.70 25.44
CA PHE W 56 19.87 -46.84 25.15
C PHE W 56 20.69 -47.89 24.41
N ASP W 57 20.21 -49.12 24.44
CA ASP W 57 20.79 -50.21 23.65
C ASP W 57 19.74 -50.60 22.62
N VAL W 58 19.90 -50.10 21.40
CA VAL W 58 18.93 -50.30 20.33
C VAL W 58 19.52 -51.25 19.30
N HIS W 59 18.70 -52.19 18.84
CA HIS W 59 19.11 -53.18 17.85
C HIS W 59 18.05 -53.23 16.76
N VAL W 60 18.42 -52.79 15.56
CA VAL W 60 17.51 -52.72 14.43
C VAL W 60 18.12 -53.51 13.29
N ARG W 61 17.35 -54.45 12.73
CA ARG W 61 17.70 -55.11 11.48
C ARG W 61 16.49 -55.05 10.58
N ALA W 62 16.62 -54.34 9.46
CA ALA W 62 15.52 -54.18 8.52
C ALA W 62 16.02 -54.44 7.10
N THR W 63 15.26 -55.26 6.36
CA THR W 63 15.49 -55.49 4.95
C THR W 63 14.23 -55.07 4.20
N GLY W 64 14.38 -54.14 3.27
CA GLY W 64 13.23 -53.61 2.58
C GLY W 64 13.57 -53.22 1.16
N ASP W 65 12.56 -52.71 0.47
CA ASP W 65 12.65 -52.42 -0.96
C ASP W 65 13.19 -51.02 -1.16
N THR W 66 14.51 -50.88 -1.11
CA THR W 66 15.16 -49.64 -1.56
C THR W 66 15.40 -49.65 -3.06
N HIS W 67 14.92 -50.67 -3.77
CA HIS W 67 14.83 -50.65 -5.22
C HIS W 67 13.89 -49.55 -5.70
N ILE W 68 12.89 -49.24 -4.88
CA ILE W 68 11.97 -48.11 -5.07
C ILE W 68 12.31 -47.14 -3.95
N ASP W 69 11.55 -46.05 -3.84
CA ASP W 69 11.78 -45.01 -2.84
C ASP W 69 11.84 -45.52 -1.40
N ASP W 70 12.54 -44.79 -0.53
CA ASP W 70 12.81 -45.23 0.83
C ASP W 70 11.67 -44.96 1.81
N HIS W 71 10.48 -44.59 1.32
CA HIS W 71 9.38 -44.24 2.21
C HIS W 71 8.86 -45.47 2.96
N HIS W 72 8.92 -46.64 2.32
CA HIS W 72 8.30 -47.84 2.89
C HIS W 72 9.14 -48.43 4.01
N THR W 73 10.47 -48.43 3.84
CA THR W 73 11.34 -48.99 4.85
C THR W 73 11.74 -48.00 5.93
N ASN W 74 11.13 -46.80 5.92
CA ASN W 74 11.35 -45.86 7.01
C ASN W 74 10.14 -45.84 7.94
N GLU W 75 8.95 -46.09 7.40
CA GLU W 75 7.77 -46.28 8.24
C GLU W 75 7.94 -47.47 9.16
N ASP W 76 8.27 -48.62 8.58
CA ASP W 76 8.24 -49.89 9.31
C ASP W 76 9.38 -50.00 10.31
N VAL W 77 10.47 -49.26 10.13
CA VAL W 77 11.44 -49.13 11.20
C VAL W 77 10.89 -48.29 12.34
N ALA W 78 10.30 -47.14 12.00
CA ALA W 78 9.85 -46.19 13.01
C ALA W 78 8.60 -46.69 13.72
N LEU W 79 7.77 -47.48 13.02
CA LEU W 79 6.62 -48.10 13.69
C LEU W 79 7.06 -49.18 14.67
N ALA W 80 8.16 -49.86 14.36
CA ALA W 80 8.60 -50.96 15.21
C ALA W 80 9.36 -50.49 16.44
N ILE W 81 10.00 -49.31 16.36
CA ILE W 81 10.66 -48.75 17.53
C ILE W 81 9.63 -48.34 18.58
N GLY W 82 8.48 -47.83 18.13
CA GLY W 82 7.44 -47.40 19.05
C GLY W 82 6.72 -48.52 19.75
N THR W 83 6.41 -49.61 19.02
CA THR W 83 5.79 -50.78 19.64
C THR W 83 6.76 -51.46 20.60
N ALA W 84 8.05 -51.43 20.28
CA ALA W 84 9.05 -51.93 21.21
C ALA W 84 9.16 -51.02 22.43
N LEU W 85 8.96 -49.72 22.25
CA LEU W 85 9.09 -48.78 23.37
C LEU W 85 7.83 -48.77 24.24
N LEU W 86 6.66 -49.05 23.65
CA LEU W 86 5.47 -49.26 24.46
C LEU W 86 5.55 -50.58 25.22
N LYS W 87 6.21 -51.58 24.64
CA LYS W 87 6.39 -52.85 25.33
C LYS W 87 7.56 -52.81 26.30
N ALA W 88 8.50 -51.88 26.11
CA ALA W 88 9.57 -51.71 27.09
C ALA W 88 9.03 -51.14 28.40
N LEU W 89 8.24 -50.08 28.31
CA LEU W 89 7.48 -49.62 29.46
C LEU W 89 6.37 -50.62 29.77
N GLY W 90 5.92 -50.61 31.02
CA GLY W 90 4.80 -51.41 31.43
C GLY W 90 3.63 -50.55 31.86
N GLU W 91 2.99 -50.94 32.96
CA GLU W 91 2.17 -50.00 33.69
C GLU W 91 3.07 -48.88 34.21
N ARG W 92 2.87 -47.67 33.68
CA ARG W 92 3.79 -46.57 33.89
C ARG W 92 3.73 -46.11 35.35
N LYS W 93 4.78 -46.43 36.11
CA LYS W 93 4.80 -46.15 37.54
C LYS W 93 6.20 -45.77 37.97
N GLY W 94 6.32 -44.63 38.63
CA GLY W 94 7.58 -44.22 39.21
C GLY W 94 8.57 -43.63 38.23
N ILE W 95 8.08 -43.01 37.15
CA ILE W 95 8.92 -42.35 36.17
C ILE W 95 8.61 -40.86 36.19
N ASN W 96 9.53 -40.06 35.64
CA ASN W 96 9.36 -38.61 35.64
C ASN W 96 8.24 -38.18 34.70
N ARG W 97 8.10 -38.87 33.55
CA ARG W 97 7.05 -38.76 32.54
C ARG W 97 7.16 -37.49 31.70
N PHE W 98 8.00 -36.55 32.09
CA PHE W 98 8.20 -35.33 31.31
C PHE W 98 9.66 -35.24 30.90
N GLY W 99 9.89 -35.02 29.61
CA GLY W 99 11.24 -34.87 29.10
C GLY W 99 11.31 -33.67 28.19
N ASP W 100 12.12 -32.70 28.59
CA ASP W 100 12.33 -31.51 27.78
C ASP W 100 13.81 -31.20 27.74
N PHE W 101 14.28 -30.82 26.54
CA PHE W 101 15.70 -30.57 26.37
C PHE W 101 15.90 -29.79 25.07
N THR W 102 16.89 -28.92 25.08
CA THR W 102 17.35 -28.23 23.87
C THR W 102 18.84 -28.47 23.72
N ALA W 103 19.28 -28.66 22.47
CA ALA W 103 20.63 -29.13 22.18
C ALA W 103 21.22 -28.41 20.99
N PRO W 104 22.33 -27.69 21.15
CA PRO W 104 22.92 -27.00 20.00
C PRO W 104 23.82 -27.95 19.22
N LEU W 105 23.75 -27.85 17.90
CA LEU W 105 24.90 -28.16 17.07
C LEU W 105 25.42 -26.79 16.63
N ASP W 106 26.35 -26.77 15.68
CA ASP W 106 26.81 -25.50 15.09
C ASP W 106 25.63 -24.77 14.49
N GLU W 107 25.37 -23.57 15.01
CA GLU W 107 24.40 -22.55 14.61
C GLU W 107 22.92 -22.96 14.77
N ALA W 108 22.64 -24.21 15.13
CA ALA W 108 21.28 -24.72 15.09
C ALA W 108 20.83 -25.18 16.47
N LEU W 109 19.64 -24.74 16.86
CA LEU W 109 18.98 -25.18 18.08
C LEU W 109 17.68 -25.89 17.75
N ILE W 110 17.47 -27.05 18.39
CA ILE W 110 16.19 -27.73 18.37
C ILE W 110 15.73 -27.86 19.82
N HIS W 111 14.46 -27.56 20.06
CA HIS W 111 13.85 -27.79 21.37
C HIS W 111 12.85 -28.93 21.25
N VAL W 112 13.07 -30.00 22.01
CA VAL W 112 12.24 -31.19 21.99
C VAL W 112 11.61 -31.38 23.37
N SER W 113 10.28 -31.50 23.38
CA SER W 113 9.52 -31.75 24.61
C SER W 113 8.62 -32.94 24.38
N LEU W 114 8.40 -33.76 25.41
CA LEU W 114 7.62 -34.97 25.22
C LEU W 114 6.88 -35.37 26.49
N ASP W 115 5.93 -36.30 26.37
CA ASP W 115 4.96 -36.54 27.45
C ASP W 115 4.81 -38.02 27.82
N LEU W 116 4.88 -38.95 26.85
CA LEU W 116 4.84 -40.42 27.08
C LEU W 116 3.61 -40.89 27.87
N SER W 117 2.45 -40.30 27.65
CA SER W 117 1.26 -40.69 28.40
C SER W 117 0.09 -40.93 27.45
N GLY W 118 0.02 -42.12 26.87
CA GLY W 118 -1.20 -42.57 26.23
C GLY W 118 -1.51 -41.91 24.89
N ARG W 119 -1.65 -40.59 24.90
CA ARG W 119 -2.19 -39.83 23.79
C ARG W 119 -1.10 -39.47 22.78
N PRO W 120 -1.29 -39.78 21.50
CA PRO W 120 -0.27 -39.45 20.50
C PRO W 120 -0.49 -38.08 19.86
N TYR W 121 0.60 -37.32 19.74
CA TYR W 121 0.59 -36.04 19.03
C TYR W 121 1.99 -35.76 18.52
N LEU W 122 2.08 -35.10 17.36
CA LEU W 122 3.35 -34.61 16.84
C LEU W 122 3.21 -33.17 16.37
N GLY W 123 3.94 -32.27 17.00
CA GLY W 123 4.10 -30.92 16.47
C GLY W 123 5.48 -30.79 15.84
N TYR W 124 5.50 -30.32 14.60
CA TYR W 124 6.72 -30.33 13.79
C TYR W 124 6.88 -28.96 13.14
N ASN W 125 7.96 -28.26 13.48
CA ASN W 125 8.17 -26.91 12.98
C ASN W 125 9.50 -26.74 12.25
N LEU W 126 10.21 -27.83 11.95
CA LEU W 126 11.46 -27.75 11.23
C LEU W 126 11.25 -27.43 9.76
N GLU W 127 12.23 -26.75 9.19
CA GLU W 127 12.26 -26.40 7.77
C GLU W 127 13.68 -26.63 7.27
N ILE W 128 13.87 -27.68 6.48
CA ILE W 128 15.18 -28.08 5.99
C ILE W 128 15.35 -27.44 4.62
N PRO W 129 16.46 -26.75 4.35
CA PRO W 129 16.59 -26.06 3.06
C PRO W 129 16.77 -26.98 1.85
N THR W 130 17.62 -27.99 1.96
CA THR W 130 17.88 -28.86 0.82
C THR W 130 16.93 -30.05 0.78
N GLN W 131 17.00 -30.82 -0.31
CA GLN W 131 16.06 -31.90 -0.51
C GLN W 131 16.66 -33.29 -0.29
N ARG W 132 17.98 -33.43 -0.35
CA ARG W 132 18.66 -34.65 0.04
C ARG W 132 19.78 -34.30 1.00
N VAL W 133 20.11 -35.23 1.89
CA VAL W 133 21.22 -34.96 2.79
C VAL W 133 22.48 -35.62 2.23
N GLY W 134 22.53 -36.94 2.24
CA GLY W 134 23.42 -37.62 1.32
C GLY W 134 22.65 -38.27 0.19
N THR W 135 21.72 -39.13 0.59
CA THR W 135 20.75 -39.76 -0.29
C THR W 135 19.41 -39.92 0.38
N TYR W 136 19.24 -39.33 1.57
CA TYR W 136 18.04 -39.47 2.37
C TYR W 136 17.06 -38.36 1.97
N ASP W 137 15.79 -38.74 1.83
CA ASP W 137 14.83 -37.94 1.08
C ASP W 137 14.36 -36.70 1.82
N THR W 138 14.66 -36.57 3.11
CA THR W 138 14.61 -35.34 3.93
C THR W 138 13.17 -34.88 4.23
N GLN W 139 12.20 -35.48 3.54
CA GLN W 139 10.79 -35.28 3.81
C GLN W 139 10.25 -36.40 4.68
N LEU W 140 11.14 -37.31 5.07
CA LEU W 140 10.86 -38.49 5.85
C LEU W 140 11.18 -38.31 7.32
N VAL W 141 11.83 -37.20 7.68
CA VAL W 141 12.24 -36.96 9.07
C VAL W 141 11.01 -36.68 9.92
N GLU W 142 10.07 -35.88 9.39
CA GLU W 142 8.80 -35.70 10.05
C GLU W 142 7.99 -36.99 10.04
N HIS W 143 8.19 -37.81 9.02
CA HIS W 143 7.45 -39.06 8.93
C HIS W 143 8.05 -40.14 9.81
N PHE W 144 9.33 -39.99 10.19
CA PHE W 144 9.92 -40.86 11.19
C PHE W 144 9.26 -40.65 12.54
N PHE W 145 9.12 -39.38 12.94
CA PHE W 145 8.58 -39.08 14.26
C PHE W 145 7.07 -39.15 14.27
N GLN W 146 6.44 -39.11 13.09
CA GLN W 146 4.99 -39.31 13.05
C GLN W 146 4.64 -40.77 13.28
N SER W 147 5.49 -41.68 12.76
CA SER W 147 5.26 -43.11 12.96
C SER W 147 5.67 -43.56 14.35
N LEU W 148 6.69 -42.89 14.92
CA LEU W 148 7.11 -43.22 16.28
C LEU W 148 6.10 -42.76 17.31
N VAL W 149 5.38 -41.67 17.03
CA VAL W 149 4.39 -41.14 17.97
C VAL W 149 3.16 -42.03 18.03
N ASN W 150 2.72 -42.54 16.87
CA ASN W 150 1.41 -43.18 16.77
C ASN W 150 1.38 -44.53 17.46
N THR W 151 2.53 -45.18 17.62
CA THR W 151 2.57 -46.48 18.27
C THR W 151 3.08 -46.37 19.71
N SER W 152 3.98 -45.44 20.00
CA SER W 152 4.43 -45.25 21.37
C SER W 152 3.38 -44.62 22.27
N GLY W 153 2.48 -43.81 21.70
CA GLY W 153 1.48 -43.11 22.49
C GLY W 153 2.08 -42.00 23.33
N MET W 154 2.67 -41.02 22.66
CA MET W 154 3.36 -39.92 23.32
C MET W 154 3.02 -38.61 22.60
N THR W 155 3.03 -37.52 23.34
CA THR W 155 2.96 -36.19 22.76
C THR W 155 4.38 -35.75 22.50
N LEU W 156 4.64 -35.11 21.37
CA LEU W 156 6.00 -34.70 21.01
C LEU W 156 5.97 -33.38 20.29
N HIS W 157 6.65 -32.38 20.85
CA HIS W 157 6.82 -31.08 20.22
C HIS W 157 8.28 -30.89 19.83
N ILE W 158 8.51 -30.63 18.55
CA ILE W 158 9.85 -30.41 18.02
C ILE W 158 9.85 -29.02 17.40
N ARG W 159 10.72 -28.14 17.88
CA ARG W 159 10.74 -26.75 17.43
C ARG W 159 12.15 -26.33 17.07
N GLN W 160 12.31 -25.80 15.86
CA GLN W 160 13.58 -25.24 15.41
C GLN W 160 13.69 -23.81 15.89
N LEU W 161 14.84 -23.45 16.45
CA LEU W 161 15.04 -22.11 16.99
C LEU W 161 16.06 -21.30 16.20
N ALA W 162 16.95 -21.97 15.45
CA ALA W 162 17.98 -21.33 14.63
C ALA W 162 18.60 -22.36 13.69
N GLY W 163 19.38 -21.91 12.72
CA GLY W 163 20.23 -22.84 12.00
C GLY W 163 19.82 -23.08 10.56
N LYS W 164 20.82 -23.07 9.68
CA LYS W 164 20.63 -23.39 8.27
C LYS W 164 21.72 -24.34 7.77
N ASN W 165 21.52 -25.63 8.02
CA ASN W 165 22.37 -26.70 7.51
C ASN W 165 21.61 -28.01 7.69
N SER W 166 21.46 -28.77 6.61
CA SER W 166 20.58 -29.93 6.61
C SER W 166 21.11 -31.04 7.52
N HIS W 167 22.42 -31.28 7.47
CA HIS W 167 23.01 -32.32 8.32
C HIS W 167 23.10 -31.85 9.77
N HIS W 168 23.06 -30.54 9.99
CA HIS W 168 23.20 -30.05 11.36
C HIS W 168 21.84 -29.97 12.06
N ILE W 169 20.77 -29.71 11.32
CA ILE W 169 19.45 -29.61 11.95
C ILE W 169 18.92 -30.98 12.32
N ILE W 170 19.11 -31.96 11.42
CA ILE W 170 18.64 -33.31 11.69
C ILE W 170 19.46 -33.97 12.79
N GLU W 171 20.74 -33.61 12.94
CA GLU W 171 21.50 -34.21 14.01
C GLU W 171 21.30 -33.48 15.32
N ALA W 172 20.74 -32.27 15.28
CA ALA W 172 20.44 -31.56 16.52
C ALA W 172 19.12 -32.02 17.12
N THR W 173 18.22 -32.59 16.31
CA THR W 173 16.95 -33.08 16.84
C THR W 173 17.04 -34.54 17.29
N PHE W 174 18.01 -35.32 16.81
CA PHE W 174 18.21 -36.66 17.32
C PHE W 174 19.14 -36.72 18.53
N LYS W 175 19.88 -35.65 18.81
CA LYS W 175 20.54 -35.55 20.10
C LYS W 175 19.60 -35.04 21.17
N ALA W 176 18.64 -34.18 20.80
CA ALA W 176 17.76 -33.58 21.78
C ALA W 176 16.56 -34.49 22.09
N PHE W 177 16.19 -35.35 21.15
CA PHE W 177 15.15 -36.34 21.43
C PHE W 177 15.69 -37.44 22.34
N ALA W 178 16.97 -37.75 22.21
CA ALA W 178 17.57 -38.80 23.03
C ALA W 178 17.73 -38.36 24.48
N ARG W 179 18.16 -37.11 24.67
CA ARG W 179 18.35 -36.61 26.03
C ARG W 179 17.01 -36.35 26.71
N ALA W 180 15.97 -36.08 25.93
CA ALA W 180 14.64 -35.87 26.49
C ALA W 180 13.84 -37.15 26.64
N LEU W 181 14.33 -38.27 26.10
CA LEU W 181 13.69 -39.56 26.32
C LEU W 181 14.30 -40.30 27.50
N ARG W 182 15.58 -40.08 27.79
CA ARG W 182 16.18 -40.63 29.00
C ARG W 182 15.95 -39.76 30.22
N GLN W 183 15.25 -38.63 30.07
CA GLN W 183 14.84 -37.82 31.21
C GLN W 183 13.42 -38.16 31.62
N ALA W 184 12.59 -38.61 30.68
CA ALA W 184 11.20 -38.89 30.97
C ALA W 184 11.03 -40.26 31.63
N THR W 185 11.50 -41.31 30.96
CA THR W 185 11.20 -42.66 31.40
C THR W 185 12.39 -43.33 32.11
N GLU W 186 13.62 -42.91 31.79
CA GLU W 186 14.78 -43.61 32.33
C GLU W 186 15.08 -43.16 33.75
N SER W 187 15.06 -41.86 33.98
CA SER W 187 15.25 -41.36 35.34
C SER W 187 13.97 -41.56 36.14
N ASP W 188 14.11 -41.57 37.47
CA ASP W 188 13.00 -41.81 38.37
C ASP W 188 12.95 -40.71 39.44
N PRO W 189 11.75 -40.28 39.83
CA PRO W 189 11.65 -39.26 40.88
C PRO W 189 11.77 -39.84 42.28
N ARG W 190 11.54 -39.00 43.29
CA ARG W 190 11.70 -39.42 44.68
C ARG W 190 10.56 -40.31 45.14
N ARG W 191 9.42 -40.29 44.45
CA ARG W 191 8.29 -41.13 44.82
C ARG W 191 8.51 -42.56 44.34
N GLY W 192 7.79 -43.50 44.97
CA GLY W 192 7.94 -44.90 44.61
C GLY W 192 6.98 -45.37 43.53
N GLY W 193 5.71 -44.99 43.65
CA GLY W 193 4.72 -45.40 42.67
C GLY W 193 3.40 -44.66 42.82
N ARG X 9 40.88 -29.88 39.84
CA ARG X 9 40.72 -29.47 38.45
C ARG X 9 40.95 -27.96 38.31
N ILE X 10 42.18 -27.59 37.97
CA ILE X 10 42.56 -26.19 37.92
C ILE X 10 43.32 -25.92 36.62
N GLY X 11 43.01 -24.80 35.99
CA GLY X 11 43.81 -24.30 34.89
C GLY X 11 44.18 -22.86 35.18
N GLU X 12 45.44 -22.53 34.93
CA GLU X 12 45.94 -21.19 35.22
C GLU X 12 46.71 -20.69 34.02
N VAL X 13 46.36 -19.49 33.56
CA VAL X 13 46.98 -18.89 32.40
C VAL X 13 47.42 -17.48 32.76
N LYS X 14 48.70 -17.19 32.53
CA LYS X 14 49.22 -15.83 32.54
C LYS X 14 49.45 -15.40 31.11
N ARG X 15 49.18 -14.13 30.83
CA ARG X 15 49.30 -13.61 29.47
C ARG X 15 49.54 -12.11 29.52
N GLU X 16 50.62 -11.66 28.89
CA GLU X 16 51.01 -10.27 28.93
C GLU X 16 51.43 -9.82 27.53
N THR X 17 50.84 -8.71 27.08
CA THR X 17 51.19 -8.07 25.84
C THR X 17 51.64 -6.64 26.14
N LYS X 18 51.82 -5.85 25.08
CA LYS X 18 52.20 -4.45 25.27
C LYS X 18 51.04 -3.61 25.79
N GLU X 19 49.82 -4.12 25.72
CA GLU X 19 48.66 -3.35 26.14
C GLU X 19 48.18 -3.78 27.53
N THR X 20 48.10 -5.08 27.79
CA THR X 20 47.54 -5.59 29.03
C THR X 20 48.51 -6.55 29.71
N ASN X 21 48.21 -6.89 30.96
CA ASN X 21 48.93 -7.89 31.73
C ASN X 21 47.90 -8.67 32.53
N VAL X 22 47.59 -9.89 32.10
CA VAL X 22 46.44 -10.63 32.58
C VAL X 22 46.89 -11.90 33.30
N SER X 23 46.40 -12.09 34.52
CA SER X 23 46.64 -13.31 35.30
C SER X 23 45.30 -13.94 35.66
N VAL X 24 45.10 -15.19 35.24
CA VAL X 24 43.80 -15.86 35.31
C VAL X 24 43.99 -17.30 35.78
N LYS X 25 43.20 -17.72 36.77
CA LYS X 25 43.18 -19.09 37.25
C LYS X 25 41.76 -19.46 37.69
N ILE X 26 41.33 -20.67 37.34
CA ILE X 26 39.98 -21.16 37.64
C ILE X 26 40.05 -22.56 38.25
N ASN X 27 39.48 -22.72 39.44
CA ASN X 27 39.10 -24.03 39.96
C ASN X 27 37.71 -24.36 39.44
N LEU X 28 37.60 -25.40 38.62
CA LEU X 28 36.31 -25.71 38.03
C LEU X 28 35.41 -26.44 39.02
N ASP X 29 35.99 -27.26 39.88
CA ASP X 29 35.26 -27.93 40.96
C ASP X 29 35.57 -27.21 42.25
N GLY X 30 34.66 -26.33 42.68
CA GLY X 30 34.95 -25.49 43.82
C GLY X 30 33.69 -24.92 44.43
N HIS X 31 33.87 -23.81 45.14
CA HIS X 31 32.79 -23.22 45.92
C HIS X 31 32.56 -21.78 45.49
N GLY X 32 31.74 -21.04 46.24
CA GLY X 32 31.40 -19.69 45.85
C GLY X 32 32.39 -18.62 46.25
N VAL X 33 33.69 -18.91 46.16
CA VAL X 33 34.71 -17.92 46.50
C VAL X 33 35.07 -17.13 45.26
N SER X 34 35.33 -15.83 45.45
CA SER X 34 35.58 -14.94 44.33
C SER X 34 36.54 -13.84 44.75
N ASP X 35 37.69 -13.79 44.08
CA ASP X 35 38.59 -12.64 44.13
C ASP X 35 39.06 -12.35 42.70
N SER X 36 38.50 -11.30 42.11
CA SER X 36 38.75 -11.01 40.71
C SER X 36 38.58 -9.51 40.49
N SER X 37 39.71 -8.81 40.33
CA SER X 37 39.70 -7.36 40.15
C SER X 37 40.29 -7.04 38.79
N THR X 38 39.42 -6.72 37.84
CA THR X 38 39.85 -6.17 36.57
C THR X 38 39.98 -4.66 36.68
N GLY X 39 40.45 -4.04 35.60
CA GLY X 39 40.64 -2.60 35.61
C GLY X 39 39.34 -1.82 35.59
N ILE X 40 38.26 -2.45 35.14
CA ILE X 40 36.94 -1.83 35.05
C ILE X 40 36.02 -2.50 36.06
N PRO X 41 35.32 -1.75 36.91
CA PRO X 41 34.63 -2.38 38.04
C PRO X 41 33.35 -3.09 37.69
N PHE X 42 32.81 -2.90 36.49
CA PHE X 42 31.54 -3.55 36.19
C PHE X 42 31.72 -5.01 35.83
N LEU X 43 32.87 -5.40 35.25
CA LEU X 43 33.18 -6.82 35.09
C LEU X 43 33.29 -7.54 36.43
N ASP X 44 33.74 -6.83 37.47
CA ASP X 44 33.90 -7.44 38.78
C ASP X 44 32.56 -7.84 39.38
N HIS X 45 31.50 -7.10 39.06
CA HIS X 45 30.16 -7.49 39.50
C HIS X 45 29.62 -8.65 38.67
N MET X 46 30.13 -8.83 37.45
CA MET X 46 29.61 -9.89 36.61
C MET X 46 30.36 -11.20 36.81
N LEU X 47 31.65 -11.12 37.14
CA LEU X 47 32.42 -12.32 37.47
C LEU X 47 32.10 -12.84 38.86
N ASP X 48 31.42 -12.05 39.69
CA ASP X 48 30.85 -12.58 40.93
C ASP X 48 29.72 -13.56 40.63
N GLN X 49 29.02 -13.36 39.51
CA GLN X 49 27.85 -14.18 39.22
C GLN X 49 28.24 -15.58 38.77
N LEU X 50 29.34 -15.69 38.01
CA LEU X 50 29.82 -17.02 37.63
C LEU X 50 30.69 -17.65 38.71
N ALA X 51 30.77 -17.03 39.89
CA ALA X 51 31.42 -17.65 41.04
C ALA X 51 30.38 -18.18 42.02
N SER X 52 29.31 -17.41 42.25
CA SER X 52 28.33 -17.80 43.27
C SER X 52 27.24 -18.70 42.68
N HIS X 53 26.85 -18.46 41.43
CA HIS X 53 25.82 -19.28 40.80
C HIS X 53 26.38 -20.44 40.01
N GLY X 54 27.60 -20.31 39.48
CA GLY X 54 28.21 -21.41 38.77
C GLY X 54 29.00 -22.32 39.69
N LEU X 55 29.22 -21.83 40.91
CA LEU X 55 30.03 -22.48 41.95
C LEU X 55 31.43 -22.80 41.43
N PHE X 56 32.03 -21.78 40.80
CA PHE X 56 33.41 -21.83 40.36
C PHE X 56 34.24 -20.96 41.28
N ASP X 57 35.55 -21.21 41.29
CA ASP X 57 36.50 -20.38 41.99
C ASP X 57 37.38 -19.72 40.94
N VAL X 58 37.06 -18.47 40.62
CA VAL X 58 37.73 -17.73 39.54
C VAL X 58 38.60 -16.65 40.16
N HIS X 59 39.82 -16.52 39.64
CA HIS X 59 40.78 -15.53 40.11
C HIS X 59 41.34 -14.78 38.90
N VAL X 60 40.99 -13.51 38.79
CA VAL X 60 41.41 -12.68 37.67
C VAL X 60 42.15 -11.47 38.22
N ARG X 61 43.35 -11.22 37.71
CA ARG X 61 44.07 -9.97 37.96
C ARG X 61 44.54 -9.44 36.62
N ALA X 62 44.02 -8.29 36.22
CA ALA X 62 44.37 -7.69 34.94
C ALA X 62 44.69 -6.22 35.14
N THR X 63 45.81 -5.79 34.56
CA THR X 63 46.20 -4.38 34.51
C THR X 63 46.33 -3.99 33.04
N GLY X 64 45.56 -3.00 32.63
CA GLY X 64 45.55 -2.62 31.24
C GLY X 64 45.31 -1.14 31.07
N ASP X 65 45.25 -0.73 29.80
CA ASP X 65 45.20 0.68 29.44
C ASP X 65 43.74 1.14 29.40
N THR X 66 43.19 1.47 30.55
CA THR X 66 41.91 2.17 30.60
C THR X 66 42.08 3.68 30.46
N HIS X 67 43.30 4.14 30.21
CA HIS X 67 43.55 5.51 29.77
C HIS X 67 42.91 5.77 28.42
N ILE X 68 42.79 4.74 27.58
CA ILE X 68 42.05 4.75 26.33
C ILE X 68 40.85 3.83 26.57
N ASP X 69 40.06 3.59 25.53
CA ASP X 69 38.85 2.78 25.62
C ASP X 69 39.07 1.38 26.20
N ASP X 70 38.02 0.80 26.79
CA ASP X 70 38.12 -0.45 27.51
C ASP X 70 38.07 -1.69 26.63
N HIS X 71 38.18 -1.54 25.31
CA HIS X 71 38.06 -2.68 24.40
C HIS X 71 39.24 -3.63 24.53
N HIS X 72 40.42 -3.09 24.84
CA HIS X 72 41.64 -3.90 24.83
C HIS X 72 41.74 -4.76 26.08
N THR X 73 41.36 -4.23 27.23
CA THR X 73 41.44 -4.98 28.47
C THR X 73 40.20 -5.84 28.74
N ASN X 74 39.28 -5.92 27.78
CA ASN X 74 38.16 -6.83 27.91
C ASN X 74 38.36 -8.06 27.03
N GLU X 75 39.06 -7.90 25.91
CA GLU X 75 39.48 -9.04 25.11
C GLU X 75 40.38 -9.97 25.90
N ASP X 76 41.45 -9.41 26.45
CA ASP X 76 42.51 -10.19 27.05
C ASP X 76 42.11 -10.84 28.36
N VAL X 77 41.09 -10.31 29.04
CA VAL X 77 40.50 -11.05 30.15
C VAL X 77 39.70 -12.23 29.62
N ALA X 78 38.85 -11.98 28.61
CA ALA X 78 37.96 -13.01 28.12
C ALA X 78 38.70 -14.08 27.31
N LEU X 79 39.80 -13.71 26.68
CA LEU X 79 40.63 -14.71 26.01
C LEU X 79 41.34 -15.60 27.03
N ALA X 80 41.69 -15.05 28.19
CA ALA X 80 42.44 -15.81 29.17
C ALA X 80 41.55 -16.73 30.00
N ILE X 81 40.27 -16.39 30.15
CA ILE X 81 39.34 -17.29 30.84
C ILE X 81 39.11 -18.55 30.01
N GLY X 82 39.07 -18.42 28.68
CA GLY X 82 38.84 -19.55 27.82
C GLY X 82 40.01 -20.51 27.73
N THR X 83 41.24 -19.98 27.65
CA THR X 83 42.42 -20.84 27.63
C THR X 83 42.60 -21.53 28.98
N ALA X 84 42.22 -20.86 30.06
CA ALA X 84 42.22 -21.51 31.37
C ALA X 84 41.13 -22.56 31.45
N LEU X 85 39.99 -22.36 30.78
CA LEU X 85 38.90 -23.32 30.83
C LEU X 85 39.15 -24.50 29.91
N LEU X 86 39.87 -24.30 28.80
CA LEU X 86 40.31 -25.42 27.98
C LEU X 86 41.38 -26.23 28.70
N LYS X 87 42.20 -25.56 29.51
CA LYS X 87 43.24 -26.26 30.27
C LYS X 87 42.67 -26.85 31.56
N ALA X 88 41.53 -26.34 32.04
CA ALA X 88 40.87 -26.95 33.19
C ALA X 88 40.30 -28.32 32.82
N LEU X 89 39.56 -28.38 31.71
CA LEU X 89 39.20 -29.66 31.14
C LEU X 89 40.42 -30.36 30.57
N GLY X 90 40.35 -31.67 30.45
CA GLY X 90 41.39 -32.44 29.81
C GLY X 90 40.88 -33.11 28.56
N GLU X 91 41.25 -34.37 28.39
CA GLU X 91 40.51 -35.24 27.49
C GLU X 91 39.10 -35.39 28.03
N ARG X 92 38.13 -34.87 27.30
CA ARG X 92 36.77 -34.73 27.82
C ARG X 92 36.12 -36.09 27.95
N LYS X 93 35.96 -36.55 29.19
CA LYS X 93 35.47 -37.90 29.46
C LYS X 93 34.60 -37.87 30.71
N GLY X 94 33.38 -38.39 30.57
CA GLY X 94 32.51 -38.56 31.72
C GLY X 94 31.80 -37.30 32.17
N ILE X 95 31.56 -36.36 31.24
CA ILE X 95 30.83 -35.15 31.55
C ILE X 95 29.54 -35.14 30.76
N ASN X 96 28.60 -34.29 31.18
CA ASN X 96 27.29 -34.23 30.51
C ASN X 96 27.39 -33.62 29.12
N ARG X 97 28.27 -32.61 28.97
CA ARG X 97 28.67 -31.95 27.72
C ARG X 97 27.57 -31.01 27.18
N PHE X 98 26.37 -31.08 27.70
CA PHE X 98 25.30 -30.19 27.29
C PHE X 98 24.82 -29.37 28.47
N GLY X 99 24.76 -28.06 28.28
CA GLY X 99 24.27 -27.18 29.33
C GLY X 99 23.28 -26.20 28.76
N ASP X 100 22.06 -26.28 29.26
CA ASP X 100 21.01 -25.37 28.83
C ASP X 100 20.27 -24.88 30.06
N PHE X 101 19.96 -23.57 30.06
CA PHE X 101 19.31 -22.98 31.22
C PHE X 101 18.72 -21.63 30.81
N THR X 102 17.59 -21.30 31.41
CA THR X 102 17.02 -19.96 31.30
C THR X 102 16.79 -19.40 32.70
N ALA X 103 17.04 -18.11 32.86
CA ALA X 103 17.10 -17.48 34.18
C ALA X 103 16.43 -16.12 34.17
N PRO X 104 15.38 -15.91 34.96
CA PRO X 104 14.76 -14.58 34.97
C PRO X 104 15.47 -13.65 35.93
N LEU X 105 15.62 -12.41 35.52
CA LEU X 105 15.69 -11.31 36.47
C LEU X 105 14.32 -10.64 36.35
N ASP X 106 14.15 -9.47 36.95
CA ASP X 106 12.94 -8.70 36.79
C ASP X 106 12.72 -8.39 35.32
N GLU X 107 11.59 -8.87 34.80
CA GLU X 107 11.01 -8.69 33.46
C GLU X 107 11.82 -9.30 32.31
N ALA X 108 13.02 -9.81 32.57
CA ALA X 108 13.94 -10.19 31.52
C ALA X 108 14.28 -11.67 31.60
N LEU X 109 14.18 -12.36 30.46
CA LEU X 109 14.60 -13.74 30.31
C LEU X 109 15.73 -13.84 29.30
N ILE X 110 16.77 -14.59 29.67
CA ILE X 110 17.81 -14.99 28.74
C ILE X 110 17.84 -16.51 28.72
N HIS X 111 17.92 -17.09 27.53
CA HIS X 111 18.11 -18.53 27.37
C HIS X 111 19.51 -18.78 26.83
N VAL X 112 20.32 -19.52 27.59
CA VAL X 112 21.70 -19.83 27.24
C VAL X 112 21.84 -21.34 27.06
N SER X 113 22.37 -21.74 25.91
CA SER X 113 22.64 -23.14 25.61
C SER X 113 24.08 -23.26 25.14
N LEU X 114 24.74 -24.37 25.48
CA LEU X 114 26.15 -24.50 25.15
C LEU X 114 26.55 -25.95 24.93
N ASP X 115 27.73 -26.18 24.36
CA ASP X 115 28.10 -27.50 23.83
C ASP X 115 29.47 -28.01 24.30
N LEU X 116 30.46 -27.13 24.46
CA LEU X 116 31.81 -27.47 24.98
C LEU X 116 32.51 -28.60 24.22
N SER X 117 32.36 -28.67 22.90
CA SER X 117 32.97 -29.76 22.14
C SER X 117 33.72 -29.20 20.95
N GLY X 118 34.96 -28.76 21.15
CA GLY X 118 35.86 -28.52 20.04
C GLY X 118 35.56 -27.27 19.21
N ARG X 119 34.37 -27.24 18.63
CA ARG X 119 34.01 -26.28 17.61
C ARG X 119 33.51 -24.97 18.22
N PRO X 120 34.06 -23.83 17.85
CA PRO X 120 33.60 -22.55 18.41
C PRO X 120 32.49 -21.90 17.59
N TYR X 121 31.46 -21.41 18.28
CA TYR X 121 30.39 -20.65 17.66
C TYR X 121 29.77 -19.74 18.71
N LEU X 122 29.31 -18.56 18.28
CA LEU X 122 28.54 -17.68 19.13
C LEU X 122 27.32 -17.16 18.39
N GLY X 123 26.13 -17.48 18.89
CA GLY X 123 24.92 -16.83 18.44
C GLY X 123 24.46 -15.83 19.48
N TYR X 124 24.22 -14.60 19.05
CA TYR X 124 23.98 -13.48 19.96
C TYR X 124 22.75 -12.72 19.47
N ASN X 125 21.70 -12.69 20.28
CA ASN X 125 20.46 -12.05 19.89
C ASN X 125 20.00 -10.96 20.85
N LEU X 126 20.85 -10.56 21.80
CA LEU X 126 20.50 -9.50 22.74
C LEU X 126 20.50 -8.14 22.08
N GLU X 127 19.65 -7.26 22.58
CA GLU X 127 19.56 -5.87 22.16
C GLU X 127 19.40 -5.01 23.39
N ILE X 128 20.46 -4.28 23.75
CA ILE X 128 20.50 -3.47 24.95
C ILE X 128 20.07 -2.06 24.55
N PRO X 129 19.12 -1.44 25.26
CA PRO X 129 18.65 -0.11 24.81
C PRO X 129 19.65 1.03 25.01
N THR X 130 20.32 1.09 26.15
CA THR X 130 21.23 2.19 26.42
C THR X 130 22.64 1.87 25.97
N GLN X 131 23.52 2.87 26.02
CA GLN X 131 24.86 2.72 25.51
C GLN X 131 25.93 2.58 26.58
N ARG X 132 25.66 3.01 27.81
CA ARG X 132 26.53 2.73 28.95
C ARG X 132 25.69 2.15 30.07
N VAL X 133 26.30 1.33 30.91
CA VAL X 133 25.55 0.81 32.04
C VAL X 133 25.87 1.64 33.28
N GLY X 134 27.09 1.55 33.78
CA GLY X 134 27.59 2.63 34.60
C GLY X 134 28.63 3.45 33.86
N THR X 135 29.66 2.74 33.41
CA THR X 135 30.70 3.27 32.54
C THR X 135 31.15 2.22 31.54
N TYR X 136 30.46 1.10 31.47
CA TYR X 136 30.84 -0.02 30.62
C TYR X 136 30.18 0.15 29.25
N ASP X 137 30.97 -0.09 28.19
CA ASP X 137 30.63 0.42 26.87
C ASP X 137 29.50 -0.33 26.19
N THR X 138 29.07 -1.48 26.73
CA THR X 138 27.81 -2.19 26.45
C THR X 138 27.78 -2.84 25.06
N GLN X 139 28.75 -2.52 24.22
CA GLN X 139 28.96 -3.16 22.94
C GLN X 139 30.04 -4.22 23.06
N LEU X 140 30.54 -4.40 24.27
CA LEU X 140 31.61 -5.31 24.62
C LEU X 140 31.10 -6.62 25.21
N VAL X 141 29.80 -6.70 25.50
CA VAL X 141 29.22 -7.88 26.11
C VAL X 141 29.19 -9.03 25.11
N GLU X 142 28.84 -8.73 23.86
CA GLU X 142 28.95 -9.71 22.80
C GLU X 142 30.41 -10.02 22.51
N HIS X 143 31.30 -9.05 22.73
CA HIS X 143 32.70 -9.26 22.47
C HIS X 143 33.39 -10.02 23.61
N PHE X 144 32.79 -10.01 24.81
CA PHE X 144 33.25 -10.87 25.89
C PHE X 144 33.03 -12.33 25.54
N PHE X 145 31.82 -12.65 25.07
CA PHE X 145 31.49 -14.05 24.80
C PHE X 145 32.03 -14.49 23.45
N GLN X 146 32.40 -13.55 22.59
CA GLN X 146 33.04 -13.92 21.33
C GLN X 146 34.48 -14.34 21.59
N SER X 147 35.15 -13.69 22.54
CA SER X 147 36.52 -14.03 22.88
C SER X 147 36.57 -15.28 23.74
N LEU X 148 35.55 -15.50 24.57
CA LEU X 148 35.50 -16.70 25.39
C LEU X 148 35.21 -17.94 24.56
N VAL X 149 34.48 -17.80 23.47
CA VAL X 149 34.13 -18.93 22.62
C VAL X 149 35.34 -19.40 21.82
N ASN X 150 36.15 -18.46 21.31
CA ASN X 150 37.17 -18.77 20.33
C ASN X 150 38.33 -19.56 20.94
N THR X 151 38.54 -19.42 22.26
CA THR X 151 39.64 -20.13 22.89
C THR X 151 39.15 -21.36 23.66
N SER X 152 37.94 -21.31 24.22
CA SER X 152 37.41 -22.48 24.91
C SER X 152 36.99 -23.58 23.94
N GLY X 153 36.61 -23.24 22.71
CA GLY X 153 36.15 -24.23 21.77
C GLY X 153 34.78 -24.77 22.12
N MET X 154 33.78 -23.90 22.15
CA MET X 154 32.43 -24.25 22.55
C MET X 154 31.43 -23.57 21.62
N THR X 155 30.28 -24.20 21.43
CA THR X 155 29.16 -23.56 20.76
C THR X 155 28.35 -22.87 21.84
N LEU X 156 27.85 -21.67 21.57
CA LEU X 156 27.11 -20.91 22.57
C LEU X 156 25.99 -20.13 21.91
N HIS X 157 24.76 -20.41 22.31
CA HIS X 157 23.59 -19.66 21.87
C HIS X 157 23.01 -18.86 23.02
N ILE X 158 22.91 -17.55 22.84
CA ILE X 158 22.37 -16.65 23.84
C ILE X 158 21.18 -15.95 23.21
N ARG X 159 20.00 -16.11 23.81
CA ARG X 159 18.77 -15.56 23.24
C ARG X 159 17.99 -14.79 24.28
N GLN X 160 17.64 -13.55 23.95
CA GLN X 160 16.79 -12.72 24.80
C GLN X 160 15.34 -13.04 24.50
N LEU X 161 14.55 -13.22 25.56
CA LEU X 161 13.15 -13.58 25.41
C LEU X 161 12.20 -12.48 25.86
N ALA X 162 12.67 -11.56 26.72
CA ALA X 162 11.89 -10.44 27.24
C ALA X 162 12.80 -9.44 27.93
N GLY X 163 12.30 -8.26 28.24
CA GLY X 163 13.02 -7.40 29.16
C GLY X 163 13.61 -6.15 28.52
N LYS X 164 13.43 -5.02 29.21
CA LYS X 164 14.03 -3.75 28.80
C LYS X 164 14.65 -3.04 30.00
N ASN X 165 15.88 -3.43 30.34
CA ASN X 165 16.70 -2.77 31.36
C ASN X 165 18.12 -3.26 31.17
N SER X 166 19.06 -2.33 31.03
CA SER X 166 20.43 -2.67 30.63
C SER X 166 21.15 -3.46 31.73
N HIS X 167 20.97 -3.06 32.99
CA HIS X 167 21.62 -3.79 34.08
C HIS X 167 20.90 -5.11 34.35
N HIS X 168 19.66 -5.23 33.92
CA HIS X 168 18.92 -6.47 34.19
C HIS X 168 19.17 -7.52 33.11
N ILE X 169 19.38 -7.09 31.87
CA ILE X 169 19.59 -8.07 30.79
C ILE X 169 21.00 -8.66 30.88
N ILE X 170 21.99 -7.82 31.18
CA ILE X 170 23.36 -8.32 31.28
C ILE X 170 23.54 -9.18 32.52
N GLU X 171 22.77 -8.94 33.58
CA GLU X 171 22.92 -9.78 34.75
C GLU X 171 22.08 -11.05 34.63
N ALA X 172 21.13 -11.08 33.69
CA ALA X 172 20.37 -12.30 33.47
C ALA X 172 21.11 -13.28 32.58
N THR X 173 22.06 -12.80 31.77
CA THR X 173 22.83 -13.70 30.93
C THR X 173 24.09 -14.22 31.61
N PHE X 174 24.59 -13.54 32.65
CA PHE X 174 25.70 -14.06 33.43
C PHE X 174 25.26 -14.96 34.58
N LYS X 175 23.99 -14.94 34.95
CA LYS X 175 23.47 -15.98 35.82
C LYS X 175 23.12 -17.25 35.04
N ALA X 176 22.68 -17.09 33.80
CA ALA X 176 22.23 -18.24 33.01
C ALA X 176 23.40 -18.93 32.32
N PHE X 177 24.48 -18.20 32.06
CA PHE X 177 25.69 -18.83 31.54
C PHE X 177 26.39 -19.64 32.61
N ALA X 178 26.31 -19.18 33.86
CA ALA X 178 26.96 -19.87 34.97
C ALA X 178 26.26 -21.17 35.31
N ARG X 179 24.93 -21.15 35.31
CA ARG X 179 24.17 -22.35 35.64
C ARG X 179 24.23 -23.36 34.50
N ALA X 180 24.45 -22.90 33.27
CA ALA X 180 24.57 -23.79 32.12
C ALA X 180 26.01 -24.25 31.89
N LEU X 181 26.98 -23.68 32.59
CA LEU X 181 28.35 -24.17 32.51
C LEU X 181 28.66 -25.18 33.61
N ARG X 182 28.00 -25.08 34.76
CA ARG X 182 28.13 -26.09 35.79
C ARG X 182 27.18 -27.27 35.57
N GLN X 183 26.38 -27.24 34.52
CA GLN X 183 25.56 -28.38 34.13
C GLN X 183 26.26 -29.22 33.06
N ALA X 184 27.09 -28.57 32.25
CA ALA X 184 27.74 -29.27 31.15
C ALA X 184 28.96 -30.05 31.63
N THR X 185 29.90 -29.35 32.26
CA THR X 185 31.20 -29.96 32.57
C THR X 185 31.32 -30.35 34.05
N GLU X 186 30.60 -29.66 34.93
CA GLU X 186 30.81 -29.89 36.36
C GLU X 186 30.06 -31.14 36.82
N SER X 187 28.81 -31.28 36.40
CA SER X 187 28.06 -32.48 36.73
C SER X 187 28.51 -33.63 35.83
N ASP X 188 28.26 -34.85 36.29
CA ASP X 188 28.68 -36.05 35.59
C ASP X 188 27.50 -37.00 35.41
N PRO X 189 27.41 -37.69 34.27
CA PRO X 189 26.31 -38.65 34.08
C PRO X 189 26.59 -39.99 34.73
N ARG X 190 25.71 -40.96 34.48
CA ARG X 190 25.83 -42.27 35.10
C ARG X 190 26.94 -43.10 34.49
N ARG X 191 27.39 -42.76 33.28
CA ARG X 191 28.47 -43.50 32.64
C ARG X 191 29.82 -43.08 33.22
N GLY X 192 30.82 -43.96 33.05
CA GLY X 192 32.14 -43.67 33.58
C GLY X 192 33.05 -42.96 32.62
N GLY X 193 33.08 -43.39 31.36
CA GLY X 193 33.94 -42.77 30.37
C GLY X 193 33.64 -43.23 28.96
MN MN Y . -23.33 30.49 26.46
O10 5LD Z . -25.41 27.83 33.33
P9 5LD Z . -25.51 27.29 31.93
O11 5LD Z . -26.64 26.31 31.83
O12 5LD Z . -24.22 26.60 31.56
C8 5LD Z . -25.81 28.65 30.79
C7 5LD Z . -24.84 28.60 29.62
O13 5LD Z . -23.84 29.59 29.83
C6 5LD Z . -25.59 28.96 28.34
N2 5LD Z . -25.39 27.95 27.29
N1 5LD Z . -24.16 27.99 26.65
C5 5LD Z . -24.23 26.97 25.77
N4 5LD Z . -25.44 26.38 25.83
C3 5LD Z . -26.17 26.99 26.79
MN MN AA . -1.60 39.49 17.66
MN MN BA . -43.15 -9.80 -14.63
O10 5LD CA . -48.33 -10.68 -9.05
P9 5LD CA . -46.94 -11.21 -9.29
O11 5LD CA . -46.76 -12.51 -8.55
O12 5LD CA . -45.93 -10.20 -8.79
C8 5LD CA . -46.70 -11.49 -11.06
C7 5LD CA . -45.40 -10.87 -11.53
O13 5LD CA . -45.71 -9.65 -12.22
C6 5LD CA . -44.73 -11.81 -12.51
N2 5LD CA . -43.34 -12.06 -12.15
N1 5LD CA . -42.44 -11.04 -12.42
C5 5LD CA . -41.25 -11.52 -12.00
N4 5LD CA . -41.41 -12.78 -11.52
C3 5LD CA . -42.72 -13.11 -11.62
MN MN DA . -33.30 10.56 -25.57
MN MN EA . 3.58 -46.46 -1.26
O10 5LD FA . -2.27 -50.22 1.98
P9 5LD FA . -1.41 -49.07 2.39
O11 5LD FA . -1.39 -48.98 3.90
O12 5LD FA . -1.97 -47.78 1.83
C8 5LD FA . 0.28 -49.31 1.78
C7 5LD FA . 0.78 -48.07 1.07
O13 5LD FA . 0.70 -48.29 -0.33
C6 5LD FA . 2.23 -47.84 1.45
N2 5LD FA . 2.48 -46.48 1.92
N1 5LD FA . 2.52 -45.50 0.95
C5 5LD FA . 2.74 -44.37 1.64
N4 5LD FA . 2.86 -44.65 2.96
C3 5LD FA . 2.70 -45.98 3.13
MN MN GA . 6.36 -35.63 -23.77
MN MN HA . 15.03 21.22 38.71
O10 5LD IA . 9.76 24.85 39.72
P9 5LD IA . 10.57 25.93 40.38
O11 5LD IA . 10.05 26.18 41.77
O12 5LD IA . 10.47 27.20 39.57
C8 5LD IA . 12.31 25.42 40.47
C7 5LD IA . 12.53 24.17 39.63
O13 5LD IA . 12.62 23.05 40.52
C6 5LD IA . 13.86 24.31 38.90
N2 5LD IA . 13.71 24.05 37.46
N1 5LD IA . 13.58 22.73 37.10
C5 5LD IA . 13.46 22.78 35.76
N4 5LD IA . 13.57 24.06 35.33
C3 5LD IA . 13.72 24.85 36.40
MN MN JA . 16.71 -3.84 39.73
MN MN KA . 21.20 36.45 -19.89
O10 5LD LA . 18.65 41.03 -16.10
P9 5LD LA . 18.72 42.06 -17.20
O11 5LD LA . 17.33 42.52 -17.55
O12 5LD LA . 19.54 43.24 -16.75
C8 5LD LA . 19.48 41.32 -18.66
C7 5LD LA . 19.60 39.82 -18.50
O13 5LD LA . 20.97 39.51 -18.19
C6 5LD LA . 19.25 39.15 -19.82
N2 5LD LA . 18.25 38.10 -19.65
N1 5LD LA . 18.72 36.91 -19.11
C5 5LD LA . 17.62 36.13 -19.05
N4 5LD LA . 16.56 36.79 -19.57
C3 5LD LA . 16.96 38.02 -19.95
MN MN MA . 37.05 18.08 -13.34
MN MN NA . -32.02 9.67 -32.47
O10 5LD OA . -32.30 16.04 -31.47
P9 5LD OA . -33.74 16.10 -31.90
O11 5LD OA . -34.59 16.55 -30.74
O12 5LD OA . -33.90 17.07 -33.04
C8 5LD OA . -34.29 14.45 -32.41
C7 5LD OA . -33.25 13.41 -32.04
O13 5LD OA . -32.53 13.06 -33.23
C6 5LD OA . -33.96 12.17 -31.54
N2 5LD OA . -33.44 11.73 -30.24
N1 5LD OA . -32.21 11.09 -30.26
C5 5LD OA . -31.97 10.81 -28.97
N4 5LD OA . -33.00 11.22 -28.20
C3 5LD OA . -33.92 11.79 -29.00
MN MN PA . -12.59 -3.63 -41.26
MN MN QA . -38.23 -5.61 26.17
O10 5LD RA . -43.39 0.01 25.48
P9 5LD RA . -41.90 -0.02 25.68
O11 5LD RA . -41.46 1.24 26.37
O12 5LD RA . -41.20 -0.14 24.35
C8 5LD RA . -41.47 -1.43 26.72
C7 5LD RA . -40.34 -2.22 26.09
O13 5LD RA . -40.88 -3.40 25.49
C6 5LD RA . -39.38 -2.66 27.19
N2 5LD RA . -37.99 -2.31 26.88
N1 5LD RA . -37.37 -3.11 25.94
C5 5LD RA . -36.13 -2.58 25.84
N4 5LD RA . -36.00 -1.53 26.69
C3 5LD RA . -37.17 -1.37 27.35
MN MN SA . -32.90 -25.55 11.82
MN MN TA . 13.84 24.77 32.71
MN MN UA . 34.12 26.22 17.94
O10 5LD VA . 35.00 30.03 12.80
P9 5LD VA . 36.46 30.23 13.12
O11 5LD VA . 36.75 31.69 13.28
O12 5LD VA . 37.30 29.66 12.01
C8 5LD VA . 36.85 29.36 14.66
C7 5LD VA . 35.70 28.46 15.08
O13 5LD VA . 35.00 29.10 16.14
C6 5LD VA . 36.27 27.15 15.60
N2 5LD VA . 35.65 25.99 14.95
N1 5LD VA . 34.36 25.68 15.37
C5 5LD VA . 34.04 24.60 14.63
N4 5LD VA . 35.08 24.26 13.83
C3 5LD VA . 36.09 25.13 14.03
MN MN WA . 36.39 -25.98 -13.37
O10 5LD XA . 39.94 -21.13 -15.76
P9 5LD XA . 40.60 -22.04 -16.76
O11 5LD XA . 42.09 -22.02 -16.58
O12 5LD XA . 40.26 -21.57 -18.16
C8 5LD XA . 39.98 -23.73 -16.55
C7 5LD XA . 38.81 -23.74 -15.59
O13 5LD XA . 39.27 -24.22 -14.32
C6 5LD XA . 37.76 -24.71 -16.11
N2 5LD XA . 36.44 -24.10 -16.18
N1 5LD XA . 35.79 -23.94 -14.97
C5 5LD XA . 34.62 -23.36 -15.31
N4 5LD XA . 34.55 -23.21 -16.66
C3 5LD XA . 35.69 -23.67 -17.19
MN MN YA . 29.66 -29.72 10.56
MN MN ZA . -14.38 -10.23 -43.17
O10 5LD AB . -8.83 -8.86 -46.20
P9 5LD AB . -9.56 -8.47 -47.46
O11 5LD AB . -9.07 -9.31 -48.62
O12 5LD AB . -9.30 -7.01 -47.75
C8 5LD AB . -11.33 -8.71 -47.24
C7 5LD AB . -11.65 -9.01 -45.78
O13 5LD AB . -11.89 -10.41 -45.64
C6 5LD AB . -12.92 -8.27 -45.40
N2 5LD AB . -12.75 -7.46 -44.20
N1 5LD AB . -12.72 -8.18 -43.00
C5 5LD AB . -12.55 -7.21 -42.07
N4 5LD AB . -12.51 -5.99 -42.65
C3 5LD AB . -12.63 -6.16 -43.98
MN MN BB . -18.61 -28.63 -26.59
MN MN CB . -16.63 41.94 -11.84
O10 5LD DB . -13.79 42.30 -17.65
P9 5LD DB . -13.70 43.80 -17.58
O11 5LD DB . -14.42 44.41 -18.75
O12 5LD DB . -12.25 44.22 -17.59
C8 5LD DB . -14.45 44.37 -16.03
C7 5LD DB . -14.75 43.20 -15.12
O13 5LD DB . -16.15 42.92 -15.18
C6 5LD DB . -14.41 43.61 -13.69
N2 5LD DB . -13.53 42.63 -13.05
N1 5LD DB . -14.15 41.46 -12.64
C5 5LD DB . -13.14 40.74 -12.10
N4 5LD DB . -11.99 41.47 -12.13
C3 5LD DB . -12.24 42.65 -12.72
MN MN EB . -34.44 25.85 -4.45
MN MN FB . 35.20 21.93 12.41
MN MN GB . 42.52 -1.17 19.07
O10 5LD HB . 44.99 -5.80 15.26
P9 5LD HB . 45.92 -6.26 16.35
O11 5LD HB . 45.59 -7.69 16.71
O12 5LD HB . 47.34 -6.20 15.87
C8 5LD HB . 45.72 -5.21 17.81
C7 5LD HB . 44.51 -4.31 17.66
O13 5LD HB . 44.97 -3.00 17.33
C6 5LD HB . 43.78 -4.24 19.00
N2 5LD HB . 42.36 -4.53 18.86
N1 5LD HB . 41.59 -3.51 18.31
C5 5LD HB . 40.35 -4.03 18.29
N4 5LD HB . 40.35 -5.27 18.82
C3 5LD HB . 41.62 -5.58 19.17
MN MN IB . -8.15 -31.91 33.01
O10 5LD JB . -2.85 -37.43 33.51
P9 5LD JB . -3.61 -36.80 32.37
O11 5LD JB . -3.70 -37.78 31.23
O12 5LD JB . -2.89 -35.55 31.91
C8 5LD JB . -5.28 -36.38 32.92
C7 5LD JB . -5.62 -34.95 32.53
O13 5LD JB . -5.52 -34.14 33.70
C6 5LD JB . -7.06 -34.92 32.05
N2 5LD JB . -7.19 -34.25 30.76
N1 5LD JB . -7.10 -32.86 30.79
C5 5LD JB . -7.24 -32.51 29.49
N4 5LD JB . -7.44 -33.61 28.72
C3 5LD JB . -7.41 -34.69 29.53
MN MN KB . -8.93 -8.28 41.53
MN MN LB . -39.32 -14.43 -10.90
MN MN MB . -25.51 -29.70 -25.33
O10 5LD NB . -22.45 -35.12 -23.53
P9 5LD NB . -22.75 -35.78 -24.85
O11 5LD NB . -23.50 -37.06 -24.62
O12 5LD NB . -21.46 -36.09 -25.57
C8 5LD NB . -23.74 -34.67 -25.89
C7 5LD NB . -23.79 -33.29 -25.26
O13 5LD NB . -25.07 -33.12 -24.64
C6 5LD NB . -23.67 -32.25 -26.38
N2 5LD NB . -22.63 -31.27 -26.10
N1 5LD NB . -22.95 -30.31 -25.14
C5 5LD NB . -21.84 -29.54 -25.08
N4 5LD NB . -20.91 -29.99 -25.96
C3 5LD NB . -21.42 -31.07 -26.60
MN MN OB . 25.17 1.06 -39.24
O10 5LD PB . 25.45 -5.37 -40.18
P9 5LD PB . 26.79 -5.24 -40.87
O11 5LD PB . 27.82 -5.99 -40.08
O12 5LD PB . 26.69 -5.84 -42.26
C8 5LD PB . 27.26 -3.51 -40.99
C7 5LD PB . 26.35 -2.64 -40.15
O13 5LD PB . 25.42 -1.98 -41.01
C6 5LD PB . 27.19 -1.59 -39.45
N2 5LD PB . 26.92 -1.55 -38.00
N1 5LD PB . 25.73 -0.94 -37.62
C5 5LD PB . 25.74 -1.04 -36.27
N4 5LD PB . 26.88 -1.64 -35.85
C3 5LD PB . 27.62 -1.95 -36.94
MN MN QB . 4.80 15.77 -40.03
MN MN RB . -8.22 -33.54 26.10
MN MN SB . -30.93 -31.21 15.59
O10 5LD TB . -34.51 -35.19 10.11
P9 5LD TB . -34.21 -33.72 10.34
O11 5LD TB . -35.24 -32.89 9.60
O12 5LD TB . -32.83 -33.40 9.81
C8 5LD TB . -34.30 -33.35 12.10
C7 5LD TB . -33.06 -32.58 12.53
O13 5LD TB . -32.19 -33.48 13.23
C6 5LD TB . -33.48 -31.49 13.52
N2 5LD TB . -32.98 -30.18 13.13
N1 5LD TB . -31.62 -29.97 13.36
C5 5LD TB . -31.41 -28.71 12.92
N4 5LD TB . -32.57 -28.18 12.47
C3 5LD TB . -33.54 -29.10 12.60
MN MN UB . -26.36 24.57 24.00
MN MN VB . -37.47 27.70 1.68
O10 5LD WB . -41.58 23.65 -1.27
P9 5LD WB . -42.38 24.81 -1.83
O11 5LD WB . -43.82 24.69 -1.39
O12 5LD WB . -42.32 24.77 -3.35
C8 5LD WB . -41.70 26.37 -1.26
C7 5LD WB . -40.36 26.15 -0.58
O13 5LD WB . -40.55 26.22 0.84
C6 5LD WB . -39.40 27.26 -0.98
N2 5LD WB . -38.13 26.73 -1.47
N1 5LD WB . -37.26 26.24 -0.51
C5 5LD WB . -36.20 25.83 -1.23
N4 5LD WB . -36.39 26.08 -2.55
C3 5LD WB . -37.60 26.65 -2.70
MN MN XB . 14.15 35.60 -20.14
MN MN YB . 6.39 22.68 -40.25
O10 5LD ZB . 0.34 22.09 -42.46
P9 5LD ZB . 0.81 22.11 -43.89
O11 5LD ZB . 0.45 20.79 -44.55
O12 5LD ZB . 0.14 23.22 -44.64
C8 5LD ZB . 2.60 22.32 -43.94
C7 5LD ZB . 3.19 22.19 -42.56
O13 5LD ZB . 3.49 23.49 -42.06
C6 5LD ZB . 4.49 21.41 -42.65
N2 5LD ZB . 4.53 20.28 -41.70
N1 5LD ZB . 4.74 20.62 -40.37
C5 5LD ZB . 4.72 19.43 -39.74
N4 5LD ZB . 4.54 18.43 -40.63
C3 5LD ZB . 4.42 18.97 -41.86
MN MN AC . 32.28 -22.48 -18.05
MN MN BC . 12.96 -36.23 -26.32
O10 5LD CC . 9.09 -34.97 -31.39
P9 5LD CC . 8.99 -36.44 -31.74
O11 5LD CC . 7.55 -36.89 -31.61
O12 5LD CC . 9.45 -36.65 -33.15
C8 5LD CC . 10.00 -37.41 -30.61
C7 5LD CC . 10.48 -36.55 -29.45
O13 5LD CC . 11.85 -36.21 -29.67
C6 5LD CC . 10.40 -37.37 -28.17
N2 5LD CC . 9.69 -36.65 -27.11
N1 5LD CC . 10.41 -35.61 -26.51
C5 5LD CC . 9.54 -35.13 -25.60
N4 5LD CC . 8.38 -35.84 -25.62
C3 5LD CC . 8.48 -36.79 -26.57
MN MN DC . 27.68 -1.77 -33.23
MN MN EC . 39.97 14.84 -18.91
O10 5LD FC . 43.76 13.59 -13.82
P9 5LD FC . 44.69 14.72 -14.18
O11 5LD FC . 44.68 15.75 -13.08
O12 5LD FC . 46.08 14.18 -14.37
C8 5LD FC . 44.14 15.51 -15.71
C7 5LD FC . 42.76 15.00 -16.10
O13 5LD FC . 42.91 14.06 -17.16
C6 5LD FC . 41.94 16.17 -16.62
N2 5LD FC . 40.64 16.27 -15.95
N1 5LD FC . 39.70 15.33 -16.33
C5 5LD FC . 38.63 15.64 -15.57
N4 5LD FC . 38.89 16.72 -14.79
C3 5LD FC . 40.16 17.11 -15.04
MN MN GC . -9.64 40.72 -10.80
MN MN HC . -2.53 44.71 12.97
O10 5LD IC . 3.60 45.25 15.18
P9 5LD IC . 3.19 46.29 16.19
O11 5LD IC . 3.44 45.78 17.58
O12 5LD IC . 3.99 47.54 15.97
C8 5LD IC . 1.43 46.65 16.01
C7 5LD IC . 0.77 45.66 15.08
O13 5LD IC . 0.59 46.28 13.81
C6 5LD IC . -0.59 45.29 15.63
N2 5LD IC . -0.78 43.84 15.73
N1 5LD IC . -1.03 43.20 14.53
C5 5LD IC . -1.17 41.90 14.89
N4 5LD IC . -1.04 41.77 16.24
C3 5LD IC . -0.80 43.00 16.76
MN MN JC . -33.61 -0.30 27.27
MN MN KC . -15.42 -6.28 43.56
O10 5LD LC . -11.73 -2.22 48.87
P9 5LD LC . -11.30 -3.09 47.72
O11 5LD LC . -9.92 -3.63 47.99
O12 5LD LC . -11.27 -2.27 46.45
C8 5LD LC . -12.45 -4.46 47.54
C7 5LD LC . -12.90 -4.60 46.09
O13 5LD LC . -14.21 -4.06 45.98
C6 5LD LC . -12.95 -6.08 45.73
N2 5LD LC . -12.21 -6.36 44.51
N1 5LD LC . -12.81 -5.97 43.32
C5 5LD LC . -11.93 -6.34 42.37
N4 5LD LC . -10.86 -6.95 42.93
C3 5LD LC . -11.04 -6.96 44.28
MN MN MC . 3.74 -42.85 4.84
MN MN NC . 26.99 -36.18 11.69
O10 5LD OC . 28.89 -33.93 17.44
P9 5LD OC . 30.21 -34.66 17.34
O11 5LD OC . 30.37 -35.58 18.53
O12 5LD OC . 31.34 -33.66 17.33
C8 5LD OC . 30.26 -35.62 15.82
C7 5LD OC . 29.10 -35.25 14.91
O13 5LD OC . 28.12 -36.29 15.02
C6 5LD OC . 29.58 -35.20 13.48
N2 5LD OC . 29.22 -33.94 12.83
N1 5LD OC . 27.88 -33.82 12.46
C5 5LD OC . 27.83 -32.59 11.90
N4 5LD OC . 29.05 -32.01 11.89
C3 5LD OC . 29.92 -32.87 12.47
MN MN PC . 38.09 -6.68 19.45
MN MN QC . 23.41 -6.16 39.85
O10 5LD RC . 20.64 -11.70 44.36
P9 5LD RC . 20.03 -10.55 43.61
O11 5LD RC . 18.74 -10.14 44.29
O12 5LD RC . 19.74 -10.97 42.19
C8 5LD RC . 21.16 -9.15 43.62
C7 5LD RC . 21.33 -8.59 42.22
O13 5LD RC . 22.60 -9.04 41.71
C6 5LD RC . 21.37 -7.07 42.30
N2 5LD RC . 20.42 -6.46 41.37
N1 5LD RC . 20.79 -6.47 40.03
C5 5LD RC . 19.76 -5.86 39.41
N4 5LD RC . 18.83 -5.47 40.31
C3 5LD RC . 19.25 -5.85 41.54
#